data_7MY2
#
_entry.id   7MY2
#
_cell.length_a   1.00
_cell.length_b   1.00
_cell.length_c   1.00
_cell.angle_alpha   90.00
_cell.angle_beta   90.00
_cell.angle_gamma   90.00
#
_symmetry.space_group_name_H-M   'P 1'
#
loop_
_entity.id
_entity.type
_entity.pdbx_description
1 polymer 'Spike glycoprotein'
2 polymer 'Nanobody Nb30'
3 branched 2-acetamido-2-deoxy-beta-D-glucopyranose-(1-4)-2-acetamido-2-deoxy-beta-D-glucopyranose
4 branched beta-D-mannopyranose-(1-4)-2-acetamido-2-deoxy-beta-D-glucopyranose-(1-4)-2-acetamido-2-deoxy-beta-D-glucopyranose
5 branched beta-D-mannopyranose-(1-4)-2-acetamido-2-deoxy-beta-D-glucopyranose
6 non-polymer 2-acetamido-2-deoxy-beta-D-glucopyranose
#
loop_
_entity_poly.entity_id
_entity_poly.type
_entity_poly.pdbx_seq_one_letter_code
_entity_poly.pdbx_strand_id
1 'polypeptide(L)'
;MFVFLVLLPLVSSQCVNLTTRTQLPPAYTNSFTRGVYYPDKVFRSSVLHSTQDLFLPFFSNVTWFHAIHVSGTNGTKRFD
NPVLPFNDGVYFASTEKSNIIRGWIFGTTLDSKTQSLLIVNNATNVVIKVCEFQFCNDPFLGVYYHKNNKSWMESEFRVY
SSANNCTFEYVSQPFLMDLEGKQGNFKNLREFVFKNIDGYFKIYSKHTPINLVRDLPQGFSALEPLVDLPIGINITRFQT
LLALHRSYLTPGDSSSGWTAGAAAYYVGYLQPRTFLLKYNENGTITDAVDCALDPLSETKCTLKSFTVEKGIYQTSNFRV
QPTESIVRFPNITNLCPFGEVFNATRFASVYAWNRKRISNCVADYSVLYNSASFSTFKCYGVSPTKLNDLCFTNVYADSF
VIRGDEVRQIAPGQTGKIADYNYKLPDDFTGCVIAWNSNNLDSKVGGNYNYLYRLFRKSNLKPFERDISTEIYQAGSTPC
NGVEGFNCYFPLQSYGFQPTNGVGYQPYRVVVLSFELLHAPATVCGPKKSTNLVKNKCVNFNFNGLTGTGVLTESNKKFL
PFQQFGRDIADTTDAVRDPQTLEILDITPCSFGGVSVITPGTNTSNQVAVLYQDVNCTEVPVAIHADQLTPTWRVYSTGS
NVFQTRAGCLIGAEHVNNSYECDIPIGAGICASYQTQTNSPGSASSVASQSIIAYTMSLGAENSVAYSNNSIAIPTNFTI
SVTTEILPVSMTKTSVDCTMYICGDSTECSNLLLQYGSFCTQLNRALTGIAVEQDKNTQEVFAQVKQIYKTPPIKDFGGF
NFSQILPDPSKPSKRSPIEDLLFNKVTLADAGFIKQYGDCLGDIAARDLICAQKFNGLTVLPPLLTDEMIAQYTSALLAG
TITSGWTFGAGPALQIPFPMQMAYRFNGIGVTQNVLYENQKLIANQFNSAIGKIQDSLSSTPSALGKLQDVVNQNAQALN
TLVKQLSSNFGAISSVLNDILSRLDPPEAEVQIDRLITGRLQSLQTYVTQQLIRAAEIRASANLAATKMSECVLGQSKRV
DFCGKGYHLMSFPQSAPHGVVFLHVTYVPAQEKNFTTAPAICHDGKAHFPREGVFVSNGTHWFVTQRNFYEPQIITTDNT
FVSGNCDVVIGIVNNTVYDPLQPELDSFKEELDKYFKNHTSPDVDLGDISGINASVVNIQKEIDRLNEVAKNLNESLIDL
QELGKYEQGSGYIPEAPRDGQAYVRKDGEWVLLSTFLGRSLEVLFQGPGHHHHHHHHSAWSHPQFEKGGGSGGGGSGGSA
WSHPQFEK
;
B,C,E
2 'polypeptide(L)'
;QVQLVESGGGLVQAGGSLRLSCAASGLTFSKYAMGWFRQAPGKERKFVATISWSGDSAFYADSVKGRFTISRDNARNTVY
LQMNSLKPEDTAVYYCAADRGMGYGDFMDYWGQGTSVTASSASGAHHHHHH
;
H,A,D
#
loop_
_chem_comp.id
_chem_comp.type
_chem_comp.name
_chem_comp.formula
BMA D-saccharide, beta linking beta-D-mannopyranose 'C6 H12 O6'
NAG D-saccharide, beta linking 2-acetamido-2-deoxy-beta-D-glucopyranose 'C8 H15 N O6'
#
# COMPACT_ATOMS: atom_id res chain seq x y z
N PRO A 26 43.21 -41.67 -4.04
CA PRO A 26 44.27 -41.68 -3.02
C PRO A 26 45.02 -40.37 -2.95
N ALA A 27 45.78 -40.17 -1.87
CA ALA A 27 46.63 -39.00 -1.68
C ALA A 27 45.81 -37.70 -1.75
N TYR A 28 44.91 -37.57 -0.78
CA TYR A 28 44.08 -36.37 -0.66
C TYR A 28 44.77 -35.35 0.22
N THR A 29 44.32 -34.10 0.14
CA THR A 29 44.86 -33.03 0.96
C THR A 29 43.74 -32.01 1.19
N ASN A 30 43.99 -31.06 2.09
CA ASN A 30 43.02 -30.02 2.38
C ASN A 30 43.57 -28.66 1.96
N SER A 31 42.66 -27.73 1.68
CA SER A 31 42.99 -26.40 1.18
C SER A 31 42.73 -25.37 2.26
N PHE A 32 43.80 -24.85 2.86
CA PHE A 32 43.70 -23.89 3.97
C PHE A 32 43.29 -22.53 3.43
N THR A 33 41.99 -22.39 3.12
CA THR A 33 41.42 -21.12 2.64
C THR A 33 42.20 -20.61 1.43
N ARG A 34 42.13 -21.39 0.36
CA ARG A 34 42.97 -21.20 -0.79
C ARG A 34 42.12 -21.27 -2.05
N GLY A 35 42.35 -20.36 -2.98
CA GLY A 35 41.64 -20.39 -4.24
C GLY A 35 40.48 -19.43 -4.38
N VAL A 36 40.69 -18.16 -4.03
CA VAL A 36 39.67 -17.12 -4.15
C VAL A 36 40.04 -16.21 -5.30
N TYR A 37 39.04 -15.77 -6.06
CA TYR A 37 39.27 -14.95 -7.23
C TYR A 37 38.34 -13.75 -7.23
N TYR A 38 38.76 -12.69 -7.90
CA TYR A 38 37.92 -11.49 -8.02
C TYR A 38 36.71 -11.82 -8.87
N PRO A 39 35.49 -11.69 -8.36
CA PRO A 39 34.32 -12.10 -9.14
C PRO A 39 33.92 -11.16 -10.25
N ASP A 40 34.39 -9.90 -10.25
CA ASP A 40 34.02 -8.95 -11.29
C ASP A 40 35.09 -7.87 -11.36
N LYS A 41 34.84 -6.86 -12.18
CA LYS A 41 35.81 -5.82 -12.48
C LYS A 41 35.57 -4.53 -11.71
N VAL A 42 34.71 -4.56 -10.70
CA VAL A 42 34.41 -3.38 -9.92
C VAL A 42 35.53 -3.13 -8.91
N PHE A 43 35.78 -1.86 -8.62
CA PHE A 43 36.78 -1.46 -7.63
C PHE A 43 36.06 -1.00 -6.37
N ARG A 44 36.46 -1.54 -5.22
CA ARG A 44 35.91 -1.15 -3.93
C ARG A 44 37.05 -0.89 -2.96
N SER A 45 36.86 0.06 -2.06
CA SER A 45 37.91 0.50 -1.17
C SER A 45 37.45 0.39 0.27
N SER A 46 38.19 -0.38 1.08
CA SER A 46 37.99 -0.49 2.52
C SER A 46 36.53 -0.81 2.85
N VAL A 47 36.10 -1.99 2.42
CA VAL A 47 34.71 -2.37 2.58
C VAL A 47 34.60 -3.88 2.61
N LEU A 48 33.57 -4.38 3.28
CA LEU A 48 33.24 -5.79 3.29
C LEU A 48 32.04 -6.01 2.38
N HIS A 49 32.16 -6.99 1.49
CA HIS A 49 31.15 -7.22 0.46
C HIS A 49 30.73 -8.68 0.46
N SER A 50 29.43 -8.92 0.38
CA SER A 50 28.88 -10.27 0.40
C SER A 50 28.49 -10.66 -1.02
N THR A 51 29.03 -11.78 -1.49
CA THR A 51 28.79 -12.22 -2.85
C THR A 51 28.34 -13.68 -2.86
N GLN A 52 27.66 -14.05 -3.95
CA GLN A 52 27.12 -15.39 -4.12
C GLN A 52 27.57 -15.89 -5.49
N ASP A 53 28.42 -16.91 -5.50
CA ASP A 53 29.04 -17.32 -6.77
C ASP A 53 29.51 -18.77 -6.64
N LEU A 54 30.38 -19.19 -7.56
CA LEU A 54 30.97 -20.52 -7.54
C LEU A 54 32.37 -20.42 -6.95
N PHE A 55 32.56 -20.99 -5.77
CA PHE A 55 33.86 -20.96 -5.11
C PHE A 55 34.26 -22.36 -4.69
N LEU A 56 35.48 -22.46 -4.15
CA LEU A 56 35.98 -23.72 -3.63
C LEU A 56 35.87 -23.70 -2.11
N PRO A 57 35.03 -24.54 -1.51
CA PRO A 57 34.78 -24.42 -0.07
C PRO A 57 36.05 -24.53 0.75
N PHE A 58 36.07 -23.79 1.85
CA PHE A 58 37.25 -23.78 2.72
C PHE A 58 37.47 -25.16 3.31
N PHE A 59 38.75 -25.52 3.45
CA PHE A 59 39.16 -26.80 4.03
C PHE A 59 38.56 -27.98 3.28
N SER A 60 38.38 -27.86 1.98
CA SER A 60 37.86 -28.95 1.17
C SER A 60 38.94 -29.99 0.93
N ASN A 61 38.55 -31.09 0.29
CA ASN A 61 39.49 -32.15 -0.07
C ASN A 61 39.84 -32.03 -1.54
N VAL A 62 41.11 -31.78 -1.82
CA VAL A 62 41.65 -31.72 -3.16
C VAL A 62 42.48 -32.97 -3.41
N THR A 63 42.30 -33.57 -4.58
CA THR A 63 43.06 -34.78 -4.88
C THR A 63 44.36 -34.42 -5.59
N TRP A 64 45.38 -35.24 -5.32
CA TRP A 64 46.77 -34.89 -5.55
C TRP A 64 47.49 -35.93 -6.39
N PHE A 65 48.23 -35.46 -7.41
CA PHE A 65 48.92 -36.34 -8.35
C PHE A 65 50.37 -35.89 -8.48
N HIS A 66 51.21 -36.83 -8.89
CA HIS A 66 52.62 -36.56 -9.16
C HIS A 66 52.90 -36.51 -10.65
N PHE A 79 53.72 -39.93 -16.00
CA PHE A 79 53.66 -40.70 -14.77
C PHE A 79 52.22 -40.70 -14.24
N ASP A 80 51.58 -39.54 -14.33
CA ASP A 80 50.19 -39.36 -13.92
C ASP A 80 49.49 -38.47 -14.94
N ASN A 81 48.48 -39.01 -15.60
CA ASN A 81 47.70 -38.22 -16.54
C ASN A 81 46.33 -38.85 -16.80
N PRO A 82 45.45 -38.91 -15.80
CA PRO A 82 44.13 -39.50 -15.99
C PRO A 82 43.19 -38.50 -16.65
N VAL A 83 41.95 -38.95 -16.88
CA VAL A 83 40.89 -38.11 -17.42
C VAL A 83 39.85 -37.91 -16.33
N LEU A 84 39.50 -36.65 -16.07
CA LEU A 84 38.66 -36.25 -14.96
C LEU A 84 37.46 -35.47 -15.47
N PRO A 85 36.38 -35.43 -14.71
CA PRO A 85 35.22 -34.62 -15.11
C PRO A 85 35.41 -33.15 -14.77
N PHE A 86 34.51 -32.33 -15.30
CA PHE A 86 34.62 -30.87 -15.16
C PHE A 86 33.87 -30.37 -13.93
N ASN A 87 32.56 -30.62 -13.86
CA ASN A 87 31.72 -30.27 -12.71
C ASN A 87 31.74 -28.76 -12.44
N ASP A 88 31.23 -28.01 -13.42
CA ASP A 88 30.87 -26.61 -13.24
C ASP A 88 32.06 -25.68 -13.05
N GLY A 89 33.27 -26.23 -13.02
CA GLY A 89 34.46 -25.43 -12.83
C GLY A 89 35.50 -26.22 -12.07
N VAL A 90 36.75 -25.77 -12.18
CA VAL A 90 37.87 -26.52 -11.62
C VAL A 90 38.88 -25.55 -11.02
N TYR A 91 39.33 -25.86 -9.81
CA TYR A 91 40.53 -25.26 -9.25
C TYR A 91 41.69 -26.20 -9.49
N PHE A 92 42.77 -25.68 -10.06
CA PHE A 92 43.93 -26.49 -10.42
C PHE A 92 45.17 -25.77 -9.92
N ALA A 93 45.93 -26.42 -9.06
CA ALA A 93 47.18 -25.83 -8.58
C ALA A 93 48.33 -26.77 -8.91
N SER A 94 49.53 -26.21 -8.96
CA SER A 94 50.69 -27.03 -9.25
C SER A 94 51.92 -26.38 -8.64
N THR A 95 52.85 -27.22 -8.18
CA THR A 95 54.11 -26.74 -7.64
C THR A 95 55.25 -27.34 -8.45
N GLU A 96 56.27 -26.54 -8.70
CA GLU A 96 57.31 -26.95 -9.64
C GLU A 96 58.64 -26.29 -9.30
N LYS A 97 59.70 -26.97 -9.73
CA LYS A 97 61.03 -26.41 -9.88
C LYS A 97 61.47 -26.34 -11.34
N SER A 98 60.92 -27.19 -12.21
CA SER A 98 61.19 -27.17 -13.63
C SER A 98 59.87 -27.24 -14.38
N ASN A 99 59.87 -26.72 -15.61
CA ASN A 99 58.65 -26.58 -16.39
C ASN A 99 58.25 -27.95 -16.92
N ILE A 100 57.51 -28.69 -16.08
CA ILE A 100 57.01 -30.01 -16.45
C ILE A 100 55.62 -29.93 -17.06
N ILE A 101 54.67 -29.31 -16.36
CA ILE A 101 53.30 -29.23 -16.84
C ILE A 101 53.22 -28.17 -17.92
N ARG A 102 52.67 -28.53 -19.08
CA ARG A 102 52.60 -27.63 -20.22
C ARG A 102 51.24 -26.96 -20.36
N GLY A 103 50.19 -27.75 -20.50
CA GLY A 103 48.88 -27.19 -20.80
C GLY A 103 47.76 -28.13 -20.44
N TRP A 104 46.67 -28.02 -21.19
CA TRP A 104 45.44 -28.74 -20.86
C TRP A 104 44.65 -29.00 -22.12
N ILE A 105 43.75 -29.97 -22.01
CA ILE A 105 42.85 -30.39 -23.08
C ILE A 105 41.44 -30.42 -22.53
N PHE A 106 40.50 -29.82 -23.22
CA PHE A 106 39.13 -29.73 -22.75
C PHE A 106 38.19 -30.21 -23.84
N GLY A 107 37.08 -30.81 -23.43
CA GLY A 107 36.07 -31.22 -24.38
C GLY A 107 35.11 -32.22 -23.75
N THR A 108 34.26 -32.78 -24.62
CA THR A 108 33.27 -33.77 -24.21
C THR A 108 33.70 -35.19 -24.54
N THR A 109 34.00 -35.45 -25.82
CA THR A 109 34.39 -36.79 -26.26
C THR A 109 35.89 -36.91 -26.49
N LEU A 110 36.59 -35.80 -26.72
CA LEU A 110 38.02 -35.79 -26.99
C LEU A 110 38.37 -36.61 -28.23
N ASP A 111 37.41 -36.71 -29.16
CA ASP A 111 37.55 -37.53 -30.36
C ASP A 111 37.10 -36.69 -31.55
N SER A 112 37.06 -37.31 -32.73
CA SER A 112 36.90 -36.60 -33.99
C SER A 112 35.45 -36.43 -34.41
N LYS A 113 34.52 -36.33 -33.46
CA LYS A 113 33.14 -36.08 -33.75
C LYS A 113 32.57 -34.82 -33.08
N THR A 114 33.30 -34.22 -32.15
CA THR A 114 32.83 -33.03 -31.44
C THR A 114 33.97 -32.05 -31.25
N GLN A 115 33.65 -30.76 -31.26
CA GLN A 115 34.67 -29.73 -31.12
C GLN A 115 35.33 -29.82 -29.75
N SER A 116 36.62 -29.49 -29.71
CA SER A 116 37.41 -29.61 -28.49
C SER A 116 38.45 -28.49 -28.44
N LEU A 117 38.83 -28.13 -27.21
CA LEU A 117 39.70 -27.01 -26.93
C LEU A 117 41.06 -27.51 -26.44
N LEU A 118 42.10 -26.77 -26.77
CA LEU A 118 43.47 -27.15 -26.45
C LEU A 118 44.25 -25.91 -26.06
N ILE A 119 45.04 -26.03 -25.00
CA ILE A 119 45.93 -24.97 -24.55
C ILE A 119 47.30 -25.58 -24.30
N VAL A 120 48.33 -25.00 -24.91
CA VAL A 120 49.68 -25.54 -24.82
C VAL A 120 50.68 -24.40 -24.68
N ASN A 121 51.74 -24.63 -23.92
CA ASN A 121 52.82 -23.68 -23.76
C ASN A 121 54.12 -24.33 -24.22
N ASN A 122 54.99 -23.55 -24.86
CA ASN A 122 56.37 -23.97 -25.08
C ASN A 122 57.24 -22.73 -25.14
N ALA A 123 58.45 -22.89 -25.70
CA ALA A 123 59.64 -22.15 -25.31
C ALA A 123 59.38 -20.71 -24.88
N THR A 124 58.74 -19.90 -25.73
CA THR A 124 58.39 -18.54 -25.32
C THR A 124 56.99 -18.15 -25.78
N ASN A 125 56.12 -19.11 -26.10
CA ASN A 125 54.81 -18.74 -26.61
C ASN A 125 53.78 -19.83 -26.29
N VAL A 126 52.53 -19.39 -26.16
CA VAL A 126 51.41 -20.26 -25.86
C VAL A 126 50.48 -20.28 -27.06
N VAL A 127 49.75 -21.39 -27.20
CA VAL A 127 48.84 -21.62 -28.29
C VAL A 127 47.51 -22.08 -27.71
N ILE A 128 46.44 -21.37 -28.03
CA ILE A 128 45.09 -21.76 -27.64
C ILE A 128 44.30 -21.98 -28.91
N LYS A 129 43.54 -23.06 -28.99
CA LYS A 129 42.75 -23.28 -30.18
C LYS A 129 41.63 -24.27 -29.94
N VAL A 130 40.49 -24.02 -30.54
CA VAL A 130 39.39 -24.98 -30.56
C VAL A 130 39.19 -25.42 -32.01
N CYS A 131 39.13 -26.73 -32.19
CA CYS A 131 39.04 -27.37 -33.50
C CYS A 131 38.24 -28.66 -33.36
N GLU A 132 38.34 -29.53 -34.34
CA GLU A 132 37.95 -30.92 -34.22
C GLU A 132 39.22 -31.75 -34.18
N PHE A 133 39.32 -32.66 -33.23
CA PHE A 133 40.59 -33.29 -32.90
C PHE A 133 40.47 -34.80 -32.84
N GLN A 134 41.56 -35.48 -33.16
CA GLN A 134 41.76 -36.88 -32.80
C GLN A 134 42.91 -36.89 -31.80
N PHE A 135 42.57 -36.95 -30.52
CA PHE A 135 43.56 -36.87 -29.46
C PHE A 135 44.16 -38.25 -29.21
N CYS A 136 45.48 -38.30 -29.05
CA CYS A 136 46.15 -39.54 -28.70
C CYS A 136 45.62 -40.06 -27.38
N ASN A 137 45.66 -41.39 -27.22
CA ASN A 137 45.17 -42.00 -26.01
C ASN A 137 46.05 -41.66 -24.81
N ASP A 138 47.33 -41.41 -25.04
CA ASP A 138 48.27 -41.04 -23.98
C ASP A 138 49.04 -39.79 -24.41
N PRO A 139 48.38 -38.65 -24.47
CA PRO A 139 49.05 -37.43 -24.92
C PRO A 139 50.16 -37.04 -23.96
N PHE A 140 51.25 -36.51 -24.53
CA PHE A 140 52.36 -36.00 -23.76
C PHE A 140 53.29 -35.27 -24.71
N LEU A 141 54.32 -34.66 -24.15
CA LEU A 141 55.30 -33.91 -24.93
C LEU A 141 56.72 -34.34 -24.56
N MET A 153 66.16 -34.82 -27.18
CA MET A 153 66.02 -34.57 -25.75
C MET A 153 65.30 -33.25 -25.48
N GLU A 154 65.21 -32.41 -26.51
CA GLU A 154 64.68 -31.07 -26.36
C GLU A 154 63.34 -30.86 -27.07
N SER A 155 62.70 -31.93 -27.55
CA SER A 155 61.40 -31.79 -28.20
C SER A 155 60.77 -33.17 -28.39
N GLU A 156 59.45 -33.21 -28.25
CA GLU A 156 58.63 -34.40 -28.46
C GLU A 156 57.17 -33.95 -28.46
N PHE A 157 56.39 -34.46 -29.43
CA PHE A 157 55.03 -33.95 -29.61
C PHE A 157 54.23 -35.05 -30.30
N ARG A 158 53.40 -35.77 -29.53
CA ARG A 158 52.50 -36.79 -30.08
C ARG A 158 51.15 -36.72 -29.38
N VAL A 159 50.65 -35.49 -29.17
CA VAL A 159 49.38 -35.32 -28.48
C VAL A 159 48.19 -35.65 -29.37
N TYR A 160 48.31 -35.43 -30.69
CA TYR A 160 47.18 -35.67 -31.58
C TYR A 160 47.69 -35.85 -32.99
N SER A 161 46.88 -36.54 -33.81
CA SER A 161 47.06 -36.47 -35.27
C SER A 161 45.68 -36.33 -35.93
N SER A 162 45.16 -35.10 -35.94
CA SER A 162 44.07 -34.65 -36.80
C SER A 162 43.82 -33.17 -36.54
N ALA A 163 43.48 -32.40 -37.57
CA ALA A 163 43.26 -30.98 -37.37
C ALA A 163 42.09 -30.46 -38.20
N ASN A 164 41.11 -31.32 -38.44
CA ASN A 164 39.99 -30.94 -39.29
C ASN A 164 39.11 -29.90 -38.63
N ASN A 165 38.66 -28.93 -39.43
CA ASN A 165 37.52 -28.08 -39.09
C ASN A 165 37.83 -27.14 -37.91
N CYS A 166 39.03 -26.56 -37.91
CA CYS A 166 39.37 -25.60 -36.85
C CYS A 166 38.44 -24.41 -36.88
N THR A 167 38.19 -23.84 -35.70
CA THR A 167 37.22 -22.76 -35.55
C THR A 167 37.78 -21.55 -34.79
N PHE A 168 38.73 -21.73 -33.89
CA PHE A 168 39.26 -20.57 -33.18
C PHE A 168 40.73 -20.80 -32.83
N GLU A 169 41.51 -19.73 -32.94
CA GLU A 169 42.92 -19.73 -32.57
C GLU A 169 43.23 -18.49 -31.75
N TYR A 170 44.31 -18.56 -30.98
CA TYR A 170 44.75 -17.46 -30.14
C TYR A 170 46.20 -17.68 -29.75
N VAL A 171 46.96 -16.59 -29.69
CA VAL A 171 48.36 -16.62 -29.29
C VAL A 171 48.60 -15.45 -28.35
N SER A 172 49.53 -15.62 -27.42
CA SER A 172 49.92 -14.57 -26.49
C SER A 172 51.31 -14.91 -25.97
N GLN A 173 51.74 -14.20 -24.91
CA GLN A 173 53.04 -14.43 -24.32
C GLN A 173 52.91 -15.00 -22.91
N PRO A 174 53.59 -16.12 -22.62
CA PRO A 174 53.54 -16.74 -21.29
C PRO A 174 54.26 -15.92 -20.23
N PHE A 186 61.18 -27.26 -4.21
CA PHE A 186 60.14 -26.62 -5.01
C PHE A 186 60.16 -25.11 -4.79
N LYS A 187 59.97 -24.35 -5.86
CA LYS A 187 60.05 -22.90 -5.73
C LYS A 187 58.84 -22.16 -6.26
N ASN A 188 58.24 -22.62 -7.36
CA ASN A 188 57.20 -21.86 -8.04
C ASN A 188 55.85 -22.55 -7.85
N LEU A 189 54.86 -21.81 -7.35
CA LEU A 189 53.51 -22.32 -7.21
C LEU A 189 52.59 -21.53 -8.15
N ARG A 190 51.85 -22.26 -8.99
CA ARG A 190 50.95 -21.66 -9.96
C ARG A 190 49.54 -22.15 -9.70
N GLU A 191 48.61 -21.22 -9.56
CA GLU A 191 47.22 -21.55 -9.26
C GLU A 191 46.33 -21.03 -10.38
N PHE A 192 45.32 -21.81 -10.73
CA PHE A 192 44.42 -21.51 -11.84
C PHE A 192 43.00 -21.88 -11.46
N VAL A 193 42.06 -21.13 -12.01
CA VAL A 193 40.64 -21.42 -11.90
C VAL A 193 40.04 -21.36 -13.30
N PHE A 194 39.35 -22.43 -13.69
CA PHE A 194 38.73 -22.54 -14.99
C PHE A 194 37.22 -22.62 -14.81
N LYS A 195 36.48 -21.84 -15.58
CA LYS A 195 35.02 -22.03 -15.57
C LYS A 195 34.45 -21.68 -16.93
N ASN A 196 33.24 -22.17 -17.19
CA ASN A 196 32.62 -22.09 -18.50
C ASN A 196 31.16 -21.71 -18.31
N ILE A 197 30.85 -20.43 -18.54
CA ILE A 197 29.52 -19.88 -18.27
C ILE A 197 29.01 -19.19 -19.53
N ASP A 198 27.79 -19.55 -19.94
CA ASP A 198 27.03 -18.83 -20.95
C ASP A 198 27.82 -18.64 -22.25
N GLY A 199 28.45 -19.72 -22.71
CA GLY A 199 29.20 -19.68 -23.94
C GLY A 199 30.56 -19.04 -23.84
N TYR A 200 30.98 -18.64 -22.65
CA TYR A 200 32.27 -18.02 -22.43
C TYR A 200 33.12 -18.91 -21.54
N PHE A 201 34.43 -18.87 -21.75
CA PHE A 201 35.39 -19.68 -21.01
C PHE A 201 36.36 -18.74 -20.32
N LYS A 202 36.33 -18.72 -19.00
CA LYS A 202 37.07 -17.75 -18.21
C LYS A 202 38.17 -18.43 -17.41
N ILE A 203 39.32 -17.76 -17.35
CA ILE A 203 40.52 -18.29 -16.70
C ILE A 203 41.04 -17.25 -15.73
N TYR A 204 41.34 -17.67 -14.51
CA TYR A 204 42.00 -16.83 -13.52
C TYR A 204 43.26 -17.54 -13.05
N SER A 205 44.27 -16.78 -12.64
CA SER A 205 45.51 -17.44 -12.24
C SER A 205 46.32 -16.53 -11.34
N LYS A 206 47.38 -17.12 -10.79
CA LYS A 206 48.33 -16.41 -9.94
C LYS A 206 49.59 -17.24 -9.79
N HIS A 207 50.71 -16.55 -9.60
CA HIS A 207 52.00 -17.17 -9.35
C HIS A 207 52.53 -16.69 -8.01
N THR A 208 53.27 -17.56 -7.32
CA THR A 208 53.83 -17.18 -6.04
C THR A 208 55.09 -17.98 -5.75
N PRO A 209 56.04 -17.42 -5.02
CA PRO A 209 57.24 -18.17 -4.63
C PRO A 209 57.04 -18.95 -3.33
N ILE A 210 57.17 -20.27 -3.41
CA ILE A 210 57.08 -21.14 -2.25
C ILE A 210 58.41 -21.86 -2.09
N ASN A 211 58.60 -22.49 -0.92
CA ASN A 211 59.74 -23.37 -0.73
C ASN A 211 59.43 -24.46 0.30
N LEU A 212 58.98 -25.61 -0.21
CA LEU A 212 58.68 -26.81 0.57
C LEU A 212 58.31 -27.88 -0.43
N VAL A 213 58.30 -29.13 0.04
CA VAL A 213 58.14 -30.27 -0.86
C VAL A 213 57.03 -31.20 -0.37
N ARG A 214 56.03 -30.65 0.32
CA ARG A 214 55.02 -31.48 0.94
C ARG A 214 53.62 -31.32 0.33
N ASP A 215 53.07 -30.11 0.34
CA ASP A 215 51.66 -29.94 0.01
C ASP A 215 51.37 -28.45 -0.19
N LEU A 216 50.10 -28.12 -0.35
CA LEU A 216 49.70 -26.74 -0.52
C LEU A 216 50.05 -25.93 0.73
N PRO A 217 50.65 -24.76 0.59
CA PRO A 217 50.93 -23.91 1.75
C PRO A 217 49.65 -23.29 2.29
N GLN A 218 49.78 -22.67 3.46
CA GLN A 218 48.71 -21.85 3.98
C GLN A 218 48.90 -20.40 3.52
N GLY A 219 48.03 -19.53 3.98
CA GLY A 219 48.06 -18.14 3.57
C GLY A 219 46.95 -17.82 2.56
N PHE A 220 46.72 -16.54 2.37
CA PHE A 220 45.64 -16.06 1.53
C PHE A 220 46.18 -15.23 0.38
N SER A 221 45.67 -15.50 -0.83
CA SER A 221 46.03 -14.75 -2.01
C SER A 221 44.93 -14.94 -3.04
N ALA A 222 44.52 -13.85 -3.68
CA ALA A 222 43.40 -13.87 -4.62
C ALA A 222 43.90 -13.95 -6.05
N LEU A 223 43.11 -14.57 -6.90
CA LEU A 223 43.49 -14.81 -8.28
C LEU A 223 42.87 -13.76 -9.20
N GLU A 224 43.71 -13.08 -9.96
CA GLU A 224 43.33 -12.02 -10.89
C GLU A 224 42.96 -12.62 -12.25
N PRO A 225 41.94 -12.10 -12.92
CA PRO A 225 41.55 -12.66 -14.21
C PRO A 225 42.61 -12.46 -15.26
N LEU A 226 42.70 -13.41 -16.18
CA LEU A 226 43.61 -13.32 -17.32
C LEU A 226 42.87 -13.27 -18.64
N VAL A 227 42.07 -14.26 -18.96
CA VAL A 227 41.53 -14.43 -20.31
C VAL A 227 40.07 -14.83 -20.23
N ASP A 228 39.30 -14.36 -21.22
CA ASP A 228 37.93 -14.81 -21.43
C ASP A 228 37.77 -15.07 -22.92
N LEU A 229 37.27 -16.25 -23.27
CA LEU A 229 37.13 -16.64 -24.67
C LEU A 229 35.68 -16.90 -25.04
N PRO A 230 35.24 -16.43 -26.21
CA PRO A 230 33.87 -16.70 -26.68
C PRO A 230 33.76 -18.03 -27.43
N ILE A 231 34.24 -19.11 -26.79
CA ILE A 231 34.31 -20.40 -27.46
C ILE A 231 32.92 -20.90 -27.81
N GLY A 232 31.98 -20.80 -26.89
CA GLY A 232 30.61 -21.18 -27.15
C GLY A 232 30.36 -22.65 -27.43
N ILE A 233 31.02 -23.54 -26.70
CA ILE A 233 30.79 -24.97 -26.79
C ILE A 233 30.35 -25.48 -25.42
N ASN A 234 30.06 -26.78 -25.36
CA ASN A 234 29.84 -27.44 -24.09
C ASN A 234 31.04 -28.33 -23.75
N ILE A 235 31.09 -28.77 -22.50
CA ILE A 235 32.31 -29.38 -21.97
C ILE A 235 32.01 -30.18 -20.71
N THR A 236 32.59 -31.38 -20.60
CA THR A 236 32.42 -32.19 -19.40
C THR A 236 33.69 -32.80 -18.85
N ARG A 237 34.76 -32.97 -19.64
CA ARG A 237 35.95 -33.65 -19.17
C ARG A 237 37.19 -32.87 -19.58
N PHE A 238 38.29 -33.12 -18.89
CA PHE A 238 39.56 -32.47 -19.21
C PHE A 238 40.70 -33.40 -18.85
N GLN A 239 41.91 -32.95 -19.17
CA GLN A 239 43.11 -33.76 -18.96
C GLN A 239 44.34 -32.88 -19.05
N THR A 240 45.29 -33.09 -18.15
CA THR A 240 46.51 -32.30 -18.13
C THR A 240 47.55 -32.88 -19.08
N LEU A 241 48.63 -32.12 -19.29
CA LEU A 241 49.72 -32.48 -20.18
C LEU A 241 51.05 -32.16 -19.53
N LEU A 242 51.99 -33.10 -19.59
CA LEU A 242 53.32 -32.91 -19.04
C LEU A 242 54.37 -33.13 -20.12
N ALA A 243 55.63 -33.02 -19.74
CA ALA A 243 56.75 -33.20 -20.66
C ALA A 243 56.80 -34.63 -21.18
N GLY A 261 62.60 -36.44 -13.60
CA GLY A 261 61.99 -35.31 -12.92
C GLY A 261 60.49 -35.45 -12.78
N ALA A 262 59.97 -35.06 -11.61
CA ALA A 262 58.54 -35.15 -11.33
C ALA A 262 58.11 -33.92 -10.56
N ALA A 263 56.82 -33.63 -10.64
CA ALA A 263 56.25 -32.47 -9.98
C ALA A 263 54.81 -32.77 -9.59
N ALA A 264 54.31 -32.01 -8.62
CA ALA A 264 53.02 -32.27 -8.00
C ALA A 264 51.97 -31.29 -8.50
N TYR A 265 50.76 -31.80 -8.71
CA TYR A 265 49.62 -30.93 -9.01
C TYR A 265 48.36 -31.43 -8.32
N TYR A 266 47.55 -30.47 -7.88
CA TYR A 266 46.35 -30.71 -7.09
C TYR A 266 45.13 -30.23 -7.88
N VAL A 267 44.01 -30.91 -7.72
CA VAL A 267 42.78 -30.50 -8.38
C VAL A 267 41.61 -30.61 -7.41
N GLY A 268 40.72 -29.61 -7.46
CA GLY A 268 39.52 -29.58 -6.66
C GLY A 268 38.40 -28.94 -7.46
N TYR A 269 37.19 -29.01 -6.93
CA TYR A 269 36.00 -28.65 -7.69
C TYR A 269 35.26 -27.50 -7.02
N LEU A 270 34.54 -26.74 -7.84
CA LEU A 270 33.80 -25.56 -7.41
C LEU A 270 32.35 -25.91 -7.13
N GLN A 271 31.76 -25.18 -6.19
CA GLN A 271 30.37 -25.35 -5.79
C GLN A 271 29.76 -23.97 -5.56
N PRO A 272 28.43 -23.87 -5.64
CA PRO A 272 27.77 -22.58 -5.36
C PRO A 272 27.79 -22.27 -3.88
N ARG A 273 28.43 -21.17 -3.53
CA ARG A 273 28.56 -20.75 -2.14
C ARG A 273 28.32 -19.25 -2.04
N THR A 274 28.30 -18.77 -0.80
CA THR A 274 28.20 -17.35 -0.48
C THR A 274 29.39 -16.98 0.38
N PHE A 275 30.16 -16.01 -0.07
CA PHE A 275 31.37 -15.59 0.62
C PHE A 275 31.24 -14.14 1.06
N LEU A 276 32.04 -13.79 2.06
CA LEU A 276 32.18 -12.40 2.49
C LEU A 276 33.63 -12.00 2.30
N LEU A 277 33.88 -11.05 1.40
CA LEU A 277 35.21 -10.64 1.00
C LEU A 277 35.55 -9.29 1.59
N LYS A 278 36.84 -9.06 1.85
CA LYS A 278 37.32 -7.84 2.45
C LYS A 278 38.22 -7.11 1.46
N TYR A 279 37.83 -5.89 1.08
CA TYR A 279 38.64 -5.05 0.22
C TYR A 279 39.33 -3.98 1.07
N ASN A 280 40.62 -3.81 0.84
CA ASN A 280 41.42 -2.85 1.59
C ASN A 280 41.39 -1.50 0.88
N GLU A 281 42.29 -0.59 1.29
CA GLU A 281 42.24 0.78 0.78
C GLU A 281 42.43 0.84 -0.72
N ASN A 282 43.35 0.03 -1.26
CA ASN A 282 43.71 0.10 -2.66
C ASN A 282 42.93 -0.88 -3.54
N GLY A 283 41.94 -1.57 -2.99
CA GLY A 283 41.08 -2.40 -3.79
C GLY A 283 41.53 -3.83 -3.97
N THR A 284 42.40 -4.34 -3.09
CA THR A 284 42.88 -5.71 -3.17
C THR A 284 42.18 -6.55 -2.13
N ILE A 285 41.69 -7.73 -2.55
CA ILE A 285 41.06 -8.64 -1.61
C ILE A 285 42.13 -9.21 -0.70
N THR A 286 41.97 -9.02 0.61
CA THR A 286 42.95 -9.47 1.58
C THR A 286 42.44 -10.58 2.48
N ASP A 287 41.14 -10.85 2.51
CA ASP A 287 40.61 -11.89 3.38
C ASP A 287 39.18 -12.20 2.96
N ALA A 288 38.70 -13.35 3.40
CA ALA A 288 37.34 -13.77 3.10
C ALA A 288 36.89 -14.78 4.14
N VAL A 289 35.57 -14.94 4.25
CA VAL A 289 34.99 -15.98 5.09
C VAL A 289 33.90 -16.69 4.31
N ASP A 290 33.75 -17.98 4.59
CA ASP A 290 32.75 -18.82 3.95
C ASP A 290 31.54 -18.91 4.87
N CYS A 291 30.38 -18.54 4.36
CA CYS A 291 29.20 -18.41 5.20
C CYS A 291 28.51 -19.72 5.49
N ALA A 292 29.18 -20.86 5.27
CA ALA A 292 28.57 -22.14 5.58
C ALA A 292 29.56 -23.12 6.20
N LEU A 293 30.69 -22.63 6.70
CA LEU A 293 31.68 -23.54 7.27
C LEU A 293 31.30 -23.96 8.69
N ASP A 294 30.87 -23.03 9.52
CA ASP A 294 30.57 -23.29 10.92
C ASP A 294 29.68 -22.17 11.45
N PRO A 295 29.08 -22.33 12.63
CA PRO A 295 28.14 -21.31 13.11
C PRO A 295 28.76 -19.94 13.30
N LEU A 296 30.02 -19.87 13.70
CA LEU A 296 30.66 -18.57 13.89
C LEU A 296 30.78 -17.83 12.56
N SER A 297 31.10 -18.56 11.48
CA SER A 297 31.14 -17.94 10.17
C SER A 297 29.77 -17.39 9.78
N GLU A 298 28.71 -18.11 10.10
CA GLU A 298 27.37 -17.61 9.81
C GLU A 298 27.07 -16.34 10.59
N THR A 299 27.47 -16.28 11.86
CA THR A 299 27.26 -15.05 12.61
C THR A 299 28.05 -13.91 11.98
N LYS A 300 29.28 -14.18 11.57
CA LYS A 300 30.10 -13.15 10.93
C LYS A 300 29.44 -12.65 9.64
N CYS A 301 28.81 -13.55 8.90
CA CYS A 301 28.19 -13.15 7.64
C CYS A 301 26.91 -12.37 7.85
N THR A 302 26.11 -12.72 8.87
CA THR A 302 24.90 -11.94 9.10
C THR A 302 25.17 -10.61 9.78
N LEU A 303 26.24 -10.50 10.55
CA LEU A 303 26.61 -9.19 11.09
C LEU A 303 27.42 -8.36 10.10
N LYS A 304 27.94 -8.97 9.04
CA LYS A 304 28.84 -8.31 8.10
C LYS A 304 30.03 -7.69 8.81
N SER A 305 30.78 -8.54 9.51
CA SER A 305 31.95 -8.11 10.24
C SER A 305 32.90 -9.27 10.38
N PHE A 306 34.16 -8.96 10.70
CA PHE A 306 35.16 -9.98 10.95
C PHE A 306 35.42 -10.17 12.44
N THR A 307 34.78 -9.38 13.29
CA THR A 307 34.82 -9.56 14.73
C THR A 307 33.41 -9.42 15.28
N VAL A 308 33.11 -10.19 16.32
CA VAL A 308 31.79 -10.16 16.95
C VAL A 308 31.98 -9.94 18.44
N GLU A 309 31.07 -9.17 19.02
CA GLU A 309 31.08 -8.91 20.45
C GLU A 309 30.31 -10.00 21.19
N LYS A 310 30.59 -10.12 22.49
CA LYS A 310 29.92 -11.10 23.32
C LYS A 310 28.40 -10.88 23.29
N GLY A 311 27.66 -11.96 23.08
CA GLY A 311 26.21 -11.86 23.07
C GLY A 311 25.58 -13.10 22.48
N ILE A 312 24.32 -12.96 22.09
CA ILE A 312 23.55 -14.01 21.46
C ILE A 312 22.88 -13.43 20.21
N TYR A 313 23.11 -14.09 19.07
CA TYR A 313 22.63 -13.59 17.79
C TYR A 313 21.81 -14.66 17.11
N GLN A 314 20.78 -14.24 16.38
CA GLN A 314 19.95 -15.16 15.61
C GLN A 314 20.38 -15.12 14.16
N THR A 315 20.67 -16.30 13.60
CA THR A 315 21.27 -16.38 12.29
C THR A 315 20.37 -16.98 11.22
N SER A 316 19.51 -17.94 11.56
CA SER A 316 18.65 -18.54 10.56
C SER A 316 17.49 -19.24 11.23
N ASN A 317 16.61 -19.80 10.40
CA ASN A 317 15.48 -20.61 10.81
C ASN A 317 15.70 -22.05 10.38
N PHE A 318 14.77 -22.92 10.78
CA PHE A 318 14.81 -24.30 10.35
C PHE A 318 13.40 -24.88 10.41
N ARG A 319 13.20 -25.94 9.62
CA ARG A 319 11.90 -26.57 9.47
C ARG A 319 12.09 -28.03 9.07
N VAL A 320 11.39 -28.93 9.76
CA VAL A 320 11.42 -30.34 9.37
C VAL A 320 10.72 -30.51 8.03
N GLN A 321 11.07 -31.57 7.30
CA GLN A 321 10.58 -31.76 5.95
C GLN A 321 9.77 -33.05 5.84
N PRO A 322 8.74 -33.06 4.98
CA PRO A 322 7.90 -34.25 4.84
C PRO A 322 8.60 -35.36 4.07
N THR A 323 8.15 -36.59 4.32
CA THR A 323 8.77 -37.78 3.73
C THR A 323 7.86 -38.59 2.83
N GLU A 324 6.71 -39.07 3.32
CA GLU A 324 5.98 -40.10 2.59
C GLU A 324 4.98 -39.57 1.57
N SER A 325 4.21 -38.54 1.93
CA SER A 325 3.12 -38.04 1.07
C SER A 325 2.06 -39.11 0.81
N ILE A 326 1.35 -39.53 1.85
CA ILE A 326 0.31 -40.55 1.75
C ILE A 326 -0.96 -39.98 1.16
N VAL A 327 -1.88 -40.87 0.76
CA VAL A 327 -3.17 -40.49 0.18
C VAL A 327 -4.21 -41.51 0.64
N ARG A 328 -5.38 -41.02 1.08
CA ARG A 328 -6.47 -41.87 1.53
C ARG A 328 -7.77 -41.42 0.87
N PHE A 329 -8.55 -42.38 0.40
CA PHE A 329 -9.81 -42.15 -0.29
C PHE A 329 -10.84 -43.17 0.16
N PRO A 330 -12.13 -42.88 0.00
CA PRO A 330 -13.16 -43.77 0.54
C PRO A 330 -13.11 -45.19 -0.01
N ASN A 331 -13.82 -46.07 0.68
CA ASN A 331 -13.88 -47.50 0.39
C ASN A 331 -14.75 -47.65 -0.84
N ILE A 332 -14.11 -47.60 -2.02
CA ILE A 332 -14.83 -47.30 -3.26
C ILE A 332 -16.02 -48.23 -3.47
N THR A 333 -15.76 -49.52 -3.68
CA THR A 333 -16.76 -50.59 -3.61
C THR A 333 -18.15 -50.19 -4.08
N ASN A 334 -18.23 -49.51 -5.23
CA ASN A 334 -19.52 -49.10 -5.77
C ASN A 334 -19.85 -49.82 -7.07
N LEU A 335 -18.85 -50.05 -7.91
CA LEU A 335 -18.84 -51.19 -8.84
C LEU A 335 -20.05 -51.16 -9.78
N CYS A 336 -20.02 -50.19 -10.70
CA CYS A 336 -21.00 -50.11 -11.79
C CYS A 336 -21.26 -51.48 -12.40
N PRO A 337 -22.49 -51.77 -12.83
CA PRO A 337 -22.75 -53.07 -13.45
C PRO A 337 -22.39 -53.10 -14.92
N PHE A 338 -21.21 -52.57 -15.25
CA PHE A 338 -20.69 -52.69 -16.60
C PHE A 338 -20.29 -54.12 -16.93
N GLY A 339 -20.15 -54.96 -15.91
CA GLY A 339 -19.63 -56.30 -16.13
C GLY A 339 -20.43 -57.07 -17.16
N GLU A 340 -21.76 -57.05 -17.05
CA GLU A 340 -22.59 -57.70 -18.06
C GLU A 340 -22.43 -57.05 -19.43
N VAL A 341 -22.30 -55.73 -19.50
CA VAL A 341 -22.15 -55.06 -20.80
C VAL A 341 -20.68 -55.13 -21.16
N PHE A 342 -19.92 -55.92 -20.41
CA PHE A 342 -18.69 -56.54 -20.88
C PHE A 342 -18.79 -58.05 -21.01
N ASN A 343 -19.62 -58.70 -20.19
CA ASN A 343 -19.73 -60.15 -20.17
C ASN A 343 -21.16 -60.64 -20.44
N ALA A 344 -21.89 -59.99 -21.34
CA ALA A 344 -23.12 -60.58 -21.87
C ALA A 344 -22.85 -61.15 -23.25
N THR A 345 -23.83 -61.90 -23.75
CA THR A 345 -23.69 -62.58 -25.03
C THR A 345 -24.36 -61.85 -26.19
N ARG A 346 -25.17 -60.82 -25.92
CA ARG A 346 -25.85 -60.09 -26.99
C ARG A 346 -25.99 -58.63 -26.54
N PHE A 347 -25.09 -57.78 -27.02
CA PHE A 347 -25.06 -56.39 -26.59
C PHE A 347 -26.11 -55.60 -27.37
N ALA A 348 -26.01 -54.27 -27.30
CA ALA A 348 -26.96 -53.40 -27.98
C ALA A 348 -26.93 -53.65 -29.49
N SER A 349 -27.89 -53.05 -30.19
CA SER A 349 -28.05 -53.18 -31.63
C SER A 349 -27.82 -51.82 -32.28
N VAL A 350 -27.15 -51.81 -33.43
CA VAL A 350 -26.81 -50.52 -34.04
C VAL A 350 -28.06 -49.75 -34.42
N TYR A 351 -29.15 -50.46 -34.71
CA TYR A 351 -30.43 -49.78 -34.86
C TYR A 351 -31.06 -49.45 -33.52
N ALA A 352 -30.73 -50.20 -32.48
CA ALA A 352 -31.36 -50.05 -31.16
C ALA A 352 -30.30 -49.97 -30.07
N TRP A 353 -29.25 -49.18 -30.31
CA TRP A 353 -28.21 -48.96 -29.30
C TRP A 353 -28.68 -47.84 -28.38
N ASN A 354 -29.29 -48.23 -27.26
CA ASN A 354 -29.83 -47.25 -26.34
C ASN A 354 -28.74 -46.36 -25.77
N ARG A 355 -29.07 -45.09 -25.59
CA ARG A 355 -28.20 -44.17 -24.86
C ARG A 355 -28.45 -44.42 -23.37
N LYS A 356 -28.07 -45.64 -22.96
CA LYS A 356 -28.41 -46.12 -21.63
C LYS A 356 -27.68 -45.31 -20.57
N ARG A 357 -28.45 -44.71 -19.66
CA ARG A 357 -27.92 -43.81 -18.64
C ARG A 357 -27.60 -44.64 -17.40
N ILE A 358 -26.31 -44.95 -17.22
CA ILE A 358 -25.83 -45.69 -16.06
C ILE A 358 -25.12 -44.70 -15.15
N SER A 359 -25.67 -44.49 -13.95
CA SER A 359 -25.25 -43.39 -13.11
C SER A 359 -24.96 -43.86 -11.69
N ASN A 360 -24.16 -43.07 -10.97
CA ASN A 360 -23.93 -43.21 -9.54
C ASN A 360 -23.32 -44.56 -9.19
N CYS A 361 -22.11 -44.77 -9.72
CA CYS A 361 -21.26 -45.88 -9.34
C CYS A 361 -19.88 -45.63 -9.93
N VAL A 362 -18.90 -46.41 -9.49
CA VAL A 362 -17.55 -46.36 -10.05
C VAL A 362 -17.41 -47.48 -11.08
N ALA A 363 -16.93 -47.11 -12.27
CA ALA A 363 -16.74 -48.05 -13.38
C ALA A 363 -15.26 -48.02 -13.75
N ASP A 364 -14.50 -48.97 -13.22
CA ASP A 364 -13.07 -48.98 -13.45
C ASP A 364 -12.77 -49.34 -14.90
N TYR A 365 -11.79 -48.65 -15.48
CA TYR A 365 -11.34 -48.93 -16.83
C TYR A 365 -9.97 -49.57 -16.88
N SER A 366 -9.25 -49.59 -15.75
CA SER A 366 -7.98 -50.32 -15.69
C SER A 366 -8.17 -51.77 -16.11
N VAL A 367 -9.31 -52.36 -15.74
CA VAL A 367 -9.67 -53.68 -16.23
C VAL A 367 -9.83 -53.67 -17.75
N LEU A 368 -10.21 -52.53 -18.34
CA LEU A 368 -10.25 -52.45 -19.79
C LEU A 368 -8.84 -52.42 -20.38
N TYR A 369 -7.95 -51.62 -19.78
CA TYR A 369 -6.59 -51.53 -20.31
C TYR A 369 -5.88 -52.87 -20.25
N ASN A 370 -6.08 -53.61 -19.14
CA ASN A 370 -5.50 -54.94 -19.00
C ASN A 370 -6.49 -56.05 -19.32
N SER A 371 -7.54 -55.76 -20.10
CA SER A 371 -8.54 -56.77 -20.42
C SER A 371 -8.08 -57.72 -21.52
N ALA A 372 -7.01 -57.38 -22.23
CA ALA A 372 -6.38 -58.27 -23.22
C ALA A 372 -7.35 -58.67 -24.32
N SER A 373 -8.21 -57.75 -24.76
CA SER A 373 -9.07 -58.02 -25.90
C SER A 373 -9.19 -56.86 -26.88
N PHE A 374 -8.70 -55.67 -26.54
CA PHE A 374 -8.97 -54.49 -27.37
C PHE A 374 -8.11 -54.47 -28.62
N SER A 375 -8.68 -53.91 -29.68
CA SER A 375 -7.93 -53.55 -30.87
C SER A 375 -7.92 -52.04 -31.09
N THR A 376 -9.08 -51.41 -31.22
CA THR A 376 -9.12 -49.99 -31.55
C THR A 376 -9.71 -49.21 -30.38
N PHE A 377 -9.29 -49.55 -29.18
CA PHE A 377 -9.67 -48.82 -27.98
C PHE A 377 -9.04 -47.44 -28.02
N LYS A 378 -9.86 -46.39 -28.17
CA LYS A 378 -9.36 -45.03 -28.25
C LYS A 378 -10.22 -44.11 -27.40
N CYS A 379 -9.58 -43.42 -26.45
CA CYS A 379 -10.24 -42.40 -25.64
C CYS A 379 -9.89 -41.03 -26.23
N TYR A 380 -10.81 -40.48 -27.02
CA TYR A 380 -10.69 -39.13 -27.52
C TYR A 380 -10.95 -38.11 -26.41
N GLY A 381 -10.40 -36.91 -26.58
CA GLY A 381 -10.57 -35.86 -25.59
C GLY A 381 -9.53 -35.92 -24.51
N VAL A 382 -9.55 -36.99 -23.71
CA VAL A 382 -8.57 -37.24 -22.67
C VAL A 382 -7.85 -38.54 -22.98
N SER A 383 -6.55 -38.56 -22.73
CA SER A 383 -5.78 -39.79 -22.98
C SER A 383 -6.34 -40.91 -22.12
N PRO A 384 -6.49 -42.12 -22.67
CA PRO A 384 -7.08 -43.22 -21.88
C PRO A 384 -6.36 -43.48 -20.57
N THR A 385 -5.03 -43.36 -20.55
CA THR A 385 -4.30 -43.60 -19.31
C THR A 385 -4.79 -42.68 -18.19
N LYS A 386 -5.25 -41.47 -18.54
CA LYS A 386 -5.85 -40.55 -17.57
C LYS A 386 -7.36 -40.50 -17.69
N LEU A 387 -8.01 -41.66 -17.88
CA LEU A 387 -9.46 -41.76 -17.81
C LEU A 387 -9.97 -42.12 -16.42
N ASN A 388 -9.40 -43.15 -15.80
CA ASN A 388 -9.89 -43.57 -14.48
C ASN A 388 -9.70 -42.47 -13.44
N ASP A 389 -8.57 -41.76 -13.51
CA ASP A 389 -8.30 -40.72 -12.52
C ASP A 389 -9.33 -39.61 -12.58
N LEU A 390 -9.70 -39.17 -13.78
CA LEU A 390 -10.60 -38.04 -13.97
C LEU A 390 -11.71 -38.43 -14.94
N CYS A 391 -12.95 -38.30 -14.49
CA CYS A 391 -14.12 -38.50 -15.33
C CYS A 391 -14.59 -37.14 -15.87
N PHE A 392 -15.77 -37.13 -16.45
CA PHE A 392 -16.45 -35.91 -16.85
C PHE A 392 -17.93 -36.08 -16.57
N THR A 393 -18.63 -34.96 -16.41
CA THR A 393 -20.07 -35.03 -16.24
C THR A 393 -20.72 -35.56 -17.52
N ASN A 394 -22.01 -35.89 -17.43
CA ASN A 394 -22.72 -36.51 -18.54
C ASN A 394 -22.04 -37.82 -18.96
N VAL A 395 -22.17 -38.80 -18.07
CA VAL A 395 -21.34 -40.01 -18.09
C VAL A 395 -22.11 -41.07 -18.88
N TYR A 396 -22.99 -40.62 -19.78
CA TYR A 396 -23.81 -41.51 -20.58
C TYR A 396 -22.97 -42.62 -21.22
N ALA A 397 -23.62 -43.77 -21.45
CA ALA A 397 -22.95 -44.97 -21.93
C ALA A 397 -23.67 -45.53 -23.15
N ASP A 398 -22.90 -46.16 -24.05
CA ASP A 398 -23.40 -46.74 -25.28
C ASP A 398 -22.63 -48.01 -25.59
N SER A 399 -23.24 -48.88 -26.40
CA SER A 399 -22.56 -50.11 -26.80
C SER A 399 -23.12 -50.58 -28.14
N PHE A 400 -22.36 -51.47 -28.79
CA PHE A 400 -22.78 -52.24 -29.95
C PHE A 400 -21.65 -53.20 -30.30
N VAL A 401 -21.96 -54.15 -31.17
CA VAL A 401 -20.98 -55.08 -31.73
C VAL A 401 -20.94 -54.78 -33.23
N ILE A 402 -20.05 -53.83 -33.65
CA ILE A 402 -20.04 -53.31 -35.01
C ILE A 402 -19.25 -54.25 -35.90
N ARG A 403 -19.49 -54.18 -37.21
CA ARG A 403 -18.64 -54.89 -38.14
C ARG A 403 -17.34 -54.10 -38.32
N GLY A 404 -16.21 -54.81 -38.21
CA GLY A 404 -14.92 -54.16 -38.12
C GLY A 404 -14.31 -53.68 -39.42
N ASP A 405 -14.99 -53.85 -40.55
CA ASP A 405 -14.41 -53.44 -41.82
C ASP A 405 -14.24 -51.93 -41.93
N GLU A 406 -14.90 -51.16 -41.06
CA GLU A 406 -14.85 -49.70 -41.12
C GLU A 406 -14.70 -49.09 -39.73
N VAL A 407 -14.01 -49.78 -38.82
CA VAL A 407 -13.81 -49.26 -37.47
C VAL A 407 -13.06 -47.94 -37.52
N ARG A 408 -12.05 -47.84 -38.39
CA ARG A 408 -11.30 -46.59 -38.52
C ARG A 408 -12.16 -45.47 -39.10
N GLN A 409 -13.32 -45.81 -39.67
CA GLN A 409 -14.25 -44.78 -40.11
C GLN A 409 -15.00 -44.16 -38.93
N ILE A 410 -15.14 -44.89 -37.82
CA ILE A 410 -15.80 -44.35 -36.64
C ILE A 410 -14.79 -43.50 -35.88
N ALA A 411 -14.77 -42.21 -36.20
CA ALA A 411 -13.83 -41.26 -35.63
C ALA A 411 -14.44 -39.87 -35.72
N PRO A 412 -14.00 -38.94 -34.88
CA PRO A 412 -14.52 -37.56 -35.01
C PRO A 412 -14.12 -36.95 -36.33
N GLY A 413 -15.04 -36.17 -36.91
CA GLY A 413 -14.78 -35.51 -38.17
C GLY A 413 -14.59 -36.43 -39.35
N GLN A 414 -15.16 -37.63 -39.31
CA GLN A 414 -15.00 -38.61 -40.38
C GLN A 414 -16.34 -39.29 -40.65
N THR A 415 -16.96 -38.94 -41.77
CA THR A 415 -18.17 -39.60 -42.23
C THR A 415 -17.80 -40.91 -42.92
N GLY A 416 -18.75 -41.51 -43.64
CA GLY A 416 -18.48 -42.78 -44.28
C GLY A 416 -19.72 -43.62 -44.54
N LYS A 417 -19.72 -44.85 -44.03
CA LYS A 417 -20.90 -45.71 -44.09
C LYS A 417 -21.45 -46.01 -42.70
N ILE A 418 -20.62 -46.53 -41.80
CA ILE A 418 -21.06 -46.70 -40.41
C ILE A 418 -21.19 -45.35 -39.73
N ALA A 419 -20.26 -44.43 -39.99
CA ALA A 419 -20.37 -43.07 -39.48
C ALA A 419 -21.45 -42.27 -40.20
N ASP A 420 -22.18 -42.88 -41.13
CA ASP A 420 -23.22 -42.23 -41.90
C ASP A 420 -24.61 -42.76 -41.55
N TYR A 421 -24.80 -44.08 -41.64
CA TYR A 421 -26.10 -44.69 -41.44
C TYR A 421 -26.24 -45.38 -40.09
N ASN A 422 -25.14 -45.53 -39.34
CA ASN A 422 -25.15 -46.32 -38.12
C ASN A 422 -24.81 -45.51 -36.88
N TYR A 423 -23.68 -44.81 -36.84
CA TYR A 423 -23.29 -44.04 -35.68
C TYR A 423 -22.14 -43.10 -36.01
N LYS A 424 -22.28 -41.82 -35.69
CA LYS A 424 -21.28 -40.81 -36.00
C LYS A 424 -20.74 -40.20 -34.72
N LEU A 425 -19.43 -39.91 -34.72
CA LEU A 425 -18.76 -39.26 -33.61
C LEU A 425 -18.74 -37.75 -33.82
N PRO A 426 -19.22 -36.96 -32.86
CA PRO A 426 -19.14 -35.50 -32.99
C PRO A 426 -17.70 -35.01 -32.99
N ASP A 427 -17.48 -33.90 -33.69
CA ASP A 427 -16.16 -33.29 -33.74
C ASP A 427 -15.70 -32.92 -32.33
N ASP A 428 -14.41 -33.13 -32.08
CA ASP A 428 -13.82 -32.94 -30.75
C ASP A 428 -14.54 -33.82 -29.73
N PHE A 429 -14.46 -35.13 -29.96
CA PHE A 429 -15.09 -36.09 -29.06
C PHE A 429 -14.36 -36.13 -27.73
N THR A 430 -15.13 -36.05 -26.65
CA THR A 430 -14.61 -36.15 -25.29
C THR A 430 -15.23 -37.41 -24.68
N GLY A 431 -14.49 -38.51 -24.77
CA GLY A 431 -15.00 -39.79 -24.33
C GLY A 431 -14.26 -40.89 -25.05
N CYS A 432 -14.68 -42.12 -24.77
CA CYS A 432 -13.98 -43.29 -25.26
C CYS A 432 -14.84 -44.11 -26.21
N VAL A 433 -14.30 -44.38 -27.40
CA VAL A 433 -14.88 -45.34 -28.33
C VAL A 433 -13.92 -46.53 -28.39
N ILE A 434 -14.44 -47.72 -28.09
CA ILE A 434 -13.60 -48.88 -27.84
C ILE A 434 -14.05 -50.01 -28.76
N ALA A 435 -13.17 -50.44 -29.65
CA ALA A 435 -13.44 -51.51 -30.60
C ALA A 435 -12.47 -52.66 -30.35
N TRP A 436 -13.01 -53.86 -30.19
CA TRP A 436 -12.20 -55.01 -29.78
C TRP A 436 -12.72 -56.28 -30.42
N ASN A 437 -12.03 -57.39 -30.16
CA ASN A 437 -12.30 -58.67 -30.81
C ASN A 437 -13.36 -59.43 -30.03
N SER A 438 -14.49 -59.71 -30.69
CA SER A 438 -15.60 -60.42 -30.06
C SER A 438 -16.16 -61.47 -31.02
N ASN A 439 -15.26 -62.20 -31.69
CA ASN A 439 -15.68 -63.21 -32.66
C ASN A 439 -16.23 -64.47 -31.98
N ASN A 440 -15.56 -64.93 -30.92
CA ASN A 440 -15.82 -66.27 -30.39
C ASN A 440 -17.23 -66.43 -29.84
N LEU A 441 -17.94 -65.34 -29.59
CA LEU A 441 -19.29 -65.41 -29.02
C LEU A 441 -20.36 -64.93 -29.96
N ASP A 442 -20.20 -63.76 -30.58
CA ASP A 442 -21.19 -63.27 -31.54
C ASP A 442 -20.91 -63.81 -32.96
N SER A 443 -20.78 -65.12 -33.06
CA SER A 443 -20.58 -65.77 -34.36
C SER A 443 -21.05 -67.21 -34.23
N LYS A 444 -22.27 -67.49 -34.71
CA LYS A 444 -22.88 -68.81 -34.64
C LYS A 444 -22.62 -69.57 -35.94
N VAL A 445 -23.27 -70.75 -36.05
CA VAL A 445 -23.13 -71.55 -37.26
C VAL A 445 -23.74 -70.83 -38.44
N GLY A 446 -23.04 -70.86 -39.57
CA GLY A 446 -23.50 -70.21 -40.78
C GLY A 446 -23.59 -68.70 -40.70
N GLY A 447 -23.03 -68.09 -39.66
CA GLY A 447 -23.10 -66.65 -39.51
C GLY A 447 -24.07 -66.22 -38.42
N ASN A 448 -23.62 -65.32 -37.55
CA ASN A 448 -24.48 -64.77 -36.49
C ASN A 448 -25.23 -63.57 -37.04
N TYR A 449 -26.42 -63.81 -37.56
CA TYR A 449 -27.28 -62.73 -38.04
C TYR A 449 -28.17 -62.21 -36.91
N ASN A 450 -27.53 -61.88 -35.77
CA ASN A 450 -28.22 -61.34 -34.61
C ASN A 450 -28.20 -59.83 -34.54
N TYR A 451 -27.32 -59.18 -35.32
CA TYR A 451 -27.23 -57.73 -35.35
C TYR A 451 -27.43 -57.27 -36.79
N LEU A 452 -28.64 -56.81 -37.10
CA LEU A 452 -28.89 -56.18 -38.39
C LEU A 452 -28.35 -54.75 -38.34
N TYR A 453 -28.63 -53.98 -39.39
CA TYR A 453 -28.08 -52.63 -39.49
C TYR A 453 -28.81 -51.86 -40.57
N ARG A 454 -29.09 -50.59 -40.27
CA ARG A 454 -29.66 -49.66 -41.23
C ARG A 454 -28.57 -49.26 -42.21
N LEU A 455 -28.61 -49.83 -43.42
CA LEU A 455 -27.65 -49.50 -44.46
C LEU A 455 -28.14 -48.38 -45.37
N PHE A 456 -29.30 -47.80 -45.08
CA PHE A 456 -29.87 -46.72 -45.88
C PHE A 456 -30.52 -45.70 -44.97
N ARG A 457 -30.17 -44.43 -45.17
CA ARG A 457 -30.80 -43.36 -44.41
C ARG A 457 -30.91 -42.11 -45.28
N LYS A 458 -32.00 -41.37 -45.08
CA LYS A 458 -32.30 -40.22 -45.93
C LYS A 458 -31.22 -39.15 -45.80
N SER A 459 -30.79 -38.87 -44.57
CA SER A 459 -29.78 -37.86 -44.31
C SER A 459 -28.64 -38.47 -43.50
N ASN A 460 -27.45 -37.93 -43.69
CA ASN A 460 -26.30 -38.39 -42.92
C ASN A 460 -26.56 -38.17 -41.42
N LEU A 461 -26.23 -39.18 -40.61
CA LEU A 461 -26.62 -39.17 -39.21
C LEU A 461 -26.05 -37.96 -38.48
N LYS A 462 -26.89 -37.34 -37.66
CA LYS A 462 -26.39 -36.43 -36.66
C LYS A 462 -25.46 -37.20 -35.72
N PRO A 463 -24.34 -36.63 -35.33
CA PRO A 463 -23.46 -37.32 -34.37
C PRO A 463 -24.23 -37.64 -33.09
N PHE A 464 -24.01 -38.86 -32.57
CA PHE A 464 -24.71 -39.36 -31.40
C PHE A 464 -26.23 -39.37 -31.63
N GLU A 465 -26.65 -40.15 -32.61
CA GLU A 465 -28.06 -40.37 -32.89
C GLU A 465 -28.30 -41.85 -33.09
N ARG A 466 -29.06 -42.45 -32.18
CA ARG A 466 -29.51 -43.83 -32.33
C ARG A 466 -30.70 -43.82 -33.27
N ASP A 467 -30.46 -44.14 -34.54
CA ASP A 467 -31.48 -44.08 -35.58
C ASP A 467 -32.19 -45.43 -35.65
N ILE A 468 -33.45 -45.46 -35.25
CA ILE A 468 -34.31 -46.63 -35.35
C ILE A 468 -35.51 -46.29 -36.23
N SER A 469 -35.77 -47.13 -37.21
CA SER A 469 -36.91 -46.93 -38.10
C SER A 469 -37.28 -48.27 -38.72
N THR A 470 -38.51 -48.33 -39.21
CA THR A 470 -39.03 -49.49 -39.93
C THR A 470 -39.21 -49.23 -41.41
N GLU A 471 -39.59 -48.01 -41.78
CA GLU A 471 -39.78 -47.65 -43.18
C GLU A 471 -38.49 -47.88 -43.98
N ILE A 472 -38.66 -48.09 -45.28
CA ILE A 472 -37.57 -48.46 -46.16
C ILE A 472 -37.05 -47.23 -46.88
N TYR A 473 -35.85 -47.35 -47.44
CA TYR A 473 -35.20 -46.23 -48.10
C TYR A 473 -36.02 -45.73 -49.28
N GLN A 474 -36.10 -44.41 -49.41
CA GLN A 474 -36.68 -43.77 -50.58
C GLN A 474 -35.56 -43.27 -51.48
N ALA A 475 -35.60 -43.65 -52.75
CA ALA A 475 -34.57 -43.24 -53.69
C ALA A 475 -35.17 -42.75 -55.00
N GLY A 476 -36.40 -43.16 -55.30
CA GLY A 476 -37.01 -42.81 -56.56
C GLY A 476 -38.30 -42.01 -56.43
N SER A 477 -39.22 -42.20 -57.38
CA SER A 477 -40.49 -41.47 -57.35
C SER A 477 -41.67 -42.44 -57.47
N THR A 478 -41.46 -43.56 -58.15
CA THR A 478 -42.52 -44.55 -58.28
C THR A 478 -42.76 -45.20 -56.92
N PRO A 479 -44.00 -45.21 -56.42
CA PRO A 479 -44.23 -45.62 -55.04
C PRO A 479 -44.25 -47.13 -54.88
N CYS A 480 -43.58 -47.61 -53.84
CA CYS A 480 -43.71 -48.99 -53.39
C CYS A 480 -45.12 -49.17 -52.84
N ASN A 481 -45.76 -50.28 -53.21
CA ASN A 481 -47.14 -50.55 -52.81
C ASN A 481 -47.21 -51.43 -51.57
N GLY A 482 -46.23 -51.31 -50.68
CA GLY A 482 -46.10 -52.25 -49.57
C GLY A 482 -45.47 -53.54 -50.00
N VAL A 483 -45.96 -54.15 -51.07
CA VAL A 483 -45.29 -55.26 -51.71
C VAL A 483 -43.97 -54.74 -52.29
N GLU A 484 -42.86 -55.37 -51.91
CA GLU A 484 -41.54 -54.88 -52.28
C GLU A 484 -41.37 -54.83 -53.79
N GLY A 485 -40.89 -53.69 -54.28
CA GLY A 485 -40.74 -53.48 -55.71
C GLY A 485 -39.31 -53.28 -56.16
N PHE A 486 -39.13 -52.60 -57.30
CA PHE A 486 -37.80 -52.40 -57.87
C PHE A 486 -37.07 -51.21 -57.28
N ASN A 487 -37.76 -50.35 -56.51
CA ASN A 487 -37.11 -49.23 -55.84
C ASN A 487 -37.49 -49.19 -54.36
N CYS A 488 -37.63 -50.36 -53.73
CA CYS A 488 -38.02 -50.42 -52.34
C CYS A 488 -36.80 -50.35 -51.41
N TYR A 489 -35.81 -51.22 -51.65
CA TYR A 489 -34.50 -51.14 -51.01
C TYR A 489 -34.59 -51.22 -49.48
N PHE A 490 -34.97 -52.41 -49.02
CA PHE A 490 -34.95 -52.79 -47.61
C PHE A 490 -33.65 -52.34 -46.95
N PRO A 491 -33.71 -51.37 -46.03
CA PRO A 491 -32.47 -50.80 -45.48
C PRO A 491 -31.82 -51.65 -44.40
N LEU A 492 -32.63 -52.31 -43.57
CA LEU A 492 -32.13 -53.07 -42.43
C LEU A 492 -31.55 -54.39 -42.94
N GLN A 493 -30.33 -54.31 -43.48
CA GLN A 493 -29.65 -55.49 -43.95
C GLN A 493 -29.04 -56.22 -42.75
N SER A 494 -28.46 -57.38 -42.99
CA SER A 494 -27.91 -58.21 -41.92
C SER A 494 -26.40 -58.33 -42.06
N TYR A 495 -25.67 -57.84 -41.06
CA TYR A 495 -24.30 -58.29 -40.83
C TYR A 495 -24.15 -59.78 -41.03
N GLY A 496 -23.27 -60.16 -41.95
CA GLY A 496 -22.83 -61.52 -42.05
C GLY A 496 -21.69 -61.73 -41.07
N PHE A 497 -21.98 -62.35 -39.93
CA PHE A 497 -20.98 -62.56 -38.89
C PHE A 497 -20.75 -64.07 -38.76
N GLN A 498 -19.90 -64.57 -39.62
CA GLN A 498 -19.56 -65.97 -39.78
C GLN A 498 -18.24 -66.27 -39.09
N PRO A 499 -18.03 -67.52 -38.68
CA PRO A 499 -16.67 -67.95 -38.34
C PRO A 499 -15.73 -67.88 -39.54
N THR A 500 -16.26 -67.94 -40.76
CA THR A 500 -15.44 -67.82 -41.96
C THR A 500 -14.84 -66.43 -42.11
N ASN A 501 -15.43 -65.41 -41.49
CA ASN A 501 -14.89 -64.07 -41.57
C ASN A 501 -13.56 -63.98 -40.82
N GLY A 502 -12.72 -63.04 -41.25
CA GLY A 502 -11.49 -62.75 -40.55
C GLY A 502 -11.73 -61.86 -39.34
N VAL A 503 -10.65 -61.30 -38.81
CA VAL A 503 -10.77 -60.45 -37.63
C VAL A 503 -11.47 -59.14 -37.99
N GLY A 504 -11.11 -58.54 -39.12
CA GLY A 504 -11.77 -57.32 -39.54
C GLY A 504 -13.21 -57.53 -39.96
N TYR A 505 -13.47 -58.59 -40.73
CA TYR A 505 -14.82 -58.87 -41.16
C TYR A 505 -15.71 -59.26 -39.99
N GLN A 506 -15.18 -60.03 -39.05
CA GLN A 506 -15.93 -60.36 -37.85
C GLN A 506 -16.14 -59.08 -37.03
N PRO A 507 -17.21 -59.01 -36.25
CA PRO A 507 -17.52 -57.74 -35.56
C PRO A 507 -16.50 -57.41 -34.48
N TYR A 508 -15.94 -56.21 -34.58
CA TYR A 508 -15.34 -55.56 -33.43
C TYR A 508 -16.44 -55.00 -32.54
N ARG A 509 -16.46 -55.42 -31.29
CA ARG A 509 -17.37 -54.82 -30.33
C ARG A 509 -16.88 -53.42 -29.95
N VAL A 510 -17.74 -52.42 -30.14
CA VAL A 510 -17.40 -51.04 -29.84
C VAL A 510 -18.41 -50.50 -28.84
N VAL A 511 -17.90 -49.94 -27.75
CA VAL A 511 -18.70 -49.26 -26.76
C VAL A 511 -18.24 -47.81 -26.68
N VAL A 512 -19.13 -46.95 -26.20
CA VAL A 512 -18.93 -45.51 -26.25
C VAL A 512 -19.27 -44.93 -24.89
N LEU A 513 -18.24 -44.61 -24.11
CA LEU A 513 -18.43 -43.82 -22.89
C LEU A 513 -18.36 -42.36 -23.31
N SER A 514 -19.53 -41.75 -23.51
CA SER A 514 -19.61 -40.37 -23.94
C SER A 514 -19.61 -39.44 -22.75
N PHE A 515 -18.83 -38.36 -22.87
CA PHE A 515 -18.68 -37.39 -21.79
C PHE A 515 -18.98 -36.02 -22.35
N GLU A 516 -20.16 -35.48 -22.02
CA GLU A 516 -20.58 -34.16 -22.45
C GLU A 516 -20.41 -33.17 -21.30
N LEU A 517 -20.88 -31.94 -21.54
CA LEU A 517 -20.79 -30.87 -20.54
C LEU A 517 -22.15 -30.21 -20.44
N LEU A 518 -22.98 -30.73 -19.53
CA LEU A 518 -24.28 -30.16 -19.23
C LEU A 518 -24.30 -29.75 -17.76
N HIS A 519 -25.12 -28.77 -17.43
CA HIS A 519 -25.17 -28.29 -16.06
C HIS A 519 -25.93 -29.25 -15.16
N ALA A 520 -25.45 -30.49 -15.10
CA ALA A 520 -25.96 -31.53 -14.22
C ALA A 520 -24.78 -32.19 -13.50
N PRO A 521 -24.97 -32.60 -12.26
CA PRO A 521 -23.87 -33.23 -11.51
C PRO A 521 -23.39 -34.52 -12.16
N ALA A 522 -22.08 -34.72 -12.13
CA ALA A 522 -21.49 -35.96 -12.62
C ALA A 522 -21.88 -37.13 -11.73
N THR A 523 -21.95 -38.32 -12.32
CA THR A 523 -22.42 -39.49 -11.59
C THR A 523 -21.37 -40.59 -11.51
N VAL A 524 -20.80 -41.02 -12.62
CA VAL A 524 -19.93 -42.19 -12.67
C VAL A 524 -18.53 -41.76 -13.08
N CYS A 525 -17.52 -42.26 -12.36
CA CYS A 525 -16.13 -42.01 -12.69
C CYS A 525 -15.30 -43.24 -12.33
N GLY A 526 -14.04 -43.22 -12.75
CA GLY A 526 -13.12 -44.29 -12.43
C GLY A 526 -12.75 -44.27 -10.97
N PRO A 527 -12.16 -45.36 -10.49
CA PRO A 527 -11.84 -45.44 -9.05
C PRO A 527 -10.61 -44.60 -8.70
N LYS A 528 -10.27 -44.55 -7.42
CA LYS A 528 -9.10 -43.85 -6.94
C LYS A 528 -8.26 -44.79 -6.09
N LYS A 529 -6.95 -44.74 -6.28
CA LYS A 529 -6.04 -45.50 -5.44
C LYS A 529 -5.80 -44.76 -4.13
N SER A 530 -5.29 -45.49 -3.14
CA SER A 530 -5.06 -44.91 -1.82
C SER A 530 -4.07 -45.80 -1.08
N THR A 531 -3.00 -45.21 -0.57
CA THR A 531 -1.99 -45.94 0.17
C THR A 531 -2.52 -46.24 1.57
N ASN A 532 -1.65 -46.77 2.43
CA ASN A 532 -1.96 -46.88 3.84
C ASN A 532 -1.51 -45.59 4.52
N LEU A 533 -1.80 -45.48 5.82
CA LEU A 533 -1.49 -44.25 6.55
C LEU A 533 -0.36 -44.49 7.54
N VAL A 534 0.48 -43.47 7.69
CA VAL A 534 1.56 -43.48 8.66
C VAL A 534 1.18 -42.57 9.82
N LYS A 535 1.94 -42.65 10.90
CA LYS A 535 1.65 -41.87 12.09
C LYS A 535 2.95 -41.42 12.74
N ASN A 536 2.87 -40.31 13.47
CA ASN A 536 3.98 -39.78 14.26
C ASN A 536 5.19 -39.46 13.39
N LYS A 537 4.94 -38.95 12.19
CA LYS A 537 6.00 -38.55 11.28
C LYS A 537 5.52 -37.36 10.46
N CYS A 538 6.39 -36.38 10.27
CA CYS A 538 6.03 -35.21 9.47
C CYS A 538 5.81 -35.67 8.04
N VAL A 539 4.55 -35.74 7.63
CA VAL A 539 4.19 -36.34 6.35
C VAL A 539 3.26 -35.40 5.61
N ASN A 540 3.29 -35.48 4.29
CA ASN A 540 2.32 -34.85 3.43
C ASN A 540 1.10 -35.75 3.34
N PHE A 541 -0.09 -35.15 3.28
CA PHE A 541 -1.31 -35.93 3.30
C PHE A 541 -2.37 -35.27 2.43
N ASN A 542 -3.24 -36.12 1.88
CA ASN A 542 -4.35 -35.66 1.05
C ASN A 542 -5.48 -36.67 1.26
N PHE A 543 -6.39 -36.35 2.17
CA PHE A 543 -7.57 -37.16 2.36
C PHE A 543 -8.55 -36.87 1.22
N ASN A 544 -9.80 -37.31 1.36
CA ASN A 544 -10.70 -37.25 0.21
C ASN A 544 -11.12 -35.82 -0.10
N GLY A 545 -10.16 -34.99 -0.54
CA GLY A 545 -10.47 -33.65 -0.98
C GLY A 545 -9.58 -32.56 -0.45
N LEU A 546 -9.12 -32.67 0.80
CA LEU A 546 -8.34 -31.62 1.44
C LEU A 546 -6.91 -32.10 1.64
N THR A 547 -5.96 -31.18 1.47
CA THR A 547 -4.54 -31.51 1.45
C THR A 547 -3.79 -30.66 2.48
N GLY A 548 -2.69 -31.20 2.96
CA GLY A 548 -1.86 -30.46 3.90
C GLY A 548 -0.62 -31.25 4.25
N THR A 549 0.16 -30.69 5.17
CA THR A 549 1.35 -31.36 5.68
C THR A 549 1.37 -31.25 7.20
N GLY A 550 1.74 -32.33 7.87
CA GLY A 550 1.81 -32.31 9.32
C GLY A 550 2.00 -33.70 9.88
N VAL A 551 1.74 -33.82 11.17
CA VAL A 551 1.91 -35.05 11.92
C VAL A 551 0.54 -35.51 12.40
N LEU A 552 0.19 -36.75 12.08
CA LEU A 552 -1.11 -37.32 12.41
C LEU A 552 -0.96 -38.23 13.61
N THR A 553 -1.79 -38.01 14.63
CA THR A 553 -1.71 -38.77 15.86
C THR A 553 -3.10 -39.24 16.29
N GLU A 554 -3.12 -40.18 17.21
CA GLU A 554 -4.36 -40.65 17.81
C GLU A 554 -5.10 -39.49 18.47
N SER A 555 -6.42 -39.58 18.48
CA SER A 555 -7.27 -38.49 18.93
C SER A 555 -8.05 -38.90 20.17
N ASN A 556 -8.49 -37.89 20.92
CA ASN A 556 -9.36 -38.11 22.07
C ASN A 556 -10.74 -37.51 21.92
N LYS A 557 -10.96 -36.61 20.96
CA LYS A 557 -12.26 -36.00 20.78
C LYS A 557 -13.18 -36.96 20.03
N LYS A 558 -14.42 -36.53 19.80
CA LYS A 558 -15.48 -37.46 19.40
C LYS A 558 -16.43 -36.74 18.44
N PHE A 559 -16.32 -37.04 17.16
CA PHE A 559 -17.19 -36.44 16.17
C PHE A 559 -18.60 -37.00 16.29
N LEU A 560 -19.56 -36.26 15.75
CA LEU A 560 -20.87 -36.80 15.50
C LEU A 560 -20.84 -37.63 14.22
N PRO A 561 -21.80 -38.54 14.05
CA PRO A 561 -21.71 -39.50 12.94
C PRO A 561 -21.67 -38.92 11.54
N PHE A 562 -21.70 -37.59 11.37
CA PHE A 562 -21.73 -37.04 10.03
C PHE A 562 -20.70 -35.96 9.75
N GLN A 563 -19.87 -35.57 10.71
CA GLN A 563 -18.80 -34.67 10.33
C GLN A 563 -17.64 -35.43 9.70
N GLN A 564 -16.85 -34.71 8.91
CA GLN A 564 -15.66 -35.26 8.29
C GLN A 564 -14.37 -34.78 8.95
N PHE A 565 -14.25 -33.47 9.19
CA PHE A 565 -13.05 -32.92 9.79
C PHE A 565 -13.47 -31.92 10.86
N GLY A 566 -12.49 -31.22 11.42
CA GLY A 566 -12.75 -30.26 12.47
C GLY A 566 -11.83 -29.06 12.44
N ARG A 567 -12.36 -27.91 12.81
CA ARG A 567 -11.60 -26.67 12.88
C ARG A 567 -11.54 -26.19 14.32
N ASP A 568 -10.82 -25.09 14.52
CA ASP A 568 -10.76 -24.42 15.81
C ASP A 568 -11.08 -22.95 15.63
N ILE A 569 -10.88 -22.16 16.68
CA ILE A 569 -10.94 -20.71 16.52
C ILE A 569 -9.90 -20.33 15.48
N ALA A 570 -10.20 -19.27 14.71
CA ALA A 570 -9.42 -18.79 13.57
C ALA A 570 -9.51 -19.73 12.37
N ASP A 571 -10.30 -20.80 12.44
CA ASP A 571 -10.64 -21.63 11.29
C ASP A 571 -9.41 -22.28 10.67
N THR A 572 -8.67 -23.02 11.49
CA THR A 572 -7.58 -23.86 11.02
C THR A 572 -7.96 -25.32 11.27
N THR A 573 -7.92 -26.13 10.21
CA THR A 573 -8.26 -27.54 10.38
C THR A 573 -7.24 -28.22 11.27
N ASP A 574 -7.73 -29.00 12.23
CA ASP A 574 -6.84 -29.65 13.18
C ASP A 574 -7.18 -31.10 13.49
N ALA A 575 -8.27 -31.63 12.95
CA ALA A 575 -8.61 -33.04 13.10
C ALA A 575 -9.26 -33.50 11.82
N VAL A 576 -9.28 -34.82 11.62
CA VAL A 576 -9.80 -35.39 10.38
C VAL A 576 -10.27 -36.81 10.65
N ARG A 577 -11.12 -37.32 9.76
CA ARG A 577 -11.63 -38.67 9.84
C ARG A 577 -11.19 -39.43 8.60
N ASP A 578 -10.59 -40.61 8.81
CA ASP A 578 -10.10 -41.37 7.67
C ASP A 578 -11.27 -42.07 6.98
N PRO A 579 -11.40 -41.94 5.66
CA PRO A 579 -12.60 -42.44 4.99
C PRO A 579 -12.77 -43.95 5.06
N GLN A 580 -11.73 -44.71 5.38
CA GLN A 580 -11.81 -46.16 5.32
C GLN A 580 -11.84 -46.85 6.69
N THR A 581 -11.71 -46.10 7.77
CA THR A 581 -11.68 -46.71 9.09
C THR A 581 -12.56 -45.97 10.09
N LEU A 582 -13.06 -44.77 9.76
CA LEU A 582 -13.95 -44.01 10.63
C LEU A 582 -13.25 -43.66 11.94
N GLU A 583 -11.98 -43.31 11.85
CA GLU A 583 -11.17 -42.96 13.01
C GLU A 583 -10.79 -41.49 12.92
N ILE A 584 -10.72 -40.84 14.08
CA ILE A 584 -10.40 -39.42 14.16
C ILE A 584 -8.91 -39.29 14.47
N LEU A 585 -8.23 -38.45 13.70
CA LEU A 585 -6.80 -38.20 13.85
C LEU A 585 -6.56 -36.71 14.07
N ASP A 586 -5.66 -36.41 15.00
CA ASP A 586 -5.23 -35.04 15.25
C ASP A 586 -4.08 -34.67 14.35
N ILE A 587 -4.04 -33.39 13.96
CA ILE A 587 -3.02 -32.86 13.06
C ILE A 587 -2.18 -31.85 13.84
N THR A 588 -0.86 -31.98 13.74
CA THR A 588 0.05 -31.05 14.38
C THR A 588 1.07 -30.55 13.38
N PRO A 589 1.43 -29.27 13.41
CA PRO A 589 2.42 -28.77 12.45
C PRO A 589 3.78 -29.43 12.66
N CYS A 590 4.50 -29.57 11.56
CA CYS A 590 5.87 -30.06 11.65
C CYS A 590 6.73 -29.02 12.34
N SER A 591 7.74 -29.50 13.07
CA SER A 591 8.53 -28.62 13.92
C SER A 591 9.25 -27.55 13.09
N PHE A 592 9.26 -26.33 13.60
CA PHE A 592 9.98 -25.23 12.98
C PHE A 592 10.44 -24.28 14.08
N GLY A 593 11.44 -23.48 13.76
CA GLY A 593 11.90 -22.53 14.76
C GLY A 593 13.11 -21.77 14.29
N GLY A 594 13.72 -21.05 15.23
CA GLY A 594 14.91 -20.28 14.96
C GLY A 594 16.14 -20.87 15.62
N VAL A 595 17.32 -20.53 15.11
CA VAL A 595 18.57 -21.00 15.67
C VAL A 595 19.45 -19.80 15.97
N SER A 596 20.00 -19.77 17.19
CA SER A 596 20.82 -18.67 17.66
C SER A 596 22.18 -19.19 18.11
N VAL A 597 23.17 -18.31 18.10
CA VAL A 597 24.54 -18.66 18.41
C VAL A 597 25.01 -17.83 19.60
N ILE A 598 25.52 -18.50 20.62
CA ILE A 598 26.08 -17.86 21.81
C ILE A 598 27.59 -17.86 21.66
N THR A 599 28.18 -16.66 21.73
CA THR A 599 29.62 -16.51 21.60
C THR A 599 30.18 -15.61 22.70
N PRO A 600 31.37 -15.91 23.20
CA PRO A 600 32.00 -15.05 24.20
C PRO A 600 32.84 -13.91 23.65
N GLY A 601 32.72 -13.60 22.37
CA GLY A 601 33.55 -12.56 21.77
C GLY A 601 34.73 -13.13 21.01
N THR A 602 34.99 -12.61 19.81
CA THR A 602 36.07 -13.14 18.99
C THR A 602 37.42 -12.92 19.64
N ASN A 603 37.65 -11.74 20.22
CA ASN A 603 38.94 -11.43 20.81
C ASN A 603 39.24 -12.28 22.04
N THR A 604 38.25 -12.92 22.63
CA THR A 604 38.45 -13.73 23.82
C THR A 604 38.70 -15.19 23.46
N SER A 605 37.76 -15.80 22.75
CA SER A 605 37.88 -17.20 22.36
C SER A 605 37.31 -17.36 20.97
N ASN A 606 37.13 -18.62 20.57
CA ASN A 606 36.69 -18.94 19.22
C ASN A 606 35.61 -20.01 19.28
N GLN A 607 35.17 -20.41 20.47
CA GLN A 607 34.13 -21.41 20.65
C GLN A 607 32.76 -20.76 20.59
N VAL A 608 31.75 -21.59 20.34
CA VAL A 608 30.36 -21.16 20.27
C VAL A 608 29.47 -22.23 20.89
N ALA A 609 28.23 -21.84 21.16
CA ALA A 609 27.17 -22.76 21.52
C ALA A 609 25.95 -22.42 20.67
N VAL A 610 25.07 -23.39 20.48
CA VAL A 610 23.95 -23.23 19.57
C VAL A 610 22.65 -23.52 20.30
N LEU A 611 21.65 -22.65 20.11
CA LEU A 611 20.33 -22.80 20.70
C LEU A 611 19.31 -22.95 19.60
N TYR A 612 18.58 -24.06 19.62
CA TYR A 612 17.46 -24.30 18.71
C TYR A 612 16.20 -24.03 19.52
N GLN A 613 15.47 -22.98 19.19
CA GLN A 613 14.41 -22.53 20.08
C GLN A 613 13.20 -23.46 20.02
N ASP A 614 12.58 -23.66 21.19
CA ASP A 614 11.38 -24.47 21.45
C ASP A 614 11.27 -25.72 20.60
N VAL A 615 12.27 -26.59 20.69
CA VAL A 615 12.28 -27.87 19.99
C VAL A 615 12.75 -28.96 20.94
N ASN A 616 12.07 -30.09 20.93
CA ASN A 616 12.48 -31.23 21.74
C ASN A 616 13.90 -31.62 21.33
N CYS A 617 14.76 -31.79 22.33
CA CYS A 617 16.19 -31.80 22.09
C CYS A 617 16.66 -33.17 21.62
N THR A 618 15.98 -33.73 20.63
CA THR A 618 16.32 -35.04 20.06
C THR A 618 16.38 -35.03 18.54
N GLU A 619 15.51 -34.29 17.87
CA GLU A 619 15.45 -34.31 16.42
C GLU A 619 16.21 -33.15 15.79
N VAL A 620 17.15 -32.55 16.51
CA VAL A 620 17.99 -31.51 15.91
C VAL A 620 18.81 -32.01 14.73
N PRO A 621 19.42 -33.22 14.74
CA PRO A 621 20.20 -33.62 13.56
C PRO A 621 19.35 -33.94 12.35
N VAL A 622 18.02 -34.00 12.50
CA VAL A 622 17.11 -34.25 11.40
C VAL A 622 16.45 -32.93 11.04
N ALA A 623 16.29 -32.06 12.02
CA ALA A 623 15.72 -30.74 11.78
C ALA A 623 16.55 -29.96 10.76
N ILE A 624 17.78 -29.65 11.12
CA ILE A 624 18.76 -29.21 10.14
C ILE A 624 19.28 -30.43 9.40
N HIS A 625 19.48 -30.31 8.10
CA HIS A 625 19.98 -31.42 7.29
C HIS A 625 21.45 -31.62 7.62
N ALA A 626 21.69 -32.23 8.78
CA ALA A 626 23.05 -32.35 9.30
C ALA A 626 23.93 -33.17 8.38
N ASP A 627 23.37 -34.20 7.74
CA ASP A 627 24.14 -35.02 6.82
C ASP A 627 24.54 -34.27 5.56
N GLN A 628 23.95 -33.09 5.31
CA GLN A 628 24.36 -32.25 4.19
C GLN A 628 25.38 -31.20 4.57
N LEU A 629 25.40 -30.77 5.84
CA LEU A 629 26.32 -29.72 6.26
C LEU A 629 27.74 -30.25 6.31
N THR A 630 28.67 -29.31 6.52
CA THR A 630 30.08 -29.66 6.59
C THR A 630 30.38 -30.40 7.89
N PRO A 631 31.47 -31.17 7.92
CA PRO A 631 31.83 -31.89 9.16
C PRO A 631 32.07 -30.98 10.35
N THR A 632 32.13 -29.66 10.16
CA THR A 632 32.32 -28.74 11.28
C THR A 632 30.99 -28.28 11.86
N TRP A 633 29.93 -28.22 11.05
CA TRP A 633 28.59 -28.09 11.60
C TRP A 633 28.15 -29.34 12.36
N ARG A 634 28.55 -30.53 11.89
CA ARG A 634 28.00 -31.75 12.43
C ARG A 634 28.34 -31.96 13.89
N VAL A 635 29.37 -31.29 14.41
CA VAL A 635 29.69 -31.42 15.83
C VAL A 635 28.76 -30.60 16.71
N TYR A 636 27.91 -29.76 16.12
CA TYR A 636 26.93 -28.96 16.86
C TYR A 636 25.51 -29.45 16.65
N SER A 637 25.33 -30.68 16.20
CA SER A 637 24.02 -31.29 16.12
C SER A 637 23.87 -32.48 17.05
N THR A 638 24.95 -32.85 17.74
CA THR A 638 24.95 -33.92 18.73
C THR A 638 26.25 -33.81 19.52
N GLY A 639 26.34 -34.54 20.61
CA GLY A 639 27.55 -34.58 21.39
C GLY A 639 27.25 -34.90 22.83
N SER A 640 28.27 -34.71 23.67
CA SER A 640 28.13 -34.96 25.09
C SER A 640 27.35 -33.85 25.79
N ASN A 641 27.55 -32.61 25.40
CA ASN A 641 26.89 -31.46 26.03
C ASN A 641 25.59 -31.19 25.27
N VAL A 642 24.50 -31.72 25.80
CA VAL A 642 23.17 -31.54 25.24
C VAL A 642 22.23 -31.23 26.40
N PHE A 643 21.56 -30.09 26.35
CA PHE A 643 20.78 -29.61 27.48
C PHE A 643 19.41 -29.16 27.01
N GLN A 644 18.38 -29.54 27.74
CA GLN A 644 17.01 -29.18 27.39
C GLN A 644 16.50 -28.12 28.36
N THR A 645 16.24 -26.92 27.85
CA THR A 645 15.75 -25.82 28.66
C THR A 645 14.36 -25.45 28.18
N ARG A 646 13.67 -24.65 29.00
CA ARG A 646 12.35 -24.16 28.64
C ARG A 646 12.40 -23.34 27.35
N ALA A 647 13.56 -22.79 27.01
CA ALA A 647 13.70 -22.04 25.77
C ALA A 647 14.10 -22.90 24.58
N GLY A 648 14.48 -24.15 24.77
CA GLY A 648 14.78 -24.97 23.61
C GLY A 648 15.85 -26.01 23.89
N CYS A 649 16.63 -26.28 22.86
CA CYS A 649 17.70 -27.27 22.88
C CYS A 649 19.04 -26.54 22.79
N LEU A 650 19.91 -26.75 23.76
CA LEU A 650 21.19 -26.08 23.83
C LEU A 650 22.30 -27.09 23.62
N ILE A 651 23.15 -26.83 22.63
CA ILE A 651 24.24 -27.72 22.24
C ILE A 651 25.54 -26.97 22.41
N GLY A 652 26.52 -27.62 23.06
CA GLY A 652 27.84 -27.05 23.17
C GLY A 652 28.18 -26.42 24.51
N ALA A 653 27.24 -26.38 25.45
CA ALA A 653 27.48 -25.85 26.78
C ALA A 653 27.10 -26.89 27.80
N GLU A 654 27.77 -26.87 28.94
CA GLU A 654 27.59 -27.86 29.99
C GLU A 654 26.83 -27.26 31.17
N HIS A 655 25.84 -27.99 31.66
CA HIS A 655 25.04 -27.54 32.78
C HIS A 655 25.85 -27.60 34.07
N VAL A 656 25.53 -26.70 35.00
CA VAL A 656 26.25 -26.57 36.26
C VAL A 656 25.24 -26.30 37.36
N ASN A 657 25.49 -26.86 38.55
CA ASN A 657 24.60 -26.65 39.68
C ASN A 657 24.87 -25.34 40.41
N ASN A 658 26.00 -24.69 40.15
CA ASN A 658 26.33 -23.45 40.83
C ASN A 658 25.45 -22.33 40.27
N SER A 659 25.61 -21.12 40.82
CA SER A 659 24.81 -19.97 40.39
C SER A 659 25.67 -18.73 40.42
N TYR A 660 25.56 -17.91 39.38
CA TYR A 660 26.34 -16.68 39.27
C TYR A 660 25.43 -15.57 38.79
N GLU A 661 26.02 -14.39 38.61
CA GLU A 661 25.31 -13.27 38.01
C GLU A 661 25.15 -13.50 36.50
N CYS A 662 24.04 -13.05 35.94
CA CYS A 662 23.78 -13.29 34.54
C CYS A 662 24.79 -12.58 33.66
N ASP A 663 25.29 -13.29 32.65
CA ASP A 663 26.23 -12.75 31.68
C ASP A 663 25.63 -12.64 30.30
N ILE A 664 25.12 -13.74 29.75
CA ILE A 664 24.43 -13.76 28.48
C ILE A 664 23.05 -14.35 28.71
N PRO A 665 21.97 -13.63 28.40
CA PRO A 665 20.63 -14.14 28.72
C PRO A 665 20.17 -15.15 27.68
N ILE A 666 19.74 -16.31 28.17
CA ILE A 666 19.15 -17.34 27.33
C ILE A 666 17.63 -17.39 27.51
N GLY A 667 17.17 -17.36 28.74
CA GLY A 667 15.75 -17.21 28.99
C GLY A 667 15.24 -18.14 30.07
N ALA A 668 14.06 -17.79 30.60
CA ALA A 668 13.38 -18.57 31.64
C ALA A 668 14.30 -18.79 32.84
N GLY A 669 15.14 -17.81 33.15
CA GLY A 669 16.04 -17.92 34.28
C GLY A 669 17.40 -18.48 33.97
N ILE A 670 17.67 -18.86 32.73
CA ILE A 670 18.91 -19.52 32.35
C ILE A 670 19.81 -18.52 31.64
N CYS A 671 21.07 -18.45 32.09
CA CYS A 671 22.11 -17.65 31.46
C CYS A 671 23.29 -18.55 31.12
N ALA A 672 24.24 -18.00 30.37
CA ALA A 672 25.44 -18.73 29.98
C ALA A 672 26.64 -17.79 30.04
N SER A 673 27.83 -18.37 30.19
CA SER A 673 29.05 -17.56 30.25
C SER A 673 30.25 -18.43 29.92
N TYR A 674 31.44 -17.83 30.03
CA TYR A 674 32.71 -18.44 29.67
C TYR A 674 33.63 -18.46 30.88
N GLN A 675 34.08 -19.65 31.27
CA GLN A 675 34.97 -19.79 32.41
C GLN A 675 36.27 -20.51 32.08
N THR A 676 36.60 -20.69 30.81
CA THR A 676 37.82 -21.36 30.33
C THR A 676 37.82 -22.85 30.66
N SER A 691 35.71 -23.09 28.27
CA SER A 691 34.46 -23.85 28.25
C SER A 691 33.26 -22.94 28.48
N ILE A 692 32.16 -23.23 27.79
CA ILE A 692 30.92 -22.48 27.93
C ILE A 692 30.06 -23.20 28.94
N ILE A 693 29.56 -22.46 29.93
CA ILE A 693 28.70 -23.04 30.96
C ILE A 693 27.34 -22.37 30.91
N ALA A 694 26.32 -23.11 31.35
CA ALA A 694 24.95 -22.63 31.44
C ALA A 694 24.43 -22.89 32.84
N TYR A 695 23.76 -21.89 33.42
CA TYR A 695 23.37 -21.98 34.82
C TYR A 695 22.10 -21.17 35.05
N THR A 696 21.59 -21.24 36.27
CA THR A 696 20.46 -20.44 36.72
C THR A 696 20.98 -19.20 37.43
N MET A 697 20.56 -18.04 36.96
CA MET A 697 21.10 -16.79 37.47
C MET A 697 20.69 -16.57 38.92
N SER A 698 21.53 -15.82 39.65
CA SER A 698 21.25 -15.48 41.03
C SER A 698 21.00 -13.98 41.14
N LEU A 699 20.05 -13.61 42.00
CA LEU A 699 19.61 -12.22 42.04
C LEU A 699 20.52 -11.33 42.85
N GLY A 700 21.38 -11.89 43.70
CA GLY A 700 22.30 -11.07 44.46
C GLY A 700 22.74 -11.77 45.72
N ALA A 701 23.66 -11.12 46.41
CA ALA A 701 24.18 -11.66 47.66
C ALA A 701 23.14 -11.58 48.76
N GLU A 702 23.04 -12.62 49.56
CA GLU A 702 22.08 -12.63 50.65
C GLU A 702 22.55 -11.73 51.78
N ASN A 703 21.60 -11.31 52.60
CA ASN A 703 21.90 -10.38 53.67
C ASN A 703 20.72 -10.38 54.64
N SER A 704 21.03 -10.13 55.91
CA SER A 704 20.03 -10.19 56.97
C SER A 704 20.40 -9.13 57.99
N VAL A 705 19.59 -8.08 58.07
CA VAL A 705 19.88 -6.98 58.98
C VAL A 705 19.53 -7.41 60.40
N ALA A 706 20.33 -6.95 61.36
CA ALA A 706 20.19 -7.37 62.76
C ALA A 706 19.10 -6.54 63.44
N TYR A 707 17.87 -6.79 63.02
CA TYR A 707 16.74 -6.05 63.59
C TYR A 707 16.51 -6.43 65.05
N SER A 708 16.22 -5.42 65.85
CA SER A 708 15.87 -5.58 67.25
C SER A 708 15.00 -4.39 67.62
N ASN A 709 14.32 -4.50 68.75
CA ASN A 709 13.38 -3.46 69.13
C ASN A 709 14.00 -2.34 69.96
N ASN A 710 15.27 -2.45 70.32
CA ASN A 710 15.96 -1.33 70.96
C ASN A 710 17.38 -1.20 70.45
N SER A 711 17.58 -1.36 69.15
CA SER A 711 18.91 -1.28 68.56
C SER A 711 18.88 -0.41 67.32
N ILE A 712 19.87 0.47 67.18
CA ILE A 712 19.94 1.37 66.05
C ILE A 712 21.38 1.40 65.54
N ALA A 713 21.54 1.74 64.26
CA ALA A 713 22.86 1.86 63.65
C ALA A 713 23.02 3.27 63.09
N ILE A 714 24.19 3.86 63.32
CA ILE A 714 24.43 5.25 62.95
C ILE A 714 25.79 5.35 62.27
N PRO A 715 25.91 6.09 61.17
CA PRO A 715 27.20 6.19 60.48
C PRO A 715 28.14 7.17 61.16
N THR A 716 29.42 6.83 61.11
CA THR A 716 30.46 7.67 61.70
C THR A 716 31.41 8.27 60.68
N ASN A 717 31.18 8.07 59.39
CA ASN A 717 32.01 8.67 58.36
C ASN A 717 31.17 8.79 57.10
N PHE A 718 31.76 9.36 56.05
CA PHE A 718 31.02 9.54 54.81
C PHE A 718 31.98 9.47 53.63
N THR A 719 31.41 9.29 52.45
CA THR A 719 32.13 9.40 51.20
C THR A 719 31.34 10.29 50.26
N ILE A 720 32.05 10.86 49.30
CA ILE A 720 31.46 11.72 48.28
C ILE A 720 31.69 11.05 46.94
N SER A 721 30.61 10.83 46.19
CA SER A 721 30.68 10.07 44.96
C SER A 721 30.17 10.90 43.79
N VAL A 722 30.71 10.62 42.61
CA VAL A 722 30.31 11.29 41.38
C VAL A 722 29.90 10.24 40.38
N THR A 723 28.76 10.46 39.72
CA THR A 723 28.15 9.46 38.86
C THR A 723 27.67 10.13 37.58
N THR A 724 27.83 9.45 36.44
CA THR A 724 27.44 10.02 35.17
C THR A 724 26.09 9.50 34.72
N GLU A 725 25.44 10.28 33.86
CA GLU A 725 24.19 9.89 33.24
C GLU A 725 24.11 10.52 31.85
N ILE A 726 23.69 9.76 30.86
CA ILE A 726 23.79 10.15 29.46
C ILE A 726 22.40 10.12 28.84
N LEU A 727 22.02 11.21 28.16
CA LEU A 727 20.71 11.29 27.54
C LEU A 727 20.79 11.87 26.13
N PRO A 728 20.14 11.24 25.16
CA PRO A 728 20.08 11.83 23.81
C PRO A 728 18.98 12.87 23.68
N VAL A 729 19.23 13.90 22.91
CA VAL A 729 18.28 15.01 22.78
C VAL A 729 17.82 15.25 21.35
N SER A 730 18.56 14.84 20.33
CA SER A 730 18.14 15.13 18.96
C SER A 730 18.77 14.14 18.00
N MET A 731 18.25 14.12 16.78
CA MET A 731 18.77 13.31 15.69
C MET A 731 18.90 14.18 14.45
N THR A 732 19.55 13.62 13.42
CA THR A 732 19.86 14.40 12.24
C THR A 732 18.60 14.78 11.46
N LYS A 733 18.60 15.99 10.91
CA LYS A 733 17.49 16.48 10.13
C LYS A 733 17.67 16.05 8.68
N THR A 734 16.77 15.18 8.21
CA THR A 734 16.87 14.57 6.90
C THR A 734 15.62 14.90 6.09
N SER A 735 15.80 15.13 4.79
CA SER A 735 14.70 15.40 3.89
C SER A 735 14.83 14.54 2.65
N VAL A 736 13.69 14.18 2.07
CA VAL A 736 13.63 13.32 0.89
C VAL A 736 12.54 13.87 -0.04
N ASP A 737 12.92 14.20 -1.26
CA ASP A 737 11.98 14.69 -2.26
C ASP A 737 11.40 13.49 -3.00
N CYS A 738 10.09 13.24 -2.81
CA CYS A 738 9.48 12.01 -3.31
C CYS A 738 9.64 11.89 -4.82
N THR A 739 9.39 12.98 -5.54
CA THR A 739 9.31 12.91 -7.00
C THR A 739 10.63 12.45 -7.60
N MET A 740 11.74 12.96 -7.09
CA MET A 740 13.04 12.54 -7.60
C MET A 740 13.40 11.15 -7.13
N TYR A 741 12.92 10.74 -5.96
CA TYR A 741 13.18 9.38 -5.49
C TYR A 741 12.44 8.35 -6.33
N ILE A 742 11.18 8.61 -6.65
CA ILE A 742 10.35 7.63 -7.32
C ILE A 742 10.62 7.61 -8.81
N CYS A 743 10.58 8.78 -9.45
CA CYS A 743 10.72 8.86 -10.90
C CYS A 743 12.17 9.07 -11.32
N GLY A 744 12.79 10.15 -10.87
CA GLY A 744 14.16 10.40 -11.25
C GLY A 744 14.28 10.88 -12.69
N ASP A 745 13.81 12.10 -12.94
CA ASP A 745 13.81 12.74 -14.27
C ASP A 745 13.29 11.80 -15.36
N SER A 746 12.02 11.43 -15.21
CA SER A 746 11.31 10.64 -16.23
C SER A 746 9.92 11.27 -16.36
N THR A 747 9.73 12.03 -17.44
CA THR A 747 8.52 12.85 -17.57
C THR A 747 7.26 12.00 -17.58
N GLU A 748 7.28 10.87 -18.28
CA GLU A 748 6.13 9.98 -18.29
C GLU A 748 5.87 9.38 -16.91
N CYS A 749 6.94 9.05 -16.18
CA CYS A 749 6.78 8.58 -14.81
C CYS A 749 6.09 9.63 -13.96
N SER A 750 6.53 10.88 -14.07
CA SER A 750 5.92 11.95 -13.27
C SER A 750 4.47 12.17 -13.66
N ASN A 751 4.17 12.09 -14.95
CA ASN A 751 2.78 12.25 -15.38
C ASN A 751 1.90 11.16 -14.81
N LEU A 752 2.39 9.91 -14.82
CA LEU A 752 1.63 8.83 -14.19
C LEU A 752 1.49 9.06 -12.68
N LEU A 753 2.56 9.51 -12.03
CA LEU A 753 2.54 9.74 -10.60
C LEU A 753 1.53 10.82 -10.22
N LEU A 754 1.29 11.77 -11.12
CA LEU A 754 0.29 12.81 -10.85
C LEU A 754 -1.08 12.22 -10.54
N GLN A 755 -1.36 11.02 -11.05
CA GLN A 755 -2.67 10.41 -10.86
C GLN A 755 -2.92 9.93 -9.44
N TYR A 756 -1.91 9.89 -8.59
CA TYR A 756 -2.07 9.37 -7.24
C TYR A 756 -2.43 10.45 -6.22
N GLY A 757 -2.71 11.66 -6.67
CA GLY A 757 -3.24 12.69 -5.79
C GLY A 757 -2.14 13.45 -5.07
N SER A 758 -2.14 13.39 -3.74
CA SER A 758 -1.34 14.27 -2.90
C SER A 758 -0.61 13.48 -1.82
N PHE A 759 0.05 12.39 -2.21
CA PHE A 759 0.86 11.66 -1.25
C PHE A 759 2.17 12.40 -0.94
N CYS A 760 2.80 12.97 -1.97
CA CYS A 760 4.06 13.67 -1.78
C CYS A 760 3.93 14.88 -0.86
N THR A 761 2.89 15.69 -1.05
CA THR A 761 2.77 16.89 -0.24
C THR A 761 2.73 16.54 1.24
N GLN A 762 1.97 15.50 1.60
CA GLN A 762 1.87 15.15 3.00
C GLN A 762 3.09 14.41 3.50
N LEU A 763 3.79 13.66 2.65
CA LEU A 763 5.05 13.06 3.09
C LEU A 763 6.08 14.13 3.43
N ASN A 764 6.22 15.14 2.57
CA ASN A 764 7.15 16.22 2.84
C ASN A 764 6.75 17.01 4.07
N ARG A 765 5.44 17.26 4.22
CA ARG A 765 4.96 17.97 5.39
C ARG A 765 5.28 17.18 6.66
N ALA A 766 5.14 15.86 6.62
CA ALA A 766 5.50 15.05 7.77
C ALA A 766 6.98 15.15 8.08
N LEU A 767 7.82 15.10 7.05
CA LEU A 767 9.26 15.11 7.30
C LEU A 767 9.79 16.46 7.76
N THR A 768 9.09 17.56 7.49
CA THR A 768 9.60 18.86 7.92
C THR A 768 9.39 19.10 9.42
N GLY A 769 8.26 18.64 9.96
CA GLY A 769 7.97 18.82 11.36
C GLY A 769 9.00 18.16 12.25
N ILE A 770 9.54 17.03 11.82
CA ILE A 770 10.58 16.36 12.60
C ILE A 770 11.80 17.24 12.77
N ALA A 771 12.22 17.90 11.68
CA ALA A 771 13.39 18.77 11.75
C ALA A 771 13.16 19.96 12.67
N VAL A 772 12.03 20.63 12.51
CA VAL A 772 11.79 21.78 13.38
C VAL A 772 11.70 21.32 14.83
N GLU A 773 11.20 20.09 15.06
CA GLU A 773 11.12 19.57 16.41
C GLU A 773 12.50 19.30 16.99
N GLN A 774 13.44 18.83 16.16
CA GLN A 774 14.80 18.62 16.67
C GLN A 774 15.41 19.94 17.15
N ASP A 775 15.23 21.00 16.36
CA ASP A 775 15.74 22.29 16.80
C ASP A 775 15.07 22.73 18.11
N LYS A 776 13.77 22.49 18.23
CA LYS A 776 13.07 22.85 19.46
C LYS A 776 13.59 22.06 20.65
N ASN A 777 13.89 20.78 20.45
CA ASN A 777 14.43 19.95 21.52
C ASN A 777 15.72 20.53 22.06
N THR A 778 16.65 20.85 21.15
CA THR A 778 17.93 21.40 21.61
C THR A 778 17.71 22.72 22.35
N GLN A 779 16.84 23.58 21.81
CA GLN A 779 16.57 24.85 22.45
C GLN A 779 16.04 24.66 23.85
N GLU A 780 15.11 23.73 24.04
CA GLU A 780 14.53 23.51 25.35
C GLU A 780 15.58 22.99 26.34
N VAL A 781 16.43 22.07 25.91
CA VAL A 781 17.38 21.49 26.85
C VAL A 781 18.42 22.53 27.28
N PHE A 782 19.00 23.25 26.33
CA PHE A 782 20.22 24.00 26.67
C PHE A 782 20.01 25.48 26.94
N ALA A 783 18.99 26.12 26.38
CA ALA A 783 18.85 27.58 26.48
C ALA A 783 17.97 27.92 27.68
N GLN A 784 18.56 27.80 28.87
CA GLN A 784 17.86 28.11 30.11
C GLN A 784 18.52 29.19 30.94
N VAL A 785 19.37 30.01 30.34
CA VAL A 785 20.05 31.09 31.05
C VAL A 785 19.75 32.41 30.38
N LYS A 786 19.42 33.41 31.20
CA LYS A 786 19.20 34.75 30.68
C LYS A 786 20.49 35.34 30.11
N GLN A 787 21.57 35.28 30.88
CA GLN A 787 22.82 35.93 30.57
C GLN A 787 23.92 34.90 30.36
N ILE A 788 25.13 35.37 30.13
CA ILE A 788 26.29 34.53 29.90
C ILE A 788 27.29 34.83 31.01
N TYR A 789 27.35 33.96 32.01
CA TYR A 789 28.20 34.18 33.16
C TYR A 789 29.63 33.73 32.88
N LYS A 790 30.57 34.35 33.57
CA LYS A 790 31.98 34.02 33.44
C LYS A 790 32.56 33.70 34.80
N THR A 791 33.57 32.92 34.81
CA THR A 791 34.21 32.57 36.05
C THR A 791 35.41 33.49 36.30
N PRO A 792 35.71 33.80 37.57
CA PRO A 792 36.76 34.78 37.84
C PRO A 792 38.12 34.27 37.37
N PRO A 793 39.02 35.18 36.99
CA PRO A 793 40.34 34.75 36.49
C PRO A 793 41.17 33.98 37.50
N ILE A 794 41.05 34.29 38.78
CA ILE A 794 41.80 33.60 39.83
C ILE A 794 40.89 32.57 40.47
N LYS A 795 41.30 31.31 40.43
CA LYS A 795 40.45 30.18 40.78
C LYS A 795 40.88 29.65 42.15
N ASP A 796 40.33 30.26 43.20
CA ASP A 796 40.58 29.85 44.58
C ASP A 796 39.22 29.56 45.20
N PHE A 797 38.79 28.31 45.11
CA PHE A 797 37.48 27.90 45.58
C PHE A 797 37.56 27.08 46.86
N GLY A 798 38.52 27.41 47.72
CA GLY A 798 38.63 26.77 49.01
C GLY A 798 39.18 25.37 49.01
N GLY A 799 39.79 24.94 47.90
CA GLY A 799 40.37 23.60 47.78
C GLY A 799 39.76 22.79 46.67
N PHE A 800 38.50 23.05 46.33
CA PHE A 800 37.85 22.33 45.25
C PHE A 800 38.45 22.76 43.91
N ASN A 801 38.56 21.81 42.99
CA ASN A 801 39.29 22.00 41.74
C ASN A 801 38.40 21.56 40.59
N PHE A 802 38.01 22.51 39.75
CA PHE A 802 37.05 22.28 38.68
C PHE A 802 37.69 22.26 37.30
N SER A 803 38.97 21.96 37.20
CA SER A 803 39.69 22.08 35.92
C SER A 803 39.19 21.11 34.88
N GLN A 804 38.72 19.97 35.28
CA GLN A 804 38.35 18.96 34.27
C GLN A 804 37.01 19.28 33.65
N ILE A 805 36.24 20.19 34.22
CA ILE A 805 34.88 20.47 33.72
C ILE A 805 34.81 21.87 33.16
N LEU A 806 35.79 22.73 33.43
CA LEU A 806 35.71 24.13 32.98
C LEU A 806 36.39 24.26 31.61
N PRO A 807 36.09 25.23 30.72
CA PRO A 807 36.63 25.30 29.37
C PRO A 807 38.13 25.48 29.36
N ASP A 808 38.76 25.00 28.29
CA ASP A 808 40.21 25.06 28.14
C ASP A 808 40.58 26.19 27.20
N PRO A 809 41.26 27.24 27.68
CA PRO A 809 41.58 28.35 26.78
C PRO A 809 42.58 27.99 25.69
N SER A 810 43.47 27.03 25.95
CA SER A 810 44.50 26.69 24.97
C SER A 810 43.88 26.12 23.70
N LYS A 811 43.01 25.14 23.83
CA LYS A 811 42.42 24.48 22.67
C LYS A 811 41.59 25.49 21.86
N PRO A 812 41.51 25.31 20.55
CA PRO A 812 40.75 26.25 19.73
C PRO A 812 39.25 26.00 19.81
N SER A 813 38.87 24.76 20.11
CA SER A 813 37.46 24.42 20.25
C SER A 813 36.83 25.02 21.49
N LYS A 814 37.65 25.38 22.49
CA LYS A 814 37.17 25.96 23.76
C LYS A 814 36.25 24.99 24.48
N ARG A 815 36.64 23.74 24.55
CA ARG A 815 35.82 22.70 25.21
C ARG A 815 36.63 22.12 26.34
N SER A 816 35.99 21.69 27.40
CA SER A 816 36.65 21.22 28.62
C SER A 816 37.42 19.94 28.37
N PRO A 817 38.33 19.55 29.24
CA PRO A 817 38.98 18.30 29.02
C PRO A 817 38.07 17.09 28.89
N ILE A 818 37.04 16.93 29.70
CA ILE A 818 36.07 15.79 29.62
C ILE A 818 35.24 15.86 28.35
N GLU A 819 34.80 17.03 27.94
CA GLU A 819 33.95 17.18 26.74
C GLU A 819 34.72 16.78 25.50
N ASP A 820 36.01 17.04 25.45
CA ASP A 820 36.87 16.61 24.32
C ASP A 820 36.98 15.10 24.26
N LEU A 821 37.06 14.42 25.37
CA LEU A 821 37.12 12.96 25.23
C LEU A 821 35.76 12.45 24.79
N LEU A 822 34.68 13.09 25.19
CA LEU A 822 33.39 12.62 24.70
C LEU A 822 33.25 12.82 23.20
N PHE A 823 33.74 13.95 22.68
CA PHE A 823 33.59 14.20 21.25
C PHE A 823 34.49 13.30 20.43
N ASN A 824 35.70 13.02 20.91
CA ASN A 824 36.55 12.08 20.20
C ASN A 824 35.98 10.68 20.24
N LYS A 825 35.43 10.26 21.39
CA LYS A 825 34.99 8.87 21.55
C LYS A 825 33.78 8.53 20.69
N VAL A 826 33.00 9.52 20.26
CA VAL A 826 31.77 9.26 19.50
C VAL A 826 32.07 9.63 18.05
N THR A 827 32.49 8.64 17.27
CA THR A 827 32.80 8.82 15.86
C THR A 827 32.06 7.75 15.05
N LEU A 828 31.37 8.20 14.00
CA LEU A 828 30.63 7.31 13.09
C LEU A 828 31.42 6.07 12.70
N ALA A 852 25.04 9.76 5.01
CA ALA A 852 26.25 10.54 5.17
C ALA A 852 26.71 11.13 3.84
N GLN A 853 25.84 11.06 2.84
CA GLN A 853 26.15 11.55 1.50
C GLN A 853 24.90 12.21 0.93
N LYS A 854 24.91 12.49 -0.37
CA LYS A 854 23.81 13.20 -1.03
C LYS A 854 23.61 12.63 -2.42
N PHE A 855 22.55 11.87 -2.62
CA PHE A 855 22.14 11.40 -3.93
C PHE A 855 20.74 10.81 -3.81
N ASN A 856 20.05 10.72 -4.95
CA ASN A 856 18.72 10.13 -5.09
C ASN A 856 17.62 10.99 -4.50
N GLY A 857 17.89 12.25 -4.21
CA GLY A 857 16.89 13.12 -3.62
C GLY A 857 16.97 13.25 -2.12
N LEU A 858 18.02 12.76 -1.49
CA LEU A 858 18.19 12.84 -0.05
C LEU A 858 19.03 14.07 0.30
N THR A 859 18.69 14.72 1.40
CA THR A 859 19.37 15.93 1.82
C THR A 859 19.45 15.94 3.34
N VAL A 860 20.51 16.55 3.86
CA VAL A 860 20.72 16.69 5.29
C VAL A 860 20.78 18.17 5.62
N LEU A 861 19.95 18.60 6.53
CA LEU A 861 19.95 20.00 6.90
C LEU A 861 20.81 20.23 8.12
N PRO A 862 21.50 21.37 8.21
CA PRO A 862 22.36 21.63 9.34
C PRO A 862 21.56 22.09 10.55
N PRO A 863 21.99 21.77 11.76
CA PRO A 863 21.30 22.24 12.95
C PRO A 863 21.44 23.75 13.10
N LEU A 864 20.49 24.34 13.82
CA LEU A 864 20.48 25.79 13.99
C LEU A 864 21.55 26.26 14.95
N LEU A 865 21.89 25.48 15.96
CA LEU A 865 22.92 25.83 16.94
C LEU A 865 24.16 25.00 16.68
N THR A 866 25.28 25.67 16.42
CA THR A 866 26.54 24.98 16.26
C THR A 866 27.04 24.45 17.59
N ASP A 867 28.06 23.60 17.54
CA ASP A 867 28.57 22.99 18.76
C ASP A 867 29.27 24.00 19.65
N GLU A 868 29.85 25.05 19.06
CA GLU A 868 30.45 26.09 19.87
C GLU A 868 29.40 26.78 20.73
N MET A 869 28.21 27.01 20.18
CA MET A 869 27.14 27.64 20.94
C MET A 869 26.66 26.74 22.08
N ILE A 870 26.55 25.43 21.83
CA ILE A 870 26.16 24.51 22.89
C ILE A 870 27.19 24.52 24.00
N ALA A 871 28.47 24.48 23.64
CA ALA A 871 29.52 24.52 24.65
C ALA A 871 29.48 25.82 25.43
N GLN A 872 29.17 26.93 24.76
CA GLN A 872 29.07 28.20 25.45
C GLN A 872 27.93 28.20 26.46
N TYR A 873 26.79 27.61 26.09
CA TYR A 873 25.67 27.51 27.02
C TYR A 873 26.04 26.70 28.25
N THR A 874 26.67 25.54 28.05
CA THR A 874 27.02 24.75 29.23
C THR A 874 28.09 25.43 30.07
N SER A 875 28.99 26.18 29.44
CA SER A 875 29.97 26.93 30.23
C SER A 875 29.29 27.99 31.07
N ALA A 876 28.28 28.66 30.52
CA ALA A 876 27.54 29.65 31.30
C ALA A 876 26.85 29.00 32.48
N LEU A 877 26.23 27.84 32.27
CA LEU A 877 25.56 27.15 33.38
C LEU A 877 26.56 26.76 34.46
N LEU A 878 27.72 26.24 34.08
CA LEU A 878 28.73 25.87 35.05
C LEU A 878 29.20 27.07 35.85
N ALA A 879 29.51 28.18 35.17
CA ALA A 879 30.00 29.35 35.88
C ALA A 879 28.94 29.89 36.83
N GLY A 880 27.68 29.89 36.41
CA GLY A 880 26.63 30.36 37.28
C GLY A 880 26.48 29.51 38.52
N THR A 881 26.45 28.18 38.36
CA THR A 881 26.28 27.33 39.53
C THR A 881 27.51 27.31 40.42
N ILE A 882 28.69 27.60 39.88
CA ILE A 882 29.87 27.62 40.74
C ILE A 882 29.95 28.91 41.53
N THR A 883 29.72 30.05 40.89
CA THR A 883 29.90 31.33 41.57
C THR A 883 28.65 31.82 42.28
N SER A 884 27.49 31.19 42.10
CA SER A 884 26.27 31.78 42.63
C SER A 884 25.29 30.82 43.28
N GLY A 885 25.60 29.54 43.41
CA GLY A 885 24.66 28.63 44.04
C GLY A 885 23.46 28.35 43.17
N TRP A 886 22.28 28.36 43.77
CA TRP A 886 21.00 28.08 43.10
C TRP A 886 20.25 29.36 42.87
N THR A 887 20.82 30.48 43.22
CA THR A 887 20.18 31.79 43.12
C THR A 887 19.98 32.21 41.68
N PHE A 888 20.85 31.85 40.77
CA PHE A 888 20.79 32.35 39.38
C PHE A 888 19.55 31.88 38.68
N GLY A 889 18.97 30.79 39.10
CA GLY A 889 17.82 30.22 38.40
C GLY A 889 16.48 30.71 38.86
N ALA A 890 16.43 31.51 39.91
CA ALA A 890 15.17 32.10 40.38
C ALA A 890 15.08 33.58 40.08
N GLY A 891 16.15 34.32 40.28
CA GLY A 891 16.10 35.76 40.09
C GLY A 891 17.44 36.30 39.74
N PRO A 892 17.84 37.45 40.29
CA PRO A 892 19.16 37.95 40.07
C PRO A 892 20.21 37.01 40.65
N ALA A 893 21.39 36.93 40.08
CA ALA A 893 22.46 36.07 40.60
C ALA A 893 23.19 36.75 41.72
N LEU A 894 23.33 36.08 42.85
CA LEU A 894 23.90 36.66 44.06
C LEU A 894 25.13 35.84 44.38
N GLN A 895 26.22 36.42 44.81
CA GLN A 895 27.51 35.74 44.98
C GLN A 895 27.63 35.14 46.34
N ILE A 896 28.33 34.03 46.48
CA ILE A 896 28.55 33.44 47.79
C ILE A 896 29.80 32.57 47.73
N PRO A 897 30.68 32.62 48.76
CA PRO A 897 31.83 31.76 48.83
C PRO A 897 31.53 30.28 48.69
N PHE A 898 32.23 29.53 47.86
CA PHE A 898 31.90 28.11 47.61
C PHE A 898 31.99 27.27 48.83
N PRO A 899 32.96 27.38 49.73
CA PRO A 899 32.89 26.54 50.89
C PRO A 899 31.55 26.73 51.62
N MET A 900 30.97 27.91 51.71
CA MET A 900 29.65 28.16 52.32
C MET A 900 28.46 27.65 51.53
N GLN A 901 28.48 27.63 50.21
CA GLN A 901 27.38 27.04 49.43
C GLN A 901 27.30 25.58 49.77
N MET A 902 28.41 24.88 49.89
CA MET A 902 28.44 23.46 50.21
C MET A 902 27.85 23.21 51.57
N ALA A 903 28.02 24.09 52.52
CA ALA A 903 27.45 23.94 53.85
C ALA A 903 25.96 24.12 53.76
N TYR A 904 25.48 25.09 53.01
CA TYR A 904 24.05 25.12 52.72
C TYR A 904 23.57 23.77 52.22
N ARG A 905 24.32 23.16 51.31
CA ARG A 905 23.88 21.92 50.71
C ARG A 905 23.98 20.74 51.69
N PHE A 906 24.91 20.79 52.64
CA PHE A 906 24.88 19.81 53.71
C PHE A 906 23.65 20.00 54.60
N ASN A 907 23.31 21.23 54.94
CA ASN A 907 22.09 21.49 55.67
C ASN A 907 20.88 20.91 54.93
N GLY A 908 20.89 21.00 53.62
CA GLY A 908 19.76 20.54 52.83
C GLY A 908 19.43 19.07 52.97
N ILE A 909 20.40 18.25 53.36
CA ILE A 909 20.19 16.81 53.47
C ILE A 909 20.13 16.35 54.92
N GLY A 910 20.08 17.27 55.88
CA GLY A 910 19.91 16.90 57.26
C GLY A 910 21.17 16.74 58.05
N VAL A 911 22.28 17.30 57.60
CA VAL A 911 23.55 17.24 58.33
C VAL A 911 23.94 18.69 58.67
N THR A 912 24.47 18.89 59.87
CA THR A 912 24.71 20.24 60.35
C THR A 912 25.91 20.86 59.63
N GLN A 913 26.07 22.17 59.83
CA GLN A 913 27.09 22.92 59.10
C GLN A 913 28.49 22.51 59.51
N ASN A 914 28.73 22.35 60.81
CA ASN A 914 30.10 22.24 61.29
C ASN A 914 30.83 21.04 60.71
N VAL A 915 30.10 19.95 60.43
CA VAL A 915 30.77 18.76 59.94
C VAL A 915 31.43 19.00 58.60
N LEU A 916 31.06 20.07 57.90
CA LEU A 916 31.76 20.43 56.64
C LEU A 916 32.89 21.39 56.92
N TYR A 917 32.81 22.19 57.95
CA TYR A 917 33.89 23.18 58.12
C TYR A 917 35.01 22.49 58.86
N GLU A 918 34.72 21.50 59.69
CA GLU A 918 35.72 20.74 60.41
C GLU A 918 36.32 19.62 59.59
N ASN A 919 35.78 19.34 58.40
CA ASN A 919 36.35 18.32 57.53
C ASN A 919 36.65 18.86 56.14
N GLN A 920 36.62 20.17 55.96
CA GLN A 920 36.70 20.81 54.62
C GLN A 920 37.79 20.23 53.77
N LYS A 921 39.00 20.22 54.26
CA LYS A 921 40.12 19.72 53.48
C LYS A 921 39.86 18.30 53.01
N LEU A 922 39.54 17.40 53.95
CA LEU A 922 39.28 16.01 53.57
C LEU A 922 38.21 15.96 52.49
N ILE A 923 37.10 16.66 52.70
CA ILE A 923 36.00 16.61 51.74
C ILE A 923 36.50 17.02 50.38
N ALA A 924 37.24 18.12 50.31
CA ALA A 924 37.71 18.61 49.02
C ALA A 924 38.50 17.53 48.31
N ASN A 925 39.41 16.88 49.03
CA ASN A 925 40.22 15.84 48.41
C ASN A 925 39.33 14.80 47.75
N GLN A 926 38.36 14.28 48.50
CA GLN A 926 37.50 13.25 47.94
C GLN A 926 36.89 13.73 46.64
N PHE A 927 36.31 14.93 46.67
CA PHE A 927 35.66 15.46 45.48
C PHE A 927 36.63 15.42 44.31
N ASN A 928 37.83 15.98 44.50
CA ASN A 928 38.78 16.06 43.41
C ASN A 928 39.04 14.67 42.85
N SER A 929 39.32 13.71 43.74
CA SER A 929 39.70 12.40 43.25
C SER A 929 38.58 11.79 42.43
N ALA A 930 37.34 11.97 42.89
CA ALA A 930 36.22 11.37 42.16
C ALA A 930 36.17 11.89 40.74
N ILE A 931 36.34 13.21 40.56
CA ILE A 931 36.29 13.77 39.22
C ILE A 931 37.31 13.10 38.33
N GLY A 932 38.52 12.89 38.87
CA GLY A 932 39.55 12.24 38.06
C GLY A 932 39.09 10.92 37.53
N LYS A 933 38.54 10.07 38.40
CA LYS A 933 38.15 8.73 37.97
C LYS A 933 37.18 8.80 36.82
N ILE A 934 36.34 9.83 36.77
CA ILE A 934 35.31 9.92 35.74
C ILE A 934 35.95 9.78 34.37
N GLN A 935 37.02 10.50 34.14
CA GLN A 935 37.62 10.47 32.78
C GLN A 935 38.00 9.03 32.43
N ASP A 936 38.68 8.34 33.33
CA ASP A 936 39.08 6.98 33.02
C ASP A 936 37.86 6.11 32.76
N SER A 937 36.81 6.28 33.57
CA SER A 937 35.62 5.46 33.41
C SER A 937 34.97 5.65 32.05
N LEU A 938 35.32 6.73 31.35
CA LEU A 938 34.94 6.88 29.96
C LEU A 938 36.09 6.52 29.02
N SER A 939 37.30 6.97 29.34
CA SER A 939 38.42 6.81 28.43
C SER A 939 38.85 5.36 28.26
N SER A 940 38.27 4.48 29.06
CA SER A 940 38.77 3.09 29.01
C SER A 940 37.60 2.14 29.01
N THR A 941 36.42 2.64 28.70
CA THR A 941 35.33 1.67 28.52
C THR A 941 34.79 1.98 27.12
N PRO A 942 34.61 0.99 26.23
CA PRO A 942 34.21 1.32 24.85
C PRO A 942 32.71 1.42 24.59
N SER A 943 31.86 1.01 25.54
CA SER A 943 30.40 0.99 25.34
C SER A 943 29.73 2.06 26.18
N ALA A 944 30.48 3.04 26.67
CA ALA A 944 29.86 4.02 27.57
C ALA A 944 28.77 4.81 26.85
N LEU A 945 29.04 5.23 25.63
CA LEU A 945 28.10 6.09 24.91
C LEU A 945 27.15 5.28 24.04
N GLY A 946 26.83 4.04 24.38
CA GLY A 946 25.97 3.24 23.54
C GLY A 946 24.62 3.89 23.26
N LYS A 947 24.07 4.59 24.25
CA LYS A 947 22.77 5.22 24.05
C LYS A 947 22.86 6.27 22.94
N LEU A 948 23.95 7.03 22.91
CA LEU A 948 24.11 8.02 21.84
C LEU A 948 24.42 7.35 20.51
N GLN A 949 25.15 6.23 20.52
CA GLN A 949 25.55 5.62 19.26
C GLN A 949 24.40 4.89 18.57
N ASP A 950 23.49 4.30 19.34
CA ASP A 950 22.41 3.53 18.75
C ASP A 950 21.52 4.38 17.86
N VAL A 951 21.28 5.62 18.23
CA VAL A 951 20.42 6.49 17.42
C VAL A 951 21.04 6.69 16.04
N VAL A 952 22.34 6.99 16.01
CA VAL A 952 23.03 7.18 14.74
C VAL A 952 22.99 5.92 13.92
N ASN A 953 23.26 4.78 14.55
CA ASN A 953 23.27 3.52 13.82
C ASN A 953 21.90 3.22 13.22
N GLN A 954 20.83 3.41 14.00
CA GLN A 954 19.50 3.12 13.51
C GLN A 954 19.12 4.02 12.34
N ASN A 955 19.41 5.32 12.45
CA ASN A 955 19.06 6.22 11.36
C ASN A 955 19.83 5.88 10.08
N ALA A 956 21.13 5.61 10.22
CA ALA A 956 21.92 5.25 9.05
C ALA A 956 21.40 3.99 8.40
N GLN A 957 21.06 2.98 9.21
CA GLN A 957 20.58 1.72 8.65
C GLN A 957 19.25 1.90 7.94
N ALA A 958 18.36 2.72 8.50
CA ALA A 958 17.09 2.98 7.82
C ALA A 958 17.31 3.65 6.48
N LEU A 959 18.24 4.61 6.42
CA LEU A 959 18.52 5.26 5.13
C LEU A 959 19.11 4.29 4.12
N ASN A 960 20.02 3.42 4.56
CA ASN A 960 20.57 2.44 3.63
C ASN A 960 19.50 1.50 3.11
N THR A 961 18.58 1.06 3.98
CA THR A 961 17.51 0.20 3.51
C THR A 961 16.65 0.92 2.47
N LEU A 962 16.32 2.19 2.72
CA LEU A 962 15.52 2.94 1.76
C LEU A 962 16.21 3.05 0.42
N VAL A 963 17.53 3.28 0.43
CA VAL A 963 18.25 3.41 -0.83
C VAL A 963 18.33 2.07 -1.55
N LYS A 964 18.59 0.99 -0.81
CA LYS A 964 18.66 -0.34 -1.42
C LYS A 964 17.34 -0.73 -2.06
N GLN A 965 16.21 -0.25 -1.54
CA GLN A 965 14.95 -0.64 -2.16
C GLN A 965 14.76 -0.11 -3.56
N LEU A 966 15.61 0.80 -4.02
CA LEU A 966 15.50 1.29 -5.39
C LEU A 966 15.98 0.29 -6.41
N SER A 967 16.24 -0.96 -6.05
CA SER A 967 16.84 -1.94 -6.95
C SER A 967 16.03 -3.23 -6.98
N SER A 968 14.71 -3.11 -6.94
CA SER A 968 13.82 -4.26 -6.92
C SER A 968 12.79 -4.13 -8.04
N ASN A 969 12.44 -5.27 -8.63
CA ASN A 969 11.51 -5.27 -9.75
C ASN A 969 10.08 -5.00 -9.30
N PHE A 970 9.69 -5.55 -8.14
CA PHE A 970 8.31 -5.53 -7.67
C PHE A 970 7.35 -6.19 -8.65
N GLY A 971 7.87 -6.98 -9.58
CA GLY A 971 7.06 -7.68 -10.55
C GLY A 971 7.23 -7.22 -11.98
N ALA A 972 7.92 -6.11 -12.22
CA ALA A 972 8.14 -5.63 -13.57
C ALA A 972 9.33 -6.37 -14.20
N ILE A 973 9.72 -5.94 -15.40
CA ILE A 973 10.84 -6.58 -16.08
C ILE A 973 12.15 -6.17 -15.45
N SER A 974 12.34 -4.87 -15.22
CA SER A 974 13.62 -4.35 -14.80
C SER A 974 13.43 -3.28 -13.74
N SER A 975 14.52 -2.99 -13.03
CA SER A 975 14.54 -1.94 -12.03
C SER A 975 14.79 -0.56 -12.64
N VAL A 976 15.17 -0.48 -13.90
CA VAL A 976 15.58 0.76 -14.54
C VAL A 976 14.46 1.21 -15.47
N LEU A 977 14.09 2.49 -15.35
CA LEU A 977 13.02 3.01 -16.20
C LEU A 977 13.43 3.09 -17.66
N ASN A 978 14.71 3.38 -17.92
CA ASN A 978 15.18 3.52 -19.30
C ASN A 978 15.01 2.21 -20.07
N ASP A 979 15.34 1.08 -19.46
CA ASP A 979 15.20 -0.20 -20.14
C ASP A 979 13.73 -0.54 -20.35
N ILE A 980 12.87 -0.21 -19.39
CA ILE A 980 11.44 -0.44 -19.58
C ILE A 980 10.91 0.42 -20.71
N LEU A 981 11.49 1.60 -20.92
CA LEU A 981 10.97 2.50 -21.93
C LEU A 981 11.47 2.13 -23.32
N SER A 982 12.78 1.93 -23.47
CA SER A 982 13.34 1.60 -24.77
C SER A 982 12.84 0.25 -25.27
N ARG A 983 12.94 -0.77 -24.43
CA ARG A 983 12.67 -2.15 -24.83
C ARG A 983 11.18 -2.47 -24.89
N LEU A 984 10.29 -1.49 -24.84
CA LEU A 984 8.87 -1.78 -24.79
C LEU A 984 8.09 -0.68 -25.50
N ASP A 985 6.78 -0.87 -25.54
CA ASP A 985 5.88 -0.03 -26.31
C ASP A 985 5.13 0.92 -25.39
N PRO A 986 4.86 2.15 -25.79
CA PRO A 986 4.27 3.15 -24.89
C PRO A 986 3.03 2.66 -24.17
N PRO A 987 1.98 2.21 -24.87
CA PRO A 987 0.71 1.94 -24.16
C PRO A 987 0.76 0.76 -23.22
N GLU A 988 1.80 -0.08 -23.28
CA GLU A 988 1.91 -1.21 -22.37
C GLU A 988 3.06 -1.08 -21.38
N ALA A 989 4.00 -0.15 -21.61
CA ALA A 989 5.01 0.13 -20.60
C ALA A 989 4.42 0.73 -19.34
N GLU A 990 3.24 1.36 -19.45
CA GLU A 990 2.61 1.99 -18.30
C GLU A 990 2.33 0.99 -17.19
N VAL A 991 2.06 -0.27 -17.53
CA VAL A 991 1.78 -1.27 -16.51
C VAL A 991 3.00 -1.51 -15.64
N GLN A 992 4.16 -1.71 -16.27
CA GLN A 992 5.39 -1.90 -15.51
C GLN A 992 5.75 -0.64 -14.74
N ILE A 993 5.53 0.53 -15.35
CA ILE A 993 5.81 1.78 -14.65
C ILE A 993 4.96 1.87 -13.38
N ASP A 994 3.68 1.50 -13.48
CA ASP A 994 2.81 1.53 -12.31
C ASP A 994 3.25 0.55 -11.24
N ARG A 995 3.70 -0.63 -11.65
CA ARG A 995 4.24 -1.58 -10.68
C ARG A 995 5.37 -0.94 -9.88
N LEU A 996 6.31 -0.31 -10.59
CA LEU A 996 7.43 0.35 -9.92
C LEU A 996 6.94 1.48 -9.02
N ILE A 997 5.97 2.25 -9.50
CA ILE A 997 5.44 3.37 -8.73
C ILE A 997 4.91 2.88 -7.39
N THR A 998 4.07 1.85 -7.43
CA THR A 998 3.47 1.36 -6.19
C THR A 998 4.54 0.83 -5.24
N GLY A 999 5.49 0.06 -5.75
CA GLY A 999 6.53 -0.46 -4.86
C GLY A 999 7.31 0.64 -4.17
N ARG A 1000 7.77 1.63 -4.95
CA ARG A 1000 8.58 2.70 -4.37
C ARG A 1000 7.78 3.55 -3.41
N LEU A 1001 6.53 3.85 -3.76
CA LEU A 1001 5.69 4.65 -2.88
C LEU A 1001 5.48 3.95 -1.55
N GLN A 1002 5.24 2.64 -1.56
CA GLN A 1002 5.06 1.92 -0.31
C GLN A 1002 6.33 1.95 0.53
N SER A 1003 7.49 1.80 -0.12
CA SER A 1003 8.74 1.87 0.64
C SER A 1003 8.89 3.22 1.34
N LEU A 1004 8.59 4.30 0.62
CA LEU A 1004 8.66 5.62 1.22
C LEU A 1004 7.71 5.75 2.39
N GLN A 1005 6.50 5.22 2.25
CA GLN A 1005 5.53 5.29 3.34
C GLN A 1005 6.05 4.64 4.60
N THR A 1006 6.59 3.43 4.48
CA THR A 1006 7.10 2.74 5.66
C THR A 1006 8.24 3.52 6.29
N TYR A 1007 9.13 4.08 5.48
CA TYR A 1007 10.23 4.85 6.04
C TYR A 1007 9.71 6.03 6.85
N VAL A 1008 8.76 6.78 6.31
CA VAL A 1008 8.28 7.97 7.01
C VAL A 1008 7.58 7.58 8.31
N THR A 1009 6.81 6.48 8.29
CA THR A 1009 6.13 6.07 9.51
C THR A 1009 7.13 5.69 10.60
N GLN A 1010 8.18 4.94 10.23
CA GLN A 1010 9.21 4.60 11.20
C GLN A 1010 9.85 5.86 11.78
N GLN A 1011 10.12 6.85 10.92
CA GLN A 1011 10.75 8.07 11.41
C GLN A 1011 9.88 8.80 12.42
N LEU A 1012 8.58 8.89 12.16
CA LEU A 1012 7.68 9.54 13.11
C LEU A 1012 7.68 8.81 14.45
N ILE A 1013 7.60 7.48 14.41
CA ILE A 1013 7.54 6.71 15.65
C ILE A 1013 8.82 6.91 16.46
N ARG A 1014 9.97 6.99 15.78
CA ARG A 1014 11.23 7.18 16.50
C ARG A 1014 11.41 8.60 17.02
N ALA A 1015 10.91 9.59 16.28
CA ALA A 1015 11.00 10.97 16.74
C ALA A 1015 10.18 11.19 18.00
N ALA A 1016 9.07 10.49 18.14
CA ALA A 1016 8.30 10.60 19.39
C ALA A 1016 9.15 10.19 20.59
N GLU A 1017 9.90 9.10 20.46
CA GLU A 1017 10.75 8.62 21.55
C GLU A 1017 11.88 9.60 21.85
N ILE A 1018 12.50 10.14 20.80
CA ILE A 1018 13.54 11.14 21.02
C ILE A 1018 12.97 12.35 21.75
N ARG A 1019 11.75 12.75 21.41
CA ARG A 1019 11.15 13.89 22.10
C ARG A 1019 10.92 13.60 23.58
N ALA A 1020 10.46 12.40 23.90
CA ALA A 1020 10.30 12.05 25.31
C ALA A 1020 11.63 12.12 26.05
N SER A 1021 12.69 11.61 25.44
CA SER A 1021 14.00 11.65 26.09
C SER A 1021 14.47 13.09 26.29
N ALA A 1022 14.21 13.96 25.30
CA ALA A 1022 14.64 15.34 25.44
C ALA A 1022 13.86 16.07 26.51
N ASN A 1023 12.56 15.76 26.67
CA ASN A 1023 11.80 16.35 27.76
C ASN A 1023 12.36 15.93 29.11
N LEU A 1024 12.71 14.65 29.25
CA LEU A 1024 13.32 14.20 30.50
C LEU A 1024 14.63 14.91 30.76
N ALA A 1025 15.46 15.08 29.72
CA ALA A 1025 16.73 15.77 29.90
C ALA A 1025 16.52 17.21 30.33
N ALA A 1026 15.53 17.89 29.75
CA ALA A 1026 15.27 19.27 30.14
C ALA A 1026 14.81 19.36 31.58
N THR A 1027 13.97 18.42 32.02
CA THR A 1027 13.55 18.41 33.41
C THR A 1027 14.74 18.20 34.34
N LYS A 1028 15.63 17.27 34.00
CA LYS A 1028 16.80 17.04 34.83
C LYS A 1028 17.72 18.25 34.88
N MET A 1029 17.89 18.93 33.74
CA MET A 1029 18.72 20.14 33.76
C MET A 1029 18.11 21.20 34.65
N SER A 1030 16.80 21.38 34.56
CA SER A 1030 16.16 22.41 35.36
C SER A 1030 16.17 22.07 36.84
N GLU A 1031 16.15 20.78 37.18
CA GLU A 1031 15.83 20.37 38.54
C GLU A 1031 17.00 19.81 39.34
N CYS A 1032 18.04 19.31 38.67
CA CYS A 1032 19.24 18.84 39.37
C CYS A 1032 20.38 19.84 39.29
N VAL A 1033 20.42 20.69 38.26
CA VAL A 1033 21.52 21.63 38.08
C VAL A 1033 21.19 23.00 38.66
N LEU A 1034 19.97 23.49 38.47
CA LEU A 1034 19.60 24.79 39.00
C LEU A 1034 19.02 24.73 40.40
N GLY A 1035 18.98 23.56 41.00
CA GLY A 1035 18.53 23.44 42.38
C GLY A 1035 19.10 22.21 43.06
N GLN A 1036 18.58 21.89 44.24
CA GLN A 1036 18.94 20.68 44.95
C GLN A 1036 17.67 19.86 45.12
N SER A 1037 17.72 18.59 44.74
CA SER A 1037 16.52 17.78 44.59
C SER A 1037 16.33 16.86 45.79
N LYS A 1038 15.07 16.67 46.17
CA LYS A 1038 14.70 15.74 47.22
C LYS A 1038 14.10 14.45 46.68
N ARG A 1039 13.75 14.40 45.41
CA ARG A 1039 13.23 13.20 44.80
C ARG A 1039 14.32 12.13 44.77
N VAL A 1040 14.09 11.02 45.47
CA VAL A 1040 15.13 10.02 45.63
C VAL A 1040 15.38 9.31 44.30
N ASP A 1041 16.67 9.12 43.98
CA ASP A 1041 17.16 8.44 42.79
C ASP A 1041 16.94 9.24 41.51
N PHE A 1042 16.42 10.46 41.61
CA PHE A 1042 16.25 11.27 40.40
C PHE A 1042 17.59 11.79 39.90
N CYS A 1043 18.42 12.32 40.80
CA CYS A 1043 19.72 12.88 40.44
C CYS A 1043 20.77 12.03 41.15
N GLY A 1044 21.14 10.92 40.53
CA GLY A 1044 22.15 10.06 41.10
C GLY A 1044 21.61 9.08 42.11
N LYS A 1045 22.55 8.47 42.84
CA LYS A 1045 22.26 7.41 43.81
C LYS A 1045 22.82 7.82 45.16
N GLY A 1046 21.93 8.17 46.10
CA GLY A 1046 22.29 8.66 47.42
C GLY A 1046 21.58 9.97 47.67
N TYR A 1047 22.14 10.79 48.55
CA TYR A 1047 21.58 12.09 48.86
C TYR A 1047 22.20 13.14 47.95
N HIS A 1048 21.37 13.80 47.16
CA HIS A 1048 21.86 14.72 46.13
C HIS A 1048 22.48 15.97 46.75
N LEU A 1049 23.60 16.40 46.19
CA LEU A 1049 24.22 17.67 46.54
C LEU A 1049 24.20 18.67 45.39
N MET A 1050 24.73 18.30 44.22
CA MET A 1050 24.75 19.18 43.08
C MET A 1050 25.02 18.36 41.82
N SER A 1051 24.96 19.02 40.67
CA SER A 1051 25.16 18.35 39.40
C SER A 1051 25.79 19.33 38.41
N PHE A 1052 26.53 18.78 37.46
CA PHE A 1052 27.19 19.58 36.43
C PHE A 1052 26.87 19.03 35.05
N PRO A 1053 26.59 19.90 34.08
CA PRO A 1053 26.30 19.42 32.73
C PRO A 1053 27.51 19.43 31.80
N GLN A 1054 27.50 18.54 30.81
CA GLN A 1054 28.48 18.53 29.73
C GLN A 1054 27.77 18.16 28.45
N SER A 1055 28.26 18.67 27.33
CA SER A 1055 27.62 18.46 26.04
C SER A 1055 28.30 17.34 25.28
N ALA A 1056 27.51 16.60 24.52
CA ALA A 1056 27.96 15.47 23.70
C ALA A 1056 27.29 15.59 22.36
N PRO A 1057 27.85 14.96 21.30
CA PRO A 1057 27.41 15.26 19.93
C PRO A 1057 25.91 15.42 19.70
N HIS A 1058 25.08 14.48 20.13
CA HIS A 1058 23.64 14.69 20.07
C HIS A 1058 23.00 14.44 21.42
N GLY A 1059 23.61 14.93 22.49
CA GLY A 1059 23.06 14.67 23.79
C GLY A 1059 23.78 15.41 24.89
N VAL A 1060 23.46 15.00 26.12
CA VAL A 1060 23.97 15.68 27.31
C VAL A 1060 24.39 14.63 28.33
N VAL A 1061 25.39 14.98 29.13
CA VAL A 1061 25.91 14.14 30.19
C VAL A 1061 25.82 14.92 31.49
N PHE A 1062 25.31 14.29 32.53
CA PHE A 1062 25.23 14.91 33.85
C PHE A 1062 26.19 14.19 34.78
N LEU A 1063 26.94 14.97 35.55
CA LEU A 1063 27.77 14.46 36.64
C LEU A 1063 27.09 14.82 37.95
N HIS A 1064 26.61 13.82 38.67
CA HIS A 1064 25.86 13.98 39.90
C HIS A 1064 26.80 13.76 41.07
N VAL A 1065 26.82 14.70 42.02
CA VAL A 1065 27.64 14.62 43.22
C VAL A 1065 26.74 14.23 44.37
N THR A 1066 27.18 13.29 45.19
CA THR A 1066 26.29 12.63 46.13
C THR A 1066 27.03 12.31 47.42
N TYR A 1067 26.29 12.34 48.52
CA TYR A 1067 26.78 12.03 49.86
C TYR A 1067 26.34 10.62 50.24
N VAL A 1068 27.25 9.71 50.46
CA VAL A 1068 26.89 8.31 50.80
C VAL A 1068 27.34 8.05 52.22
N PRO A 1069 26.46 7.66 53.15
CA PRO A 1069 26.91 7.39 54.48
C PRO A 1069 27.82 6.19 54.63
N ALA A 1070 28.71 6.14 55.63
CA ALA A 1070 29.70 5.06 55.77
C ALA A 1070 30.15 4.76 57.19
N GLN A 1071 30.82 3.63 57.42
CA GLN A 1071 31.37 3.21 58.73
C GLN A 1071 30.38 3.19 59.87
N GLU A 1072 29.31 2.42 59.75
CA GLU A 1072 28.24 2.38 60.75
C GLU A 1072 28.61 1.64 62.02
N LYS A 1073 28.15 2.12 63.17
CA LYS A 1073 28.35 1.42 64.45
C LYS A 1073 26.96 1.26 65.03
N ASN A 1074 26.74 0.35 65.95
CA ASN A 1074 25.43 0.02 66.53
C ASN A 1074 25.37 0.44 67.99
N PHE A 1075 24.23 0.98 68.38
CA PHE A 1075 23.97 1.48 69.72
C PHE A 1075 22.61 0.99 70.19
N THR A 1076 22.37 1.19 71.49
CA THR A 1076 21.07 0.96 72.10
C THR A 1076 20.33 2.28 72.16
N THR A 1077 19.02 2.24 71.93
CA THR A 1077 18.23 3.45 71.81
C THR A 1077 16.94 3.34 72.60
N ALA A 1078 16.22 4.46 72.69
CA ALA A 1078 14.98 4.53 73.44
C ALA A 1078 14.14 5.68 72.88
N PRO A 1079 12.82 5.61 73.01
CA PRO A 1079 11.98 6.67 72.42
C PRO A 1079 11.82 7.91 73.28
N ALA A 1080 12.00 7.82 74.59
CA ALA A 1080 11.83 8.98 75.45
C ALA A 1080 12.66 8.77 76.71
N ILE A 1081 12.80 9.84 77.49
CA ILE A 1081 13.59 9.81 78.73
C ILE A 1081 12.71 10.29 79.88
N CYS A 1082 12.74 9.57 80.99
CA CYS A 1082 11.92 9.90 82.15
C CYS A 1082 12.74 10.67 83.18
N HIS A 1083 12.23 11.82 83.60
CA HIS A 1083 12.90 12.62 84.61
C HIS A 1083 11.87 13.48 85.32
N ASP A 1084 11.90 13.48 86.65
CA ASP A 1084 10.96 14.24 87.46
C ASP A 1084 9.52 13.82 87.21
N GLY A 1085 9.31 12.56 86.84
CA GLY A 1085 7.99 12.12 86.46
C GLY A 1085 7.46 12.81 85.23
N LYS A 1086 8.33 13.14 84.28
CA LYS A 1086 7.93 13.74 83.01
C LYS A 1086 8.70 13.07 81.89
N ALA A 1087 8.08 13.05 80.71
CA ALA A 1087 8.63 12.39 79.54
C ALA A 1087 9.25 13.42 78.61
N HIS A 1088 10.48 13.15 78.18
CA HIS A 1088 11.24 14.04 77.33
C HIS A 1088 11.55 13.38 75.99
N PHE A 1089 11.35 14.13 74.92
CA PHE A 1089 11.63 13.71 73.56
C PHE A 1089 12.67 14.63 72.94
N PRO A 1090 13.47 14.13 72.00
CA PRO A 1090 14.49 14.97 71.38
C PRO A 1090 13.91 15.87 70.30
N ARG A 1091 14.52 17.04 70.16
CA ARG A 1091 14.06 17.97 69.13
C ARG A 1091 14.45 17.50 67.74
N GLU A 1092 15.74 17.27 67.50
CA GLU A 1092 16.22 16.98 66.16
C GLU A 1092 17.24 15.84 66.17
N GLY A 1093 16.98 14.79 66.94
CA GLY A 1093 17.93 13.71 66.99
C GLY A 1093 17.33 12.45 67.57
N VAL A 1094 18.21 11.57 68.04
CA VAL A 1094 17.83 10.34 68.71
C VAL A 1094 18.64 10.17 69.97
N PHE A 1095 18.07 9.45 70.92
CA PHE A 1095 18.77 9.07 72.13
C PHE A 1095 19.59 7.81 71.86
N VAL A 1096 20.86 7.82 72.25
CA VAL A 1096 21.70 6.65 72.09
C VAL A 1096 22.42 6.37 73.41
N SER A 1097 22.89 5.14 73.56
CA SER A 1097 23.62 4.74 74.75
C SER A 1097 24.83 3.92 74.36
N ASN A 1098 25.99 4.29 74.90
CA ASN A 1098 27.20 3.50 74.67
C ASN A 1098 27.40 2.47 75.78
N GLY A 1099 26.35 1.74 76.10
CA GLY A 1099 26.39 0.80 77.20
C GLY A 1099 26.08 1.35 78.58
N THR A 1100 26.65 2.51 78.92
CA THR A 1100 26.52 3.05 80.27
C THR A 1100 25.92 4.44 80.33
N HIS A 1101 26.22 5.30 79.36
CA HIS A 1101 25.76 6.69 79.39
C HIS A 1101 24.83 6.96 78.21
N TRP A 1102 23.99 7.98 78.36
CA TRP A 1102 23.02 8.34 77.34
C TRP A 1102 23.36 9.69 76.74
N PHE A 1103 23.18 9.80 75.42
CA PHE A 1103 23.49 11.03 74.69
C PHE A 1103 22.39 11.28 73.67
N VAL A 1104 22.43 12.46 73.07
CA VAL A 1104 21.55 12.86 71.98
C VAL A 1104 22.41 13.11 70.75
N THR A 1105 22.02 12.55 69.62
CA THR A 1105 22.82 12.71 68.41
C THR A 1105 21.92 13.01 67.22
N GLN A 1106 22.50 13.65 66.22
CA GLN A 1106 21.82 13.80 64.94
C GLN A 1106 21.82 12.47 64.19
N ARG A 1107 20.85 12.32 63.28
CA ARG A 1107 20.51 11.00 62.79
C ARG A 1107 21.41 10.51 61.66
N ASN A 1108 22.20 11.37 61.04
CA ASN A 1108 22.98 10.98 59.87
C ASN A 1108 24.48 11.04 60.11
N PHE A 1109 24.93 11.36 61.31
CA PHE A 1109 26.35 11.47 61.60
C PHE A 1109 26.53 11.38 63.11
N TYR A 1110 27.39 10.48 63.56
CA TYR A 1110 27.55 10.27 64.99
C TYR A 1110 28.29 11.43 65.61
N GLU A 1111 27.62 12.14 66.51
CA GLU A 1111 28.20 13.26 67.25
C GLU A 1111 27.43 13.41 68.55
N PRO A 1112 27.79 12.69 69.60
CA PRO A 1112 26.99 12.66 70.81
C PRO A 1112 27.13 13.94 71.62
N GLN A 1113 26.12 14.19 72.45
CA GLN A 1113 26.07 15.39 73.27
C GLN A 1113 25.31 15.10 74.55
N ILE A 1114 25.45 16.01 75.51
CA ILE A 1114 24.79 15.87 76.79
C ILE A 1114 23.32 16.18 76.65
N ILE A 1115 22.48 15.41 77.33
CA ILE A 1115 21.03 15.65 77.29
C ILE A 1115 20.71 16.83 78.19
N THR A 1116 20.11 17.86 77.61
CA THR A 1116 19.87 19.12 78.28
C THR A 1116 18.41 19.50 78.03
N THR A 1117 17.94 20.56 78.70
CA THR A 1117 16.58 21.04 78.53
C THR A 1117 16.44 22.03 77.38
N ASP A 1118 17.38 22.05 76.44
CA ASP A 1118 17.23 22.87 75.26
C ASP A 1118 17.51 22.12 73.97
N ASN A 1119 17.86 20.84 74.04
CA ASN A 1119 17.79 19.95 72.88
C ASN A 1119 16.73 18.89 73.09
N THR A 1120 15.66 19.25 73.80
CA THR A 1120 14.68 18.30 74.30
C THR A 1120 13.42 19.06 74.67
N PHE A 1121 12.26 18.45 74.41
CA PHE A 1121 10.99 19.03 74.82
C PHE A 1121 10.19 18.01 75.61
N VAL A 1122 9.31 18.51 76.47
CA VAL A 1122 8.59 17.68 77.42
C VAL A 1122 7.11 17.64 77.02
N SER A 1123 6.48 16.48 77.23
CA SER A 1123 5.07 16.33 76.88
C SER A 1123 4.50 15.16 77.67
N GLY A 1124 3.59 15.45 78.59
CA GLY A 1124 2.92 14.42 79.34
C GLY A 1124 3.77 13.83 80.44
N ASN A 1125 3.23 12.80 81.08
CA ASN A 1125 3.91 12.14 82.17
C ASN A 1125 4.49 10.81 81.70
N CYS A 1126 5.03 10.05 82.65
CA CYS A 1126 5.88 8.89 82.36
C CYS A 1126 5.11 7.59 82.24
N ASP A 1127 3.83 7.63 81.85
CA ASP A 1127 2.98 6.45 81.92
C ASP A 1127 2.56 5.89 80.56
N VAL A 1128 2.45 6.72 79.53
CA VAL A 1128 1.82 6.27 78.29
C VAL A 1128 2.84 5.70 77.30
N VAL A 1129 4.03 6.28 77.21
CA VAL A 1129 5.03 5.78 76.28
C VAL A 1129 5.54 4.43 76.78
N ILE A 1130 5.70 3.48 75.87
CA ILE A 1130 6.20 2.15 76.20
C ILE A 1130 7.60 2.01 75.63
N GLY A 1131 8.56 1.74 76.51
CA GLY A 1131 9.96 1.74 76.16
C GLY A 1131 10.75 2.86 76.79
N ILE A 1132 10.10 3.75 77.55
CA ILE A 1132 10.79 4.86 78.17
C ILE A 1132 11.81 4.35 79.17
N VAL A 1133 12.89 5.11 79.36
CA VAL A 1133 13.96 4.72 80.28
C VAL A 1133 14.23 5.87 81.24
N ASN A 1134 14.95 5.53 82.31
CA ASN A 1134 15.26 6.48 83.38
C ASN A 1134 16.63 7.09 83.13
N ASN A 1135 16.72 8.41 83.24
CA ASN A 1135 17.99 9.11 83.18
C ASN A 1135 17.78 10.51 83.74
N THR A 1136 18.80 11.34 83.65
CA THR A 1136 18.77 12.70 84.18
C THR A 1136 18.93 13.70 83.04
N VAL A 1137 18.16 14.78 83.10
CA VAL A 1137 18.17 15.81 82.08
C VAL A 1137 18.77 17.05 82.73
N TYR A 1138 20.04 17.31 82.42
CA TYR A 1138 20.78 18.38 83.07
C TYR A 1138 20.22 19.74 82.68
N ASP A 1139 19.89 20.55 83.66
CA ASP A 1139 19.44 21.93 83.47
C ASP A 1139 20.65 22.85 83.42
N PRO A 1140 20.79 23.68 82.39
CA PRO A 1140 21.97 24.52 82.25
C PRO A 1140 21.90 25.85 82.99
N LEU A 1141 20.97 26.02 83.92
CA LEU A 1141 20.79 27.29 84.62
C LEU A 1141 21.04 27.22 86.11
N GLN A 1142 20.70 26.10 86.75
CA GLN A 1142 20.84 26.01 88.21
C GLN A 1142 22.26 26.29 88.71
N PRO A 1143 23.35 25.80 88.08
CA PRO A 1143 24.68 26.19 88.53
C PRO A 1143 24.86 27.70 88.61
N GLU A 1144 24.64 28.40 87.49
CA GLU A 1144 24.78 29.85 87.49
C GLU A 1144 23.68 30.53 88.30
N LEU A 1145 22.61 29.82 88.63
CA LEU A 1145 21.59 30.38 89.51
C LEU A 1145 22.04 30.36 90.97
N ASP A 1146 22.80 29.34 91.37
CA ASP A 1146 23.18 29.16 92.76
C ASP A 1146 24.69 29.28 92.98
N SER A 1147 25.50 28.56 92.19
CA SER A 1147 26.94 28.52 92.44
C SER A 1147 27.60 29.87 92.27
N PHE A 1148 26.95 30.82 91.59
CA PHE A 1148 27.46 32.17 91.48
C PHE A 1148 26.54 33.20 92.11
N LYS A 1149 25.26 33.23 91.71
CA LYS A 1149 24.34 34.26 92.20
C LYS A 1149 23.05 33.66 92.74
N PRO B 26 -55.38 -19.26 7.26
CA PRO B 26 -55.95 -20.55 7.67
C PRO B 26 -55.40 -21.04 9.00
N ALA B 27 -55.75 -20.36 10.09
CA ALA B 27 -55.37 -20.75 11.44
C ALA B 27 -53.85 -20.84 11.58
N TYR B 28 -53.19 -19.69 11.44
CA TYR B 28 -51.74 -19.65 11.50
C TYR B 28 -51.26 -19.95 12.91
N THR B 29 -49.94 -20.04 13.08
CA THR B 29 -49.34 -20.31 14.38
C THR B 29 -47.91 -19.82 14.36
N ASN B 30 -47.31 -19.79 15.54
CA ASN B 30 -45.99 -19.20 15.74
C ASN B 30 -44.90 -20.25 15.61
N SER B 31 -43.68 -19.76 15.35
CA SER B 31 -42.49 -20.60 15.17
C SER B 31 -41.50 -20.25 16.28
N PHE B 32 -41.62 -20.94 17.41
CA PHE B 32 -40.86 -20.61 18.61
C PHE B 32 -39.44 -21.16 18.49
N THR B 33 -38.65 -20.51 17.63
CA THR B 33 -37.24 -20.84 17.43
C THR B 33 -37.07 -22.30 17.01
N ARG B 34 -37.65 -22.61 15.86
CA ARG B 34 -37.62 -23.96 15.32
C ARG B 34 -37.07 -23.89 13.90
N GLY B 35 -36.42 -24.97 13.46
CA GLY B 35 -35.96 -25.05 12.10
C GLY B 35 -34.52 -24.64 11.90
N VAL B 36 -33.64 -25.08 12.78
CA VAL B 36 -32.20 -24.82 12.69
C VAL B 36 -31.50 -26.13 12.33
N TYR B 37 -30.64 -26.08 11.33
CA TYR B 37 -29.97 -27.26 10.83
C TYR B 37 -28.48 -27.01 10.73
N TYR B 38 -27.71 -28.09 10.79
CA TYR B 38 -26.26 -27.97 10.67
C TYR B 38 -25.92 -27.51 9.26
N PRO B 39 -25.26 -26.37 9.09
CA PRO B 39 -25.04 -25.83 7.74
C PRO B 39 -23.92 -26.52 6.97
N ASP B 40 -23.11 -27.35 7.61
CA ASP B 40 -21.99 -28.00 6.93
C ASP B 40 -21.54 -29.17 7.79
N LYS B 41 -20.42 -29.80 7.38
CA LYS B 41 -19.96 -31.04 7.98
C LYS B 41 -18.73 -30.86 8.87
N VAL B 42 -18.49 -29.63 9.33
CA VAL B 42 -17.33 -29.35 10.16
C VAL B 42 -17.66 -29.62 11.63
N PHE B 43 -16.65 -30.07 12.36
CA PHE B 43 -16.74 -30.26 13.80
C PHE B 43 -16.17 -29.04 14.52
N ARG B 44 -16.89 -28.56 15.52
CA ARG B 44 -16.43 -27.44 16.34
C ARG B 44 -16.77 -27.72 17.79
N SER B 45 -15.89 -27.29 18.69
CA SER B 45 -15.98 -27.66 20.10
C SER B 45 -15.98 -26.42 20.97
N SER B 46 -17.08 -26.18 21.67
CA SER B 46 -17.20 -25.10 22.65
C SER B 46 -16.84 -23.75 22.03
N VAL B 47 -17.65 -23.33 21.06
CA VAL B 47 -17.34 -22.13 20.30
C VAL B 47 -18.65 -21.48 19.85
N LEU B 48 -18.55 -20.21 19.47
CA LEU B 48 -19.67 -19.48 18.86
C LEU B 48 -19.26 -19.12 17.44
N HIS B 49 -20.07 -19.50 16.47
CA HIS B 49 -19.74 -19.33 15.06
C HIS B 49 -20.89 -18.63 14.36
N SER B 50 -20.58 -17.59 13.60
CA SER B 50 -21.59 -16.82 12.90
C SER B 50 -21.59 -17.19 11.43
N THR B 51 -22.76 -17.50 10.90
CA THR B 51 -22.88 -17.95 9.52
C THR B 51 -24.01 -17.21 8.83
N GLN B 52 -23.98 -17.22 7.50
CA GLN B 52 -25.01 -16.64 6.66
C GLN B 52 -25.49 -17.69 5.69
N ASP B 53 -26.79 -17.95 5.68
CA ASP B 53 -27.37 -19.01 4.85
C ASP B 53 -28.88 -18.82 4.85
N LEU B 54 -29.58 -19.75 4.22
CA LEU B 54 -31.03 -19.71 4.12
C LEU B 54 -31.63 -20.35 5.37
N PHE B 55 -32.40 -19.58 6.13
CA PHE B 55 -32.96 -20.06 7.38
C PHE B 55 -34.43 -19.69 7.49
N LEU B 56 -35.04 -20.21 8.55
CA LEU B 56 -36.40 -19.85 8.93
C LEU B 56 -36.36 -18.84 10.05
N PRO B 57 -36.78 -17.59 9.81
CA PRO B 57 -36.66 -16.56 10.84
C PRO B 57 -37.41 -16.91 12.11
N PHE B 58 -36.85 -16.48 13.23
CA PHE B 58 -37.48 -16.71 14.52
C PHE B 58 -38.81 -15.96 14.59
N PHE B 59 -39.79 -16.60 15.24
CA PHE B 59 -41.09 -15.98 15.52
C PHE B 59 -41.76 -15.46 14.24
N SER B 60 -42.10 -16.41 13.37
CA SER B 60 -42.90 -16.15 12.18
C SER B 60 -44.22 -16.91 12.29
N ASN B 61 -45.20 -16.52 11.46
CA ASN B 61 -46.44 -17.29 11.36
C ASN B 61 -46.44 -18.13 10.08
N VAL B 62 -46.68 -19.43 10.25
CA VAL B 62 -46.53 -20.43 9.21
C VAL B 62 -47.90 -21.07 8.96
N THR B 63 -48.21 -21.37 7.70
CA THR B 63 -49.54 -21.88 7.38
C THR B 63 -49.75 -23.25 8.03
N TRP B 64 -50.98 -23.50 8.46
CA TRP B 64 -51.31 -24.70 9.23
C TRP B 64 -52.52 -25.37 8.58
N PHE B 65 -52.27 -26.39 7.76
CA PHE B 65 -53.31 -27.24 7.24
C PHE B 65 -53.39 -28.52 8.08
N HIS B 66 -54.61 -29.04 8.21
CA HIS B 66 -54.82 -30.30 8.92
C HIS B 66 -56.21 -30.86 8.61
N PHE B 79 -57.76 -34.56 3.24
CA PHE B 79 -58.49 -33.52 3.97
C PHE B 79 -57.84 -32.16 3.72
N ASP B 80 -56.54 -32.18 3.42
CA ASP B 80 -55.81 -30.99 2.98
C ASP B 80 -54.71 -31.43 2.02
N ASN B 81 -54.73 -30.91 0.80
CA ASN B 81 -53.63 -31.17 -0.14
C ASN B 81 -53.59 -30.16 -1.28
N PRO B 82 -53.33 -28.87 -0.99
CA PRO B 82 -53.30 -27.88 -2.08
C PRO B 82 -51.94 -27.77 -2.74
N VAL B 83 -51.85 -26.99 -3.82
CA VAL B 83 -50.59 -26.68 -4.46
C VAL B 83 -49.92 -25.55 -3.70
N LEU B 84 -48.65 -25.73 -3.35
CA LEU B 84 -47.90 -24.74 -2.61
C LEU B 84 -46.57 -24.48 -3.31
N PRO B 85 -46.15 -23.22 -3.42
CA PRO B 85 -44.90 -22.92 -4.10
C PRO B 85 -43.68 -23.28 -3.27
N PHE B 86 -42.55 -23.46 -3.96
CA PHE B 86 -41.33 -23.89 -3.29
C PHE B 86 -40.62 -22.72 -2.62
N ASN B 87 -40.20 -21.72 -3.41
CA ASN B 87 -39.62 -20.48 -2.90
C ASN B 87 -38.36 -20.75 -2.05
N ASP B 88 -37.34 -21.27 -2.73
CA ASP B 88 -35.97 -21.26 -2.23
C ASP B 88 -35.72 -22.26 -1.11
N GLY B 89 -36.74 -22.96 -0.66
CA GLY B 89 -36.59 -23.94 0.40
C GLY B 89 -37.81 -23.97 1.27
N VAL B 90 -37.98 -25.07 2.00
CA VAL B 90 -39.22 -25.31 2.72
C VAL B 90 -38.94 -25.98 4.05
N TYR B 91 -39.54 -25.46 5.11
CA TYR B 91 -39.65 -26.15 6.39
C TYR B 91 -40.95 -26.95 6.42
N PHE B 92 -40.96 -28.02 7.23
CA PHE B 92 -42.14 -28.88 7.25
C PHE B 92 -42.14 -29.66 8.56
N ALA B 93 -43.11 -29.41 9.41
CA ALA B 93 -43.28 -30.21 10.62
C ALA B 93 -44.59 -30.97 10.55
N SER B 94 -44.69 -32.03 11.35
CA SER B 94 -45.93 -32.79 11.41
C SER B 94 -45.93 -33.65 12.66
N THR B 95 -47.10 -33.78 13.29
CA THR B 95 -47.30 -34.68 14.41
C THR B 95 -48.61 -35.42 14.22
N GLU B 96 -48.54 -36.75 14.25
CA GLU B 96 -49.70 -37.58 13.96
C GLU B 96 -49.47 -38.97 14.53
N LYS B 97 -50.52 -39.52 15.16
CA LYS B 97 -50.41 -40.88 15.68
C LYS B 97 -50.36 -41.90 14.55
N SER B 98 -51.39 -41.91 13.71
CA SER B 98 -51.36 -42.75 12.53
C SER B 98 -50.34 -42.24 11.53
N ASN B 99 -49.96 -43.12 10.60
CA ASN B 99 -48.95 -42.80 9.60
C ASN B 99 -49.59 -42.21 8.35
N ILE B 100 -50.37 -41.15 8.56
CA ILE B 100 -51.12 -40.54 7.46
C ILE B 100 -50.19 -39.96 6.41
N ILE B 101 -49.21 -39.16 6.84
CA ILE B 101 -48.29 -38.54 5.90
C ILE B 101 -47.33 -39.62 5.39
N ARG B 102 -47.26 -39.76 4.06
CA ARG B 102 -46.47 -40.81 3.45
C ARG B 102 -45.29 -40.30 2.63
N GLY B 103 -45.31 -39.05 2.22
CA GLY B 103 -44.24 -38.54 1.37
C GLY B 103 -44.67 -37.28 0.65
N TRP B 104 -43.94 -36.97 -0.41
CA TRP B 104 -44.09 -35.69 -1.06
C TRP B 104 -43.88 -35.82 -2.56
N ILE B 105 -44.36 -34.83 -3.29
CA ILE B 105 -44.20 -34.71 -4.73
C ILE B 105 -43.59 -33.34 -5.00
N PHE B 106 -42.73 -33.26 -6.01
CA PHE B 106 -42.02 -32.03 -6.31
C PHE B 106 -41.92 -31.88 -7.82
N GLY B 107 -41.88 -30.63 -8.29
CA GLY B 107 -41.69 -30.39 -9.70
C GLY B 107 -42.04 -28.97 -10.09
N THR B 108 -42.08 -28.75 -11.40
CA THR B 108 -42.37 -27.45 -11.98
C THR B 108 -43.75 -27.37 -12.59
N THR B 109 -44.07 -28.26 -13.54
CA THR B 109 -45.36 -28.25 -14.23
C THR B 109 -46.29 -29.35 -13.74
N LEU B 110 -45.75 -30.42 -13.18
CA LEU B 110 -46.55 -31.49 -12.58
C LEU B 110 -47.47 -32.14 -13.61
N ASP B 111 -46.89 -32.54 -14.74
CA ASP B 111 -47.66 -33.18 -15.81
C ASP B 111 -46.70 -33.95 -16.71
N SER B 112 -47.22 -34.42 -17.85
CA SER B 112 -46.44 -35.23 -18.78
C SER B 112 -45.25 -34.49 -19.37
N LYS B 113 -45.23 -33.16 -19.28
CA LYS B 113 -44.26 -32.40 -20.06
C LYS B 113 -42.85 -32.51 -19.47
N THR B 114 -42.65 -32.06 -18.23
CA THR B 114 -41.34 -31.94 -17.65
C THR B 114 -41.17 -32.88 -16.46
N GLN B 115 -39.91 -33.17 -16.14
CA GLN B 115 -39.58 -34.12 -15.10
C GLN B 115 -40.04 -33.65 -13.73
N SER B 116 -40.30 -34.60 -12.85
CA SER B 116 -40.78 -34.32 -11.51
C SER B 116 -39.97 -35.18 -10.53
N LEU B 117 -40.41 -35.25 -9.28
CA LEU B 117 -39.67 -35.95 -8.26
C LEU B 117 -40.65 -36.41 -7.19
N LEU B 118 -40.34 -37.52 -6.54
CA LEU B 118 -41.32 -38.19 -5.69
C LEU B 118 -40.63 -38.96 -4.58
N ILE B 119 -41.15 -38.82 -3.35
CA ILE B 119 -40.73 -39.62 -2.21
C ILE B 119 -41.96 -40.25 -1.59
N VAL B 120 -41.91 -41.56 -1.36
CA VAL B 120 -43.03 -42.29 -0.75
C VAL B 120 -42.49 -43.32 0.24
N ASN B 121 -43.20 -43.51 1.34
CA ASN B 121 -42.92 -44.57 2.29
C ASN B 121 -44.02 -45.62 2.22
N ASN B 122 -43.62 -46.90 2.26
CA ASN B 122 -44.52 -48.03 2.15
C ASN B 122 -44.49 -48.90 3.42
N ALA B 123 -44.14 -48.28 4.54
CA ALA B 123 -44.11 -48.89 5.88
C ALA B 123 -42.92 -49.84 6.05
N THR B 124 -42.18 -50.10 4.96
CA THR B 124 -40.94 -50.86 5.08
C THR B 124 -39.79 -50.30 4.26
N ASN B 125 -40.04 -49.41 3.30
CA ASN B 125 -38.98 -48.91 2.42
C ASN B 125 -39.38 -47.54 1.90
N VAL B 126 -38.39 -46.80 1.44
CA VAL B 126 -38.58 -45.45 0.91
C VAL B 126 -38.25 -45.47 -0.57
N VAL B 127 -39.22 -45.09 -1.39
CA VAL B 127 -39.05 -45.00 -2.83
C VAL B 127 -38.83 -43.54 -3.20
N ILE B 128 -37.73 -43.27 -3.89
CA ILE B 128 -37.39 -41.94 -4.39
C ILE B 128 -37.19 -42.04 -5.89
N LYS B 129 -37.94 -41.26 -6.65
CA LYS B 129 -37.87 -41.34 -8.11
C LYS B 129 -37.91 -39.95 -8.71
N VAL B 130 -37.37 -39.83 -9.92
CA VAL B 130 -37.34 -38.57 -10.64
C VAL B 130 -37.93 -38.77 -12.02
N CYS B 131 -38.75 -39.81 -12.16
CA CYS B 131 -39.28 -40.20 -13.46
C CYS B 131 -40.19 -39.11 -14.02
N GLU B 132 -40.48 -39.22 -15.31
CA GLU B 132 -41.36 -38.28 -16.01
C GLU B 132 -42.79 -38.79 -15.88
N PHE B 133 -43.49 -38.34 -14.85
CA PHE B 133 -44.86 -38.75 -14.62
C PHE B 133 -45.80 -37.79 -15.35
N GLN B 134 -47.10 -37.90 -15.10
CA GLN B 134 -48.01 -36.82 -15.47
C GLN B 134 -48.85 -36.40 -14.27
N PHE B 135 -49.81 -35.52 -14.49
CA PHE B 135 -50.58 -34.95 -13.40
C PHE B 135 -51.53 -35.97 -12.80
N CYS B 136 -52.02 -35.62 -11.61
CA CYS B 136 -53.18 -36.26 -10.99
C CYS B 136 -53.95 -35.19 -10.25
N ASN B 137 -55.22 -35.01 -10.61
CA ASN B 137 -56.01 -33.94 -10.02
C ASN B 137 -56.11 -34.08 -8.50
N ASP B 138 -56.03 -35.29 -7.99
CA ASP B 138 -56.12 -35.53 -6.55
C ASP B 138 -55.40 -36.84 -6.20
N PRO B 139 -54.07 -36.79 -6.10
CA PRO B 139 -53.33 -37.98 -5.70
C PRO B 139 -53.45 -38.22 -4.20
N PHE B 140 -53.55 -39.49 -3.82
CA PHE B 140 -53.63 -39.89 -2.42
C PHE B 140 -53.46 -41.41 -2.37
N LEU B 141 -53.44 -41.94 -1.16
CA LEU B 141 -53.33 -43.38 -0.96
C LEU B 141 -54.56 -43.93 -0.24
N MET B 153 -55.95 -54.56 4.63
CA MET B 153 -56.87 -53.48 4.97
C MET B 153 -56.48 -52.21 4.21
N GLU B 154 -55.50 -52.33 3.33
CA GLU B 154 -54.79 -51.20 2.77
C GLU B 154 -55.24 -50.96 1.32
N SER B 155 -55.79 -49.78 1.08
CA SER B 155 -56.04 -49.27 -0.27
C SER B 155 -55.11 -48.08 -0.52
N GLU B 156 -54.43 -48.10 -1.67
CA GLU B 156 -53.42 -47.11 -1.98
C GLU B 156 -53.11 -47.16 -3.47
N PHE B 157 -52.02 -46.49 -3.87
CA PHE B 157 -51.57 -46.33 -5.25
C PHE B 157 -52.47 -45.45 -6.10
N ARG B 158 -53.39 -44.71 -5.49
CA ARG B 158 -54.22 -43.79 -6.27
C ARG B 158 -53.44 -42.57 -6.75
N VAL B 159 -52.17 -42.43 -6.37
CA VAL B 159 -51.37 -41.30 -6.80
C VAL B 159 -50.82 -41.48 -8.21
N TYR B 160 -50.80 -42.71 -8.72
CA TYR B 160 -49.95 -43.03 -9.85
C TYR B 160 -50.54 -42.53 -11.15
N SER B 161 -49.73 -41.83 -11.95
CA SER B 161 -50.14 -41.34 -13.25
C SER B 161 -49.60 -42.20 -14.39
N SER B 162 -48.28 -42.30 -14.50
CA SER B 162 -47.54 -43.16 -15.42
C SER B 162 -46.06 -42.89 -15.13
N ALA B 163 -45.19 -43.71 -15.71
CA ALA B 163 -43.77 -43.68 -15.34
C ALA B 163 -42.87 -43.74 -16.56
N ASN B 164 -43.17 -42.95 -17.59
CA ASN B 164 -42.32 -42.91 -18.76
C ASN B 164 -41.05 -42.11 -18.50
N ASN B 165 -39.96 -42.54 -19.11
CA ASN B 165 -38.70 -41.79 -19.18
C ASN B 165 -38.12 -41.51 -17.79
N CYS B 166 -37.79 -42.58 -17.08
CA CYS B 166 -37.10 -42.45 -15.80
C CYS B 166 -35.64 -42.09 -16.02
N THR B 167 -35.06 -41.40 -15.02
CA THR B 167 -33.64 -41.02 -15.10
C THR B 167 -32.87 -41.18 -13.79
N PHE B 168 -33.47 -41.72 -12.74
CA PHE B 168 -32.79 -41.93 -11.45
C PHE B 168 -33.70 -42.68 -10.50
N GLU B 169 -33.12 -43.41 -9.54
CA GLU B 169 -33.93 -44.07 -8.53
C GLU B 169 -33.03 -44.41 -7.34
N TYR B 170 -33.55 -44.20 -6.13
CA TYR B 170 -32.78 -44.39 -4.90
C TYR B 170 -33.61 -45.12 -3.84
N VAL B 171 -34.15 -46.30 -4.17
CA VAL B 171 -34.70 -47.14 -3.11
C VAL B 171 -33.68 -47.28 -2.00
N SER B 172 -34.13 -47.12 -0.76
CA SER B 172 -33.26 -47.19 0.40
C SER B 172 -34.08 -47.74 1.56
N GLN B 173 -33.55 -47.59 2.77
CA GLN B 173 -34.22 -48.09 3.96
C GLN B 173 -34.64 -46.94 4.87
N PRO B 174 -35.85 -47.01 5.47
CA PRO B 174 -36.35 -45.99 6.38
C PRO B 174 -35.79 -46.16 7.80
N PHE B 186 -49.66 -36.93 19.29
CA PHE B 186 -48.87 -37.33 20.44
C PHE B 186 -47.61 -38.07 20.03
N LYS B 187 -47.59 -38.59 18.80
CA LYS B 187 -46.40 -39.28 18.31
C LYS B 187 -45.30 -38.24 18.08
N ASN B 188 -44.08 -38.75 17.88
CA ASN B 188 -42.93 -37.92 17.56
C ASN B 188 -43.29 -36.84 16.53
N LEU B 189 -43.12 -35.59 16.93
CA LEU B 189 -43.01 -34.52 15.95
C LEU B 189 -41.87 -34.84 15.00
N ARG B 190 -42.17 -34.83 13.71
CA ARG B 190 -41.19 -35.09 12.66
C ARG B 190 -41.01 -33.81 11.87
N GLU B 191 -39.75 -33.37 11.75
CA GLU B 191 -39.43 -32.10 11.14
C GLU B 191 -38.43 -32.31 10.01
N PHE B 192 -38.68 -31.64 8.89
CA PHE B 192 -37.88 -31.78 7.69
C PHE B 192 -37.61 -30.41 7.11
N VAL B 193 -36.45 -30.28 6.48
CA VAL B 193 -36.06 -29.09 5.75
C VAL B 193 -35.60 -29.53 4.37
N PHE B 194 -36.12 -28.88 3.34
CA PHE B 194 -35.80 -29.21 1.96
C PHE B 194 -35.17 -28.02 1.26
N LYS B 195 -34.01 -28.24 0.65
CA LYS B 195 -33.37 -27.23 -0.17
C LYS B 195 -32.97 -27.84 -1.51
N ASN B 196 -32.79 -26.98 -2.50
CA ASN B 196 -32.42 -27.42 -3.85
C ASN B 196 -31.54 -26.34 -4.46
N ILE B 197 -30.26 -26.63 -4.64
CA ILE B 197 -29.32 -25.64 -5.16
C ILE B 197 -28.13 -26.35 -5.77
N ASP B 198 -27.52 -25.73 -6.77
CA ASP B 198 -26.31 -26.23 -7.43
C ASP B 198 -26.52 -27.63 -8.02
N GLY B 199 -27.74 -27.92 -8.46
CA GLY B 199 -28.04 -29.22 -9.01
C GLY B 199 -28.23 -30.31 -7.98
N TYR B 200 -28.15 -29.98 -6.70
CA TYR B 200 -28.31 -30.95 -5.63
C TYR B 200 -29.58 -30.67 -4.84
N PHE B 201 -30.17 -31.74 -4.33
CA PHE B 201 -31.37 -31.66 -3.51
C PHE B 201 -31.03 -32.21 -2.12
N LYS B 202 -31.15 -31.36 -1.11
CA LYS B 202 -30.69 -31.68 0.23
C LYS B 202 -31.86 -31.76 1.19
N ILE B 203 -31.81 -32.75 2.09
CA ILE B 203 -32.89 -33.00 3.03
C ILE B 203 -32.30 -33.12 4.43
N TYR B 204 -32.91 -32.44 5.40
CA TYR B 204 -32.53 -32.55 6.80
C TYR B 204 -33.78 -32.93 7.58
N SER B 205 -33.60 -33.63 8.70
CA SER B 205 -34.77 -34.08 9.46
C SER B 205 -34.41 -34.31 10.91
N LYS B 206 -35.45 -34.45 11.73
CA LYS B 206 -35.32 -34.76 13.14
C LYS B 206 -36.64 -35.30 13.65
N HIS B 207 -36.58 -36.13 14.68
CA HIS B 207 -37.73 -36.75 15.31
C HIS B 207 -37.68 -36.48 16.81
N THR B 208 -38.83 -36.18 17.40
CA THR B 208 -38.84 -35.85 18.83
C THR B 208 -40.13 -36.32 19.49
N PRO B 209 -40.05 -36.89 20.69
CA PRO B 209 -41.28 -37.16 21.45
C PRO B 209 -42.06 -35.89 21.71
N ILE B 210 -43.38 -35.99 21.68
CA ILE B 210 -44.26 -34.85 21.84
C ILE B 210 -45.40 -35.19 22.78
N ASN B 211 -45.80 -34.21 23.59
CA ASN B 211 -46.97 -34.32 24.46
C ASN B 211 -47.65 -32.95 24.46
N LEU B 212 -48.57 -32.75 23.52
CA LEU B 212 -49.24 -31.47 23.30
C LEU B 212 -50.26 -31.70 22.19
N VAL B 213 -51.15 -30.73 22.02
CA VAL B 213 -52.19 -30.79 20.99
C VAL B 213 -52.17 -29.50 20.18
N ARG B 214 -52.28 -29.64 18.86
CA ARG B 214 -52.55 -28.58 17.89
C ARG B 214 -51.45 -27.51 17.82
N ASP B 215 -50.39 -27.63 18.61
CA ASP B 215 -49.41 -26.55 18.73
C ASP B 215 -48.01 -27.06 18.48
N LEU B 216 -47.18 -26.19 17.90
CA LEU B 216 -45.77 -26.47 17.74
C LEU B 216 -45.06 -26.27 19.08
N PRO B 217 -44.37 -27.27 19.60
CA PRO B 217 -43.71 -27.12 20.90
C PRO B 217 -42.56 -26.13 20.82
N GLN B 218 -42.28 -25.49 21.96
CA GLN B 218 -41.18 -24.56 22.06
C GLN B 218 -39.89 -25.34 22.28
N GLY B 219 -38.81 -24.64 22.64
CA GLY B 219 -37.53 -25.28 22.83
C GLY B 219 -36.71 -25.36 21.56
N PHE B 220 -35.49 -25.85 21.72
CA PHE B 220 -34.50 -25.85 20.65
C PHE B 220 -34.02 -27.26 20.35
N SER B 221 -33.79 -27.53 19.07
CA SER B 221 -33.23 -28.79 18.58
C SER B 221 -32.84 -28.60 17.12
N ALA B 222 -31.75 -29.24 16.72
CA ALA B 222 -31.16 -29.03 15.42
C ALA B 222 -31.48 -30.17 14.46
N LEU B 223 -31.47 -29.85 13.17
CA LEU B 223 -31.90 -30.77 12.11
C LEU B 223 -30.66 -31.33 11.44
N GLU B 224 -30.33 -32.59 11.76
CA GLU B 224 -29.17 -33.22 11.15
C GLU B 224 -29.47 -33.64 9.71
N PRO B 225 -28.50 -33.49 8.81
CA PRO B 225 -28.71 -33.92 7.43
C PRO B 225 -28.85 -35.43 7.35
N LEU B 226 -29.57 -35.90 6.32
CA LEU B 226 -29.65 -37.32 6.08
C LEU B 226 -29.50 -37.74 4.62
N VAL B 227 -29.63 -36.83 3.65
CA VAL B 227 -29.47 -37.23 2.26
C VAL B 227 -29.24 -36.00 1.39
N ASP B 228 -28.41 -36.17 0.37
CA ASP B 228 -28.27 -35.28 -0.77
C ASP B 228 -28.44 -36.10 -2.02
N LEU B 229 -29.04 -35.51 -3.05
CA LEU B 229 -29.26 -36.22 -4.30
C LEU B 229 -28.77 -35.37 -5.46
N PRO B 230 -28.07 -35.98 -6.43
CA PRO B 230 -27.63 -35.27 -7.63
C PRO B 230 -28.72 -35.17 -8.70
N ILE B 231 -29.90 -34.70 -8.30
CA ILE B 231 -31.04 -34.71 -9.21
C ILE B 231 -30.79 -33.81 -10.41
N GLY B 232 -30.28 -32.60 -10.17
CA GLY B 232 -29.95 -31.71 -11.27
C GLY B 232 -31.12 -31.24 -12.10
N ILE B 233 -32.24 -30.93 -11.46
CA ILE B 233 -33.42 -30.39 -12.14
C ILE B 233 -33.80 -29.07 -11.48
N ASN B 234 -34.88 -28.48 -12.01
CA ASN B 234 -35.45 -27.26 -11.46
C ASN B 234 -36.81 -27.58 -10.84
N ILE B 235 -37.31 -26.64 -10.03
CA ILE B 235 -38.46 -26.93 -9.18
C ILE B 235 -39.12 -25.64 -8.70
N THR B 236 -40.45 -25.61 -8.70
CA THR B 236 -41.19 -24.43 -8.28
C THR B 236 -42.32 -24.68 -7.29
N ARG B 237 -42.88 -25.89 -7.21
CA ARG B 237 -43.97 -26.13 -6.27
C ARG B 237 -44.04 -27.61 -5.96
N PHE B 238 -44.92 -27.97 -5.02
CA PHE B 238 -44.91 -29.32 -4.47
C PHE B 238 -46.27 -29.69 -3.89
N GLN B 239 -46.37 -30.93 -3.44
CA GLN B 239 -47.59 -31.55 -2.93
C GLN B 239 -47.24 -32.44 -1.75
N THR B 240 -48.21 -32.65 -0.87
CA THR B 240 -48.08 -33.66 0.17
C THR B 240 -48.81 -34.94 -0.26
N LEU B 241 -48.65 -35.98 0.54
CA LEU B 241 -49.27 -37.27 0.26
C LEU B 241 -49.80 -37.85 1.56
N LEU B 242 -51.10 -38.12 1.60
CA LEU B 242 -51.74 -38.68 2.78
C LEU B 242 -52.40 -40.00 2.41
N ALA B 243 -52.30 -40.97 3.32
CA ALA B 243 -52.97 -42.25 3.15
C ALA B 243 -54.35 -42.17 3.78
N LEU B 244 -55.37 -42.55 3.00
CA LEU B 244 -56.76 -42.42 3.42
C LEU B 244 -57.28 -43.78 3.86
N HIS B 245 -57.90 -43.81 5.04
CA HIS B 245 -58.53 -45.02 5.55
C HIS B 245 -59.69 -44.58 6.43
N ARG B 246 -60.89 -44.66 5.88
CA ARG B 246 -62.11 -44.18 6.53
C ARG B 246 -62.41 -44.94 7.84
N ALA B 262 -57.00 -37.55 11.98
CA ALA B 262 -56.24 -36.70 12.90
C ALA B 262 -54.82 -36.49 12.40
N ALA B 263 -54.53 -35.28 11.94
CA ALA B 263 -53.22 -34.97 11.38
C ALA B 263 -52.76 -33.60 11.89
N ALA B 264 -51.64 -33.13 11.36
CA ALA B 264 -51.08 -31.81 11.65
C ALA B 264 -50.05 -31.48 10.58
N TYR B 265 -50.14 -30.31 9.97
CA TYR B 265 -49.45 -30.09 8.71
C TYR B 265 -49.04 -28.62 8.63
N TYR B 266 -47.81 -28.32 9.03
CA TYR B 266 -47.32 -26.95 9.05
C TYR B 266 -46.35 -26.71 7.90
N VAL B 267 -46.40 -25.51 7.34
CA VAL B 267 -45.49 -25.12 6.27
C VAL B 267 -44.98 -23.71 6.54
N GLY B 268 -43.66 -23.55 6.54
CA GLY B 268 -43.00 -22.26 6.61
C GLY B 268 -42.10 -22.04 5.41
N TYR B 269 -41.27 -21.00 5.44
CA TYR B 269 -40.42 -20.68 4.30
C TYR B 269 -39.07 -20.17 4.80
N LEU B 270 -38.08 -20.23 3.92
CA LEU B 270 -36.72 -19.83 4.25
C LEU B 270 -36.31 -18.61 3.43
N GLN B 271 -35.41 -17.81 3.99
CA GLN B 271 -34.78 -16.74 3.23
C GLN B 271 -33.38 -16.51 3.79
N PRO B 272 -32.53 -15.76 3.05
CA PRO B 272 -31.11 -15.66 3.42
C PRO B 272 -30.82 -14.76 4.62
N ARG B 273 -30.83 -15.33 5.82
CA ARG B 273 -30.62 -14.53 7.03
C ARG B 273 -29.44 -15.09 7.82
N THR B 274 -28.80 -14.21 8.59
CA THR B 274 -27.55 -14.50 9.28
C THR B 274 -27.83 -14.92 10.71
N PHE B 275 -27.20 -16.01 11.15
CA PHE B 275 -27.39 -16.56 12.47
C PHE B 275 -26.07 -16.67 13.22
N LEU B 276 -26.16 -16.76 14.54
CA LEU B 276 -25.03 -17.07 15.40
C LEU B 276 -25.34 -18.35 16.16
N LEU B 277 -24.45 -19.33 16.06
CA LEU B 277 -24.68 -20.68 16.54
C LEU B 277 -23.70 -21.01 17.65
N LYS B 278 -24.15 -21.82 18.61
CA LYS B 278 -23.30 -22.22 19.73
C LYS B 278 -23.05 -23.72 19.68
N TYR B 279 -21.77 -24.11 19.68
CA TYR B 279 -21.37 -25.50 19.73
C TYR B 279 -20.82 -25.82 21.11
N ASN B 280 -21.35 -26.88 21.72
CA ASN B 280 -20.95 -27.29 23.05
C ASN B 280 -19.68 -28.15 22.97
N GLU B 281 -19.35 -28.82 24.08
CA GLU B 281 -18.11 -29.59 24.16
C GLU B 281 -18.09 -30.80 23.25
N ASN B 282 -19.23 -31.22 22.69
CA ASN B 282 -19.28 -32.41 21.85
C ASN B 282 -19.71 -32.09 20.41
N GLY B 283 -19.63 -30.82 20.02
CA GLY B 283 -19.99 -30.46 18.66
C GLY B 283 -21.46 -30.47 18.36
N THR B 284 -22.32 -30.38 19.38
CA THR B 284 -23.76 -30.31 19.20
C THR B 284 -24.21 -28.85 19.27
N ILE B 285 -25.04 -28.45 18.32
CA ILE B 285 -25.61 -27.11 18.34
C ILE B 285 -26.71 -27.06 19.38
N THR B 286 -26.51 -26.25 20.42
CA THR B 286 -27.47 -26.18 21.51
C THR B 286 -28.16 -24.83 21.64
N ASP B 287 -27.82 -23.85 20.82
CA ASP B 287 -28.48 -22.55 20.90
C ASP B 287 -28.08 -21.71 19.70
N ALA B 288 -28.92 -20.71 19.42
CA ALA B 288 -28.68 -19.81 18.30
C ALA B 288 -29.37 -18.48 18.55
N VAL B 289 -28.91 -17.46 17.83
CA VAL B 289 -29.58 -16.16 17.82
C VAL B 289 -29.66 -15.66 16.39
N ASP B 290 -30.76 -14.98 16.09
CA ASP B 290 -31.00 -14.39 14.78
C ASP B 290 -30.60 -12.92 14.83
N CYS B 291 -29.68 -12.52 13.95
CA CYS B 291 -29.08 -11.20 14.02
C CYS B 291 -29.94 -10.12 13.39
N ALA B 292 -31.23 -10.37 13.16
CA ALA B 292 -32.09 -9.32 12.64
C ALA B 292 -33.47 -9.30 13.31
N LEU B 293 -33.64 -10.03 14.41
CA LEU B 293 -34.92 -10.03 15.11
C LEU B 293 -35.07 -8.80 16.00
N ASP B 294 -33.99 -8.33 16.60
CA ASP B 294 -34.04 -7.34 17.65
C ASP B 294 -32.85 -6.38 17.53
N PRO B 295 -32.80 -5.30 18.32
CA PRO B 295 -31.53 -4.58 18.45
C PRO B 295 -30.59 -5.29 19.41
N LEU B 296 -31.17 -5.90 20.45
CA LEU B 296 -30.36 -6.64 21.41
C LEU B 296 -29.68 -7.83 20.72
N SER B 297 -30.39 -8.50 19.83
CA SER B 297 -29.77 -9.57 19.05
C SER B 297 -28.67 -9.04 18.16
N GLU B 298 -28.83 -7.84 17.60
CA GLU B 298 -27.77 -7.25 16.81
C GLU B 298 -26.52 -7.01 17.65
N THR B 299 -26.68 -6.49 18.86
CA THR B 299 -25.52 -6.30 19.71
C THR B 299 -24.89 -7.64 20.07
N LYS B 300 -25.72 -8.65 20.35
CA LYS B 300 -25.19 -9.98 20.64
C LYS B 300 -24.35 -10.50 19.49
N CYS B 301 -24.78 -10.24 18.25
CA CYS B 301 -24.05 -10.74 17.09
C CYS B 301 -22.76 -9.97 16.86
N THR B 302 -22.78 -8.65 17.04
CA THR B 302 -21.55 -7.89 16.83
C THR B 302 -20.53 -8.15 17.95
N LEU B 303 -20.99 -8.47 19.15
CA LEU B 303 -20.07 -8.81 20.23
C LEU B 303 -19.66 -10.26 20.23
N LYS B 304 -20.30 -11.11 19.43
CA LYS B 304 -20.00 -12.54 19.36
C LYS B 304 -20.08 -13.21 20.74
N SER B 305 -21.17 -12.94 21.44
CA SER B 305 -21.41 -13.58 22.72
C SER B 305 -22.90 -13.59 23.00
N PHE B 306 -23.29 -14.31 24.04
CA PHE B 306 -24.68 -14.41 24.46
C PHE B 306 -24.99 -13.56 25.69
N THR B 307 -23.99 -12.94 26.29
CA THR B 307 -24.18 -12.03 27.42
C THR B 307 -23.45 -10.73 27.13
N VAL B 308 -24.08 -9.61 27.48
CA VAL B 308 -23.50 -8.30 27.27
C VAL B 308 -23.51 -7.54 28.59
N GLU B 309 -22.54 -6.66 28.76
CA GLU B 309 -22.40 -5.87 29.98
C GLU B 309 -23.04 -4.51 29.80
N LYS B 310 -23.20 -3.80 30.92
CA LYS B 310 -23.69 -2.43 30.89
C LYS B 310 -22.82 -1.58 29.98
N GLY B 311 -23.44 -0.82 29.10
CA GLY B 311 -22.69 0.04 28.21
C GLY B 311 -23.53 0.44 27.02
N ILE B 312 -22.85 1.08 26.07
CA ILE B 312 -23.44 1.52 24.82
C ILE B 312 -22.57 1.03 23.68
N TYR B 313 -23.18 0.44 22.66
CA TYR B 313 -22.44 -0.20 21.58
C TYR B 313 -22.94 0.31 20.24
N GLN B 314 -22.02 0.44 19.29
CA GLN B 314 -22.34 0.90 17.95
C GLN B 314 -22.50 -0.33 17.06
N THR B 315 -23.72 -0.55 16.57
CA THR B 315 -24.05 -1.80 15.90
C THR B 315 -24.19 -1.68 14.38
N SER B 316 -24.64 -0.56 13.86
CA SER B 316 -24.81 -0.44 12.41
C SER B 316 -25.02 1.04 12.08
N ASN B 317 -25.28 1.29 10.80
CA ASN B 317 -25.53 2.61 10.26
C ASN B 317 -26.95 2.67 9.71
N PHE B 318 -27.36 3.88 9.35
CA PHE B 318 -28.65 4.10 8.72
C PHE B 318 -28.55 5.24 7.73
N ARG B 319 -29.42 5.19 6.72
CA ARG B 319 -29.36 6.09 5.58
C ARG B 319 -30.78 6.40 5.13
N VAL B 320 -31.11 7.69 5.00
CA VAL B 320 -32.36 8.06 4.37
C VAL B 320 -32.28 7.77 2.87
N GLN B 321 -33.43 7.45 2.28
CA GLN B 321 -33.46 7.00 0.90
C GLN B 321 -34.26 7.95 0.02
N PRO B 322 -33.90 8.09 -1.25
CA PRO B 322 -34.62 9.01 -2.14
C PRO B 322 -35.84 8.39 -2.79
N THR B 323 -36.82 9.25 -3.09
CA THR B 323 -38.11 8.80 -3.60
C THR B 323 -38.44 9.31 -5.00
N GLU B 324 -38.42 10.63 -5.23
CA GLU B 324 -39.16 11.20 -6.37
C GLU B 324 -38.44 11.04 -7.70
N SER B 325 -37.14 11.35 -7.75
CA SER B 325 -36.35 11.33 -8.98
C SER B 325 -36.89 12.30 -10.04
N ILE B 326 -36.77 13.59 -9.71
CA ILE B 326 -37.23 14.65 -10.61
C ILE B 326 -36.15 14.96 -11.65
N VAL B 327 -36.56 15.66 -12.71
CA VAL B 327 -35.69 16.09 -13.81
C VAL B 327 -36.21 17.44 -14.32
N ARG B 328 -35.29 18.35 -14.64
CA ARG B 328 -35.71 19.73 -14.92
C ARG B 328 -34.73 20.39 -15.88
N PHE B 329 -35.23 20.79 -17.07
CA PHE B 329 -34.44 21.39 -18.16
C PHE B 329 -34.90 22.80 -18.57
N PRO B 330 -34.18 23.48 -19.48
CA PRO B 330 -34.49 24.88 -19.79
C PRO B 330 -35.92 25.13 -20.27
N ASN B 331 -36.37 26.37 -20.00
CA ASN B 331 -37.74 26.79 -20.26
C ASN B 331 -38.02 26.95 -21.75
N ILE B 332 -37.12 27.63 -22.46
CA ILE B 332 -37.45 28.24 -23.74
C ILE B 332 -37.99 27.21 -24.72
N THR B 333 -37.14 26.28 -25.15
CA THR B 333 -37.51 25.13 -25.97
C THR B 333 -38.57 25.44 -27.03
N ASN B 334 -38.49 26.59 -27.70
CA ASN B 334 -39.44 26.89 -28.77
C ASN B 334 -38.75 27.72 -29.85
N LEU B 335 -38.20 27.03 -30.84
CA LEU B 335 -37.62 27.61 -32.04
C LEU B 335 -37.39 26.50 -33.04
N CYS B 336 -36.60 26.76 -34.09
CA CYS B 336 -36.37 25.81 -35.18
C CYS B 336 -37.70 25.55 -35.89
N PRO B 337 -38.19 26.52 -36.65
CA PRO B 337 -39.49 26.35 -37.32
C PRO B 337 -39.50 25.07 -38.15
N PHE B 338 -40.63 24.36 -38.08
CA PHE B 338 -40.74 23.06 -38.71
C PHE B 338 -41.78 23.01 -39.81
N GLY B 339 -42.79 23.88 -39.78
CA GLY B 339 -43.73 23.95 -40.89
C GLY B 339 -43.05 24.25 -42.20
N GLU B 340 -42.05 25.14 -42.19
CA GLU B 340 -41.28 25.43 -43.40
C GLU B 340 -40.47 24.23 -43.88
N VAL B 341 -40.19 23.25 -43.01
CA VAL B 341 -39.42 22.08 -43.39
C VAL B 341 -40.23 20.80 -43.32
N PHE B 342 -41.41 20.80 -42.69
CA PHE B 342 -42.27 19.63 -42.64
C PHE B 342 -43.57 19.83 -43.41
N ASN B 343 -44.33 20.89 -43.09
CA ASN B 343 -45.67 21.06 -43.60
C ASN B 343 -45.80 22.23 -44.56
N ALA B 344 -44.68 22.74 -45.09
CA ALA B 344 -44.74 23.85 -46.02
C ALA B 344 -45.50 23.45 -47.28
N THR B 345 -46.31 24.38 -47.79
CA THR B 345 -47.12 24.11 -48.96
C THR B 345 -46.29 24.01 -50.24
N ARG B 346 -45.02 24.40 -50.21
CA ARG B 346 -44.14 24.30 -51.36
C ARG B 346 -42.85 23.59 -50.97
N PHE B 347 -42.53 22.52 -51.69
CA PHE B 347 -41.30 21.78 -51.47
C PHE B 347 -40.70 21.39 -52.81
N ALA B 348 -39.39 21.12 -52.80
CA ALA B 348 -38.63 20.92 -54.03
C ALA B 348 -38.74 19.45 -54.47
N SER B 349 -37.90 19.07 -55.44
CA SER B 349 -37.94 17.75 -56.05
C SER B 349 -36.66 17.00 -55.75
N VAL B 350 -36.51 15.83 -56.37
CA VAL B 350 -35.34 14.99 -56.12
C VAL B 350 -34.17 15.33 -57.03
N TYR B 351 -34.39 16.13 -58.07
CA TYR B 351 -33.29 16.51 -58.95
C TYR B 351 -32.59 17.78 -58.52
N ALA B 352 -33.29 18.69 -57.86
CA ALA B 352 -32.74 19.96 -57.39
C ALA B 352 -33.07 20.17 -55.93
N TRP B 353 -32.93 19.12 -55.12
CA TRP B 353 -33.26 19.20 -53.71
C TRP B 353 -32.27 20.06 -52.96
N ASN B 354 -32.77 20.76 -51.95
CA ASN B 354 -31.93 21.52 -51.05
C ASN B 354 -31.60 20.70 -49.81
N ARG B 355 -30.52 21.10 -49.13
CA ARG B 355 -30.10 20.45 -47.89
C ARG B 355 -29.76 21.54 -46.88
N LYS B 356 -30.77 21.98 -46.13
CA LYS B 356 -30.58 22.96 -45.07
C LYS B 356 -29.85 22.33 -43.90
N ARG B 357 -29.47 23.16 -42.92
CA ARG B 357 -28.78 22.69 -41.73
C ARG B 357 -29.81 22.43 -40.64
N ILE B 358 -29.81 21.20 -40.11
CA ILE B 358 -30.74 20.81 -39.06
C ILE B 358 -29.91 20.56 -37.80
N SER B 359 -29.77 21.60 -36.99
CA SER B 359 -29.07 21.59 -35.72
C SER B 359 -29.23 22.99 -35.12
N ASN B 360 -28.74 23.15 -33.90
CA ASN B 360 -28.77 24.45 -33.21
C ASN B 360 -30.20 24.99 -33.11
N CYS B 361 -31.13 24.09 -32.86
CA CYS B 361 -32.53 24.48 -32.77
C CYS B 361 -33.33 23.33 -32.16
N VAL B 362 -34.39 23.68 -31.43
CA VAL B 362 -35.17 22.70 -30.68
C VAL B 362 -35.93 21.81 -31.64
N ALA B 363 -35.73 20.50 -31.51
CA ALA B 363 -36.40 19.50 -32.34
C ALA B 363 -36.90 18.38 -31.42
N ASP B 364 -38.14 18.53 -30.94
CA ASP B 364 -38.78 17.50 -30.13
C ASP B 364 -39.64 16.65 -31.06
N TYR B 365 -39.03 15.62 -31.66
CA TYR B 365 -39.67 14.85 -32.71
C TYR B 365 -40.92 14.12 -32.25
N SER B 366 -41.26 14.20 -30.95
CA SER B 366 -42.58 13.78 -30.52
C SER B 366 -43.67 14.59 -31.21
N VAL B 367 -43.33 15.78 -31.71
CA VAL B 367 -44.24 16.58 -32.51
C VAL B 367 -44.68 15.86 -33.78
N LEU B 368 -44.05 14.73 -34.11
CA LEU B 368 -44.50 13.91 -35.21
C LEU B 368 -45.31 12.71 -34.76
N TYR B 369 -45.10 12.25 -33.52
CA TYR B 369 -45.61 10.95 -33.11
C TYR B 369 -47.08 10.99 -32.71
N ASN B 370 -47.66 12.19 -32.58
CA ASN B 370 -49.10 12.34 -32.48
C ASN B 370 -49.74 12.61 -33.82
N SER B 371 -48.99 12.48 -34.92
CA SER B 371 -49.52 12.81 -36.24
C SER B 371 -50.68 11.89 -36.60
N ALA B 372 -50.47 10.58 -36.53
CA ALA B 372 -51.50 9.58 -36.82
C ALA B 372 -52.11 9.76 -38.21
N SER B 373 -51.46 10.55 -39.05
CA SER B 373 -51.92 10.79 -40.41
C SER B 373 -50.86 10.46 -41.45
N PHE B 374 -49.67 10.05 -41.02
CA PHE B 374 -48.61 9.65 -41.94
C PHE B 374 -49.00 8.36 -42.66
N SER B 375 -48.16 7.97 -43.59
CA SER B 375 -48.33 6.68 -44.25
C SER B 375 -47.07 5.84 -44.23
N THR B 376 -45.90 6.46 -44.37
CA THR B 376 -44.62 5.75 -44.46
C THR B 376 -43.57 6.45 -43.59
N PHE B 377 -43.89 6.64 -42.32
CA PHE B 377 -42.87 7.00 -41.34
C PHE B 377 -41.94 5.81 -41.15
N LYS B 378 -40.69 5.92 -41.60
CA LYS B 378 -39.70 4.88 -41.36
C LYS B 378 -38.44 5.55 -40.84
N CYS B 379 -37.70 4.80 -40.02
CA CYS B 379 -36.45 5.32 -39.46
C CYS B 379 -35.38 4.24 -39.53
N TYR B 380 -34.17 4.65 -39.88
CA TYR B 380 -33.08 3.74 -40.17
C TYR B 380 -31.86 4.15 -39.37
N GLY B 381 -31.08 3.17 -38.92
CA GLY B 381 -30.05 3.41 -37.94
C GLY B 381 -30.59 3.81 -36.57
N VAL B 382 -31.90 3.99 -36.44
CA VAL B 382 -32.51 4.39 -35.18
C VAL B 382 -33.99 4.04 -35.27
N SER B 383 -34.57 3.70 -34.12
CA SER B 383 -36.00 3.51 -34.04
C SER B 383 -36.70 4.86 -33.89
N PRO B 384 -37.98 4.95 -34.23
CA PRO B 384 -38.69 6.22 -34.01
C PRO B 384 -38.64 6.70 -32.57
N THR B 385 -38.72 5.78 -31.61
CA THR B 385 -38.67 6.18 -30.20
C THR B 385 -37.30 6.73 -29.83
N LYS B 386 -36.24 5.99 -30.13
CA LYS B 386 -34.91 6.29 -29.61
C LYS B 386 -34.14 7.30 -30.46
N LEU B 387 -34.83 8.07 -31.29
CA LEU B 387 -34.25 9.27 -31.89
C LEU B 387 -34.64 10.52 -31.12
N ASN B 388 -35.29 10.37 -29.98
CA ASN B 388 -35.68 11.47 -29.11
C ASN B 388 -34.70 11.66 -27.95
N ASP B 389 -34.44 10.58 -27.21
CA ASP B 389 -33.44 10.64 -26.14
C ASP B 389 -32.06 10.97 -26.71
N LEU B 390 -31.69 10.33 -27.82
CA LEU B 390 -30.42 10.61 -28.49
C LEU B 390 -30.70 10.89 -29.95
N CYS B 391 -30.16 12.01 -30.45
CA CYS B 391 -30.22 12.35 -31.86
C CYS B 391 -29.09 13.35 -32.14
N PHE B 392 -28.50 13.22 -33.32
CA PHE B 392 -27.18 13.80 -33.57
C PHE B 392 -27.29 15.22 -34.10
N THR B 393 -26.16 15.76 -34.52
CA THR B 393 -26.08 17.00 -35.29
C THR B 393 -25.84 16.65 -36.75
N ASN B 394 -25.70 17.67 -37.59
CA ASN B 394 -25.50 17.48 -39.02
C ASN B 394 -26.61 16.62 -39.61
N VAL B 395 -27.84 16.96 -39.24
CA VAL B 395 -29.00 16.10 -39.50
C VAL B 395 -29.77 16.76 -40.64
N TYR B 396 -29.03 17.40 -41.53
CA TYR B 396 -29.56 18.13 -42.67
C TYR B 396 -30.77 17.43 -43.27
N ALA B 397 -31.90 18.13 -43.32
CA ALA B 397 -33.16 17.56 -43.76
C ALA B 397 -33.39 17.84 -45.24
N ASP B 398 -33.97 16.86 -45.93
CA ASP B 398 -34.37 17.01 -47.32
C ASP B 398 -35.86 16.70 -47.41
N SER B 399 -36.67 17.72 -47.65
CA SER B 399 -38.10 17.54 -47.84
C SER B 399 -38.40 17.61 -49.33
N PHE B 400 -38.93 16.52 -49.87
CA PHE B 400 -39.13 16.42 -51.31
C PHE B 400 -40.26 15.43 -51.58
N VAL B 401 -40.40 15.03 -52.84
CA VAL B 401 -41.50 14.19 -53.29
C VAL B 401 -40.94 12.99 -54.04
N ILE B 402 -41.48 11.80 -53.73
CA ILE B 402 -41.06 10.57 -54.41
C ILE B 402 -42.30 9.82 -54.88
N ARG B 403 -42.09 8.96 -55.89
CA ARG B 403 -43.17 8.15 -56.43
C ARG B 403 -43.50 7.00 -55.47
N GLY B 404 -44.78 6.66 -55.39
CA GLY B 404 -45.24 5.64 -54.46
C GLY B 404 -44.72 4.25 -54.75
N ASP B 405 -44.24 4.01 -55.98
CA ASP B 405 -43.57 2.77 -56.31
C ASP B 405 -42.08 2.81 -55.99
N GLU B 406 -41.58 3.95 -55.52
CA GLU B 406 -40.18 4.13 -55.14
C GLU B 406 -40.03 4.48 -53.66
N VAL B 407 -41.05 4.17 -52.84
CA VAL B 407 -40.98 4.47 -51.42
C VAL B 407 -39.89 3.63 -50.76
N ARG B 408 -39.81 2.34 -51.13
CA ARG B 408 -38.70 1.51 -50.71
C ARG B 408 -37.38 2.09 -51.18
N GLN B 409 -37.42 2.82 -52.29
CA GLN B 409 -36.21 3.38 -52.89
C GLN B 409 -35.41 4.20 -51.87
N ILE B 410 -36.09 5.07 -51.13
CA ILE B 410 -35.41 6.00 -50.21
C ILE B 410 -35.20 5.22 -48.92
N ALA B 411 -34.14 4.42 -48.90
CA ALA B 411 -33.84 3.50 -47.81
C ALA B 411 -32.44 2.96 -48.03
N PRO B 412 -31.78 2.44 -46.99
CA PRO B 412 -30.41 1.93 -47.16
C PRO B 412 -30.38 0.67 -48.00
N GLY B 413 -29.37 0.58 -48.85
CA GLY B 413 -29.14 -0.60 -49.66
C GLY B 413 -30.21 -0.88 -50.70
N GLN B 414 -31.29 -0.10 -50.68
CA GLN B 414 -32.42 -0.31 -51.59
C GLN B 414 -32.14 0.50 -52.85
N THR B 415 -31.43 -0.12 -53.79
CA THR B 415 -31.00 0.54 -55.01
C THR B 415 -32.19 0.73 -55.96
N GLY B 416 -31.93 1.26 -57.14
CA GLY B 416 -32.99 1.57 -58.07
C GLY B 416 -32.69 2.72 -59.00
N LYS B 417 -33.55 3.73 -59.01
CA LYS B 417 -33.39 4.90 -59.89
C LYS B 417 -33.34 6.21 -59.13
N ILE B 418 -34.11 6.37 -58.06
CA ILE B 418 -34.04 7.61 -57.28
C ILE B 418 -32.87 7.56 -56.32
N ALA B 419 -32.74 6.48 -55.55
CA ALA B 419 -31.61 6.35 -54.63
C ALA B 419 -30.39 5.73 -55.30
N ASP B 420 -30.37 5.63 -56.62
CA ASP B 420 -29.20 5.14 -57.33
C ASP B 420 -28.77 6.04 -58.48
N TYR B 421 -29.70 6.80 -59.07
CA TYR B 421 -29.38 7.77 -60.11
C TYR B 421 -29.80 9.20 -59.78
N ASN B 422 -30.62 9.42 -58.74
CA ASN B 422 -31.11 10.75 -58.40
C ASN B 422 -30.56 11.24 -57.06
N TYR B 423 -30.79 10.49 -55.98
CA TYR B 423 -30.41 10.93 -54.64
C TYR B 423 -30.15 9.68 -53.81
N LYS B 424 -28.88 9.29 -53.70
CA LYS B 424 -28.50 8.04 -53.06
C LYS B 424 -28.38 8.22 -51.55
N LEU B 425 -29.18 7.44 -50.79
CA LEU B 425 -28.94 7.36 -49.36
C LEU B 425 -27.71 6.50 -49.08
N PRO B 426 -27.05 6.70 -47.94
CA PRO B 426 -25.83 5.95 -47.65
C PRO B 426 -26.13 4.57 -47.10
N ASP B 427 -25.10 3.72 -47.14
CA ASP B 427 -25.20 2.39 -46.54
C ASP B 427 -25.16 2.49 -45.02
N ASP B 428 -25.84 1.55 -44.37
CA ASP B 428 -26.03 1.57 -42.92
C ASP B 428 -26.64 2.90 -42.50
N PHE B 429 -27.64 3.35 -43.28
CA PHE B 429 -28.21 4.68 -43.17
C PHE B 429 -28.74 4.96 -41.77
N THR B 430 -28.09 5.87 -41.06
CA THR B 430 -28.53 6.27 -39.72
C THR B 430 -29.39 7.53 -39.80
N GLY B 431 -30.55 7.38 -40.43
CA GLY B 431 -31.45 8.50 -40.62
C GLY B 431 -32.89 8.02 -40.79
N CYS B 432 -33.79 9.00 -40.88
CA CYS B 432 -35.21 8.75 -40.96
C CYS B 432 -35.77 9.23 -42.28
N VAL B 433 -36.63 8.41 -42.88
CA VAL B 433 -37.34 8.74 -44.10
C VAL B 433 -38.83 8.74 -43.73
N ILE B 434 -39.38 9.93 -43.50
CA ILE B 434 -40.78 10.08 -43.19
C ILE B 434 -41.46 10.47 -44.50
N ALA B 435 -41.85 9.48 -45.28
CA ALA B 435 -42.76 9.70 -46.40
C ALA B 435 -44.18 9.61 -45.87
N TRP B 436 -45.06 10.44 -46.42
CA TRP B 436 -46.44 10.42 -45.98
C TRP B 436 -47.35 11.02 -47.03
N ASN B 437 -48.65 10.84 -46.78
CA ASN B 437 -49.73 11.17 -47.69
C ASN B 437 -49.93 12.68 -47.70
N SER B 438 -49.41 13.33 -48.73
CA SER B 438 -49.62 14.75 -48.97
C SER B 438 -50.53 14.99 -50.16
N ASN B 439 -51.43 14.04 -50.45
CA ASN B 439 -52.26 14.10 -51.64
C ASN B 439 -53.11 15.36 -51.70
N ASN B 440 -53.39 15.97 -50.54
CA ASN B 440 -54.11 17.24 -50.52
C ASN B 440 -53.32 18.38 -51.17
N LEU B 441 -51.99 18.26 -51.28
CA LEU B 441 -51.24 19.26 -52.03
C LEU B 441 -50.30 18.60 -53.04
N ASP B 442 -49.86 17.37 -52.76
CA ASP B 442 -49.07 16.62 -53.73
C ASP B 442 -49.99 16.01 -54.80
N SER B 443 -50.69 16.91 -55.50
CA SER B 443 -51.65 16.52 -56.51
C SER B 443 -52.09 17.76 -57.27
N LYS B 444 -52.29 17.61 -58.57
CA LYS B 444 -52.91 18.65 -59.38
C LYS B 444 -53.57 17.98 -60.58
N VAL B 445 -54.73 18.51 -60.97
CA VAL B 445 -55.50 17.91 -62.06
C VAL B 445 -54.71 18.00 -63.35
N GLY B 446 -54.82 16.96 -64.18
CA GLY B 446 -54.15 16.90 -65.47
C GLY B 446 -52.72 16.39 -65.41
N GLY B 447 -52.27 15.88 -64.27
CA GLY B 447 -50.90 15.40 -64.14
C GLY B 447 -50.11 16.34 -63.27
N ASN B 448 -49.32 15.77 -62.36
CA ASN B 448 -48.58 16.54 -61.37
C ASN B 448 -47.36 17.21 -61.99
N TYR B 449 -47.62 18.14 -62.92
CA TYR B 449 -46.57 18.88 -63.60
C TYR B 449 -45.98 19.95 -62.67
N ASN B 450 -45.43 19.47 -61.55
CA ASN B 450 -44.89 20.35 -60.52
C ASN B 450 -43.46 19.95 -60.17
N TYR B 451 -43.18 18.65 -60.22
CA TYR B 451 -41.91 18.10 -59.74
C TYR B 451 -41.24 17.31 -60.85
N LEU B 452 -39.91 17.34 -60.88
CA LEU B 452 -39.13 16.65 -61.89
C LEU B 452 -38.14 15.69 -61.24
N TYR B 453 -37.54 14.85 -62.07
CA TYR B 453 -36.67 13.77 -61.60
C TYR B 453 -35.75 13.35 -62.74
N ARG B 454 -34.87 12.41 -62.44
CA ARG B 454 -33.91 11.87 -63.41
C ARG B 454 -34.11 10.37 -63.55
N LEU B 455 -34.11 9.90 -64.82
CA LEU B 455 -34.22 8.48 -65.11
C LEU B 455 -32.95 7.96 -65.79
N PHE B 456 -32.52 8.58 -66.88
CA PHE B 456 -31.37 8.11 -67.66
C PHE B 456 -30.11 8.79 -67.16
N ARG B 457 -29.37 8.09 -66.30
CA ARG B 457 -28.07 8.56 -65.83
C ARG B 457 -27.01 7.53 -66.21
N LYS B 458 -25.76 7.98 -66.28
CA LYS B 458 -24.66 7.16 -66.75
C LYS B 458 -23.74 6.67 -65.65
N SER B 459 -23.44 7.51 -64.66
CA SER B 459 -22.53 7.16 -63.58
C SER B 459 -23.33 6.87 -62.32
N ASN B 460 -23.06 5.71 -61.72
CA ASN B 460 -23.75 5.33 -60.50
C ASN B 460 -23.44 6.31 -59.37
N LEU B 461 -24.48 6.69 -58.64
CA LEU B 461 -24.34 7.72 -57.61
C LEU B 461 -23.44 7.25 -56.48
N LYS B 462 -22.81 8.23 -55.85
CA LYS B 462 -22.23 8.14 -54.52
C LYS B 462 -23.33 8.41 -53.50
N PRO B 463 -23.21 7.90 -52.27
CA PRO B 463 -24.19 8.25 -51.24
C PRO B 463 -24.27 9.76 -51.03
N PHE B 464 -25.48 10.24 -50.79
CA PHE B 464 -25.76 11.66 -50.56
C PHE B 464 -25.29 12.52 -51.73
N GLU B 465 -25.60 12.08 -52.94
CA GLU B 465 -25.18 12.76 -54.15
C GLU B 465 -26.34 13.55 -54.75
N ARG B 466 -26.07 14.81 -55.09
CA ARG B 466 -26.93 15.60 -55.96
C ARG B 466 -26.14 15.96 -57.21
N ASP B 467 -26.71 15.68 -58.37
CA ASP B 467 -26.08 15.96 -59.66
C ASP B 467 -26.94 16.98 -60.40
N ILE B 468 -26.64 18.26 -60.18
CA ILE B 468 -27.36 19.34 -60.84
C ILE B 468 -26.90 19.42 -62.29
N SER B 469 -27.69 18.85 -63.19
CA SER B 469 -27.36 18.80 -64.61
C SER B 469 -28.59 18.33 -65.39
N THR B 470 -28.71 18.83 -66.61
CA THR B 470 -29.78 18.44 -67.53
C THR B 470 -29.26 17.50 -68.61
N GLU B 471 -28.37 16.59 -68.24
CA GLU B 471 -27.66 15.77 -69.21
C GLU B 471 -28.57 14.67 -69.76
N ILE B 472 -28.72 14.65 -71.07
CA ILE B 472 -29.50 13.64 -71.77
C ILE B 472 -28.66 12.40 -72.01
N TYR B 473 -29.29 11.30 -72.40
CA TYR B 473 -28.61 10.04 -72.63
C TYR B 473 -28.01 9.97 -74.04
N GLN B 474 -27.12 9.01 -74.22
CA GLN B 474 -26.53 8.69 -75.52
C GLN B 474 -26.81 7.21 -75.77
N ALA B 475 -27.98 6.92 -76.34
CA ALA B 475 -28.39 5.53 -76.54
C ALA B 475 -27.48 4.83 -77.55
N GLY B 476 -27.28 5.45 -78.70
CA GLY B 476 -26.35 4.91 -79.68
C GLY B 476 -24.95 5.42 -79.45
N SER B 477 -24.33 5.97 -80.49
CA SER B 477 -23.01 6.58 -80.34
C SER B 477 -22.88 7.93 -81.01
N THR B 478 -23.79 8.32 -81.90
CA THR B 478 -23.76 9.66 -82.48
C THR B 478 -24.17 10.67 -81.41
N PRO B 479 -23.35 11.66 -81.09
CA PRO B 479 -23.69 12.58 -80.00
C PRO B 479 -24.97 13.37 -80.29
N CYS B 480 -25.77 13.57 -79.25
CA CYS B 480 -26.89 14.50 -79.31
C CYS B 480 -26.34 15.91 -79.17
N ASN B 481 -26.68 16.79 -80.12
CA ASN B 481 -26.16 18.15 -80.13
C ASN B 481 -27.15 19.17 -79.57
N GLY B 482 -27.95 18.78 -78.58
CA GLY B 482 -28.93 19.66 -77.97
C GLY B 482 -30.35 19.45 -78.45
N VAL B 483 -30.53 18.94 -79.66
CA VAL B 483 -31.85 18.70 -80.23
C VAL B 483 -32.30 17.30 -79.82
N GLU B 484 -33.45 17.22 -79.17
CA GLU B 484 -34.00 15.93 -78.77
C GLU B 484 -34.39 15.12 -80.01
N GLY B 485 -34.18 13.80 -79.93
CA GLY B 485 -34.49 12.93 -81.04
C GLY B 485 -35.05 11.58 -80.60
N PHE B 486 -34.67 10.53 -81.30
CA PHE B 486 -35.14 9.18 -80.99
C PHE B 486 -34.30 8.49 -79.93
N ASN B 487 -33.18 9.08 -79.52
CA ASN B 487 -32.26 8.41 -78.60
C ASN B 487 -31.67 9.32 -77.54
N CYS B 488 -32.05 10.60 -77.48
CA CYS B 488 -31.42 11.51 -76.53
C CYS B 488 -31.89 11.24 -75.10
N TYR B 489 -33.18 10.99 -74.91
CA TYR B 489 -33.75 10.56 -73.63
C TYR B 489 -33.45 11.57 -72.51
N PHE B 490 -34.06 12.75 -72.64
CA PHE B 490 -33.96 13.78 -71.61
C PHE B 490 -34.57 13.26 -70.31
N PRO B 491 -33.78 13.16 -69.24
CA PRO B 491 -34.30 12.57 -67.99
C PRO B 491 -35.15 13.54 -67.18
N LEU B 492 -34.81 14.83 -67.19
CA LEU B 492 -35.52 15.77 -66.34
C LEU B 492 -36.90 16.09 -66.89
N GLN B 493 -37.87 15.27 -66.52
CA GLN B 493 -39.24 15.38 -67.02
C GLN B 493 -40.19 15.53 -65.83
N SER B 494 -41.16 16.42 -65.98
CA SER B 494 -42.07 16.71 -64.88
C SER B 494 -42.92 15.50 -64.54
N TYR B 495 -43.24 15.36 -63.25
CA TYR B 495 -44.07 14.25 -62.80
C TYR B 495 -45.40 14.25 -63.55
N GLY B 496 -45.84 13.08 -63.97
CA GLY B 496 -47.21 12.98 -64.43
C GLY B 496 -48.06 12.17 -63.48
N PHE B 497 -48.83 12.87 -62.63
CA PHE B 497 -49.68 12.25 -61.62
C PHE B 497 -50.95 13.05 -61.50
N GLN B 498 -52.07 12.45 -61.87
CA GLN B 498 -53.35 13.04 -61.55
C GLN B 498 -53.78 12.60 -60.16
N PRO B 499 -54.75 13.29 -59.55
CA PRO B 499 -55.31 12.81 -58.27
C PRO B 499 -56.00 11.46 -58.42
N THR B 500 -56.05 10.94 -59.65
CA THR B 500 -56.58 9.62 -59.93
C THR B 500 -55.50 8.58 -60.14
N ASN B 501 -54.24 8.91 -59.86
CA ASN B 501 -53.16 7.94 -59.98
C ASN B 501 -53.22 6.94 -58.82
N GLY B 502 -52.50 5.83 -58.99
CA GLY B 502 -52.47 4.79 -57.99
C GLY B 502 -51.56 5.11 -56.83
N VAL B 503 -51.53 4.20 -55.86
CA VAL B 503 -50.65 4.36 -54.71
C VAL B 503 -49.19 4.31 -55.14
N GLY B 504 -48.87 3.46 -56.11
CA GLY B 504 -47.51 3.38 -56.61
C GLY B 504 -47.08 4.63 -57.37
N TYR B 505 -48.03 5.33 -57.98
CA TYR B 505 -47.76 6.59 -58.64
C TYR B 505 -48.24 7.79 -57.82
N GLN B 506 -48.63 7.59 -56.58
CA GLN B 506 -49.00 8.70 -55.71
C GLN B 506 -47.76 9.47 -55.29
N PRO B 507 -47.65 10.76 -55.61
CA PRO B 507 -46.54 11.56 -55.09
C PRO B 507 -46.62 11.66 -53.58
N TYR B 508 -45.62 11.08 -52.91
CA TYR B 508 -45.55 11.03 -51.45
C TYR B 508 -44.52 12.05 -50.98
N ARG B 509 -44.88 12.81 -49.94
CA ARG B 509 -43.98 13.84 -49.41
C ARG B 509 -43.10 13.20 -48.34
N VAL B 510 -41.79 13.26 -48.55
CA VAL B 510 -40.85 12.60 -47.65
C VAL B 510 -39.86 13.63 -47.12
N VAL B 511 -39.70 13.68 -45.81
CA VAL B 511 -38.62 14.39 -45.15
C VAL B 511 -37.58 13.38 -44.71
N VAL B 512 -36.34 13.60 -45.13
CA VAL B 512 -35.23 12.69 -44.85
C VAL B 512 -34.26 13.41 -43.94
N LEU B 513 -34.09 12.88 -42.73
CA LEU B 513 -33.07 13.32 -41.78
C LEU B 513 -31.91 12.34 -41.83
N SER B 514 -30.69 12.87 -41.74
CA SER B 514 -29.48 12.06 -41.77
C SER B 514 -28.67 12.33 -40.51
N PHE B 515 -28.69 11.37 -39.57
CA PHE B 515 -28.00 11.54 -38.29
C PHE B 515 -26.58 11.01 -38.44
N GLU B 516 -25.75 11.77 -39.14
CA GLU B 516 -24.32 11.48 -39.22
C GLU B 516 -23.56 12.49 -38.37
N LEU B 517 -22.38 12.07 -37.90
CA LEU B 517 -21.63 12.81 -36.89
C LEU B 517 -20.21 13.05 -37.38
N LEU B 518 -20.01 14.15 -38.10
CA LEU B 518 -18.68 14.65 -38.42
C LEU B 518 -18.24 15.62 -37.33
N HIS B 519 -17.17 16.37 -37.59
CA HIS B 519 -16.58 17.19 -36.54
C HIS B 519 -17.39 18.44 -36.20
N ALA B 520 -18.64 18.58 -36.64
CA ALA B 520 -19.45 19.73 -36.22
C ALA B 520 -20.04 19.47 -34.84
N PRO B 521 -20.13 20.50 -33.98
CA PRO B 521 -20.70 20.30 -32.64
C PRO B 521 -22.20 20.51 -32.57
N ALA B 522 -22.73 20.53 -31.34
CA ALA B 522 -24.09 20.97 -31.03
C ALA B 522 -25.16 20.09 -31.68
N THR B 523 -25.20 18.85 -31.21
CA THR B 523 -26.36 18.00 -31.46
C THR B 523 -27.60 18.58 -30.77
N VAL B 524 -28.77 18.33 -31.37
CA VAL B 524 -30.02 18.87 -30.83
C VAL B 524 -31.07 17.77 -30.84
N CYS B 525 -31.61 17.47 -29.65
CA CYS B 525 -32.83 16.71 -29.45
C CYS B 525 -33.87 17.63 -28.82
N GLY B 526 -35.02 17.06 -28.47
CA GLY B 526 -36.09 17.85 -27.89
C GLY B 526 -36.00 17.98 -26.39
N PRO B 527 -36.82 18.87 -25.82
CA PRO B 527 -36.87 19.00 -24.36
C PRO B 527 -37.31 17.69 -23.73
N LYS B 528 -36.74 17.38 -22.57
CA LYS B 528 -36.92 16.08 -21.93
C LYS B 528 -37.79 16.23 -20.68
N LYS B 529 -39.08 15.93 -20.85
CA LYS B 529 -39.96 15.48 -19.78
C LYS B 529 -40.36 16.57 -18.79
N SER B 530 -39.65 17.70 -18.81
CA SER B 530 -40.03 18.92 -18.09
C SER B 530 -40.71 18.67 -16.76
N THR B 531 -40.16 17.77 -15.94
CA THR B 531 -40.87 17.35 -14.74
C THR B 531 -40.91 18.48 -13.71
N ASN B 532 -41.70 18.27 -12.67
CA ASN B 532 -41.82 19.26 -11.61
C ASN B 532 -40.68 19.10 -10.61
N LEU B 533 -40.51 20.11 -9.77
CA LEU B 533 -39.48 20.10 -8.74
C LEU B 533 -40.13 20.03 -7.36
N VAL B 534 -39.67 19.08 -6.55
CA VAL B 534 -40.18 18.89 -5.21
C VAL B 534 -39.18 19.45 -4.21
N LYS B 535 -39.67 19.78 -3.02
CA LYS B 535 -38.85 20.42 -2.01
C LYS B 535 -38.98 19.69 -0.69
N ASN B 536 -37.89 19.71 0.08
CA ASN B 536 -37.84 19.16 1.43
C ASN B 536 -38.04 17.65 1.46
N LYS B 537 -37.49 16.94 0.48
CA LYS B 537 -37.52 15.49 0.43
C LYS B 537 -36.21 15.00 -0.15
N CYS B 538 -35.58 14.00 0.48
CA CYS B 538 -34.41 13.40 -0.12
C CYS B 538 -34.80 12.82 -1.47
N VAL B 539 -34.27 13.40 -2.54
CA VAL B 539 -34.61 13.03 -3.90
C VAL B 539 -33.34 13.13 -4.73
N ASN B 540 -33.21 12.23 -5.71
CA ASN B 540 -32.15 12.38 -6.70
C ASN B 540 -32.68 13.20 -7.87
N PHE B 541 -31.82 14.06 -8.40
CA PHE B 541 -32.22 15.07 -9.36
C PHE B 541 -31.22 15.12 -10.50
N ASN B 542 -31.70 15.59 -11.65
CA ASN B 542 -30.88 15.77 -12.84
C ASN B 542 -31.31 17.10 -13.46
N PHE B 543 -30.65 18.18 -13.07
CA PHE B 543 -30.87 19.47 -13.70
C PHE B 543 -30.22 19.45 -15.08
N ASN B 544 -30.13 20.60 -15.73
CA ASN B 544 -29.71 20.60 -17.13
C ASN B 544 -28.23 20.28 -17.26
N GLY B 545 -27.86 19.05 -16.90
CA GLY B 545 -26.51 18.58 -17.10
C GLY B 545 -25.86 17.95 -15.89
N LEU B 546 -26.11 18.49 -14.70
CA LEU B 546 -25.53 17.98 -13.48
C LEU B 546 -26.55 17.14 -12.72
N THR B 547 -26.10 16.00 -12.22
CA THR B 547 -26.94 15.06 -11.49
C THR B 547 -26.45 14.92 -10.06
N GLY B 548 -27.38 14.69 -9.14
CA GLY B 548 -27.02 14.54 -7.75
C GLY B 548 -28.16 13.95 -6.96
N THR B 549 -27.97 13.92 -5.64
CA THR B 549 -28.98 13.42 -4.72
C THR B 549 -28.94 14.26 -3.44
N GLY B 550 -30.12 14.61 -2.93
CA GLY B 550 -30.18 15.37 -1.71
C GLY B 550 -31.53 16.05 -1.57
N VAL B 551 -31.53 17.11 -0.76
CA VAL B 551 -32.72 17.85 -0.37
C VAL B 551 -32.57 19.28 -0.82
N LEU B 552 -33.54 19.78 -1.57
CA LEU B 552 -33.55 21.14 -2.08
C LEU B 552 -34.44 22.02 -1.21
N THR B 553 -34.11 23.30 -1.18
CA THR B 553 -34.87 24.25 -0.38
C THR B 553 -34.56 25.66 -0.85
N GLU B 554 -35.31 26.62 -0.32
CA GLU B 554 -35.12 28.02 -0.67
C GLU B 554 -33.76 28.51 -0.18
N SER B 555 -33.31 29.62 -0.76
CA SER B 555 -31.97 30.12 -0.51
C SER B 555 -31.96 31.64 -0.51
N ASN B 556 -30.95 32.20 0.16
CA ASN B 556 -30.76 33.64 0.22
C ASN B 556 -29.56 34.13 -0.58
N LYS B 557 -28.61 33.26 -0.89
CA LYS B 557 -27.47 33.68 -1.70
C LYS B 557 -27.93 34.15 -3.07
N LYS B 558 -27.25 35.18 -3.58
CA LYS B 558 -27.61 35.81 -4.84
C LYS B 558 -26.52 35.52 -5.86
N PHE B 559 -26.91 34.95 -6.99
CA PHE B 559 -25.98 34.63 -8.06
C PHE B 559 -25.69 35.89 -8.87
N LEU B 560 -25.05 35.71 -10.03
CA LEU B 560 -24.88 36.75 -11.01
C LEU B 560 -25.50 36.30 -12.34
N PRO B 561 -26.06 37.22 -13.12
CA PRO B 561 -26.95 36.83 -14.22
C PRO B 561 -26.40 35.78 -15.18
N PHE B 562 -25.11 35.50 -15.14
CA PHE B 562 -24.52 34.48 -15.99
C PHE B 562 -24.15 33.20 -15.27
N GLN B 563 -24.25 33.17 -13.94
CA GLN B 563 -23.81 32.03 -13.16
C GLN B 563 -24.92 31.00 -13.04
N GLN B 564 -24.53 29.73 -13.03
CA GLN B 564 -25.47 28.62 -13.04
C GLN B 564 -25.60 27.93 -11.69
N PHE B 565 -24.50 27.44 -11.13
CA PHE B 565 -24.55 26.72 -9.87
C PHE B 565 -23.41 27.19 -8.98
N GLY B 566 -23.40 26.69 -7.76
CA GLY B 566 -22.45 27.16 -6.76
C GLY B 566 -21.74 26.01 -6.08
N ARG B 567 -20.50 26.29 -5.68
CA ARG B 567 -19.66 25.32 -4.98
C ARG B 567 -19.10 25.96 -3.72
N ASP B 568 -18.64 25.12 -2.81
CA ASP B 568 -18.05 25.55 -1.56
C ASP B 568 -16.56 25.20 -1.56
N ILE B 569 -15.92 25.49 -0.42
CA ILE B 569 -14.60 24.94 -0.18
C ILE B 569 -14.67 23.43 -0.35
N ALA B 570 -13.59 22.85 -0.89
CA ALA B 570 -13.46 21.45 -1.25
C ALA B 570 -14.31 21.08 -2.47
N ASP B 571 -14.92 22.05 -3.13
CA ASP B 571 -15.51 21.87 -4.46
C ASP B 571 -16.60 20.79 -4.47
N THR B 572 -17.68 21.07 -3.75
CA THR B 572 -18.88 20.25 -3.78
C THR B 572 -20.06 21.15 -4.09
N THR B 573 -20.83 20.79 -5.11
CA THR B 573 -21.98 21.60 -5.49
C THR B 573 -22.96 21.72 -4.33
N ASP B 574 -23.38 22.94 -4.02
CA ASP B 574 -24.31 23.14 -2.93
C ASP B 574 -25.45 24.11 -3.24
N ALA B 575 -25.45 24.75 -4.40
CA ALA B 575 -26.56 25.57 -4.84
C ALA B 575 -26.77 25.30 -6.32
N VAL B 576 -27.92 25.76 -6.83
CA VAL B 576 -28.25 25.57 -8.24
C VAL B 576 -29.32 26.57 -8.62
N ARG B 577 -29.40 26.89 -9.91
CA ARG B 577 -30.42 27.77 -10.44
C ARG B 577 -31.26 26.96 -11.43
N ASP B 578 -32.56 26.87 -11.18
CA ASP B 578 -33.40 26.01 -11.99
C ASP B 578 -33.60 26.62 -13.37
N PRO B 579 -33.61 25.80 -14.42
CA PRO B 579 -33.67 26.32 -15.78
C PRO B 579 -35.06 26.77 -16.24
N GLN B 580 -36.03 26.88 -15.33
CA GLN B 580 -37.36 27.35 -15.68
C GLN B 580 -37.67 28.69 -15.03
N THR B 581 -37.60 28.75 -13.71
CA THR B 581 -38.02 29.94 -12.97
C THR B 581 -36.87 30.86 -12.60
N LEU B 582 -35.64 30.52 -12.97
CA LEU B 582 -34.48 31.35 -12.67
C LEU B 582 -34.36 31.61 -11.17
N GLU B 583 -34.56 30.56 -10.39
CA GLU B 583 -34.55 30.64 -8.93
C GLU B 583 -33.40 29.81 -8.38
N ILE B 584 -32.89 30.22 -7.23
CA ILE B 584 -31.70 29.62 -6.63
C ILE B 584 -32.16 28.73 -5.49
N LEU B 585 -31.78 27.45 -5.54
CA LEU B 585 -32.11 26.46 -4.53
C LEU B 585 -30.83 25.93 -3.91
N ASP B 586 -30.92 25.61 -2.62
CA ASP B 586 -29.82 24.96 -1.93
C ASP B 586 -29.84 23.45 -2.15
N ILE B 587 -28.77 22.80 -1.71
CA ILE B 587 -28.67 21.35 -1.75
C ILE B 587 -28.03 20.90 -0.45
N THR B 588 -28.69 19.98 0.26
CA THR B 588 -28.07 19.37 1.41
C THR B 588 -28.17 17.85 1.27
N PRO B 589 -27.17 17.11 1.73
CA PRO B 589 -27.30 15.65 1.70
C PRO B 589 -28.41 15.22 2.65
N CYS B 590 -29.09 14.13 2.28
CA CYS B 590 -30.13 13.62 3.16
C CYS B 590 -29.51 12.68 4.18
N SER B 591 -30.15 12.63 5.35
CA SER B 591 -29.47 12.24 6.58
C SER B 591 -28.92 10.82 6.52
N PHE B 592 -27.77 10.64 7.16
CA PHE B 592 -27.19 9.34 7.44
C PHE B 592 -26.62 9.39 8.84
N GLY B 593 -26.22 8.24 9.35
CA GLY B 593 -25.57 8.24 10.64
C GLY B 593 -25.43 6.84 11.21
N GLY B 594 -25.03 6.79 12.47
CA GLY B 594 -24.90 5.54 13.19
C GLY B 594 -26.04 5.31 14.15
N VAL B 595 -26.19 4.06 14.56
CA VAL B 595 -27.21 3.67 15.52
C VAL B 595 -26.54 2.88 16.63
N SER B 596 -26.82 3.26 17.87
CA SER B 596 -26.21 2.64 19.04
C SER B 596 -27.30 2.11 19.95
N VAL B 597 -26.95 1.11 20.76
CA VAL B 597 -27.89 0.42 21.62
C VAL B 597 -27.42 0.56 23.06
N ILE B 598 -28.26 1.11 23.91
CA ILE B 598 -28.00 1.25 25.34
C ILE B 598 -28.66 0.08 26.05
N THR B 599 -27.89 -0.67 26.81
CA THR B 599 -28.41 -1.81 27.56
C THR B 599 -27.88 -1.80 28.98
N PRO B 600 -28.71 -2.18 29.95
CA PRO B 600 -28.26 -2.24 31.35
C PRO B 600 -27.53 -3.53 31.69
N GLY B 601 -27.35 -4.44 30.73
CA GLY B 601 -26.74 -5.72 31.02
C GLY B 601 -27.73 -6.86 30.89
N THR B 602 -27.42 -7.83 30.04
CA THR B 602 -28.31 -8.97 29.83
C THR B 602 -28.64 -9.66 31.15
N ASN B 603 -27.69 -9.68 32.08
CA ASN B 603 -27.94 -10.23 33.40
C ASN B 603 -29.07 -9.50 34.10
N THR B 604 -29.01 -8.16 34.11
CA THR B 604 -29.97 -7.40 34.90
C THR B 604 -31.35 -7.37 34.25
N SER B 605 -31.43 -7.19 32.94
CA SER B 605 -32.72 -7.08 32.27
C SER B 605 -32.52 -7.35 30.79
N ASN B 606 -33.60 -7.21 30.02
CA ASN B 606 -33.57 -7.43 28.58
C ASN B 606 -34.17 -6.27 27.80
N GLN B 607 -34.45 -5.14 28.44
CA GLN B 607 -34.88 -3.96 27.71
C GLN B 607 -33.66 -3.23 27.15
N VAL B 608 -33.91 -2.41 26.13
CA VAL B 608 -32.86 -1.64 25.49
C VAL B 608 -33.41 -0.25 25.16
N ALA B 609 -32.50 0.65 24.83
CA ALA B 609 -32.84 1.94 24.24
C ALA B 609 -31.97 2.13 23.01
N VAL B 610 -32.45 2.93 22.07
CA VAL B 610 -31.76 3.06 20.80
C VAL B 610 -31.48 4.54 20.54
N LEU B 611 -30.25 4.85 20.15
CA LEU B 611 -29.83 6.21 19.86
C LEU B 611 -29.46 6.31 18.39
N TYR B 612 -30.11 7.22 17.68
CA TYR B 612 -29.77 7.53 16.30
C TYR B 612 -28.95 8.81 16.31
N GLN B 613 -27.74 8.75 15.77
CA GLN B 613 -26.78 9.83 15.93
C GLN B 613 -27.00 10.90 14.87
N ASP B 614 -27.05 12.16 15.32
CA ASP B 614 -27.06 13.32 14.44
C ASP B 614 -28.22 13.27 13.45
N VAL B 615 -29.41 12.97 13.95
CA VAL B 615 -30.62 12.99 13.15
C VAL B 615 -31.71 13.70 13.94
N ASN B 616 -32.57 14.42 13.23
CA ASN B 616 -33.72 15.09 13.83
C ASN B 616 -34.92 14.19 13.66
N CYS B 617 -35.16 13.32 14.64
CA CYS B 617 -36.09 12.21 14.45
C CYS B 617 -37.55 12.62 14.50
N THR B 618 -37.94 13.41 13.54
CA THR B 618 -39.24 13.30 12.92
C THR B 618 -39.19 12.36 11.74
N GLU B 619 -38.01 11.73 11.61
CA GLU B 619 -37.58 11.09 10.38
C GLU B 619 -37.11 9.65 10.53
N VAL B 620 -37.13 9.08 11.73
CA VAL B 620 -36.59 7.73 11.93
C VAL B 620 -37.49 6.60 11.44
N PRO B 621 -38.83 6.64 11.57
CA PRO B 621 -39.60 5.46 11.16
C PRO B 621 -39.45 5.12 9.70
N VAL B 622 -39.01 6.07 8.87
CA VAL B 622 -38.67 5.78 7.47
C VAL B 622 -37.17 5.75 7.24
N ALA B 623 -36.37 5.98 8.28
CA ALA B 623 -34.92 6.01 8.14
C ALA B 623 -34.26 4.66 8.31
N ILE B 624 -35.00 3.63 8.72
CA ILE B 624 -34.43 2.31 8.93
C ILE B 624 -35.26 1.26 8.21
N HIS B 625 -36.23 1.71 7.42
CA HIS B 625 -37.18 0.83 6.74
C HIS B 625 -37.93 -0.02 7.76
N ALA B 626 -38.58 0.68 8.70
CA ALA B 626 -39.18 0.00 9.85
C ALA B 626 -40.27 -0.98 9.45
N ASP B 627 -40.91 -0.79 8.29
CA ASP B 627 -41.94 -1.72 7.85
C ASP B 627 -41.36 -3.11 7.61
N GLN B 628 -40.25 -3.18 6.87
CA GLN B 628 -39.65 -4.47 6.55
C GLN B 628 -38.92 -5.09 7.74
N LEU B 629 -38.68 -4.34 8.80
CA LEU B 629 -38.11 -4.93 10.01
C LEU B 629 -39.14 -5.83 10.68
N THR B 630 -38.64 -6.68 11.57
CA THR B 630 -39.53 -7.55 12.32
C THR B 630 -40.38 -6.74 13.29
N PRO B 631 -41.59 -7.21 13.61
CA PRO B 631 -42.42 -6.47 14.58
C PRO B 631 -41.77 -6.29 15.93
N THR B 632 -40.76 -7.10 16.25
CA THR B 632 -40.14 -7.05 17.58
C THR B 632 -39.33 -5.78 17.80
N TRP B 633 -38.87 -5.11 16.73
CA TRP B 633 -38.25 -3.81 16.96
C TRP B 633 -38.69 -2.80 15.91
N ARG B 634 -39.93 -2.90 15.46
CA ARG B 634 -40.64 -1.73 14.96
C ARG B 634 -41.03 -0.82 16.12
N VAL B 635 -41.20 -1.39 17.31
CA VAL B 635 -41.53 -0.62 18.50
C VAL B 635 -40.40 0.31 18.90
N TYR B 636 -39.19 0.08 18.36
CA TYR B 636 -38.06 0.97 18.57
C TYR B 636 -37.86 1.92 17.38
N SER B 637 -38.89 2.10 16.56
CA SER B 637 -38.88 3.13 15.53
C SER B 637 -39.78 4.30 15.87
N THR B 638 -40.60 4.17 16.91
CA THR B 638 -41.49 5.21 17.39
C THR B 638 -42.13 4.72 18.69
N GLY B 639 -42.61 5.67 19.48
CA GLY B 639 -43.25 5.31 20.73
C GLY B 639 -43.58 6.55 21.53
N SER B 640 -44.11 6.32 22.73
CA SER B 640 -44.40 7.43 23.63
C SER B 640 -43.14 8.04 24.21
N ASN B 641 -42.02 7.33 24.17
CA ASN B 641 -40.75 7.81 24.72
C ASN B 641 -39.81 8.13 23.56
N VAL B 642 -39.74 9.41 23.20
CA VAL B 642 -38.80 9.89 22.20
C VAL B 642 -38.17 11.16 22.74
N PHE B 643 -36.84 11.22 22.76
CA PHE B 643 -36.15 12.36 23.37
C PHE B 643 -35.04 12.82 22.45
N GLN B 644 -35.03 14.12 22.15
CA GLN B 644 -34.08 14.70 21.21
C GLN B 644 -32.97 15.41 21.98
N THR B 645 -31.73 15.03 21.72
CA THR B 645 -30.57 15.56 22.41
C THR B 645 -29.53 16.03 21.40
N ARG B 646 -28.54 16.76 21.88
CA ARG B 646 -27.49 17.25 21.00
C ARG B 646 -26.71 16.11 20.34
N ALA B 647 -26.78 14.91 20.89
CA ALA B 647 -26.10 13.76 20.33
C ALA B 647 -26.92 13.04 19.27
N GLY B 648 -28.18 13.42 19.07
CA GLY B 648 -29.05 12.71 18.16
C GLY B 648 -30.43 12.62 18.77
N CYS B 649 -31.09 11.48 18.66
CA CYS B 649 -32.21 11.28 19.56
C CYS B 649 -32.29 9.83 19.98
N LEU B 650 -32.89 9.60 21.13
CA LEU B 650 -33.00 8.25 21.66
C LEU B 650 -34.46 7.90 21.90
N ILE B 651 -34.76 6.62 21.66
CA ILE B 651 -36.08 6.05 21.74
C ILE B 651 -36.02 4.91 22.75
N GLY B 652 -36.98 4.89 23.67
CA GLY B 652 -37.04 3.88 24.69
C GLY B 652 -36.59 4.31 26.07
N ALA B 653 -36.31 5.59 26.27
CA ALA B 653 -35.85 6.09 27.56
C ALA B 653 -36.73 7.26 27.99
N GLU B 654 -37.04 7.30 29.29
CA GLU B 654 -37.87 8.34 29.86
C GLU B 654 -36.99 9.42 30.46
N HIS B 655 -37.37 10.67 30.24
CA HIS B 655 -36.51 11.82 30.56
C HIS B 655 -36.98 12.45 31.86
N VAL B 656 -36.26 12.17 32.95
CA VAL B 656 -36.56 12.70 34.28
C VAL B 656 -35.97 14.10 34.42
N ASN B 657 -36.37 14.81 35.48
CA ASN B 657 -35.83 16.12 35.79
C ASN B 657 -34.74 16.11 36.85
N ASN B 658 -34.47 14.97 37.47
CA ASN B 658 -33.48 14.89 38.53
C ASN B 658 -32.07 14.91 37.92
N SER B 659 -31.08 14.72 38.77
CA SER B 659 -29.70 14.61 38.33
C SER B 659 -28.96 13.67 39.28
N TYR B 660 -28.25 12.70 38.72
CA TYR B 660 -27.46 11.76 39.49
C TYR B 660 -26.07 11.67 38.90
N GLU B 661 -25.25 10.80 39.47
CA GLU B 661 -23.94 10.54 38.91
C GLU B 661 -24.08 9.76 37.62
N CYS B 662 -23.18 10.01 36.67
CA CYS B 662 -23.30 9.40 35.36
C CYS B 662 -23.09 7.90 35.45
N ASP B 663 -23.92 7.16 34.72
CA ASP B 663 -23.84 5.69 34.67
C ASP B 663 -23.45 5.21 33.28
N ILE B 664 -24.19 5.58 32.25
CA ILE B 664 -23.85 5.29 30.87
C ILE B 664 -23.80 6.61 30.12
N PRO B 665 -22.72 6.94 29.45
CA PRO B 665 -22.61 8.27 28.83
C PRO B 665 -23.25 8.34 27.46
N ILE B 666 -24.27 9.17 27.32
CA ILE B 666 -24.84 9.43 25.99
C ILE B 666 -24.11 10.55 25.29
N GLY B 667 -23.88 11.65 25.99
CA GLY B 667 -23.11 12.74 25.40
C GLY B 667 -23.71 14.11 25.62
N ALA B 668 -22.89 15.16 25.47
CA ALA B 668 -23.32 16.54 25.64
C ALA B 668 -23.96 16.77 27.00
N GLY B 669 -23.46 16.06 28.02
CA GLY B 669 -23.98 16.21 29.36
C GLY B 669 -25.09 15.25 29.73
N ILE B 670 -25.55 14.42 28.81
CA ILE B 670 -26.68 13.52 29.04
C ILE B 670 -26.16 12.13 29.31
N CYS B 671 -26.66 11.51 30.38
CA CYS B 671 -26.38 10.12 30.71
C CYS B 671 -27.69 9.35 30.79
N ALA B 672 -27.58 8.02 30.86
CA ALA B 672 -28.73 7.14 30.96
C ALA B 672 -28.43 6.04 31.96
N SER B 673 -29.48 5.49 32.57
CA SER B 673 -29.31 4.42 33.53
C SER B 673 -30.63 3.68 33.71
N TYR B 674 -30.63 2.72 34.64
CA TYR B 674 -31.75 1.81 34.88
C TYR B 674 -32.28 2.04 36.29
N GLN B 675 -33.55 2.40 36.40
CA GLN B 675 -34.14 2.69 37.70
C GLN B 675 -34.15 1.48 38.60
N GLN B 690 -36.93 -0.12 37.46
CA GLN B 690 -37.54 -1.05 36.51
C GLN B 690 -37.92 -0.35 35.21
N SER B 691 -37.06 0.56 34.78
CA SER B 691 -37.20 1.26 33.51
C SER B 691 -35.88 1.95 33.22
N ILE B 692 -35.76 2.50 32.02
CA ILE B 692 -34.54 3.16 31.57
C ILE B 692 -34.81 4.66 31.51
N ILE B 693 -33.96 5.43 32.20
CA ILE B 693 -34.13 6.88 32.29
C ILE B 693 -32.92 7.56 31.70
N ALA B 694 -33.13 8.80 31.25
CA ALA B 694 -32.08 9.66 30.72
C ALA B 694 -32.14 10.99 31.44
N TYR B 695 -30.98 11.47 31.91
CA TYR B 695 -30.93 12.66 32.74
C TYR B 695 -29.67 13.45 32.42
N THR B 696 -29.53 14.58 33.11
CA THR B 696 -28.37 15.45 32.97
C THR B 696 -27.37 15.15 34.08
N MET B 697 -26.11 14.95 33.68
CA MET B 697 -25.04 14.62 34.61
C MET B 697 -25.02 15.57 35.79
N SER B 698 -24.64 15.05 36.95
CA SER B 698 -24.45 15.85 38.16
C SER B 698 -23.00 15.77 38.57
N LEU B 699 -22.41 16.93 38.90
CA LEU B 699 -20.98 16.99 39.12
C LEU B 699 -20.58 16.64 40.55
N GLY B 700 -21.45 16.85 41.51
CA GLY B 700 -21.15 16.51 42.88
C GLY B 700 -22.02 17.29 43.83
N ALA B 701 -21.77 17.05 45.12
CA ALA B 701 -22.54 17.69 46.17
C ALA B 701 -22.03 19.10 46.41
N GLU B 702 -22.92 19.93 46.95
CA GLU B 702 -22.61 21.31 47.27
C GLU B 702 -22.13 21.44 48.71
N ASN B 703 -21.31 22.45 48.96
CA ASN B 703 -21.03 22.91 50.31
C ASN B 703 -20.29 24.23 50.21
N SER B 704 -20.55 25.10 51.18
CA SER B 704 -19.89 26.39 51.28
C SER B 704 -19.03 26.40 52.54
N VAL B 705 -17.76 26.73 52.40
CA VAL B 705 -16.88 26.77 53.55
C VAL B 705 -17.17 28.02 54.36
N ALA B 706 -17.15 27.88 55.68
CA ALA B 706 -17.54 28.97 56.58
C ALA B 706 -16.38 29.96 56.71
N TYR B 707 -16.08 30.61 55.60
CA TYR B 707 -14.96 31.56 55.59
C TYR B 707 -15.26 32.79 56.43
N SER B 708 -14.25 33.24 57.15
CA SER B 708 -14.30 34.47 57.94
C SER B 708 -12.86 34.95 58.08
N ASN B 709 -12.72 36.19 58.52
CA ASN B 709 -11.38 36.77 58.57
C ASN B 709 -10.67 36.54 59.89
N ASN B 710 -11.31 35.89 60.87
CA ASN B 710 -10.58 35.55 62.09
C ASN B 710 -10.98 34.18 62.65
N SER B 711 -11.38 33.25 61.80
CA SER B 711 -11.75 31.91 62.25
C SER B 711 -10.93 30.87 61.53
N ILE B 712 -10.60 29.78 62.24
CA ILE B 712 -9.78 28.71 61.69
C ILE B 712 -10.37 27.39 62.12
N ALA B 713 -10.04 26.32 61.39
CA ALA B 713 -10.49 24.98 61.72
C ALA B 713 -9.27 24.08 61.88
N ILE B 714 -9.25 23.30 62.96
CA ILE B 714 -8.11 22.44 63.27
C ILE B 714 -8.62 21.04 63.58
N PRO B 715 -7.97 19.99 63.06
CA PRO B 715 -8.42 18.63 63.35
C PRO B 715 -8.04 18.16 64.73
N THR B 716 -8.83 17.24 65.26
CA THR B 716 -8.59 16.68 66.58
C THR B 716 -8.37 15.17 66.56
N ASN B 717 -8.38 14.55 65.40
CA ASN B 717 -8.17 13.11 65.30
C ASN B 717 -7.66 12.81 63.90
N PHE B 718 -7.36 11.54 63.66
CA PHE B 718 -6.86 11.16 62.34
C PHE B 718 -7.31 9.75 62.00
N THR B 719 -7.23 9.43 60.72
CA THR B 719 -7.37 8.07 60.25
C THR B 719 -6.16 7.73 59.39
N ILE B 720 -5.86 6.44 59.31
CA ILE B 720 -4.79 5.93 58.48
C ILE B 720 -5.43 5.08 57.39
N SER B 721 -5.19 5.44 56.14
CA SER B 721 -5.84 4.78 55.03
C SER B 721 -4.82 4.09 54.14
N VAL B 722 -5.25 3.04 53.46
CA VAL B 722 -4.43 2.28 52.54
C VAL B 722 -5.16 2.19 51.21
N THR B 723 -4.47 2.53 50.14
CA THR B 723 -5.08 2.64 48.81
C THR B 723 -4.24 1.86 47.80
N THR B 724 -4.89 1.25 46.84
CA THR B 724 -4.18 0.45 45.85
C THR B 724 -4.03 1.23 44.55
N GLU B 725 -2.95 0.93 43.83
CA GLU B 725 -2.72 1.48 42.51
C GLU B 725 -2.10 0.38 41.64
N ILE B 726 -2.55 0.28 40.40
CA ILE B 726 -2.23 -0.87 39.55
C ILE B 726 -1.64 -0.37 38.25
N LEU B 727 -0.46 -0.90 37.87
CA LEU B 727 0.20 -0.44 36.65
C LEU B 727 0.75 -1.60 35.83
N PRO B 728 0.49 -1.62 34.52
CA PRO B 728 1.11 -2.63 33.65
C PRO B 728 2.54 -2.29 33.31
N VAL B 729 3.39 -3.31 33.18
CA VAL B 729 4.80 -3.08 32.88
C VAL B 729 5.30 -3.81 31.65
N SER B 730 4.62 -4.83 31.14
CA SER B 730 5.14 -5.58 30.02
C SER B 730 4.01 -6.31 29.31
N MET B 731 4.31 -6.81 28.12
CA MET B 731 3.38 -7.65 27.36
C MET B 731 4.14 -8.85 26.81
N THR B 732 3.43 -9.74 26.14
CA THR B 732 4.01 -10.99 25.71
C THR B 732 4.94 -10.79 24.52
N LYS B 733 6.06 -11.50 24.53
CA LYS B 733 7.06 -11.42 23.46
C LYS B 733 6.62 -12.37 22.35
N THR B 734 6.10 -11.80 21.27
CA THR B 734 5.54 -12.55 20.16
C THR B 734 6.41 -12.34 18.92
N SER B 735 6.62 -13.41 18.16
CA SER B 735 7.38 -13.34 16.93
C SER B 735 6.60 -13.99 15.80
N VAL B 736 6.76 -13.43 14.60
CA VAL B 736 6.09 -13.90 13.41
C VAL B 736 7.10 -13.96 12.30
N ASP B 737 7.17 -15.09 11.61
CA ASP B 737 8.13 -15.28 10.53
C ASP B 737 7.46 -14.87 9.21
N CYS B 738 7.97 -13.79 8.61
CA CYS B 738 7.33 -13.20 7.44
C CYS B 738 7.16 -14.22 6.31
N THR B 739 8.22 -14.93 5.97
CA THR B 739 8.18 -15.82 4.81
C THR B 739 7.14 -16.92 5.02
N MET B 740 7.16 -17.57 6.17
CA MET B 740 6.25 -18.69 6.39
C MET B 740 4.80 -18.21 6.50
N TYR B 741 4.58 -16.99 6.98
CA TYR B 741 3.21 -16.48 7.04
C TYR B 741 2.69 -16.13 5.66
N ILE B 742 3.52 -15.49 4.83
CA ILE B 742 3.05 -15.08 3.52
C ILE B 742 2.79 -16.29 2.64
N CYS B 743 3.84 -17.07 2.37
CA CYS B 743 3.73 -18.14 1.37
C CYS B 743 3.41 -19.49 2.00
N GLY B 744 4.33 -20.03 2.77
CA GLY B 744 4.09 -21.25 3.49
C GLY B 744 4.47 -22.47 2.67
N ASP B 745 5.64 -23.06 2.93
CA ASP B 745 6.12 -24.28 2.29
C ASP B 745 5.79 -24.36 0.79
N SER B 746 5.86 -23.23 0.08
CA SER B 746 5.55 -23.19 -1.35
C SER B 746 6.66 -22.42 -2.04
N THR B 747 7.49 -23.13 -2.80
CA THR B 747 8.70 -22.51 -3.34
C THR B 747 8.38 -21.51 -4.44
N GLU B 748 7.30 -21.73 -5.21
CA GLU B 748 6.93 -20.76 -6.23
C GLU B 748 6.60 -19.41 -5.62
N CYS B 749 5.80 -19.42 -4.55
CA CYS B 749 5.43 -18.18 -3.89
C CYS B 749 6.65 -17.49 -3.30
N SER B 750 7.56 -18.26 -2.70
CA SER B 750 8.76 -17.64 -2.13
C SER B 750 9.62 -17.00 -3.21
N ASN B 751 9.80 -17.69 -4.34
CA ASN B 751 10.57 -17.12 -5.43
C ASN B 751 9.92 -15.84 -5.94
N LEU B 752 8.59 -15.82 -6.01
CA LEU B 752 7.90 -14.58 -6.35
C LEU B 752 8.17 -13.51 -5.31
N LEU B 753 8.21 -13.89 -4.04
CA LEU B 753 8.35 -12.92 -2.95
C LEU B 753 9.74 -12.28 -2.95
N LEU B 754 10.77 -13.02 -3.36
CA LEU B 754 12.12 -12.46 -3.35
C LEU B 754 12.24 -11.12 -4.07
N GLN B 755 11.43 -10.88 -5.10
CA GLN B 755 11.59 -9.64 -5.86
C GLN B 755 10.84 -8.47 -5.25
N TYR B 756 10.52 -8.52 -3.95
CA TYR B 756 9.98 -7.38 -3.24
C TYR B 756 11.00 -6.69 -2.34
N GLY B 757 12.24 -7.16 -2.34
CA GLY B 757 13.27 -6.48 -1.56
C GLY B 757 13.43 -7.03 -0.17
N SER B 758 13.54 -6.14 0.81
CA SER B 758 13.86 -6.52 2.18
C SER B 758 12.77 -6.11 3.15
N PHE B 759 11.51 -6.35 2.80
CA PHE B 759 10.42 -6.03 3.71
C PHE B 759 10.41 -6.97 4.90
N CYS B 760 10.57 -8.27 4.65
CA CYS B 760 10.42 -9.26 5.71
C CYS B 760 11.53 -9.10 6.76
N THR B 761 12.74 -8.79 6.31
CA THR B 761 13.85 -8.63 7.25
C THR B 761 13.59 -7.49 8.23
N GLN B 762 13.11 -6.36 7.74
CA GLN B 762 12.88 -5.25 8.63
C GLN B 762 11.64 -5.45 9.49
N LEU B 763 10.64 -6.20 9.00
CA LEU B 763 9.52 -6.56 9.88
C LEU B 763 10.00 -7.40 11.06
N ASN B 764 10.82 -8.41 10.77
CA ASN B 764 11.35 -9.25 11.84
C ASN B 764 12.20 -8.43 12.79
N ARG B 765 12.98 -7.49 12.26
CA ARG B 765 13.82 -6.66 13.12
C ARG B 765 12.97 -5.81 14.06
N ALA B 766 11.89 -5.23 13.55
CA ALA B 766 11.01 -4.44 14.41
C ALA B 766 10.43 -5.29 15.52
N LEU B 767 9.95 -6.49 15.18
CA LEU B 767 9.36 -7.34 16.20
C LEU B 767 10.38 -7.74 17.26
N THR B 768 11.60 -8.07 16.86
CA THR B 768 12.63 -8.43 17.82
C THR B 768 12.98 -7.24 18.72
N GLY B 769 13.06 -6.05 18.13
CA GLY B 769 13.37 -4.87 18.90
C GLY B 769 12.32 -4.60 19.97
N ILE B 770 11.04 -4.82 19.64
CA ILE B 770 10.04 -4.62 20.68
C ILE B 770 9.90 -5.82 21.59
N ALA B 771 10.54 -6.94 21.27
CA ALA B 771 10.53 -8.09 22.17
C ALA B 771 11.59 -7.97 23.26
N VAL B 772 12.74 -7.36 22.98
CA VAL B 772 13.74 -7.22 24.03
C VAL B 772 13.40 -6.11 25.03
N GLU B 773 12.58 -5.14 24.60
CA GLU B 773 12.25 -4.02 25.47
C GLU B 773 11.40 -4.45 26.66
N GLN B 774 10.66 -5.56 26.53
CA GLN B 774 9.87 -6.04 27.66
C GLN B 774 10.75 -6.48 28.81
N ASP B 775 11.82 -7.21 28.51
CA ASP B 775 12.77 -7.59 29.54
C ASP B 775 13.44 -6.36 30.12
N LYS B 776 13.74 -5.37 29.27
CA LYS B 776 14.28 -4.12 29.79
C LYS B 776 13.32 -3.47 30.79
N ASN B 777 12.04 -3.42 30.46
CA ASN B 777 11.04 -2.81 31.34
C ASN B 777 10.98 -3.50 32.69
N THR B 778 10.86 -4.83 32.67
CA THR B 778 10.77 -5.56 33.93
C THR B 778 12.01 -5.34 34.78
N GLN B 779 13.19 -5.43 34.16
CA GLN B 779 14.43 -5.29 34.91
C GLN B 779 14.59 -3.88 35.44
N GLU B 780 14.00 -2.89 34.79
CA GLU B 780 14.11 -1.53 35.32
C GLU B 780 13.16 -1.31 36.49
N VAL B 781 11.97 -1.90 36.43
CA VAL B 781 11.03 -1.69 37.53
C VAL B 781 11.47 -2.43 38.78
N PHE B 782 11.86 -3.71 38.65
CA PHE B 782 12.00 -4.55 39.83
C PHE B 782 13.41 -4.69 40.37
N ALA B 783 14.44 -4.59 39.53
CA ALA B 783 15.81 -4.86 39.99
C ALA B 783 16.44 -3.58 40.51
N GLN B 784 15.92 -3.11 41.66
CA GLN B 784 16.38 -1.88 42.27
C GLN B 784 17.17 -2.07 43.55
N VAL B 785 17.34 -3.30 44.03
CA VAL B 785 18.06 -3.56 45.26
C VAL B 785 19.41 -4.18 44.94
N LYS B 786 20.41 -3.83 45.74
CA LYS B 786 21.73 -4.43 45.60
C LYS B 786 21.73 -5.88 46.09
N GLN B 787 21.15 -6.11 47.27
CA GLN B 787 21.23 -7.37 47.97
C GLN B 787 19.82 -7.91 48.21
N ILE B 788 19.75 -9.08 48.83
CA ILE B 788 18.49 -9.74 49.12
C ILE B 788 18.33 -9.76 50.63
N TYR B 789 17.51 -8.85 51.15
CA TYR B 789 17.31 -8.75 52.58
C TYR B 789 16.26 -9.74 53.05
N LYS B 790 16.38 -10.17 54.29
CA LYS B 790 15.44 -11.09 54.90
C LYS B 790 14.88 -10.46 56.17
N THR B 791 13.73 -10.86 56.50
CA THR B 791 13.09 -10.38 57.71
C THR B 791 13.39 -11.31 58.87
N PRO B 792 13.49 -10.81 60.10
CA PRO B 792 13.89 -11.66 61.21
C PRO B 792 12.85 -12.73 61.47
N PRO B 793 13.24 -13.87 62.05
CA PRO B 793 12.28 -14.95 62.26
C PRO B 793 11.22 -14.63 63.30
N ILE B 794 11.52 -13.77 64.27
CA ILE B 794 10.56 -13.37 65.28
C ILE B 794 9.96 -12.04 64.84
N LYS B 795 8.67 -12.05 64.53
CA LYS B 795 8.00 -10.91 63.90
C LYS B 795 7.27 -10.11 64.97
N ASP B 796 8.02 -9.32 65.72
CA ASP B 796 7.48 -8.44 66.75
C ASP B 796 7.84 -7.01 66.40
N PHE B 797 6.91 -6.29 65.77
CA PHE B 797 7.15 -4.93 65.29
C PHE B 797 6.32 -3.90 66.05
N GLY B 798 6.13 -4.11 67.35
CA GLY B 798 5.47 -3.12 68.16
C GLY B 798 3.98 -3.05 68.00
N GLY B 799 3.35 -4.05 67.39
CA GLY B 799 1.92 -4.12 67.23
C GLY B 799 1.47 -4.18 65.78
N PHE B 800 2.28 -3.66 64.87
CA PHE B 800 1.96 -3.75 63.45
C PHE B 800 2.13 -5.17 62.96
N ASN B 801 1.31 -5.55 61.98
CA ASN B 801 1.19 -6.93 61.54
C ASN B 801 1.22 -6.94 60.02
N PHE B 802 2.25 -7.51 59.43
CA PHE B 802 2.41 -7.46 57.98
C PHE B 802 2.25 -8.83 57.34
N SER B 803 1.41 -9.69 57.87
CA SER B 803 1.23 -11.07 57.39
C SER B 803 0.69 -11.14 55.98
N GLN B 804 -0.23 -10.27 55.64
CA GLN B 804 -0.91 -10.36 54.34
C GLN B 804 -0.01 -9.93 53.21
N ILE B 805 1.09 -9.26 53.50
CA ILE B 805 1.95 -8.73 52.41
C ILE B 805 3.27 -9.49 52.37
N LEU B 806 3.70 -10.13 53.44
CA LEU B 806 5.00 -10.83 53.50
C LEU B 806 4.84 -12.22 52.91
N PRO B 807 5.90 -12.92 52.48
CA PRO B 807 5.79 -14.22 51.82
C PRO B 807 5.34 -15.43 52.68
N ASP B 808 4.45 -16.29 52.17
CA ASP B 808 3.92 -17.37 52.99
C ASP B 808 4.84 -18.58 52.85
N PRO B 809 5.53 -19.00 53.91
CA PRO B 809 6.46 -20.13 53.76
C PRO B 809 5.77 -21.47 53.56
N SER B 810 4.53 -21.64 54.02
CA SER B 810 3.84 -22.92 53.93
C SER B 810 3.64 -23.34 52.48
N LYS B 811 2.87 -22.56 51.73
CA LYS B 811 2.51 -22.95 50.39
C LYS B 811 3.72 -22.95 49.46
N PRO B 812 3.69 -23.74 48.39
CA PRO B 812 4.91 -23.96 47.60
C PRO B 812 5.33 -22.76 46.77
N SER B 813 4.38 -21.94 46.29
CA SER B 813 4.73 -20.85 45.39
C SER B 813 5.51 -19.74 46.08
N LYS B 814 5.48 -19.70 47.40
CA LYS B 814 6.19 -18.67 48.19
C LYS B 814 5.73 -17.29 47.73
N ARG B 815 4.43 -17.06 47.70
CA ARG B 815 3.89 -15.76 47.32
C ARG B 815 3.06 -15.33 48.52
N SER B 816 2.85 -14.06 48.72
CA SER B 816 2.14 -13.54 49.89
C SER B 816 0.68 -13.84 49.78
N PRO B 817 -0.10 -13.78 50.85
CA PRO B 817 -1.50 -13.98 50.68
C PRO B 817 -2.20 -13.06 49.67
N ILE B 818 -1.90 -11.78 49.59
CA ILE B 818 -2.50 -10.85 48.59
C ILE B 818 -1.99 -11.18 47.19
N GLU B 819 -0.75 -11.51 47.01
CA GLU B 819 -0.21 -11.75 45.65
C GLU B 819 -0.90 -12.96 45.06
N ASP B 820 -1.21 -13.97 45.85
CA ASP B 820 -1.93 -15.17 45.37
C ASP B 820 -3.32 -14.81 44.90
N LEU B 821 -4.03 -13.95 45.57
CA LEU B 821 -5.35 -13.58 45.04
C LEU B 821 -5.19 -12.90 43.70
N LEU B 822 -4.10 -12.20 43.49
CA LEU B 822 -4.00 -11.42 42.26
C LEU B 822 -3.60 -12.30 41.09
N PHE B 823 -2.87 -13.36 41.37
CA PHE B 823 -2.54 -14.30 40.30
C PHE B 823 -3.73 -15.17 39.92
N ASN B 824 -4.60 -15.50 40.87
CA ASN B 824 -5.80 -16.23 40.52
C ASN B 824 -6.82 -15.35 39.82
N LYS B 825 -6.84 -14.05 40.14
CA LYS B 825 -7.86 -13.17 39.61
C LYS B 825 -7.69 -12.95 38.11
N VAL B 826 -6.45 -12.89 37.64
CA VAL B 826 -6.16 -12.63 36.23
C VAL B 826 -5.94 -13.96 35.53
N THR B 827 -6.72 -14.23 34.49
CA THR B 827 -6.67 -15.50 33.78
C THR B 827 -6.70 -15.24 32.28
N LEU B 828 -6.25 -16.24 31.53
CA LEU B 828 -6.23 -16.20 30.07
C LEU B 828 -7.60 -15.86 29.49
N ALA B 852 3.97 -27.80 22.00
CA ALA B 852 2.81 -27.57 21.16
C ALA B 852 3.01 -26.33 20.30
N GLN B 853 3.30 -26.53 19.01
CA GLN B 853 3.55 -25.44 18.08
C GLN B 853 2.23 -24.82 17.62
N LYS B 854 2.36 -23.68 16.95
CA LYS B 854 1.24 -22.97 16.36
C LYS B 854 1.49 -22.75 14.88
N PHE B 855 0.41 -22.74 14.12
CA PHE B 855 0.52 -22.66 12.67
C PHE B 855 1.02 -21.29 12.23
N ASN B 856 1.49 -21.24 10.98
CA ASN B 856 1.75 -20.00 10.25
C ASN B 856 2.93 -19.22 10.82
N GLY B 857 3.92 -19.89 11.38
CA GLY B 857 5.10 -19.19 11.84
C GLY B 857 4.88 -18.24 12.99
N LEU B 858 4.01 -18.59 13.93
CA LEU B 858 3.75 -17.78 15.11
C LEU B 858 4.45 -18.42 16.29
N THR B 859 5.22 -17.63 17.02
CA THR B 859 5.90 -18.12 18.22
C THR B 859 5.76 -17.12 19.34
N VAL B 860 5.91 -17.61 20.57
CA VAL B 860 5.94 -16.77 21.75
C VAL B 860 7.18 -17.14 22.56
N LEU B 861 7.97 -16.16 22.88
CA LEU B 861 9.19 -16.36 23.63
C LEU B 861 8.94 -16.26 25.12
N PRO B 862 9.73 -16.92 25.95
CA PRO B 862 9.52 -16.85 27.39
C PRO B 862 10.26 -15.66 27.98
N PRO B 863 9.72 -15.04 29.02
CA PRO B 863 10.42 -13.92 29.66
C PRO B 863 11.69 -14.39 30.36
N LEU B 864 12.62 -13.46 30.51
CA LEU B 864 13.92 -13.79 31.07
C LEU B 864 13.84 -14.05 32.57
N LEU B 865 13.02 -13.29 33.28
CA LEU B 865 12.81 -13.48 34.71
C LEU B 865 11.53 -14.25 34.94
N THR B 866 11.62 -15.35 35.67
CA THR B 866 10.43 -16.10 36.03
C THR B 866 9.64 -15.35 37.10
N ASP B 867 8.41 -15.79 37.32
CA ASP B 867 7.58 -15.14 38.33
C ASP B 867 8.16 -15.31 39.73
N GLU B 868 8.84 -16.44 39.96
CA GLU B 868 9.47 -16.66 41.26
C GLU B 868 10.54 -15.61 41.55
N MET B 869 11.35 -15.27 40.54
CA MET B 869 12.39 -14.27 40.75
C MET B 869 11.80 -12.89 41.00
N ILE B 870 10.73 -12.54 40.29
CA ILE B 870 10.08 -11.26 40.52
C ILE B 870 9.53 -11.20 41.94
N ALA B 871 8.89 -12.28 42.39
CA ALA B 871 8.41 -12.32 43.76
C ALA B 871 9.56 -12.19 44.75
N GLN B 872 10.72 -12.75 44.41
CA GLN B 872 11.87 -12.65 45.29
C GLN B 872 12.36 -11.20 45.42
N TYR B 873 12.44 -10.48 44.30
CA TYR B 873 12.67 -9.04 44.37
C TYR B 873 11.67 -8.30 45.24
N THR B 874 10.37 -8.53 45.05
CA THR B 874 9.42 -7.78 45.86
C THR B 874 9.56 -8.11 47.33
N SER B 875 9.86 -9.37 47.65
CA SER B 875 10.10 -9.75 49.03
C SER B 875 11.32 -9.02 49.59
N ALA B 876 12.38 -8.89 48.80
CA ALA B 876 13.57 -8.21 49.27
C ALA B 876 13.29 -6.73 49.54
N LEU B 877 12.57 -6.08 48.63
CA LEU B 877 12.22 -4.69 48.84
C LEU B 877 11.37 -4.51 50.10
N LEU B 878 10.40 -5.41 50.30
CA LEU B 878 9.54 -5.31 51.46
C LEU B 878 10.31 -5.49 52.76
N ALA B 879 11.19 -6.49 52.82
CA ALA B 879 11.97 -6.70 54.03
C ALA B 879 12.91 -5.53 54.29
N GLY B 880 13.53 -4.99 53.24
CA GLY B 880 14.40 -3.86 53.42
C GLY B 880 13.69 -2.64 53.98
N THR B 881 12.50 -2.34 53.46
CA THR B 881 11.80 -1.16 53.96
C THR B 881 11.20 -1.40 55.34
N ILE B 882 10.82 -2.64 55.67
CA ILE B 882 10.30 -2.90 57.01
C ILE B 882 11.41 -2.81 58.04
N THR B 883 12.62 -3.21 57.68
CA THR B 883 13.69 -3.32 58.66
C THR B 883 14.56 -2.08 58.76
N SER B 884 14.76 -1.34 57.67
CA SER B 884 15.74 -0.27 57.65
C SER B 884 15.18 1.12 57.38
N GLY B 885 13.90 1.23 57.02
CA GLY B 885 13.40 2.55 56.66
C GLY B 885 13.84 2.92 55.27
N TRP B 886 14.30 4.15 55.10
CA TRP B 886 14.71 4.66 53.79
C TRP B 886 16.21 4.60 53.62
N THR B 887 16.92 4.03 54.55
CA THR B 887 18.38 4.00 54.54
C THR B 887 18.93 3.07 53.49
N PHE B 888 18.22 2.03 53.12
CA PHE B 888 18.80 1.01 52.23
C PHE B 888 18.78 1.47 50.81
N GLY B 889 18.05 2.51 50.53
CA GLY B 889 18.03 3.03 49.18
C GLY B 889 19.05 4.08 48.86
N ALA B 890 20.00 4.35 49.75
CA ALA B 890 20.91 5.48 49.62
C ALA B 890 22.31 5.09 50.02
N GLY B 891 22.52 3.92 50.56
CA GLY B 891 23.82 3.56 51.09
C GLY B 891 23.71 2.27 51.85
N PRO B 892 24.53 2.01 52.86
CA PRO B 892 24.35 0.82 53.64
C PRO B 892 23.05 0.78 54.43
N ALA B 893 22.43 -0.36 54.64
CA ALA B 893 21.18 -0.47 55.37
C ALA B 893 21.44 -0.41 56.85
N LEU B 894 20.78 0.49 57.55
CA LEU B 894 21.02 0.69 58.97
C LEU B 894 19.74 0.38 59.70
N GLN B 895 19.75 -0.46 60.72
CA GLN B 895 18.55 -0.93 61.41
C GLN B 895 17.92 0.13 62.28
N ILE B 896 16.61 0.15 62.49
CA ILE B 896 15.90 1.13 63.35
C ILE B 896 14.67 0.46 63.90
N PRO B 897 14.28 0.58 65.18
CA PRO B 897 13.07 -0.04 65.61
C PRO B 897 11.83 0.49 64.86
N PHE B 898 10.84 -0.33 64.47
CA PHE B 898 9.72 0.14 63.62
C PHE B 898 8.87 1.19 64.26
N PRO B 899 8.45 1.12 65.53
CA PRO B 899 7.67 2.18 66.02
C PRO B 899 8.43 3.51 65.86
N MET B 900 9.73 3.57 66.07
CA MET B 900 10.56 4.77 65.91
C MET B 900 10.68 5.27 64.49
N GLN B 901 10.73 4.41 63.50
CA GLN B 901 10.75 4.84 62.09
C GLN B 901 9.47 5.56 61.76
N MET B 902 8.35 5.08 62.25
CA MET B 902 7.04 5.69 61.97
C MET B 902 6.96 7.07 62.58
N ALA B 903 7.57 7.32 63.71
CA ALA B 903 7.60 8.65 64.30
C ALA B 903 8.35 9.62 63.45
N TYR B 904 9.39 9.21 62.78
CA TYR B 904 10.09 10.12 61.88
C TYR B 904 9.26 10.27 60.64
N ARG B 905 8.43 9.29 60.31
CA ARG B 905 7.54 9.60 59.18
C ARG B 905 6.42 10.56 59.58
N PHE B 906 5.90 10.46 60.80
CA PHE B 906 4.99 11.50 61.27
C PHE B 906 5.69 12.84 61.33
N ASN B 907 6.91 12.86 61.85
CA ASN B 907 7.67 14.11 61.91
C ASN B 907 7.87 14.72 60.54
N GLY B 908 7.91 13.88 59.51
CA GLY B 908 8.12 14.36 58.16
C GLY B 908 6.93 15.00 57.48
N ILE B 909 5.74 14.93 58.08
CA ILE B 909 4.56 15.60 57.53
C ILE B 909 4.10 16.75 58.40
N GLY B 910 4.90 17.14 59.39
CA GLY B 910 4.56 18.28 60.21
C GLY B 910 3.81 17.97 61.48
N VAL B 911 3.88 16.75 61.98
CA VAL B 911 3.22 16.35 63.21
C VAL B 911 4.30 15.84 64.16
N THR B 912 4.25 16.28 65.41
CA THR B 912 5.35 15.98 66.32
C THR B 912 5.37 14.50 66.69
N GLN B 913 6.48 14.07 67.27
CA GLN B 913 6.69 12.65 67.54
C GLN B 913 5.72 12.12 68.57
N ASN B 914 5.45 12.87 69.63
CA ASN B 914 4.75 12.31 70.78
C ASN B 914 3.36 11.81 70.41
N VAL B 915 2.82 12.38 69.35
CA VAL B 915 1.46 12.00 68.90
C VAL B 915 1.48 10.54 68.49
N LEU B 916 2.54 10.02 67.91
CA LEU B 916 2.61 8.56 67.62
C LEU B 916 2.84 7.75 68.88
N TYR B 917 3.76 8.13 69.72
CA TYR B 917 4.12 7.30 70.87
C TYR B 917 2.96 7.21 71.83
N GLU B 918 2.22 8.27 72.00
CA GLU B 918 1.13 8.32 72.98
C GLU B 918 -0.16 7.78 72.42
N ASN B 919 -0.22 7.43 71.16
CA ASN B 919 -1.41 6.81 70.54
C ASN B 919 -0.96 5.60 69.73
N GLN B 920 0.09 4.90 70.12
CA GLN B 920 0.68 3.81 69.30
C GLN B 920 -0.24 2.64 69.13
N LYS B 921 -0.95 2.21 70.15
CA LYS B 921 -1.75 0.99 70.03
C LYS B 921 -2.96 1.25 69.19
N LEU B 922 -3.49 2.45 69.29
CA LEU B 922 -4.62 2.78 68.42
C LEU B 922 -4.16 2.81 66.97
N ILE B 923 -3.06 3.50 66.71
CA ILE B 923 -2.59 3.63 65.34
C ILE B 923 -2.37 2.25 64.74
N ALA B 924 -1.72 1.36 65.47
CA ALA B 924 -1.45 0.03 64.94
C ALA B 924 -2.74 -0.63 64.53
N ASN B 925 -3.76 -0.56 65.39
CA ASN B 925 -5.04 -1.19 65.07
C ASN B 925 -5.54 -0.70 63.73
N GLN B 926 -5.58 0.62 63.55
CA GLN B 926 -6.10 1.17 62.31
C GLN B 926 -5.36 0.57 61.12
N PHE B 927 -4.03 0.57 61.21
CA PHE B 927 -3.23 0.05 60.10
C PHE B 927 -3.65 -1.36 59.77
N ASN B 928 -3.70 -2.23 60.78
CA ASN B 928 -4.04 -3.61 60.54
C ASN B 928 -5.39 -3.70 59.84
N SER B 929 -6.39 -2.99 60.38
CA SER B 929 -7.73 -3.10 59.82
C SER B 929 -7.70 -2.71 58.35
N ALA B 930 -7.00 -1.62 58.02
CA ALA B 930 -7.00 -1.15 56.65
C ALA B 930 -6.46 -2.23 55.73
N ILE B 931 -5.37 -2.87 56.12
CA ILE B 931 -4.82 -3.92 55.27
C ILE B 931 -5.84 -5.03 55.08
N GLY B 932 -6.47 -5.43 56.18
CA GLY B 932 -7.46 -6.50 56.10
C GLY B 932 -8.58 -6.21 55.14
N LYS B 933 -8.85 -4.94 54.87
CA LYS B 933 -9.95 -4.64 53.97
C LYS B 933 -9.58 -4.83 52.51
N ILE B 934 -8.33 -4.58 52.15
CA ILE B 934 -7.93 -4.63 50.72
C ILE B 934 -8.12 -6.00 50.14
N GLN B 935 -7.92 -7.04 50.91
CA GLN B 935 -8.03 -8.35 50.26
C GLN B 935 -9.44 -8.50 49.73
N ASP B 936 -10.42 -8.12 50.51
CA ASP B 936 -11.83 -8.18 50.07
C ASP B 936 -12.05 -7.23 48.90
N SER B 937 -11.84 -5.95 49.07
CA SER B 937 -12.13 -5.05 47.95
C SER B 937 -11.70 -5.70 46.66
N LEU B 938 -10.44 -6.15 46.58
CA LEU B 938 -9.94 -6.69 45.30
C LEU B 938 -10.75 -7.94 44.95
N SER B 939 -10.92 -8.86 45.90
CA SER B 939 -11.55 -10.14 45.51
C SER B 939 -12.98 -9.92 45.04
N SER B 940 -13.76 -9.19 45.80
CA SER B 940 -15.19 -9.06 45.47
C SER B 940 -15.39 -8.24 44.20
N THR B 941 -14.78 -7.08 44.10
CA THR B 941 -15.09 -6.28 42.90
C THR B 941 -14.46 -7.01 41.72
N PRO B 942 -15.15 -7.23 40.58
CA PRO B 942 -14.56 -8.03 39.49
C PRO B 942 -13.77 -7.26 38.43
N SER B 943 -13.75 -5.94 38.51
CA SER B 943 -13.07 -5.11 37.49
C SER B 943 -11.83 -4.46 38.08
N ALA B 944 -11.32 -4.97 39.19
CA ALA B 944 -10.18 -4.30 39.82
C ALA B 944 -8.97 -4.34 38.90
N LEU B 945 -8.68 -5.50 38.35
CA LEU B 945 -7.47 -5.65 37.54
C LEU B 945 -7.84 -5.46 36.09
N GLY B 946 -8.74 -4.53 35.75
CA GLY B 946 -9.06 -4.32 34.36
C GLY B 946 -7.90 -3.79 33.54
N LYS B 947 -7.10 -2.89 34.12
CA LYS B 947 -5.98 -2.32 33.38
C LYS B 947 -5.00 -3.40 32.95
N LEU B 948 -4.80 -4.42 33.79
CA LEU B 948 -3.97 -5.54 33.39
C LEU B 948 -4.67 -6.47 32.42
N GLN B 949 -5.99 -6.61 32.52
CA GLN B 949 -6.68 -7.51 31.61
C GLN B 949 -6.74 -6.94 30.21
N ASP B 950 -7.07 -5.65 30.08
CA ASP B 950 -7.32 -5.05 28.78
C ASP B 950 -6.17 -5.32 27.83
N VAL B 951 -4.94 -5.03 28.26
CA VAL B 951 -3.79 -5.20 27.38
C VAL B 951 -3.75 -6.61 26.84
N VAL B 952 -3.89 -7.60 27.73
CA VAL B 952 -3.91 -9.00 27.29
C VAL B 952 -4.93 -9.16 26.18
N ASN B 953 -6.18 -8.81 26.47
CA ASN B 953 -7.25 -8.96 25.48
C ASN B 953 -6.84 -8.33 24.17
N GLN B 954 -6.37 -7.08 24.22
CA GLN B 954 -6.04 -6.37 23.00
C GLN B 954 -5.08 -7.20 22.17
N ASN B 955 -3.97 -7.60 22.78
CA ASN B 955 -2.97 -8.34 22.03
C ASN B 955 -3.60 -9.56 21.39
N ALA B 956 -4.31 -10.35 22.20
CA ALA B 956 -4.91 -11.56 21.69
C ALA B 956 -5.74 -11.27 20.45
N GLN B 957 -6.66 -10.30 20.56
CA GLN B 957 -7.57 -10.11 19.45
C GLN B 957 -6.82 -9.64 18.23
N ALA B 958 -5.81 -8.79 18.41
CA ALA B 958 -5.04 -8.33 17.26
C ALA B 958 -4.41 -9.53 16.56
N LEU B 959 -3.79 -10.40 17.35
CA LEU B 959 -3.17 -11.58 16.76
C LEU B 959 -4.21 -12.42 16.06
N ASN B 960 -5.38 -12.57 16.66
CA ASN B 960 -6.45 -13.33 16.02
C ASN B 960 -6.78 -12.72 14.67
N THR B 961 -6.93 -11.39 14.63
CA THR B 961 -7.32 -10.75 13.38
C THR B 961 -6.29 -11.00 12.30
N LEU B 962 -5.04 -11.23 12.67
CA LEU B 962 -4.04 -11.57 11.67
C LEU B 962 -4.36 -12.91 11.01
N VAL B 963 -4.59 -13.95 11.82
CA VAL B 963 -4.70 -15.29 11.29
C VAL B 963 -5.93 -15.41 10.40
N LYS B 964 -7.06 -14.84 10.84
CA LYS B 964 -8.25 -14.86 10.01
C LYS B 964 -8.00 -14.21 8.66
N GLN B 965 -7.20 -13.15 8.64
CA GLN B 965 -6.90 -12.47 7.39
C GLN B 965 -6.25 -13.38 6.38
N LEU B 966 -5.85 -14.59 6.78
CA LEU B 966 -5.22 -15.55 5.91
C LEU B 966 -6.24 -16.38 5.13
N SER B 967 -7.51 -16.01 5.20
CA SER B 967 -8.57 -16.71 4.49
C SER B 967 -9.40 -15.75 3.66
N SER B 968 -8.71 -14.89 2.91
CA SER B 968 -9.38 -13.90 2.08
C SER B 968 -8.78 -13.90 0.69
N ASN B 969 -9.64 -13.71 -0.32
CA ASN B 969 -9.21 -13.79 -1.71
C ASN B 969 -8.32 -12.61 -2.08
N PHE B 970 -8.73 -11.40 -1.71
CA PHE B 970 -8.14 -10.13 -2.16
C PHE B 970 -8.30 -9.92 -3.66
N GLY B 971 -9.11 -10.75 -4.32
CA GLY B 971 -9.34 -10.64 -5.74
C GLY B 971 -8.99 -11.88 -6.54
N ALA B 972 -8.18 -12.77 -5.99
CA ALA B 972 -7.80 -13.98 -6.71
C ALA B 972 -8.99 -14.93 -6.79
N ILE B 973 -8.78 -16.05 -7.49
CA ILE B 973 -9.85 -17.03 -7.64
C ILE B 973 -10.02 -17.89 -6.41
N SER B 974 -9.00 -18.02 -5.57
CA SER B 974 -9.09 -18.81 -4.35
C SER B 974 -8.12 -18.25 -3.33
N SER B 975 -8.37 -18.57 -2.07
CA SER B 975 -7.50 -18.14 -0.98
C SER B 975 -6.55 -19.22 -0.50
N VAL B 976 -6.61 -20.41 -1.10
CA VAL B 976 -5.72 -21.51 -0.75
C VAL B 976 -4.79 -21.76 -1.93
N LEU B 977 -3.49 -21.85 -1.64
CA LEU B 977 -2.49 -21.62 -2.66
C LEU B 977 -2.37 -22.80 -3.62
N ASN B 978 -2.54 -24.03 -3.10
CA ASN B 978 -2.39 -25.20 -3.94
C ASN B 978 -3.46 -25.29 -5.02
N ASP B 979 -4.64 -24.73 -4.77
CA ASP B 979 -5.67 -24.73 -5.80
C ASP B 979 -5.27 -23.88 -7.00
N ILE B 980 -4.69 -22.70 -6.75
CA ILE B 980 -4.16 -21.91 -7.86
C ILE B 980 -3.01 -22.66 -8.53
N LEU B 981 -2.13 -23.27 -7.75
CA LEU B 981 -1.00 -23.97 -8.34
C LEU B 981 -1.42 -25.16 -9.18
N SER B 982 -2.57 -25.77 -8.87
CA SER B 982 -3.03 -26.97 -9.56
C SER B 982 -3.97 -26.66 -10.72
N ARG B 983 -5.03 -25.92 -10.45
CA ARG B 983 -6.05 -25.67 -11.46
C ARG B 983 -5.66 -24.63 -12.47
N LEU B 984 -4.41 -24.20 -12.59
CA LEU B 984 -4.07 -23.13 -13.51
C LEU B 984 -2.66 -23.35 -14.05
N ASP B 985 -2.26 -22.50 -15.00
CA ASP B 985 -1.00 -22.66 -15.71
C ASP B 985 0.05 -21.67 -15.19
N PRO B 986 1.31 -22.07 -15.26
CA PRO B 986 2.40 -21.23 -14.72
C PRO B 986 2.43 -19.83 -15.29
N PRO B 987 2.21 -19.63 -16.61
CA PRO B 987 2.30 -18.27 -17.14
C PRO B 987 1.31 -17.29 -16.52
N GLU B 988 0.17 -17.78 -16.02
CA GLU B 988 -0.86 -16.91 -15.49
C GLU B 988 -1.24 -17.20 -14.05
N ALA B 989 -0.77 -18.31 -13.47
CA ALA B 989 -0.95 -18.51 -12.04
C ALA B 989 -0.20 -17.46 -11.23
N GLU B 990 0.89 -16.92 -11.78
CA GLU B 990 1.68 -15.92 -11.07
C GLU B 990 0.88 -14.67 -10.77
N VAL B 991 -0.10 -14.35 -11.63
CA VAL B 991 -0.93 -13.18 -11.38
C VAL B 991 -1.71 -13.34 -10.08
N GLN B 992 -2.38 -14.49 -9.93
CA GLN B 992 -3.11 -14.76 -8.70
C GLN B 992 -2.16 -14.83 -7.50
N ILE B 993 -1.00 -15.45 -7.68
CA ILE B 993 -0.05 -15.57 -6.58
C ILE B 993 0.36 -14.20 -6.08
N ASP B 994 0.69 -13.30 -7.01
CA ASP B 994 1.08 -11.95 -6.64
C ASP B 994 -0.05 -11.19 -5.97
N ARG B 995 -1.27 -11.39 -6.47
CA ARG B 995 -2.41 -10.71 -5.85
C ARG B 995 -2.60 -11.15 -4.41
N LEU B 996 -2.35 -12.43 -4.12
CA LEU B 996 -2.38 -12.89 -2.74
C LEU B 996 -1.25 -12.28 -1.91
N ILE B 997 -0.06 -12.21 -2.50
CA ILE B 997 1.11 -11.73 -1.76
C ILE B 997 0.92 -10.30 -1.30
N THR B 998 0.41 -9.43 -2.17
CA THR B 998 0.27 -8.04 -1.78
C THR B 998 -0.65 -7.88 -0.57
N GLY B 999 -1.78 -8.58 -0.58
CA GLY B 999 -2.71 -8.47 0.54
C GLY B 999 -2.12 -9.00 1.84
N ARG B 1000 -1.47 -10.16 1.78
CA ARG B 1000 -0.90 -10.71 3.02
C ARG B 1000 0.20 -9.80 3.57
N LEU B 1001 1.01 -9.24 2.68
CA LEU B 1001 2.06 -8.31 3.12
C LEU B 1001 1.45 -7.08 3.78
N GLN B 1002 0.36 -6.55 3.20
CA GLN B 1002 -0.28 -5.39 3.79
C GLN B 1002 -0.81 -5.68 5.18
N SER B 1003 -1.41 -6.87 5.36
CA SER B 1003 -1.91 -7.23 6.68
C SER B 1003 -0.77 -7.31 7.71
N LEU B 1004 0.36 -7.90 7.32
CA LEU B 1004 1.51 -7.91 8.21
C LEU B 1004 1.97 -6.50 8.57
N GLN B 1005 2.01 -5.60 7.59
CA GLN B 1005 2.43 -4.24 7.87
C GLN B 1005 1.55 -3.58 8.91
N THR B 1006 0.23 -3.74 8.74
CA THR B 1006 -0.71 -3.13 9.69
C THR B 1006 -0.47 -3.68 11.10
N TYR B 1007 -0.33 -5.00 11.21
CA TYR B 1007 -0.11 -5.60 12.52
C TYR B 1007 1.14 -5.03 13.19
N VAL B 1008 2.25 -4.97 12.44
CA VAL B 1008 3.50 -4.52 13.05
C VAL B 1008 3.41 -3.07 13.49
N THR B 1009 2.79 -2.22 12.68
CA THR B 1009 2.68 -0.81 13.06
C THR B 1009 1.90 -0.65 14.36
N GLN B 1010 0.76 -1.33 14.46
CA GLN B 1010 -0.02 -1.17 15.69
C GLN B 1010 0.70 -1.74 16.90
N GLN B 1011 1.48 -2.81 16.70
CA GLN B 1011 2.27 -3.34 17.80
C GLN B 1011 3.30 -2.32 18.27
N LEU B 1012 3.92 -1.60 17.34
CA LEU B 1012 4.89 -0.57 17.73
C LEU B 1012 4.23 0.51 18.58
N ILE B 1013 3.04 0.96 18.17
CA ILE B 1013 2.34 1.98 18.95
C ILE B 1013 2.07 1.49 20.37
N ARG B 1014 1.54 0.27 20.48
CA ARG B 1014 1.20 -0.26 21.79
C ARG B 1014 2.44 -0.42 22.67
N ALA B 1015 3.55 -0.84 22.06
CA ALA B 1015 4.79 -1.00 22.82
C ALA B 1015 5.26 0.34 23.36
N ALA B 1016 5.12 1.41 22.58
CA ALA B 1016 5.49 2.72 23.09
C ALA B 1016 4.65 3.10 24.30
N GLU B 1017 3.35 2.83 24.24
CA GLU B 1017 2.50 3.18 25.38
C GLU B 1017 2.87 2.37 26.63
N ILE B 1018 3.15 1.08 26.45
CA ILE B 1018 3.54 0.24 27.58
C ILE B 1018 4.87 0.72 28.17
N ARG B 1019 5.79 1.17 27.32
CA ARG B 1019 7.04 1.71 27.83
C ARG B 1019 6.82 2.92 28.70
N ALA B 1020 5.91 3.81 28.29
CA ALA B 1020 5.60 4.97 29.12
C ALA B 1020 5.07 4.54 30.48
N SER B 1021 4.16 3.56 30.48
CA SER B 1021 3.62 3.08 31.75
C SER B 1021 4.70 2.48 32.64
N ALA B 1022 5.62 1.73 32.05
CA ALA B 1022 6.69 1.11 32.84
C ALA B 1022 7.63 2.15 33.43
N ASN B 1023 7.90 3.22 32.68
CA ASN B 1023 8.72 4.30 33.23
C ASN B 1023 8.04 4.95 34.43
N LEU B 1024 6.73 5.17 34.34
CA LEU B 1024 6.01 5.72 35.49
C LEU B 1024 6.08 4.78 36.69
N ALA B 1025 5.94 3.49 36.45
CA ALA B 1025 6.02 2.53 37.55
C ALA B 1025 7.39 2.53 38.21
N ALA B 1026 8.45 2.62 37.40
CA ALA B 1026 9.79 2.67 37.98
C ALA B 1026 9.99 3.92 38.81
N THR B 1027 9.49 5.07 38.33
CA THR B 1027 9.60 6.29 39.12
C THR B 1027 8.86 6.18 40.44
N LYS B 1028 7.66 5.58 40.42
CA LYS B 1028 6.92 5.40 41.66
C LYS B 1028 7.63 4.47 42.61
N MET B 1029 8.25 3.40 42.10
CA MET B 1029 8.98 2.50 42.98
C MET B 1029 10.17 3.21 43.62
N SER B 1030 10.85 4.06 42.86
CA SER B 1030 11.96 4.80 43.45
C SER B 1030 11.49 5.78 44.51
N GLU B 1031 10.48 6.58 44.20
CA GLU B 1031 10.18 7.74 45.03
C GLU B 1031 9.17 7.48 46.14
N CYS B 1032 8.36 6.43 46.07
CA CYS B 1032 7.38 6.19 47.11
C CYS B 1032 7.63 4.95 47.95
N VAL B 1033 8.41 4.00 47.47
CA VAL B 1033 8.77 2.83 48.24
C VAL B 1033 10.13 2.99 48.92
N LEU B 1034 11.09 3.56 48.21
CA LEU B 1034 12.43 3.75 48.75
C LEU B 1034 12.59 5.07 49.50
N GLY B 1035 11.53 5.87 49.57
CA GLY B 1035 11.60 7.11 50.29
C GLY B 1035 10.21 7.54 50.71
N GLN B 1036 10.12 8.74 51.28
CA GLN B 1036 8.84 9.34 51.63
C GLN B 1036 8.64 10.58 50.75
N SER B 1037 7.52 10.61 50.04
CA SER B 1037 7.32 11.60 49.00
C SER B 1037 6.61 12.83 49.54
N LYS B 1038 6.97 13.97 48.97
CA LYS B 1038 6.42 15.26 49.37
C LYS B 1038 5.54 15.88 48.31
N ARG B 1039 5.58 15.38 47.08
CA ARG B 1039 4.81 15.96 45.99
C ARG B 1039 3.39 15.43 46.05
N VAL B 1040 2.44 16.35 46.14
CA VAL B 1040 1.08 16.01 46.56
C VAL B 1040 0.41 15.13 45.52
N ASP B 1041 -0.22 14.06 46.00
CA ASP B 1041 -1.09 13.17 45.23
C ASP B 1041 -0.32 12.30 44.26
N PHE B 1042 1.01 12.33 44.30
CA PHE B 1042 1.79 11.45 43.44
C PHE B 1042 1.55 9.99 43.76
N CYS B 1043 1.44 9.66 45.04
CA CYS B 1043 1.20 8.28 45.42
C CYS B 1043 0.37 8.25 46.69
N GLY B 1044 -0.93 8.03 46.53
CA GLY B 1044 -1.90 8.08 47.60
C GLY B 1044 -2.68 9.38 47.58
N LYS B 1045 -3.70 9.42 48.42
CA LYS B 1045 -4.47 10.64 48.64
C LYS B 1045 -4.45 10.94 50.14
N GLY B 1046 -3.85 12.07 50.49
CA GLY B 1046 -3.57 12.43 51.86
C GLY B 1046 -2.11 12.79 51.99
N TYR B 1047 -1.60 12.78 53.21
CA TYR B 1047 -0.19 13.01 53.44
C TYR B 1047 0.52 11.67 53.45
N HIS B 1048 1.50 11.52 52.57
CA HIS B 1048 2.10 10.21 52.33
C HIS B 1048 2.96 9.78 53.51
N LEU B 1049 2.74 8.56 53.99
CA LEU B 1049 3.58 7.97 55.01
C LEU B 1049 4.53 6.93 54.41
N MET B 1050 4.01 5.93 53.72
CA MET B 1050 4.87 4.88 53.18
C MET B 1050 4.08 4.06 52.18
N SER B 1051 4.74 3.12 51.52
CA SER B 1051 4.03 2.28 50.56
C SER B 1051 4.78 0.99 50.36
N PHE B 1052 4.04 -0.04 49.92
CA PHE B 1052 4.57 -1.38 49.75
C PHE B 1052 4.25 -1.92 48.36
N PRO B 1053 5.18 -2.65 47.74
CA PRO B 1053 4.91 -3.23 46.42
C PRO B 1053 4.40 -4.66 46.45
N GLN B 1054 3.67 -5.05 45.41
CA GLN B 1054 3.29 -6.44 45.16
C GLN B 1054 3.31 -6.68 43.67
N SER B 1055 3.57 -7.93 43.28
CA SER B 1055 3.71 -8.27 41.87
C SER B 1055 2.43 -8.90 41.34
N ALA B 1056 2.17 -8.70 40.07
CA ALA B 1056 1.01 -9.22 39.38
C ALA B 1056 1.46 -9.89 38.09
N PRO B 1057 0.55 -10.57 37.38
CA PRO B 1057 0.93 -11.22 36.11
C PRO B 1057 1.82 -10.40 35.18
N HIS B 1058 1.40 -9.23 34.76
CA HIS B 1058 2.22 -8.41 33.88
C HIS B 1058 2.33 -6.99 34.39
N GLY B 1059 2.53 -6.83 35.69
CA GLY B 1059 2.58 -5.50 36.25
C GLY B 1059 2.76 -5.51 37.75
N VAL B 1060 2.49 -4.36 38.35
CA VAL B 1060 2.78 -4.13 39.76
C VAL B 1060 1.59 -3.45 40.43
N VAL B 1061 1.48 -3.67 41.73
CA VAL B 1061 0.44 -3.08 42.57
C VAL B 1061 1.13 -2.39 43.74
N PHE B 1062 0.75 -1.14 44.00
CA PHE B 1062 1.28 -0.39 45.12
C PHE B 1062 0.19 -0.20 46.16
N LEU B 1063 0.52 -0.48 47.42
CA LEU B 1063 -0.34 -0.16 48.55
C LEU B 1063 0.23 1.07 49.25
N HIS B 1064 -0.50 2.17 49.18
CA HIS B 1064 -0.06 3.45 49.70
C HIS B 1064 -0.71 3.65 51.08
N VAL B 1065 0.12 3.83 52.10
CA VAL B 1065 -0.31 4.09 53.46
C VAL B 1065 -0.15 5.58 53.71
N THR B 1066 -1.26 6.24 54.08
CA THR B 1066 -1.32 7.68 54.14
C THR B 1066 -2.17 8.14 55.32
N TYR B 1067 -2.01 9.40 55.68
CA TYR B 1067 -2.55 9.99 56.90
C TYR B 1067 -3.62 11.02 56.54
N VAL B 1068 -4.80 10.88 57.08
CA VAL B 1068 -5.94 11.77 56.68
C VAL B 1068 -6.49 12.47 57.91
N PRO B 1069 -6.49 13.80 57.97
CA PRO B 1069 -6.98 14.49 59.11
C PRO B 1069 -8.48 14.31 59.36
N ALA B 1070 -8.96 14.34 60.61
CA ALA B 1070 -10.37 14.06 60.92
C ALA B 1070 -10.90 14.75 62.15
N GLN B 1071 -12.21 14.80 62.35
CA GLN B 1071 -12.91 15.41 63.51
C GLN B 1071 -12.55 16.86 63.78
N GLU B 1072 -12.70 17.76 62.83
CA GLU B 1072 -12.28 19.16 62.95
C GLU B 1072 -13.15 19.98 63.86
N LYS B 1073 -12.61 20.94 64.58
CA LYS B 1073 -13.38 21.89 65.39
C LYS B 1073 -12.89 23.26 64.96
N ASN B 1074 -13.62 24.32 65.23
CA ASN B 1074 -13.29 25.66 64.76
C ASN B 1074 -13.06 26.61 65.93
N PHE B 1075 -12.08 27.47 65.78
CA PHE B 1075 -11.61 28.39 66.81
C PHE B 1075 -11.46 29.78 66.21
N THR B 1076 -11.17 30.74 67.09
CA THR B 1076 -10.85 32.10 66.72
C THR B 1076 -9.34 32.27 66.76
N THR B 1077 -8.79 33.03 65.82
CA THR B 1077 -7.35 33.11 65.65
C THR B 1077 -6.92 34.55 65.46
N ALA B 1078 -5.61 34.78 65.53
CA ALA B 1078 -5.02 36.10 65.39
C ALA B 1078 -3.60 35.95 64.85
N PRO B 1079 -3.10 36.92 64.09
CA PRO B 1079 -1.78 36.78 63.47
C PRO B 1079 -0.62 37.01 64.42
N ALA B 1080 -0.78 37.90 65.40
CA ALA B 1080 0.29 38.21 66.33
C ALA B 1080 -0.34 38.64 67.66
N ILE B 1081 0.49 38.70 68.70
CA ILE B 1081 0.01 39.04 70.03
C ILE B 1081 0.85 40.18 70.60
N CYS B 1082 0.17 41.16 71.20
CA CYS B 1082 0.82 42.35 71.71
C CYS B 1082 1.14 42.20 73.19
N HIS B 1083 2.34 42.61 73.58
CA HIS B 1083 2.74 42.56 74.98
C HIS B 1083 3.91 43.51 75.18
N ASP B 1084 3.78 44.41 76.16
CA ASP B 1084 4.82 45.40 76.47
C ASP B 1084 5.17 46.24 75.24
N GLY B 1085 4.16 46.55 74.43
CA GLY B 1085 4.40 47.29 73.21
C GLY B 1085 5.30 46.57 72.23
N LYS B 1086 5.25 45.25 72.21
CA LYS B 1086 6.02 44.44 71.27
C LYS B 1086 5.11 43.40 70.66
N ALA B 1087 5.36 43.06 69.41
CA ALA B 1087 4.57 42.11 68.67
C ALA B 1087 5.25 40.74 68.70
N HIS B 1088 4.48 39.71 69.01
CA HIS B 1088 4.99 38.36 69.14
C HIS B 1088 4.33 37.47 68.11
N PHE B 1089 5.15 36.64 67.44
CA PHE B 1089 4.74 35.69 66.44
C PHE B 1089 5.11 34.28 66.88
N PRO B 1090 4.34 33.27 66.47
CA PRO B 1090 4.64 31.91 66.92
C PRO B 1090 5.78 31.29 66.12
N ARG B 1091 6.68 30.60 66.83
CA ARG B 1091 7.84 30.01 66.19
C ARG B 1091 7.43 28.94 65.18
N GLU B 1092 6.51 28.07 65.57
CA GLU B 1092 5.94 27.10 64.64
C GLU B 1092 4.59 26.65 65.20
N GLY B 1093 3.53 27.06 64.55
CA GLY B 1093 2.20 26.82 65.05
C GLY B 1093 1.30 27.97 64.71
N VAL B 1094 0.22 28.10 65.49
CA VAL B 1094 -0.80 29.11 65.24
C VAL B 1094 -1.48 29.43 66.57
N PHE B 1095 -1.87 30.70 66.72
CA PHE B 1095 -2.57 31.16 67.91
C PHE B 1095 -4.04 30.81 67.81
N VAL B 1096 -4.61 30.24 68.88
CA VAL B 1096 -6.02 29.89 68.89
C VAL B 1096 -6.65 30.36 70.20
N SER B 1097 -7.97 30.50 70.18
CA SER B 1097 -8.71 30.93 71.37
C SER B 1097 -9.96 30.08 71.53
N ASN B 1098 -10.15 29.53 72.72
CA ASN B 1098 -11.37 28.78 73.03
C ASN B 1098 -12.42 29.69 73.65
N GLY B 1099 -12.65 30.84 73.04
CA GLY B 1099 -13.59 31.81 73.55
C GLY B 1099 -13.05 32.80 74.56
N THR B 1100 -12.27 32.34 75.53
CA THR B 1100 -11.78 33.21 76.60
C THR B 1100 -10.27 33.26 76.72
N HIS B 1101 -9.58 32.14 76.55
CA HIS B 1101 -8.13 32.08 76.71
C HIS B 1101 -7.46 31.93 75.35
N TRP B 1102 -6.15 32.17 75.32
CA TRP B 1102 -5.35 32.07 74.12
C TRP B 1102 -4.25 31.03 74.30
N PHE B 1103 -4.02 30.23 73.26
CA PHE B 1103 -3.03 29.17 73.29
C PHE B 1103 -2.27 29.14 71.98
N VAL B 1104 -1.23 28.32 71.94
CA VAL B 1104 -0.45 28.06 70.74
C VAL B 1104 -0.60 26.58 70.41
N THR B 1105 -0.85 26.27 69.15
CA THR B 1105 -1.00 24.87 68.78
C THR B 1105 -0.26 24.60 67.47
N GLN B 1106 0.05 23.33 67.26
CA GLN B 1106 0.59 22.91 65.97
C GLN B 1106 -0.54 22.81 64.96
N ARG B 1107 -0.19 22.98 63.68
CA ARG B 1107 -1.20 23.28 62.68
C ARG B 1107 -1.98 22.07 62.19
N ASN B 1108 -1.57 20.85 62.53
CA ASN B 1108 -2.19 19.66 61.98
C ASN B 1108 -2.83 18.76 63.02
N PHE B 1109 -2.76 19.13 64.30
CA PHE B 1109 -3.34 18.31 65.36
C PHE B 1109 -3.54 19.22 66.55
N TYR B 1110 -4.74 19.22 67.11
CA TYR B 1110 -5.06 20.18 68.16
C TYR B 1110 -4.38 19.75 69.46
N GLU B 1111 -3.50 20.59 69.96
CA GLU B 1111 -2.77 20.35 71.19
C GLU B 1111 -2.35 21.69 71.77
N PRO B 1112 -3.19 22.31 72.59
CA PRO B 1112 -2.92 23.68 73.01
C PRO B 1112 -1.89 23.76 74.13
N GLN B 1113 -1.19 24.89 74.17
CA GLN B 1113 -0.13 25.10 75.13
C GLN B 1113 -0.14 26.54 75.59
N ILE B 1114 0.67 26.82 76.61
CA ILE B 1114 0.73 28.15 77.20
C ILE B 1114 1.71 29.00 76.42
N ILE B 1115 1.30 30.22 76.08
CA ILE B 1115 2.13 31.11 75.28
C ILE B 1115 3.27 31.61 76.15
N THR B 1116 4.49 31.24 75.79
CA THR B 1116 5.66 31.67 76.55
C THR B 1116 6.67 32.36 75.65
N THR B 1117 7.86 32.60 76.17
CA THR B 1117 8.95 33.19 75.40
C THR B 1117 9.79 32.12 74.72
N ASP B 1118 9.42 30.85 74.85
CA ASP B 1118 10.16 29.76 74.22
C ASP B 1118 9.49 29.22 72.97
N ASN B 1119 8.23 29.54 72.73
CA ASN B 1119 7.54 29.15 71.51
C ASN B 1119 7.03 30.38 70.77
N THR B 1120 7.86 31.41 70.69
CA THR B 1120 7.45 32.72 70.20
C THR B 1120 8.70 33.56 69.97
N PHE B 1121 8.66 34.40 68.94
CA PHE B 1121 9.72 35.37 68.71
C PHE B 1121 9.13 36.75 68.50
N VAL B 1122 9.98 37.76 68.67
CA VAL B 1122 9.56 39.16 68.71
C VAL B 1122 10.12 39.89 67.50
N SER B 1123 9.32 40.79 66.93
CA SER B 1123 9.78 41.59 65.80
C SER B 1123 8.94 42.85 65.72
N GLY B 1124 9.55 44.00 65.97
CA GLY B 1124 8.88 45.27 65.81
C GLY B 1124 7.96 45.59 66.97
N ASN B 1125 7.26 46.71 66.82
CA ASN B 1125 6.32 47.17 67.84
C ASN B 1125 4.89 46.85 67.43
N CYS B 1126 3.93 47.36 68.19
CA CYS B 1126 2.54 46.94 68.14
C CYS B 1126 1.68 47.80 67.23
N ASP B 1127 2.24 48.35 66.14
CA ASP B 1127 1.52 49.34 65.36
C ASP B 1127 1.35 48.97 63.89
N VAL B 1128 2.04 47.98 63.38
CA VAL B 1128 2.05 47.70 61.94
C VAL B 1128 1.08 46.59 61.57
N VAL B 1129 1.07 45.49 62.35
CA VAL B 1129 0.27 44.32 62.00
C VAL B 1129 -1.22 44.66 62.09
N ILE B 1130 -1.99 44.11 61.17
CA ILE B 1130 -3.43 44.34 61.11
C ILE B 1130 -4.12 43.14 61.74
N GLY B 1131 -4.77 43.36 62.87
CA GLY B 1131 -5.47 42.31 63.57
C GLY B 1131 -4.81 41.80 64.83
N ILE B 1132 -3.76 42.49 65.31
CA ILE B 1132 -3.07 42.06 66.51
C ILE B 1132 -4.02 42.17 67.71
N VAL B 1133 -3.81 41.30 68.71
CA VAL B 1133 -4.65 41.27 69.89
C VAL B 1133 -3.78 41.42 71.13
N ASN B 1134 -4.44 41.66 72.26
CA ASN B 1134 -3.78 41.90 73.53
C ASN B 1134 -3.83 40.64 74.38
N ASN B 1135 -2.69 40.24 74.91
CA ASN B 1135 -2.62 39.13 75.86
C ASN B 1135 -1.26 39.17 76.53
N THR B 1136 -1.07 38.29 77.50
CA THR B 1136 0.18 38.22 78.26
C THR B 1136 1.04 37.08 77.75
N VAL B 1137 2.34 37.30 77.70
CA VAL B 1137 3.32 36.32 77.25
C VAL B 1137 4.13 35.93 78.47
N TYR B 1138 3.84 34.74 79.00
CA TYR B 1138 4.46 34.30 80.25
C TYR B 1138 5.95 34.04 80.06
N ASP B 1139 6.73 34.40 81.09
CA ASP B 1139 8.17 34.21 81.06
C ASP B 1139 8.56 33.18 82.10
N PRO B 1140 9.25 32.10 81.72
CA PRO B 1140 9.55 31.02 82.66
C PRO B 1140 10.74 31.27 83.57
N LEU B 1141 11.23 32.50 83.68
CA LEU B 1141 12.39 32.81 84.51
C LEU B 1141 12.03 33.52 85.80
N GLN B 1142 11.04 34.41 85.77
CA GLN B 1142 10.67 35.15 86.97
C GLN B 1142 10.30 34.26 88.16
N PRO B 1143 9.52 33.16 87.99
CA PRO B 1143 9.31 32.23 89.11
C PRO B 1143 10.59 31.85 89.83
N GLU B 1144 11.57 31.33 89.09
CA GLU B 1144 12.85 30.98 89.69
C GLU B 1144 13.56 32.21 90.23
N LEU B 1145 13.52 33.32 89.48
CA LEU B 1145 14.25 34.52 89.87
C LEU B 1145 13.74 35.09 91.18
N ASP B 1146 12.49 34.82 91.55
CA ASP B 1146 11.94 35.31 92.81
C ASP B 1146 11.92 34.27 93.91
N SER B 1147 11.73 32.98 93.58
CA SER B 1147 11.87 31.95 94.59
C SER B 1147 13.32 31.86 95.06
N PHE B 1148 14.27 32.11 94.16
CA PHE B 1148 15.67 32.28 94.52
C PHE B 1148 16.20 33.53 93.83
N LYS B 1149 16.62 34.50 94.63
CA LYS B 1149 17.12 35.77 94.11
C LYS B 1149 18.52 35.60 93.53
N PRO C 26 5.93 49.58 -31.69
CA PRO C 26 6.48 50.79 -31.08
C PRO C 26 5.52 51.45 -30.10
N ALA C 27 6.08 52.26 -29.19
CA ALA C 27 5.31 52.99 -28.18
C ALA C 27 4.51 52.04 -27.29
N TYR C 28 5.24 51.13 -26.64
CA TYR C 28 4.60 50.14 -25.79
C TYR C 28 4.11 50.76 -24.48
N THR C 29 3.32 50.00 -23.75
CA THR C 29 2.93 50.38 -22.39
C THR C 29 2.88 49.11 -21.56
N ASN C 30 2.56 49.24 -20.28
CA ASN C 30 2.48 48.09 -19.39
C ASN C 30 1.05 47.93 -18.88
N SER C 31 0.49 46.75 -19.09
CA SER C 31 -0.74 46.33 -18.44
C SER C 31 -0.43 45.98 -17.00
N PHE C 32 -1.03 46.70 -16.05
CA PHE C 32 -0.65 46.55 -14.64
C PHE C 32 -1.33 45.34 -14.02
N THR C 33 -2.65 45.38 -13.89
CA THR C 33 -3.44 44.32 -13.28
C THR C 33 -4.72 44.12 -14.07
N ARG C 34 -4.61 44.13 -15.38
CA ARG C 34 -5.77 44.16 -16.26
C ARG C 34 -5.81 42.90 -17.11
N GLY C 35 -7.02 42.54 -17.53
CA GLY C 35 -7.21 41.37 -18.37
C GLY C 35 -7.59 40.11 -17.62
N VAL C 36 -8.37 40.22 -16.55
CA VAL C 36 -8.78 39.07 -15.75
C VAL C 36 -10.27 38.87 -15.96
N TYR C 37 -10.66 37.62 -16.17
CA TYR C 37 -12.04 37.29 -16.54
C TYR C 37 -12.51 36.09 -15.74
N TYR C 38 -13.83 35.98 -15.60
CA TYR C 38 -14.40 34.83 -14.92
C TYR C 38 -14.16 33.58 -15.74
N PRO C 39 -13.45 32.57 -15.22
CA PRO C 39 -13.09 31.42 -16.05
C PRO C 39 -14.21 30.40 -16.23
N ASP C 40 -15.31 30.51 -15.52
CA ASP C 40 -16.38 29.52 -15.59
C ASP C 40 -17.66 30.14 -15.04
N LYS C 41 -18.71 29.32 -14.92
CA LYS C 41 -20.02 29.76 -14.49
C LYS C 41 -20.29 29.52 -13.02
N VAL C 42 -19.37 28.89 -12.30
CA VAL C 42 -19.60 28.56 -10.90
C VAL C 42 -19.66 29.82 -10.06
N PHE C 43 -20.45 29.76 -8.98
CA PHE C 43 -20.59 30.85 -8.03
C PHE C 43 -19.88 30.46 -6.74
N ARG C 44 -19.03 31.36 -6.23
CA ARG C 44 -18.29 31.14 -5.01
C ARG C 44 -18.39 32.39 -4.14
N SER C 45 -18.32 32.20 -2.83
CA SER C 45 -18.58 33.27 -1.88
C SER C 45 -17.48 33.34 -0.84
N SER C 46 -16.84 34.50 -0.72
CA SER C 46 -15.83 34.78 0.30
C SER C 46 -14.79 33.65 0.37
N VAL C 47 -14.06 33.49 -0.72
CA VAL C 47 -13.13 32.37 -0.85
C VAL C 47 -11.95 32.81 -1.71
N LEU C 48 -10.86 32.06 -1.62
CA LEU C 48 -9.69 32.22 -2.46
C LEU C 48 -9.54 30.95 -3.30
N HIS C 49 -9.59 31.10 -4.62
CA HIS C 49 -9.54 29.95 -5.50
C HIS C 49 -8.33 30.02 -6.41
N SER C 50 -7.70 28.87 -6.64
CA SER C 50 -6.49 28.79 -7.45
C SER C 50 -6.83 28.17 -8.79
N THR C 51 -6.84 28.99 -9.84
CA THR C 51 -7.15 28.54 -11.19
C THR C 51 -5.87 28.48 -12.02
N GLN C 52 -5.93 27.70 -13.09
CA GLN C 52 -4.80 27.58 -14.01
C GLN C 52 -5.36 27.59 -15.42
N ASP C 53 -5.05 28.63 -16.19
CA ASP C 53 -5.67 28.82 -17.48
C ASP C 53 -4.88 29.87 -18.26
N LEU C 54 -5.43 30.30 -19.40
CA LEU C 54 -4.78 31.26 -20.29
C LEU C 54 -5.11 32.66 -19.82
N PHE C 55 -4.11 33.39 -19.33
CA PHE C 55 -4.31 34.73 -18.82
C PHE C 55 -3.26 35.67 -19.41
N LEU C 56 -3.43 36.96 -19.10
CA LEU C 56 -2.46 37.97 -19.49
C LEU C 56 -1.61 38.32 -18.29
N PRO C 57 -0.30 38.04 -18.32
CA PRO C 57 0.53 38.25 -17.13
C PRO C 57 0.52 39.69 -16.65
N PHE C 58 0.64 39.85 -15.34
CA PHE C 58 0.64 41.18 -14.75
C PHE C 58 1.85 41.98 -15.24
N PHE C 59 1.67 43.30 -15.29
CA PHE C 59 2.74 44.22 -15.65
C PHE C 59 3.38 43.85 -16.99
N SER C 60 2.54 43.44 -17.94
CA SER C 60 3.06 42.94 -19.20
C SER C 60 3.23 44.08 -20.20
N ASN C 61 3.95 43.80 -21.28
CA ASN C 61 4.19 44.78 -22.33
C ASN C 61 3.09 44.66 -23.37
N VAL C 62 2.25 45.69 -23.45
CA VAL C 62 1.09 45.75 -24.32
C VAL C 62 1.38 46.72 -25.44
N THR C 63 1.09 46.31 -26.67
CA THR C 63 1.31 47.15 -27.83
C THR C 63 0.23 48.23 -27.92
N TRP C 64 0.63 49.42 -28.32
CA TRP C 64 -0.25 50.59 -28.36
C TRP C 64 -0.33 51.10 -29.79
N PHE C 65 -1.33 50.61 -30.54
CA PHE C 65 -1.54 51.11 -31.89
C PHE C 65 -2.26 52.44 -31.85
N HIS C 66 -1.89 53.33 -32.76
CA HIS C 66 -2.43 54.67 -32.78
C HIS C 66 -2.65 55.16 -34.20
N PHE C 79 -6.36 55.18 -40.66
CA PHE C 79 -4.95 55.43 -40.37
C PHE C 79 -4.21 54.16 -39.98
N ASP C 80 -4.46 53.70 -38.75
CA ASP C 80 -3.74 52.58 -38.17
C ASP C 80 -4.63 51.34 -38.20
N ASN C 81 -4.23 50.34 -38.99
CA ASN C 81 -4.96 49.07 -39.05
C ASN C 81 -4.09 47.95 -39.60
N PRO C 82 -3.02 47.56 -38.91
CA PRO C 82 -2.18 46.46 -39.41
C PRO C 82 -2.87 45.11 -39.32
N VAL C 83 -2.17 44.05 -39.71
CA VAL C 83 -2.69 42.69 -39.68
C VAL C 83 -1.87 41.92 -38.65
N LEU C 84 -2.54 41.37 -37.65
CA LEU C 84 -1.85 40.83 -36.48
C LEU C 84 -2.12 39.34 -36.34
N PRO C 85 -1.24 38.61 -35.66
CA PRO C 85 -1.50 37.20 -35.36
C PRO C 85 -2.39 37.06 -34.13
N PHE C 86 -2.81 35.83 -33.86
CA PHE C 86 -3.73 35.55 -32.76
C PHE C 86 -3.00 35.03 -31.53
N ASN C 87 -2.28 33.91 -31.65
CA ASN C 87 -1.43 33.38 -30.60
C ASN C 87 -2.21 33.12 -29.31
N ASP C 88 -3.14 32.17 -29.40
CA ASP C 88 -3.89 31.68 -28.24
C ASP C 88 -4.66 32.81 -27.56
N GLY C 89 -5.62 33.36 -28.29
CA GLY C 89 -6.47 34.39 -27.74
C GLY C 89 -5.79 35.74 -27.65
N VAL C 90 -6.57 36.81 -27.45
CA VAL C 90 -6.05 38.16 -27.51
C VAL C 90 -6.82 39.02 -26.51
N TYR C 91 -6.09 39.88 -25.82
CA TYR C 91 -6.67 40.96 -25.03
C TYR C 91 -6.65 42.24 -25.87
N PHE C 92 -7.80 42.89 -25.98
CA PHE C 92 -7.95 44.08 -26.78
C PHE C 92 -8.57 45.16 -25.90
N ALA C 93 -8.07 46.38 -26.00
CA ALA C 93 -8.63 47.48 -25.25
C ALA C 93 -8.79 48.70 -26.16
N SER C 94 -9.83 49.48 -25.89
CA SER C 94 -10.12 50.67 -26.67
C SER C 94 -10.44 51.82 -25.72
N THR C 95 -9.77 52.96 -25.94
CA THR C 95 -9.80 54.06 -24.99
C THR C 95 -11.07 54.90 -25.16
N GLU C 96 -11.09 56.07 -24.53
CA GLU C 96 -12.26 56.93 -24.58
C GLU C 96 -12.44 57.53 -25.96
N LYS C 97 -13.69 57.91 -26.25
CA LYS C 97 -14.08 58.53 -27.52
C LYS C 97 -13.62 57.74 -28.74
N SER C 98 -13.31 56.47 -28.56
CA SER C 98 -12.88 55.62 -29.67
C SER C 98 -14.06 54.94 -30.34
N ASN C 99 -15.04 55.74 -30.75
CA ASN C 99 -16.22 55.26 -31.45
C ASN C 99 -15.97 55.05 -32.93
N ILE C 100 -14.69 54.96 -33.32
CA ILE C 100 -14.33 54.64 -34.68
C ILE C 100 -14.10 53.14 -34.87
N ILE C 101 -13.72 52.43 -33.80
CA ILE C 101 -13.59 50.98 -33.88
C ILE C 101 -14.97 50.36 -33.96
N ARG C 102 -15.14 49.42 -34.90
CA ARG C 102 -16.46 48.88 -35.21
C ARG C 102 -16.54 47.36 -35.22
N GLY C 103 -15.42 46.65 -35.30
CA GLY C 103 -15.49 45.20 -35.37
C GLY C 103 -14.17 44.61 -35.77
N TRP C 104 -14.20 43.31 -36.04
CA TRP C 104 -12.98 42.56 -36.24
C TRP C 104 -13.17 41.49 -37.29
N ILE C 105 -12.07 41.12 -37.92
CA ILE C 105 -12.01 40.05 -38.92
C ILE C 105 -11.00 39.03 -38.42
N PHE C 106 -11.39 37.77 -38.41
CA PHE C 106 -10.52 36.68 -37.99
C PHE C 106 -10.48 35.64 -39.09
N GLY C 107 -9.33 35.00 -39.24
CA GLY C 107 -9.22 33.93 -40.23
C GLY C 107 -7.81 33.41 -40.33
N THR C 108 -7.59 32.58 -41.34
CA THR C 108 -6.30 31.96 -41.61
C THR C 108 -5.68 32.45 -42.90
N THR C 109 -6.42 32.38 -44.01
CA THR C 109 -5.92 32.85 -45.30
C THR C 109 -6.51 34.19 -45.72
N LEU C 110 -7.61 34.61 -45.12
CA LEU C 110 -8.33 35.84 -45.46
C LEU C 110 -8.88 35.82 -46.88
N ASP C 111 -8.74 34.70 -47.57
CA ASP C 111 -9.14 34.53 -48.95
C ASP C 111 -10.24 33.47 -49.02
N SER C 112 -11.02 33.51 -50.10
CA SER C 112 -12.15 32.60 -50.30
C SER C 112 -11.73 31.14 -50.36
N LYS C 113 -10.42 30.83 -50.26
CA LYS C 113 -9.98 29.45 -50.13
C LYS C 113 -10.61 28.80 -48.90
N THR C 114 -10.56 29.49 -47.75
CA THR C 114 -11.09 28.97 -46.51
C THR C 114 -12.05 29.98 -45.89
N GLN C 115 -12.99 29.47 -45.10
CA GLN C 115 -13.95 30.32 -44.43
C GLN C 115 -13.26 31.23 -43.42
N SER C 116 -13.80 32.44 -43.30
CA SER C 116 -13.32 33.41 -42.32
C SER C 116 -14.43 33.69 -41.32
N LEU C 117 -14.19 34.65 -40.45
CA LEU C 117 -15.13 35.00 -39.41
C LEU C 117 -15.13 36.51 -39.22
N LEU C 118 -16.31 37.09 -39.01
CA LEU C 118 -16.50 38.53 -39.12
C LEU C 118 -17.49 39.02 -38.07
N ILE C 119 -17.11 40.04 -37.31
CA ILE C 119 -18.02 40.75 -36.42
C ILE C 119 -18.02 42.22 -36.80
N VAL C 120 -19.22 42.79 -36.99
CA VAL C 120 -19.35 44.20 -37.32
C VAL C 120 -20.51 44.80 -36.52
N ASN C 121 -20.31 46.02 -36.02
CA ASN C 121 -21.39 46.84 -35.49
C ASN C 121 -21.78 47.88 -36.53
N ASN C 122 -23.07 48.18 -36.62
CA ASN C 122 -23.59 49.17 -37.55
C ASN C 122 -24.42 50.23 -36.83
N ALA C 123 -24.13 50.43 -35.54
CA ALA C 123 -24.78 51.40 -34.66
C ALA C 123 -26.20 50.98 -34.29
N THR C 124 -26.68 49.88 -34.87
CA THR C 124 -27.99 49.36 -34.51
C THR C 124 -28.05 47.85 -34.40
N ASN C 125 -26.97 47.12 -34.72
CA ASN C 125 -26.97 45.67 -34.67
C ASN C 125 -25.58 45.19 -34.29
N VAL C 126 -25.43 43.88 -34.19
CA VAL C 126 -24.13 43.23 -34.30
C VAL C 126 -24.29 42.03 -35.22
N VAL C 127 -23.42 41.93 -36.22
CA VAL C 127 -23.55 40.94 -37.29
C VAL C 127 -22.30 40.07 -37.27
N ILE C 128 -22.51 38.75 -37.35
CA ILE C 128 -21.44 37.77 -37.33
C ILE C 128 -21.61 36.90 -38.57
N LYS C 129 -20.52 36.72 -39.31
CA LYS C 129 -20.57 36.05 -40.60
C LYS C 129 -19.41 35.07 -40.72
N VAL C 130 -19.68 33.90 -41.29
CA VAL C 130 -18.69 32.82 -41.35
C VAL C 130 -18.56 32.31 -42.79
N CYS C 131 -18.78 33.20 -43.76
CA CYS C 131 -18.68 32.79 -45.16
C CYS C 131 -17.22 32.84 -45.63
N GLU C 132 -17.02 32.52 -46.91
CA GLU C 132 -15.68 32.46 -47.51
C GLU C 132 -15.37 33.75 -48.25
N PHE C 133 -15.11 34.81 -47.47
CA PHE C 133 -14.87 36.12 -48.06
C PHE C 133 -13.46 36.20 -48.65
N GLN C 134 -13.21 37.30 -49.35
CA GLN C 134 -11.87 37.77 -49.66
C GLN C 134 -11.75 39.22 -49.21
N PHE C 135 -10.69 39.51 -48.47
CA PHE C 135 -10.51 40.82 -47.88
C PHE C 135 -9.90 41.78 -48.89
N CYS C 136 -9.52 42.97 -48.44
CA CYS C 136 -8.89 43.97 -49.28
C CYS C 136 -7.52 44.31 -48.70
N ASN C 137 -6.76 45.09 -49.47
CA ASN C 137 -5.49 45.59 -48.96
C ASN C 137 -5.68 46.58 -47.81
N ASP C 138 -6.88 47.13 -47.67
CA ASP C 138 -7.18 48.06 -46.59
C ASP C 138 -8.68 48.16 -46.36
N PRO C 139 -9.31 47.13 -45.79
CA PRO C 139 -10.72 47.25 -45.42
C PRO C 139 -10.91 48.31 -44.35
N PHE C 140 -12.04 49.00 -44.41
CA PHE C 140 -12.34 50.07 -43.48
C PHE C 140 -13.85 50.22 -43.40
N LEU C 141 -14.32 51.33 -42.83
CA LEU C 141 -15.74 51.62 -42.81
C LEU C 141 -16.00 53.06 -43.26
N MET C 153 -24.84 57.62 -43.64
CA MET C 153 -23.80 58.10 -44.52
C MET C 153 -22.65 57.11 -44.60
N GLU C 154 -22.87 55.93 -44.03
CA GLU C 154 -21.79 54.98 -43.84
C GLU C 154 -21.55 54.13 -45.08
N SER C 155 -20.28 53.80 -45.32
CA SER C 155 -19.88 52.94 -46.42
C SER C 155 -19.30 51.66 -45.83
N GLU C 156 -19.88 50.52 -46.21
CA GLU C 156 -19.54 49.24 -45.60
C GLU C 156 -19.34 48.20 -46.70
N PHE C 157 -19.23 46.94 -46.29
CA PHE C 157 -18.89 45.84 -47.19
C PHE C 157 -17.57 46.11 -47.92
N ARG C 158 -16.60 46.66 -47.19
CA ARG C 158 -15.26 46.84 -47.74
C ARG C 158 -14.51 45.51 -47.80
N VAL C 159 -14.31 44.89 -46.63
CA VAL C 159 -13.74 43.56 -46.59
C VAL C 159 -14.58 42.59 -47.40
N TYR C 160 -15.90 42.79 -47.41
CA TYR C 160 -16.80 41.96 -48.19
C TYR C 160 -16.56 42.13 -49.69
N SER C 161 -16.07 41.08 -50.34
CA SER C 161 -16.00 41.01 -51.79
C SER C 161 -16.93 39.95 -52.35
N SER C 162 -16.84 38.73 -51.84
CA SER C 162 -17.72 37.64 -52.23
C SER C 162 -18.11 36.84 -51.00
N ALA C 163 -19.19 36.07 -51.13
CA ALA C 163 -19.73 35.29 -50.02
C ALA C 163 -20.00 33.85 -50.47
N ASN C 164 -19.02 33.26 -51.15
CA ASN C 164 -19.21 31.93 -51.73
C ASN C 164 -19.30 30.86 -50.65
N ASN C 165 -20.23 29.92 -50.83
CA ASN C 165 -20.34 28.72 -50.01
C ASN C 165 -20.52 29.07 -48.53
N CYS C 166 -21.50 29.93 -48.25
CA CYS C 166 -21.74 30.38 -46.89
C CYS C 166 -22.08 29.21 -45.98
N THR C 167 -21.59 29.26 -44.74
CA THR C 167 -21.77 28.18 -43.78
C THR C 167 -22.58 28.59 -42.57
N PHE C 168 -22.20 29.66 -41.88
CA PHE C 168 -22.90 30.11 -40.68
C PHE C 168 -23.09 31.61 -40.72
N GLU C 169 -24.21 32.06 -40.17
CA GLU C 169 -24.52 33.48 -40.07
C GLU C 169 -25.21 33.72 -38.74
N TYR C 170 -25.20 34.98 -38.29
CA TYR C 170 -25.78 35.27 -36.99
C TYR C 170 -25.94 36.77 -36.83
N VAL C 171 -26.98 37.16 -36.09
CA VAL C 171 -27.26 38.56 -35.80
C VAL C 171 -27.64 38.63 -34.32
N SER C 172 -27.40 39.79 -33.71
CA SER C 172 -27.82 40.01 -32.34
C SER C 172 -27.92 41.50 -32.07
N GLN C 173 -28.36 41.84 -30.86
CA GLN C 173 -28.51 43.23 -30.47
C GLN C 173 -27.14 43.85 -30.20
N PRO C 174 -26.94 45.12 -30.55
CA PRO C 174 -25.64 45.75 -30.32
C PRO C 174 -25.41 45.99 -28.84
N PHE C 175 -24.31 45.41 -28.33
CA PHE C 175 -24.00 45.51 -26.90
C PHE C 175 -23.78 46.97 -26.48
N LEU C 176 -22.77 47.63 -27.05
CA LEU C 176 -22.54 49.05 -26.81
C LEU C 176 -21.49 49.51 -27.80
N MET C 177 -21.22 50.82 -27.82
CA MET C 177 -20.26 51.40 -28.74
C MET C 177 -18.83 51.02 -28.37
N PHE C 186 -13.02 60.63 -20.46
CA PHE C 186 -14.09 60.31 -19.54
C PHE C 186 -15.11 59.35 -20.12
N LYS C 187 -14.76 58.65 -21.20
CA LYS C 187 -15.67 57.70 -21.80
C LYS C 187 -15.30 56.32 -21.28
N ASN C 188 -16.20 55.36 -21.46
CA ASN C 188 -15.93 54.00 -21.02
C ASN C 188 -14.83 53.39 -21.87
N LEU C 189 -13.66 53.22 -21.28
CA LEU C 189 -12.70 52.24 -21.77
C LEU C 189 -13.44 50.91 -21.97
N ARG C 190 -13.28 50.34 -23.16
CA ARG C 190 -13.93 49.09 -23.53
C ARG C 190 -12.86 48.01 -23.61
N GLU C 191 -12.96 47.01 -22.74
CA GLU C 191 -12.01 45.93 -22.67
C GLU C 191 -12.66 44.64 -23.15
N PHE C 192 -11.95 43.92 -24.01
CA PHE C 192 -12.45 42.70 -24.61
C PHE C 192 -11.36 41.63 -24.54
N VAL C 193 -11.79 40.38 -24.39
CA VAL C 193 -10.90 39.23 -24.45
C VAL C 193 -11.53 38.22 -25.39
N PHE C 194 -10.77 37.79 -26.38
CA PHE C 194 -11.24 36.81 -27.35
C PHE C 194 -10.42 35.54 -27.23
N LYS C 195 -11.09 34.39 -27.27
CA LYS C 195 -10.34 33.14 -27.29
C LYS C 195 -11.13 32.10 -28.06
N ASN C 196 -10.42 31.08 -28.54
CA ASN C 196 -11.00 30.08 -29.44
C ASN C 196 -10.51 28.69 -29.01
N ILE C 197 -11.39 27.94 -28.35
CA ILE C 197 -11.04 26.65 -27.78
C ILE C 197 -12.10 25.62 -28.19
N ASP C 198 -11.65 24.48 -28.69
CA ASP C 198 -12.52 23.34 -29.01
C ASP C 198 -13.61 23.74 -29.99
N GLY C 199 -13.25 24.52 -31.00
CA GLY C 199 -14.23 24.98 -31.96
C GLY C 199 -15.26 25.91 -31.37
N TYR C 200 -14.93 26.60 -30.30
CA TYR C 200 -15.85 27.52 -29.63
C TYR C 200 -15.17 28.87 -29.47
N PHE C 201 -15.84 29.92 -29.92
CA PHE C 201 -15.35 31.28 -29.80
C PHE C 201 -15.97 31.90 -28.56
N LYS C 202 -15.13 32.36 -27.64
CA LYS C 202 -15.57 32.96 -26.39
C LYS C 202 -15.17 34.43 -26.36
N ILE C 203 -16.15 35.27 -26.01
CA ILE C 203 -15.96 36.70 -25.89
C ILE C 203 -16.19 37.10 -24.44
N TYR C 204 -15.31 37.93 -23.90
CA TYR C 204 -15.53 38.54 -22.60
C TYR C 204 -15.35 40.05 -22.77
N SER C 205 -16.07 40.83 -21.97
CA SER C 205 -16.02 42.27 -22.19
C SER C 205 -16.36 43.00 -20.89
N LYS C 206 -16.04 44.29 -20.89
CA LYS C 206 -16.34 45.18 -19.79
C LYS C 206 -16.19 46.62 -20.27
N HIS C 207 -16.97 47.52 -19.66
CA HIS C 207 -16.93 48.93 -19.98
C HIS C 207 -16.79 49.73 -18.69
N THR C 208 -15.92 50.73 -18.69
CA THR C 208 -15.76 51.51 -17.45
C THR C 208 -15.27 52.91 -17.75
N PRO C 209 -15.79 53.94 -17.08
CA PRO C 209 -15.45 55.32 -17.46
C PRO C 209 -14.04 55.69 -17.05
N ILE C 210 -13.31 56.33 -17.97
CA ILE C 210 -11.93 56.74 -17.73
C ILE C 210 -11.61 57.97 -18.57
N ASN C 211 -10.46 58.55 -18.29
CA ASN C 211 -9.83 59.65 -19.01
C ASN C 211 -8.41 59.24 -19.39
N LEU C 212 -7.60 60.22 -19.79
CA LEU C 212 -6.19 60.00 -20.16
C LEU C 212 -6.10 59.01 -21.33
N VAL C 213 -6.54 59.52 -22.49
CA VAL C 213 -6.63 58.77 -23.74
C VAL C 213 -5.28 58.15 -24.09
N ARG C 214 -4.22 58.58 -23.40
CA ARG C 214 -2.87 58.19 -23.74
C ARG C 214 -2.44 56.88 -23.08
N ASP C 215 -3.07 56.47 -21.99
CA ASP C 215 -2.59 55.30 -21.26
C ASP C 215 -3.73 54.59 -20.53
N LEU C 216 -3.44 53.37 -20.10
CA LEU C 216 -4.36 52.60 -19.28
C LEU C 216 -4.40 53.15 -17.86
N PRO C 217 -5.49 52.92 -17.14
CA PRO C 217 -5.53 53.31 -15.73
C PRO C 217 -5.14 52.19 -14.79
N GLN C 218 -5.01 52.51 -13.50
CA GLN C 218 -4.82 51.49 -12.48
C GLN C 218 -6.17 50.89 -12.10
N GLY C 219 -6.22 50.12 -11.03
CA GLY C 219 -7.45 49.54 -10.56
C GLY C 219 -7.67 48.12 -11.07
N PHE C 220 -8.74 47.52 -10.57
CA PHE C 220 -9.06 46.13 -10.86
C PHE C 220 -10.50 46.01 -11.36
N SER C 221 -10.70 45.08 -12.29
CA SER C 221 -12.03 44.82 -12.83
C SER C 221 -12.00 43.52 -13.62
N ALA C 222 -13.04 42.71 -13.47
CA ALA C 222 -13.14 41.42 -14.15
C ALA C 222 -14.11 41.52 -15.32
N LEU C 223 -13.94 40.62 -16.29
CA LEU C 223 -14.68 40.67 -17.54
C LEU C 223 -15.68 39.52 -17.57
N GLU C 224 -16.97 39.86 -17.52
CA GLU C 224 -18.00 38.84 -17.65
C GLU C 224 -18.03 38.31 -19.08
N PRO C 225 -18.43 37.06 -19.26
CA PRO C 225 -18.60 36.55 -20.63
C PRO C 225 -19.85 37.13 -21.26
N LEU C 226 -19.81 37.24 -22.60
CA LEU C 226 -20.96 37.75 -23.35
C LEU C 226 -21.49 36.74 -24.35
N VAL C 227 -20.63 36.18 -25.19
CA VAL C 227 -21.07 35.34 -26.31
C VAL C 227 -20.13 34.16 -26.44
N ASP C 228 -20.70 32.98 -26.67
CA ASP C 228 -19.95 31.80 -27.05
C ASP C 228 -20.59 31.21 -28.29
N LEU C 229 -19.76 30.82 -29.25
CA LEU C 229 -20.22 30.39 -30.57
C LEU C 229 -19.58 29.06 -30.95
N PRO C 230 -20.37 28.09 -31.41
CA PRO C 230 -19.81 26.79 -31.83
C PRO C 230 -19.42 26.78 -33.31
N ILE C 231 -18.47 27.64 -33.68
CA ILE C 231 -18.12 27.81 -35.08
C ILE C 231 -17.36 26.59 -35.60
N GLY C 232 -16.34 26.14 -34.86
CA GLY C 232 -15.57 24.99 -35.29
C GLY C 232 -14.58 25.25 -36.41
N ILE C 233 -14.01 26.45 -36.47
CA ILE C 233 -13.00 26.78 -37.46
C ILE C 233 -11.67 27.07 -36.75
N ASN C 234 -10.65 27.33 -37.54
CA ASN C 234 -9.32 27.66 -37.03
C ASN C 234 -8.95 29.09 -37.39
N ILE C 235 -8.27 29.78 -36.47
CA ILE C 235 -7.94 31.18 -36.62
C ILE C 235 -6.48 31.38 -36.27
N THR C 236 -5.73 32.02 -37.18
CA THR C 236 -4.34 32.35 -36.93
C THR C 236 -3.99 33.78 -37.30
N ARG C 237 -4.99 34.63 -37.54
CA ARG C 237 -4.73 36.01 -37.92
C ARG C 237 -6.00 36.82 -37.75
N PHE C 238 -5.84 38.12 -37.46
CA PHE C 238 -6.98 38.99 -37.28
C PHE C 238 -6.61 40.42 -37.65
N GLN C 239 -7.64 41.26 -37.71
CA GLN C 239 -7.49 42.63 -38.19
C GLN C 239 -8.72 43.44 -37.78
N THR C 240 -8.49 44.66 -37.30
CA THR C 240 -9.54 45.50 -36.75
C THR C 240 -10.16 46.40 -37.81
N LEU C 241 -11.36 46.89 -37.52
CA LEU C 241 -12.12 47.71 -38.46
C LEU C 241 -12.37 49.09 -37.87
N LEU C 242 -12.14 50.12 -38.67
CA LEU C 242 -12.32 51.50 -38.25
C LEU C 242 -13.23 52.24 -39.21
N ALA C 243 -13.96 53.21 -38.67
CA ALA C 243 -14.94 53.98 -39.44
C ALA C 243 -14.24 55.19 -40.07
N LEU C 244 -13.72 54.99 -41.28
CA LEU C 244 -13.12 56.06 -42.06
C LEU C 244 -14.18 56.66 -42.97
N HIS C 245 -14.43 57.96 -42.82
CA HIS C 245 -15.40 58.65 -43.65
C HIS C 245 -14.76 59.92 -44.23
N ARG C 246 -15.53 60.61 -45.06
CA ARG C 246 -15.04 61.78 -45.79
C ARG C 246 -16.05 62.92 -45.75
N GLY C 261 -10.18 61.58 -35.99
CA GLY C 261 -8.83 61.41 -36.49
C GLY C 261 -8.26 60.04 -36.21
N ALA C 262 -6.94 59.98 -36.02
CA ALA C 262 -6.28 58.72 -35.70
C ALA C 262 -6.80 58.16 -34.39
N ALA C 263 -7.06 56.86 -34.36
CA ALA C 263 -7.65 56.19 -33.22
C ALA C 263 -6.60 55.38 -32.47
N ALA C 264 -6.80 55.25 -31.15
CA ALA C 264 -5.84 54.62 -30.27
C ALA C 264 -6.44 53.39 -29.62
N TYR C 265 -5.69 52.30 -29.59
CA TYR C 265 -6.13 51.09 -28.91
C TYR C 265 -4.92 50.26 -28.55
N TYR C 266 -5.15 49.21 -27.76
CA TYR C 266 -4.08 48.42 -27.18
C TYR C 266 -4.33 46.95 -27.43
N VAL C 267 -3.25 46.21 -27.67
CA VAL C 267 -3.32 44.78 -27.94
C VAL C 267 -2.29 44.06 -27.09
N GLY C 268 -2.72 43.05 -26.34
CA GLY C 268 -1.83 42.19 -25.59
C GLY C 268 -2.02 40.75 -25.99
N TYR C 269 -1.42 39.81 -25.25
CA TYR C 269 -1.52 38.40 -25.61
C TYR C 269 -1.72 37.57 -24.34
N LEU C 270 -2.08 36.31 -24.54
CA LEU C 270 -2.40 35.40 -23.46
C LEU C 270 -1.41 34.24 -23.43
N GLN C 271 -1.02 33.85 -22.23
CA GLN C 271 -0.12 32.73 -21.98
C GLN C 271 -0.68 31.86 -20.89
N PRO C 272 -0.31 30.58 -20.85
CA PRO C 272 -0.76 29.71 -19.76
C PRO C 272 -0.12 30.11 -18.44
N ARG C 273 -0.96 30.37 -17.44
CA ARG C 273 -0.49 30.82 -16.14
C ARG C 273 -1.35 30.19 -15.07
N THR C 274 -0.98 30.45 -13.82
CA THR C 274 -1.75 30.05 -12.65
C THR C 274 -2.02 31.29 -11.81
N PHE C 275 -3.28 31.49 -11.46
CA PHE C 275 -3.71 32.69 -10.77
C PHE C 275 -4.44 32.32 -9.49
N LEU C 276 -4.39 33.22 -8.52
CA LEU C 276 -5.18 33.08 -7.30
C LEU C 276 -6.18 34.22 -7.27
N LEU C 277 -7.46 33.88 -7.40
CA LEU C 277 -8.55 34.83 -7.47
C LEU C 277 -9.28 34.89 -6.13
N LYS C 278 -9.81 36.07 -5.82
CA LYS C 278 -10.47 36.31 -4.54
C LYS C 278 -11.93 36.64 -4.79
N TYR C 279 -12.83 35.72 -4.45
CA TYR C 279 -14.26 35.98 -4.53
C TYR C 279 -14.76 36.56 -3.22
N ASN C 280 -15.53 37.64 -3.32
CA ASN C 280 -16.06 38.32 -2.16
C ASN C 280 -17.40 37.72 -1.76
N GLU C 281 -18.13 38.39 -0.87
CA GLU C 281 -19.34 37.82 -0.30
C GLU C 281 -20.42 37.57 -1.35
N ASN C 282 -20.47 38.38 -2.39
CA ASN C 282 -21.50 38.27 -3.42
C ASN C 282 -21.03 37.56 -4.68
N GLY C 283 -19.84 36.98 -4.66
CA GLY C 283 -19.36 36.27 -5.81
C GLY C 283 -18.72 37.11 -6.89
N THR C 284 -18.09 38.22 -6.52
CA THR C 284 -17.42 39.09 -7.47
C THR C 284 -15.91 39.00 -7.27
N ILE C 285 -15.20 38.77 -8.36
CA ILE C 285 -13.74 38.74 -8.33
C ILE C 285 -13.25 40.16 -8.06
N THR C 286 -12.68 40.40 -6.89
CA THR C 286 -12.21 41.73 -6.54
C THR C 286 -10.69 41.85 -6.50
N ASP C 287 -9.96 40.75 -6.67
CA ASP C 287 -8.50 40.82 -6.62
C ASP C 287 -7.93 39.48 -7.06
N ALA C 288 -6.65 39.50 -7.45
CA ALA C 288 -5.97 38.30 -7.87
C ALA C 288 -4.47 38.50 -7.73
N VAL C 289 -3.74 37.38 -7.73
CA VAL C 289 -2.28 37.40 -7.75
C VAL C 289 -1.78 36.40 -8.77
N ASP C 290 -0.70 36.74 -9.45
CA ASP C 290 -0.08 35.90 -10.46
C ASP C 290 1.06 35.11 -9.81
N CYS C 291 0.99 33.78 -9.92
CA CYS C 291 1.88 32.91 -9.17
C CYS C 291 3.26 32.78 -9.79
N ALA C 292 3.63 33.65 -10.74
CA ALA C 292 4.95 33.53 -11.35
C ALA C 292 5.62 34.88 -11.58
N LEU C 293 5.18 35.92 -10.89
CA LEU C 293 5.75 37.25 -11.12
C LEU C 293 6.82 37.61 -10.10
N ASP C 294 6.73 37.12 -8.87
CA ASP C 294 7.70 37.44 -7.83
C ASP C 294 7.93 36.19 -7.01
N PRO C 295 8.93 36.22 -6.11
CA PRO C 295 8.98 35.19 -5.08
C PRO C 295 7.90 35.37 -4.04
N LEU C 296 7.57 36.63 -3.71
CA LEU C 296 6.51 36.88 -2.75
C LEU C 296 5.17 36.38 -3.27
N SER C 297 4.91 36.59 -4.56
CA SER C 297 3.68 36.07 -5.16
C SER C 297 3.67 34.55 -5.09
N GLU C 298 4.83 33.92 -5.26
CA GLU C 298 4.89 32.47 -5.16
C GLU C 298 4.56 31.99 -3.75
N THR C 299 5.08 32.69 -2.73
CA THR C 299 4.72 32.34 -1.36
C THR C 299 3.23 32.53 -1.11
N LYS C 300 2.68 33.62 -1.63
CA LYS C 300 1.25 33.87 -1.47
C LYS C 300 0.44 32.75 -2.09
N CYS C 301 0.83 32.30 -3.28
CA CYS C 301 0.09 31.22 -3.93
C CYS C 301 0.26 29.89 -3.22
N THR C 302 1.43 29.64 -2.63
CA THR C 302 1.62 28.36 -1.94
C THR C 302 1.00 28.35 -0.55
N LEU C 303 0.76 29.51 0.05
CA LEU C 303 0.03 29.59 1.31
C LEU C 303 -1.48 29.75 1.13
N LYS C 304 -1.94 29.97 -0.11
CA LYS C 304 -3.36 30.21 -0.40
C LYS C 304 -3.88 31.37 0.45
N SER C 305 -3.14 32.47 0.44
CA SER C 305 -3.54 33.64 1.22
C SER C 305 -2.97 34.88 0.55
N PHE C 306 -3.55 36.03 0.91
CA PHE C 306 -3.09 37.32 0.39
C PHE C 306 -2.17 38.04 1.35
N THR C 307 -1.98 37.54 2.56
CA THR C 307 -1.07 38.14 3.52
C THR C 307 -0.21 37.06 4.14
N VAL C 308 1.07 37.37 4.32
CA VAL C 308 2.00 36.49 5.00
C VAL C 308 2.70 37.28 6.09
N GLU C 309 3.15 36.60 7.12
CA GLU C 309 3.81 37.22 8.26
C GLU C 309 5.21 36.64 8.41
N LYS C 310 5.98 37.30 9.27
CA LYS C 310 7.40 37.01 9.45
C LYS C 310 7.67 35.51 9.51
N GLY C 311 8.61 35.06 8.67
CA GLY C 311 8.98 33.67 8.67
C GLY C 311 9.80 33.33 7.44
N ILE C 312 10.05 32.04 7.27
CA ILE C 312 10.74 31.51 6.10
C ILE C 312 9.94 30.32 5.58
N TYR C 313 9.64 30.33 4.29
CA TYR C 313 8.76 29.33 3.71
C TYR C 313 9.45 28.68 2.52
N GLN C 314 9.17 27.41 2.32
CA GLN C 314 9.82 26.61 1.28
C GLN C 314 8.83 26.47 0.12
N THR C 315 9.12 27.12 -1.00
CA THR C 315 8.13 27.30 -2.05
C THR C 315 8.30 26.36 -3.23
N SER C 316 9.51 25.96 -3.57
CA SER C 316 9.71 25.12 -4.75
C SER C 316 11.08 24.48 -4.70
N ASN C 317 11.39 23.75 -5.76
CA ASN C 317 12.67 23.07 -5.92
C ASN C 317 13.43 23.65 -7.09
N PHE C 318 14.69 23.26 -7.21
CA PHE C 318 15.49 23.60 -8.36
C PHE C 318 16.43 22.44 -8.64
N ARG C 319 16.83 22.31 -9.89
CA ARG C 319 17.58 21.15 -10.34
C ARG C 319 18.28 21.48 -11.65
N VAL C 320 19.61 21.37 -11.66
CA VAL C 320 20.37 21.64 -12.87
C VAL C 320 20.03 20.59 -13.93
N GLN C 321 20.06 21.01 -15.19
CA GLN C 321 19.77 20.14 -16.31
C GLN C 321 21.05 19.78 -17.06
N PRO C 322 21.14 18.59 -17.65
CA PRO C 322 22.33 18.23 -18.41
C PRO C 322 22.33 18.88 -19.79
N THR C 323 23.49 19.38 -20.18
CA THR C 323 23.61 20.15 -21.42
C THR C 323 23.97 19.27 -22.61
N GLU C 324 25.13 18.62 -22.56
CA GLU C 324 25.65 17.85 -23.67
C GLU C 324 25.31 16.37 -23.50
N SER C 325 25.88 15.55 -24.39
CA SER C 325 25.82 14.11 -24.29
C SER C 325 27.07 13.55 -24.94
N ILE C 326 27.78 12.67 -24.23
CA ILE C 326 29.05 12.16 -24.71
C ILE C 326 29.02 10.65 -24.70
N VAL C 327 29.88 10.07 -25.54
CA VAL C 327 30.04 8.62 -25.65
C VAL C 327 31.53 8.33 -25.79
N ARG C 328 31.99 7.30 -25.10
CA ARG C 328 33.37 6.86 -25.19
C ARG C 328 33.45 5.37 -25.42
N PHE C 329 34.48 4.95 -26.15
CA PHE C 329 34.67 3.54 -26.49
C PHE C 329 36.17 3.33 -26.73
N PRO C 330 36.66 2.11 -26.54
CA PRO C 330 38.08 1.86 -26.74
C PRO C 330 38.48 1.97 -28.20
N ASN C 331 39.77 2.20 -28.42
CA ASN C 331 40.33 2.23 -29.77
C ASN C 331 39.92 1.00 -30.56
N ILE C 332 39.79 1.18 -31.88
CA ILE C 332 39.47 0.09 -32.79
C ILE C 332 40.73 -0.21 -33.59
N THR C 333 41.23 -1.45 -33.45
CA THR C 333 42.52 -1.82 -34.02
C THR C 333 42.51 -3.22 -34.62
N ASN C 334 41.37 -3.86 -34.77
CA ASN C 334 41.31 -5.25 -35.18
C ASN C 334 40.47 -5.41 -36.43
N LEU C 335 40.76 -4.59 -37.45
CA LEU C 335 39.98 -4.60 -38.67
C LEU C 335 40.02 -5.97 -39.34
N CYS C 336 38.85 -6.41 -39.82
CA CYS C 336 38.79 -7.66 -40.55
C CYS C 336 39.62 -7.55 -41.81
N PRO C 337 40.31 -8.62 -42.23
CA PRO C 337 41.23 -8.53 -43.38
C PRO C 337 40.51 -8.53 -44.71
N PHE C 338 39.81 -7.44 -44.99
CA PHE C 338 39.12 -7.30 -46.27
C PHE C 338 40.06 -6.91 -47.40
N GLY C 339 41.25 -6.39 -47.08
CA GLY C 339 42.20 -6.05 -48.13
C GLY C 339 42.80 -7.26 -48.80
N GLU C 340 42.87 -8.38 -48.08
CA GLU C 340 43.47 -9.61 -48.60
C GLU C 340 42.47 -10.49 -49.34
N VAL C 341 41.21 -10.07 -49.44
CA VAL C 341 40.21 -10.84 -50.17
C VAL C 341 39.79 -10.15 -51.47
N PHE C 342 39.91 -8.83 -51.57
CA PHE C 342 39.58 -8.09 -52.78
C PHE C 342 40.80 -7.65 -53.56
N ASN C 343 41.82 -7.14 -52.90
CA ASN C 343 43.06 -6.72 -53.55
C ASN C 343 44.06 -7.85 -53.74
N ALA C 344 43.60 -9.10 -53.68
CA ALA C 344 44.50 -10.22 -53.92
C ALA C 344 44.87 -10.31 -55.39
N THR C 345 46.12 -10.71 -55.65
CA THR C 345 46.58 -10.85 -57.04
C THR C 345 45.70 -11.84 -57.81
N ARG C 346 45.26 -12.90 -57.14
CA ARG C 346 44.27 -13.81 -57.70
C ARG C 346 43.02 -13.79 -56.84
N PHE C 347 41.87 -13.74 -57.49
CA PHE C 347 40.60 -14.09 -56.87
C PHE C 347 40.09 -15.37 -57.52
N ALA C 348 39.42 -16.19 -56.72
CA ALA C 348 39.32 -17.61 -57.00
C ALA C 348 38.51 -17.89 -58.27
N SER C 349 38.39 -19.18 -58.59
CA SER C 349 37.66 -19.62 -59.76
C SER C 349 36.16 -19.70 -59.47
N VAL C 350 35.37 -19.81 -60.54
CA VAL C 350 33.93 -19.93 -60.40
C VAL C 350 33.52 -21.28 -59.84
N TYR C 351 34.34 -22.32 -60.03
CA TYR C 351 34.10 -23.61 -59.42
C TYR C 351 34.98 -23.86 -58.22
N ALA C 352 36.24 -23.47 -58.28
CA ALA C 352 37.19 -23.63 -57.18
C ALA C 352 37.02 -22.57 -56.11
N TRP C 353 35.85 -21.92 -56.06
CA TRP C 353 35.59 -20.88 -55.08
C TRP C 353 35.93 -21.34 -53.68
N ASN C 354 36.64 -20.49 -52.95
CA ASN C 354 37.20 -20.82 -51.64
C ASN C 354 36.42 -20.09 -50.55
N ARG C 355 35.59 -20.83 -49.83
CA ARG C 355 34.82 -20.25 -48.74
C ARG C 355 35.76 -19.74 -47.66
N LYS C 356 35.46 -18.57 -47.13
CA LYS C 356 36.29 -17.91 -46.13
C LYS C 356 35.45 -17.55 -44.91
N ARG C 357 35.96 -17.86 -43.73
CA ARG C 357 35.33 -17.49 -42.47
C ARG C 357 35.96 -16.22 -41.94
N ILE C 358 35.13 -15.28 -41.52
CA ILE C 358 35.59 -14.02 -40.94
C ILE C 358 34.93 -13.88 -39.57
N SER C 359 35.74 -13.80 -38.53
CA SER C 359 35.22 -13.75 -37.17
C SER C 359 36.28 -13.18 -36.24
N ASN C 360 35.81 -12.62 -35.13
CA ASN C 360 36.66 -12.00 -34.11
C ASN C 360 37.51 -10.89 -34.70
N CYS C 361 36.82 -9.88 -35.23
CA CYS C 361 37.44 -8.68 -35.77
C CYS C 361 36.37 -7.59 -35.80
N VAL C 362 36.77 -6.39 -36.21
CA VAL C 362 35.85 -5.28 -36.39
C VAL C 362 35.69 -5.02 -37.88
N ALA C 363 34.44 -4.94 -38.32
CA ALA C 363 34.10 -4.87 -39.73
C ALA C 363 33.86 -3.42 -40.14
N ASP C 364 34.46 -3.02 -41.25
CA ASP C 364 34.37 -1.66 -41.76
C ASP C 364 33.67 -1.71 -43.12
N TYR C 365 32.34 -1.67 -43.11
CA TYR C 365 31.57 -1.66 -44.35
C TYR C 365 31.58 -0.29 -45.02
N SER C 366 32.06 0.75 -44.33
CA SER C 366 32.07 2.09 -44.92
C SER C 366 32.84 2.10 -46.24
N VAL C 367 34.01 1.46 -46.25
CA VAL C 367 34.83 1.42 -47.46
C VAL C 367 34.09 0.78 -48.61
N LEU C 368 33.10 -0.08 -48.32
CA LEU C 368 32.36 -0.75 -49.37
C LEU C 368 31.18 0.08 -49.90
N TYR C 369 31.09 1.36 -49.54
CA TYR C 369 30.05 2.20 -50.12
C TYR C 369 30.62 3.28 -51.04
N ASN C 370 31.70 3.93 -50.61
CA ASN C 370 32.18 5.18 -51.21
C ASN C 370 33.69 5.16 -51.42
N SER C 371 34.19 4.10 -52.06
CA SER C 371 35.63 3.96 -52.26
C SER C 371 36.10 4.46 -53.63
N ALA C 372 35.24 5.16 -54.38
CA ALA C 372 35.57 5.83 -55.63
C ALA C 372 36.02 4.87 -56.73
N SER C 373 35.95 3.56 -56.51
CA SER C 373 36.22 2.60 -57.57
C SER C 373 35.20 1.46 -57.56
N PHE C 374 34.09 1.62 -56.86
CA PHE C 374 33.12 0.55 -56.63
C PHE C 374 31.89 0.78 -57.48
N SER C 375 31.48 -0.27 -58.18
CA SER C 375 30.35 -0.20 -59.11
C SER C 375 29.18 -1.09 -58.70
N THR C 376 29.44 -2.37 -58.43
CA THR C 376 28.36 -3.35 -58.31
C THR C 376 28.34 -3.99 -56.92
N PHE C 377 28.34 -3.15 -55.87
CA PHE C 377 28.17 -3.62 -54.50
C PHE C 377 26.68 -3.64 -54.18
N LYS C 378 26.02 -4.79 -54.37
CA LYS C 378 24.57 -4.88 -54.26
C LYS C 378 24.19 -6.01 -53.31
N CYS C 379 23.33 -5.68 -52.34
CA CYS C 379 23.04 -6.53 -51.21
C CYS C 379 21.59 -7.01 -51.27
N TYR C 380 21.25 -7.96 -50.41
CA TYR C 380 19.93 -8.55 -50.40
C TYR C 380 19.47 -8.80 -48.97
N GLY C 381 18.20 -8.51 -48.70
CA GLY C 381 17.57 -8.81 -47.44
C GLY C 381 17.97 -7.93 -46.28
N VAL C 382 18.74 -6.87 -46.50
CA VAL C 382 19.19 -6.01 -45.42
C VAL C 382 19.72 -4.70 -46.00
N SER C 383 19.64 -3.62 -45.24
CA SER C 383 20.23 -2.35 -45.64
C SER C 383 21.74 -2.42 -45.47
N PRO C 384 22.52 -2.28 -46.55
CA PRO C 384 23.98 -2.25 -46.37
C PRO C 384 24.46 -1.12 -45.48
N THR C 385 23.77 0.03 -45.50
CA THR C 385 24.13 1.12 -44.61
C THR C 385 23.98 0.72 -43.15
N LYS C 386 22.83 0.12 -42.81
CA LYS C 386 22.56 -0.30 -41.44
C LYS C 386 23.41 -1.50 -41.02
N LEU C 387 24.12 -2.13 -41.96
CA LEU C 387 24.89 -3.33 -41.64
C LEU C 387 25.92 -3.06 -40.55
N ASN C 388 26.52 -1.85 -40.54
CA ASN C 388 27.42 -1.48 -39.46
C ASN C 388 26.72 -1.51 -38.11
N ASP C 389 25.44 -1.17 -38.08
CA ASP C 389 24.74 -1.00 -36.80
C ASP C 389 24.46 -2.32 -36.11
N LEU C 390 24.59 -3.44 -36.83
CA LEU C 390 24.24 -4.74 -36.27
C LEU C 390 25.50 -5.55 -35.99
N CYS C 391 25.70 -5.90 -34.72
CA CYS C 391 26.72 -6.88 -34.36
C CYS C 391 26.27 -8.25 -34.86
N PHE C 392 27.23 -9.06 -35.30
CA PHE C 392 26.81 -10.20 -36.09
C PHE C 392 27.99 -11.14 -36.27
N THR C 393 27.70 -12.38 -36.66
CA THR C 393 28.74 -13.37 -36.89
C THR C 393 28.57 -14.04 -38.25
N ASN C 394 29.34 -15.10 -38.49
CA ASN C 394 29.22 -15.93 -39.70
C ASN C 394 29.30 -15.09 -40.97
N VAL C 395 30.45 -14.45 -41.16
CA VAL C 395 30.76 -13.75 -42.40
C VAL C 395 31.51 -14.73 -43.30
N TYR C 396 30.91 -15.06 -44.44
CA TYR C 396 31.46 -16.04 -45.36
C TYR C 396 31.77 -15.37 -46.68
N ALA C 397 33.01 -15.49 -47.13
CA ALA C 397 33.46 -14.87 -48.37
C ALA C 397 33.75 -15.95 -49.39
N ASP C 398 32.96 -15.98 -50.46
CA ASP C 398 33.16 -16.91 -51.57
C ASP C 398 33.61 -16.11 -52.79
N SER C 399 34.77 -16.45 -53.31
CA SER C 399 35.39 -15.68 -54.40
C SER C 399 35.39 -16.48 -55.69
N PHE C 400 35.23 -15.77 -56.79
CA PHE C 400 35.18 -16.38 -58.12
C PHE C 400 35.42 -15.29 -59.15
N VAL C 401 35.57 -15.70 -60.40
CA VAL C 401 35.79 -14.78 -61.52
C VAL C 401 34.45 -14.51 -62.19
N ILE C 402 33.99 -13.26 -62.13
CA ILE C 402 32.77 -12.83 -62.79
C ILE C 402 33.10 -12.21 -64.14
N ARG C 403 32.41 -12.70 -65.17
CA ARG C 403 32.46 -12.19 -66.52
C ARG C 403 31.30 -11.21 -66.71
N GLY C 404 31.50 -10.23 -67.61
CA GLY C 404 30.57 -9.13 -67.70
C GLY C 404 29.12 -9.54 -67.94
N ASP C 405 28.92 -10.66 -68.64
CA ASP C 405 27.58 -11.19 -68.83
C ASP C 405 27.03 -11.84 -67.56
N GLU C 406 27.89 -12.45 -66.76
CA GLU C 406 27.47 -13.27 -65.64
C GLU C 406 27.28 -12.47 -64.35
N VAL C 407 27.49 -11.15 -64.39
CA VAL C 407 27.38 -10.34 -63.17
C VAL C 407 25.93 -10.31 -62.68
N ARG C 408 24.99 -10.09 -63.61
CA ARG C 408 23.58 -9.97 -63.24
C ARG C 408 22.98 -11.27 -62.73
N GLN C 409 23.65 -12.40 -62.95
CA GLN C 409 23.01 -13.69 -62.77
C GLN C 409 22.68 -13.97 -61.31
N ILE C 410 23.55 -13.57 -60.38
CA ILE C 410 23.44 -13.99 -58.99
C ILE C 410 22.36 -13.19 -58.29
N ALA C 411 21.38 -13.90 -57.70
CA ALA C 411 20.36 -13.37 -56.80
C ALA C 411 19.49 -14.52 -56.31
N PRO C 412 18.78 -14.37 -55.19
CA PRO C 412 17.86 -15.44 -54.76
C PRO C 412 16.67 -15.55 -55.71
N GLY C 413 16.60 -16.67 -56.42
CA GLY C 413 15.57 -16.86 -57.42
C GLY C 413 16.04 -16.44 -58.80
N GLN C 414 16.44 -15.17 -58.93
CA GLN C 414 17.05 -14.68 -60.16
C GLN C 414 18.30 -15.49 -60.47
N THR C 415 18.26 -16.23 -61.57
CA THR C 415 19.32 -17.16 -61.93
C THR C 415 19.93 -16.74 -63.27
N GLY C 416 20.77 -17.61 -63.80
CA GLY C 416 21.45 -17.37 -65.05
C GLY C 416 22.25 -18.59 -65.48
N LYS C 417 23.49 -18.39 -65.89
CA LYS C 417 24.37 -19.50 -66.24
C LYS C 417 25.32 -19.86 -65.10
N ILE C 418 26.11 -18.89 -64.65
CA ILE C 418 26.93 -19.10 -63.46
C ILE C 418 26.05 -19.27 -62.23
N ALA C 419 24.91 -18.56 -62.20
CA ALA C 419 23.98 -18.65 -61.08
C ALA C 419 23.14 -19.92 -61.11
N ASP C 420 23.52 -20.90 -61.91
CA ASP C 420 22.76 -22.12 -62.05
C ASP C 420 23.56 -23.37 -61.70
N TYR C 421 24.84 -23.42 -62.08
CA TYR C 421 25.62 -24.65 -61.93
C TYR C 421 26.92 -24.47 -61.17
N ASN C 422 27.17 -23.29 -60.59
CA ASN C 422 28.34 -23.10 -59.75
C ASN C 422 28.00 -22.67 -58.34
N TYR C 423 27.17 -21.64 -58.18
CA TYR C 423 26.93 -21.05 -56.86
C TYR C 423 25.56 -20.39 -56.89
N LYS C 424 24.55 -21.07 -56.36
CA LYS C 424 23.18 -20.59 -56.39
C LYS C 424 22.67 -20.34 -54.98
N LEU C 425 21.98 -19.23 -54.81
CA LEU C 425 21.64 -18.69 -53.50
C LEU C 425 20.46 -19.40 -52.88
N PRO C 426 20.30 -19.31 -51.55
CA PRO C 426 19.08 -19.79 -50.90
C PRO C 426 17.95 -18.78 -51.03
N ASP C 427 16.81 -19.06 -50.40
CA ASP C 427 15.73 -18.09 -50.35
C ASP C 427 16.12 -16.92 -49.47
N ASP C 428 15.90 -15.70 -49.97
CA ASP C 428 16.25 -14.46 -49.28
C ASP C 428 17.67 -14.53 -48.72
N PHE C 429 18.63 -14.61 -49.63
CA PHE C 429 20.04 -14.62 -49.25
C PHE C 429 20.39 -13.29 -48.61
N THR C 430 20.64 -13.29 -47.30
CA THR C 430 21.03 -12.07 -46.62
C THR C 430 22.49 -11.77 -46.91
N GLY C 431 22.80 -11.58 -48.20
CA GLY C 431 24.18 -11.39 -48.61
C GLY C 431 24.35 -10.34 -49.68
N CYS C 432 25.57 -10.23 -50.21
CA CYS C 432 25.90 -9.17 -51.16
C CYS C 432 26.80 -9.73 -52.24
N VAL C 433 26.59 -9.26 -53.47
CA VAL C 433 27.47 -9.52 -54.59
C VAL C 433 28.20 -8.22 -54.92
N ILE C 434 29.53 -8.30 -55.01
CA ILE C 434 30.39 -7.13 -54.93
C ILE C 434 31.33 -7.18 -56.13
N ALA C 435 30.93 -6.58 -57.25
CA ALA C 435 31.72 -6.62 -58.48
C ALA C 435 31.90 -5.20 -59.03
N TRP C 436 33.12 -4.68 -58.98
CA TRP C 436 33.46 -3.45 -59.67
C TRP C 436 34.54 -3.72 -60.72
N ASN C 437 34.53 -2.89 -61.76
CA ASN C 437 35.20 -3.20 -63.02
C ASN C 437 36.71 -3.22 -62.87
N SER C 438 37.36 -3.99 -63.76
CA SER C 438 38.81 -4.02 -63.90
C SER C 438 39.14 -4.74 -65.19
N ASN C 439 39.99 -4.13 -66.03
CA ASN C 439 40.37 -4.72 -67.31
C ASN C 439 41.89 -4.67 -67.52
N ASN C 440 42.67 -4.72 -66.45
CA ASN C 440 44.12 -4.81 -66.55
C ASN C 440 44.68 -6.11 -65.99
N LEU C 441 44.37 -6.42 -64.73
CA LEU C 441 44.76 -7.69 -64.13
C LEU C 441 43.65 -8.72 -64.10
N ASP C 442 42.39 -8.28 -64.04
CA ASP C 442 41.28 -9.21 -64.14
C ASP C 442 41.28 -9.96 -65.47
N SER C 443 41.82 -9.34 -66.52
CA SER C 443 42.02 -9.99 -67.80
C SER C 443 43.52 -10.13 -68.05
N LYS C 444 43.88 -11.21 -68.73
CA LYS C 444 45.28 -11.52 -69.02
C LYS C 444 45.50 -11.54 -70.53
N VAL C 445 46.74 -11.79 -70.92
CA VAL C 445 47.09 -11.82 -72.34
C VAL C 445 46.48 -13.06 -72.99
N GLY C 446 45.72 -12.84 -74.06
CA GLY C 446 45.14 -13.95 -74.79
C GLY C 446 43.93 -14.57 -74.12
N GLY C 447 44.04 -14.85 -72.83
CA GLY C 447 42.93 -15.44 -72.12
C GLY C 447 43.31 -16.22 -70.88
N ASN C 448 42.55 -16.04 -69.80
CA ASN C 448 42.73 -16.81 -68.58
C ASN C 448 42.07 -18.18 -68.75
N TYR C 449 42.69 -19.00 -69.60
CA TYR C 449 42.22 -20.37 -69.76
C TYR C 449 42.80 -21.22 -68.63
N ASN C 450 42.68 -20.72 -67.41
CA ASN C 450 42.93 -21.46 -66.18
C ASN C 450 41.66 -21.61 -65.35
N TYR C 451 40.88 -20.54 -65.24
CA TYR C 451 39.51 -20.67 -64.74
C TYR C 451 38.64 -21.32 -65.80
N LEU C 452 37.76 -22.20 -65.36
CA LEU C 452 36.77 -22.81 -66.24
C LEU C 452 35.43 -22.74 -65.53
N TYR C 453 34.37 -22.54 -66.32
CA TYR C 453 33.03 -22.37 -65.77
C TYR C 453 32.17 -23.59 -66.09
N ARG C 454 31.27 -23.89 -65.15
CA ARG C 454 30.47 -25.12 -65.17
C ARG C 454 29.19 -24.87 -65.96
N LEU C 455 29.21 -25.23 -67.24
CA LEU C 455 28.01 -25.15 -68.06
C LEU C 455 27.03 -26.29 -67.77
N PHE C 456 27.45 -27.28 -67.00
CA PHE C 456 26.67 -28.50 -66.79
C PHE C 456 26.78 -28.95 -65.35
N ARG C 457 25.65 -29.05 -64.65
CA ARG C 457 25.65 -29.65 -63.33
C ARG C 457 24.29 -30.29 -63.07
N LYS C 458 24.27 -31.21 -62.11
CA LYS C 458 23.15 -32.14 -61.96
C LYS C 458 21.82 -31.44 -61.77
N SER C 459 21.80 -30.28 -61.11
CA SER C 459 20.54 -29.60 -60.86
C SER C 459 20.80 -28.12 -60.66
N ASN C 460 19.73 -27.33 -60.75
CA ASN C 460 19.78 -25.96 -60.26
C ASN C 460 20.11 -26.01 -58.78
N LEU C 461 21.19 -25.33 -58.41
CA LEU C 461 21.90 -25.68 -57.19
C LEU C 461 21.14 -25.30 -55.93
N LYS C 462 21.23 -26.20 -54.94
CA LYS C 462 20.73 -25.93 -53.60
C LYS C 462 21.63 -24.85 -52.98
N PRO C 463 21.23 -24.31 -51.80
CA PRO C 463 22.07 -23.28 -51.17
C PRO C 463 23.51 -23.68 -50.95
N PHE C 464 24.43 -23.05 -51.69
CA PHE C 464 25.87 -23.14 -51.46
C PHE C 464 26.37 -24.58 -51.50
N GLU C 465 26.18 -25.22 -52.65
CA GLU C 465 26.71 -26.55 -52.89
C GLU C 465 28.08 -26.45 -53.54
N ARG C 466 29.00 -27.33 -53.13
CA ARG C 466 30.32 -27.36 -53.73
C ARG C 466 30.24 -27.95 -55.13
N ASP C 467 30.83 -27.25 -56.10
CA ASP C 467 30.83 -27.69 -57.49
C ASP C 467 32.23 -28.07 -57.96
N ILE C 468 32.99 -28.73 -57.09
CA ILE C 468 34.32 -29.25 -57.43
C ILE C 468 34.24 -30.77 -57.32
N SER C 469 34.44 -31.44 -58.44
CA SER C 469 34.49 -32.90 -58.49
C SER C 469 34.98 -33.31 -59.86
N THR C 470 35.83 -34.34 -59.91
CA THR C 470 36.31 -34.83 -61.19
C THR C 470 35.21 -35.39 -62.08
N GLU C 471 34.05 -35.69 -61.49
CA GLU C 471 32.93 -36.23 -62.25
C GLU C 471 32.56 -35.31 -63.40
N ILE C 472 32.76 -35.79 -64.62
CA ILE C 472 32.25 -35.12 -65.81
C ILE C 472 30.74 -35.31 -65.86
N TYR C 473 30.02 -34.19 -65.97
CA TYR C 473 28.55 -34.25 -65.96
C TYR C 473 28.07 -35.13 -67.11
N GLN C 474 27.11 -36.01 -66.82
CA GLN C 474 26.65 -36.99 -67.78
C GLN C 474 25.29 -36.58 -68.33
N ALA C 475 25.16 -36.60 -69.66
CA ALA C 475 23.88 -36.43 -70.34
C ALA C 475 23.57 -37.51 -71.36
N GLY C 476 24.53 -38.37 -71.69
CA GLY C 476 24.31 -39.49 -72.58
C GLY C 476 24.11 -40.78 -71.82
N SER C 477 23.34 -41.69 -72.41
CA SER C 477 23.05 -42.96 -71.76
C SER C 477 24.32 -43.81 -71.59
N THR C 478 25.18 -43.82 -72.59
CA THR C 478 26.37 -44.66 -72.55
C THR C 478 27.39 -44.06 -71.58
N PRO C 479 27.82 -44.80 -70.55
CA PRO C 479 28.83 -44.26 -69.63
C PRO C 479 30.20 -44.19 -70.29
N CYS C 480 30.83 -43.04 -70.19
CA CYS C 480 32.16 -42.85 -70.77
C CYS C 480 33.20 -43.70 -70.03
N ASN C 481 34.27 -44.03 -70.74
CA ASN C 481 35.37 -44.81 -70.18
C ASN C 481 36.54 -43.94 -69.75
N GLY C 482 36.28 -42.74 -69.26
CA GLY C 482 37.32 -41.80 -68.83
C GLY C 482 37.73 -40.80 -69.89
N VAL C 483 38.07 -41.28 -71.09
CA VAL C 483 38.45 -40.39 -72.18
C VAL C 483 37.24 -39.58 -72.61
N GLU C 484 37.43 -38.26 -72.72
CA GLU C 484 36.34 -37.37 -73.14
C GLU C 484 35.88 -37.74 -74.54
N GLY C 485 34.55 -37.69 -74.73
CA GLY C 485 33.98 -37.99 -76.03
C GLY C 485 32.85 -37.04 -76.39
N PHE C 486 31.71 -37.60 -76.83
CA PHE C 486 30.55 -36.79 -77.17
C PHE C 486 29.55 -36.67 -76.04
N ASN C 487 29.51 -37.65 -75.13
CA ASN C 487 28.57 -37.65 -74.02
C ASN C 487 29.26 -37.63 -72.67
N CYS C 488 30.57 -37.45 -72.66
CA CYS C 488 31.31 -37.31 -71.41
C CYS C 488 31.06 -35.96 -70.75
N TYR C 489 31.09 -34.88 -71.54
CA TYR C 489 30.61 -33.56 -71.12
C TYR C 489 31.32 -33.08 -69.84
N PHE C 490 32.61 -32.82 -69.99
CA PHE C 490 33.33 -32.11 -68.94
C PHE C 490 32.63 -30.78 -68.71
N PRO C 491 32.03 -30.57 -67.53
CA PRO C 491 31.19 -29.38 -67.33
C PRO C 491 31.94 -28.07 -67.50
N LEU C 492 33.24 -28.06 -67.27
CA LEU C 492 34.01 -26.83 -67.18
C LEU C 492 34.60 -26.46 -68.54
N GLN C 493 34.34 -25.24 -68.98
CA GLN C 493 34.90 -24.70 -70.21
C GLN C 493 35.69 -23.43 -69.90
N SER C 494 36.81 -23.26 -70.61
CA SER C 494 37.79 -22.26 -70.23
C SER C 494 37.32 -20.84 -70.56
N TYR C 495 37.60 -19.92 -69.63
CA TYR C 495 37.39 -18.50 -69.88
C TYR C 495 38.33 -18.00 -70.97
N GLY C 496 37.77 -17.28 -71.94
CA GLY C 496 38.61 -16.56 -72.88
C GLY C 496 38.70 -15.10 -72.49
N PHE C 497 39.79 -14.70 -71.83
CA PHE C 497 39.94 -13.36 -71.28
C PHE C 497 41.15 -12.66 -71.88
N GLN C 498 40.96 -12.07 -73.04
CA GLN C 498 41.96 -11.18 -73.62
C GLN C 498 41.97 -9.87 -72.84
N PRO C 499 43.05 -9.08 -72.95
CA PRO C 499 43.03 -7.74 -72.34
C PRO C 499 41.97 -6.84 -72.93
N THR C 500 41.43 -7.16 -74.12
CA THR C 500 40.37 -6.42 -74.76
C THR C 500 39.00 -7.07 -74.56
N ASN C 501 38.76 -7.67 -73.39
CA ASN C 501 37.45 -8.22 -73.09
C ASN C 501 36.37 -7.16 -73.17
N GLY C 502 35.36 -7.40 -74.00
CA GLY C 502 34.24 -6.50 -74.08
C GLY C 502 33.53 -6.37 -72.74
N VAL C 503 32.93 -5.21 -72.52
CA VAL C 503 32.24 -4.93 -71.26
C VAL C 503 31.17 -5.97 -70.97
N GLY C 504 30.72 -6.70 -71.99
CA GLY C 504 29.83 -7.83 -71.81
C GLY C 504 30.50 -9.10 -71.34
N TYR C 505 31.82 -9.18 -71.44
CA TYR C 505 32.62 -10.31 -70.95
C TYR C 505 33.79 -9.81 -70.10
N GLN C 506 33.54 -8.87 -69.20
CA GLN C 506 34.64 -8.31 -68.43
C GLN C 506 34.64 -8.86 -67.01
N PRO C 507 35.69 -9.55 -66.60
CA PRO C 507 35.78 -9.99 -65.21
C PRO C 507 35.89 -8.81 -64.26
N TYR C 508 35.21 -8.92 -63.12
CA TYR C 508 35.30 -7.93 -62.06
C TYR C 508 35.71 -8.59 -60.76
N ARG C 509 36.42 -7.84 -59.91
CA ARG C 509 36.69 -8.30 -58.55
C ARG C 509 35.36 -8.56 -57.86
N VAL C 510 35.03 -9.82 -57.58
CA VAL C 510 33.72 -10.17 -57.05
C VAL C 510 33.89 -11.18 -55.92
N VAL C 511 33.17 -10.94 -54.83
CA VAL C 511 33.02 -11.89 -53.73
C VAL C 511 31.56 -11.88 -53.31
N VAL C 512 31.11 -12.98 -52.75
CA VAL C 512 29.74 -13.12 -52.24
C VAL C 512 29.84 -13.42 -50.76
N LEU C 513 29.10 -12.66 -49.95
CA LEU C 513 29.20 -12.69 -48.50
C LEU C 513 27.93 -13.28 -47.91
N SER C 514 28.06 -14.46 -47.30
CA SER C 514 26.96 -15.07 -46.56
C SER C 514 26.98 -14.60 -45.12
N PHE C 515 25.80 -14.24 -44.60
CA PHE C 515 25.63 -13.68 -43.27
C PHE C 515 24.63 -14.52 -42.49
N GLU C 516 25.06 -15.07 -41.36
CA GLU C 516 24.19 -15.90 -40.53
C GLU C 516 24.57 -15.71 -39.06
N LEU C 517 23.74 -16.26 -38.18
CA LEU C 517 23.99 -16.20 -36.74
C LEU C 517 23.68 -17.56 -36.13
N LEU C 518 24.56 -18.03 -35.25
CA LEU C 518 24.41 -19.30 -34.58
C LEU C 518 24.31 -19.09 -33.06
N HIS C 519 24.30 -20.19 -32.33
CA HIS C 519 24.16 -20.15 -30.88
C HIS C 519 25.38 -19.55 -30.18
N ALA C 520 26.54 -19.62 -30.80
CA ALA C 520 27.76 -19.16 -30.14
C ALA C 520 27.69 -17.65 -29.87
N PRO C 521 28.26 -17.18 -28.77
CA PRO C 521 28.22 -15.74 -28.47
C PRO C 521 29.12 -14.91 -29.37
N ALA C 522 30.01 -15.51 -30.15
CA ALA C 522 30.95 -14.78 -30.96
C ALA C 522 30.22 -13.84 -31.92
N THR C 523 30.95 -12.83 -32.39
CA THR C 523 30.37 -11.83 -33.28
C THR C 523 31.49 -10.98 -33.87
N VAL C 524 31.13 -10.21 -34.90
CA VAL C 524 31.93 -9.11 -35.40
C VAL C 524 31.00 -7.90 -35.49
N CYS C 525 31.57 -6.71 -35.39
CA CYS C 525 30.76 -5.53 -35.10
C CYS C 525 31.28 -4.32 -35.88
N GLY C 526 30.55 -3.21 -35.74
CA GLY C 526 30.89 -1.98 -36.42
C GLY C 526 32.00 -1.22 -35.73
N PRO C 527 32.34 -0.06 -36.29
CA PRO C 527 33.53 0.66 -35.82
C PRO C 527 33.38 1.36 -34.47
N LYS C 528 32.17 1.51 -33.94
CA LYS C 528 31.95 2.01 -32.58
C LYS C 528 32.62 3.38 -32.36
N LYS C 529 32.10 4.37 -33.08
CA LYS C 529 32.65 5.72 -32.98
C LYS C 529 32.30 6.34 -31.62
N SER C 530 33.03 7.40 -31.29
CA SER C 530 32.93 8.00 -29.96
C SER C 530 33.16 9.49 -30.03
N THR C 531 32.61 10.21 -29.05
CA THR C 531 32.69 11.66 -28.97
C THR C 531 33.90 12.05 -28.12
N ASN C 532 33.96 13.31 -27.71
CA ASN C 532 35.07 13.86 -26.94
C ASN C 532 34.66 14.04 -25.47
N LEU C 533 35.67 14.16 -24.60
CA LEU C 533 35.42 14.34 -23.18
C LEU C 533 35.13 15.79 -22.85
N VAL C 534 34.28 15.98 -21.84
CA VAL C 534 34.00 17.29 -21.24
C VAL C 534 33.95 17.11 -19.73
N LYS C 535 34.61 18.01 -19.01
CA LYS C 535 34.72 17.90 -17.56
C LYS C 535 34.17 19.15 -16.88
N ASN C 536 33.80 18.96 -15.61
CA ASN C 536 33.28 20.03 -14.76
C ASN C 536 31.97 20.61 -15.31
N LYS C 537 31.17 19.80 -15.99
CA LYS C 537 29.86 20.21 -16.46
C LYS C 537 28.89 19.05 -16.29
N CYS C 538 27.62 19.38 -16.04
CA CYS C 538 26.58 18.36 -15.90
C CYS C 538 26.29 17.78 -17.27
N VAL C 539 26.70 16.53 -17.49
CA VAL C 539 26.72 15.89 -18.80
C VAL C 539 25.96 14.58 -18.71
N ASN C 540 25.44 14.14 -19.86
CA ASN C 540 24.73 12.86 -19.99
C ASN C 540 25.66 11.91 -20.73
N PHE C 541 26.34 11.04 -19.98
CA PHE C 541 27.45 10.24 -20.50
C PHE C 541 27.08 8.78 -20.67
N ASN C 542 27.91 8.11 -21.49
CA ASN C 542 27.80 6.68 -21.77
C ASN C 542 29.21 6.15 -21.98
N PHE C 543 29.79 5.59 -20.91
CA PHE C 543 31.13 5.02 -20.96
C PHE C 543 31.01 3.53 -21.24
N ASN C 544 31.23 3.13 -22.49
CA ASN C 544 31.39 1.73 -22.86
C ASN C 544 30.19 0.88 -22.46
N GLY C 545 28.99 1.45 -22.52
CA GLY C 545 27.78 0.74 -22.17
C GLY C 545 27.26 1.03 -20.78
N LEU C 546 27.99 1.78 -19.97
CA LEU C 546 27.53 2.22 -18.67
C LEU C 546 27.05 3.66 -18.79
N THR C 547 25.76 3.89 -18.52
CA THR C 547 25.14 5.17 -18.82
C THR C 547 24.76 5.90 -17.55
N GLY C 548 24.73 7.23 -17.63
CA GLY C 548 24.28 8.02 -16.50
C GLY C 548 24.56 9.48 -16.71
N THR C 549 24.03 10.29 -15.81
CA THR C 549 24.18 11.73 -15.87
C THR C 549 24.89 12.24 -14.63
N GLY C 550 25.75 13.24 -14.80
CA GLY C 550 26.46 13.79 -13.66
C GLY C 550 27.62 14.65 -14.10
N VAL C 551 28.52 14.92 -13.16
CA VAL C 551 29.68 15.78 -13.38
C VAL C 551 30.93 14.94 -13.19
N LEU C 552 31.82 14.98 -14.19
CA LEU C 552 33.03 14.19 -14.20
C LEU C 552 34.23 15.05 -13.88
N THR C 553 35.04 14.62 -12.92
CA THR C 553 36.24 15.34 -12.54
C THR C 553 37.41 14.37 -12.46
N GLU C 554 38.60 14.91 -12.21
CA GLU C 554 39.78 14.09 -12.04
C GLU C 554 39.83 13.51 -10.64
N SER C 555 40.48 12.35 -10.51
CA SER C 555 40.46 11.57 -9.30
C SER C 555 41.87 11.19 -8.87
N ASN C 556 41.99 10.77 -7.62
CA ASN C 556 43.26 10.30 -7.08
C ASN C 556 43.31 8.80 -6.82
N LYS C 557 42.17 8.15 -6.70
CA LYS C 557 42.16 6.72 -6.40
C LYS C 557 42.74 5.93 -7.56
N LYS C 558 43.41 4.83 -7.21
CA LYS C 558 44.14 4.01 -8.18
C LYS C 558 43.46 2.66 -8.30
N PHE C 559 43.01 2.33 -9.50
CA PHE C 559 42.37 1.05 -9.74
C PHE C 559 43.43 -0.05 -9.85
N LEU C 560 42.98 -1.24 -10.10
CA LEU C 560 43.88 -2.29 -10.53
C LEU C 560 43.78 -2.48 -12.03
N PRO C 561 44.88 -2.88 -12.67
CA PRO C 561 44.94 -2.87 -14.14
C PRO C 561 43.74 -3.45 -14.87
N PHE C 562 42.99 -4.35 -14.24
CA PHE C 562 41.87 -5.00 -14.89
C PHE C 562 40.52 -4.42 -14.49
N GLN C 563 40.48 -3.45 -13.59
CA GLN C 563 39.21 -2.90 -13.11
C GLN C 563 38.74 -1.76 -13.99
N GLN C 564 37.43 -1.69 -14.18
CA GLN C 564 36.83 -0.72 -15.09
C GLN C 564 36.18 0.46 -14.37
N PHE C 565 35.32 0.22 -13.39
CA PHE C 565 34.65 1.31 -12.69
C PHE C 565 34.65 1.01 -11.20
N GLY C 566 34.01 1.89 -10.44
CA GLY C 566 34.09 1.83 -8.99
C GLY C 566 32.75 2.14 -8.35
N ARG C 567 32.53 1.52 -7.20
CA ARG C 567 31.27 1.63 -6.48
C ARG C 567 31.55 1.94 -5.02
N ASP C 568 30.53 2.45 -4.35
CA ASP C 568 30.57 2.71 -2.92
C ASP C 568 29.58 1.79 -2.21
N ILE C 569 29.50 1.95 -0.89
CA ILE C 569 28.43 1.31 -0.15
C ILE C 569 27.09 1.76 -0.75
N ALA C 570 26.12 0.86 -0.72
CA ALA C 570 24.81 0.97 -1.38
C ALA C 570 24.91 0.77 -2.89
N ASP C 571 26.09 0.51 -3.43
CA ASP C 571 26.28 0.11 -4.82
C ASP C 571 25.77 1.17 -5.79
N THR C 572 26.40 2.35 -5.73
CA THR C 572 26.19 3.41 -6.70
C THR C 572 27.53 3.72 -7.36
N THR C 573 27.56 3.70 -8.68
CA THR C 573 28.81 3.94 -9.39
C THR C 573 29.28 5.36 -9.13
N ASP C 574 30.55 5.51 -8.75
CA ASP C 574 31.08 6.82 -8.44
C ASP C 574 32.43 7.13 -9.08
N ALA C 575 33.06 6.17 -9.75
CA ALA C 575 34.25 6.42 -10.53
C ALA C 575 34.18 5.58 -11.79
N VAL C 576 34.97 5.96 -12.79
CA VAL C 576 34.96 5.24 -14.05
C VAL C 576 36.28 5.48 -14.77
N ARG C 577 36.75 4.46 -15.48
CA ARG C 577 38.00 4.55 -16.22
C ARG C 577 37.72 4.90 -17.67
N ASP C 578 38.46 5.86 -18.19
CA ASP C 578 38.29 6.27 -19.57
C ASP C 578 38.85 5.19 -20.50
N PRO C 579 38.06 4.65 -21.43
CA PRO C 579 38.53 3.54 -22.25
C PRO C 579 39.78 3.85 -23.05
N GLN C 580 39.99 5.11 -23.45
CA GLN C 580 41.07 5.44 -24.36
C GLN C 580 42.31 5.96 -23.68
N THR C 581 42.18 6.85 -22.70
CA THR C 581 43.33 7.39 -22.00
C THR C 581 43.66 6.66 -20.71
N LEU C 582 42.84 5.71 -20.29
CA LEU C 582 43.09 4.90 -19.11
C LEU C 582 43.34 5.75 -17.87
N GLU C 583 42.50 6.77 -17.69
CA GLU C 583 42.53 7.58 -16.49
C GLU C 583 41.20 7.46 -15.78
N ILE C 584 41.22 7.72 -14.47
CA ILE C 584 40.07 7.47 -13.60
C ILE C 584 39.40 8.79 -13.29
N LEU C 585 38.09 8.85 -13.49
CA LEU C 585 37.31 10.05 -13.30
C LEU C 585 36.29 9.82 -12.19
N ASP C 586 36.10 10.83 -11.35
CA ASP C 586 35.07 10.83 -10.33
C ASP C 586 33.76 11.34 -10.91
N ILE C 587 32.66 10.81 -10.40
CA ILE C 587 31.31 11.17 -10.82
C ILE C 587 30.58 11.76 -9.63
N THR C 588 29.96 12.92 -9.84
CA THR C 588 29.13 13.52 -8.80
C THR C 588 27.77 13.85 -9.37
N PRO C 589 26.73 13.93 -8.55
CA PRO C 589 25.40 14.24 -9.07
C PRO C 589 25.29 15.70 -9.47
N CYS C 590 24.36 15.96 -10.38
CA CYS C 590 24.07 17.33 -10.80
C CYS C 590 23.25 18.01 -9.72
N SER C 591 23.56 19.28 -9.47
CA SER C 591 23.06 19.97 -8.28
C SER C 591 21.54 20.05 -8.26
N PHE C 592 20.97 19.87 -7.07
CA PHE C 592 19.54 20.03 -6.85
C PHE C 592 19.34 20.53 -5.43
N GLY C 593 18.17 21.11 -5.18
CA GLY C 593 17.90 21.59 -3.84
C GLY C 593 16.57 22.30 -3.76
N GLY C 594 16.32 22.92 -2.62
CA GLY C 594 15.10 23.65 -2.39
C GLY C 594 15.29 25.15 -2.39
N VAL C 595 14.20 25.89 -2.55
CA VAL C 595 14.21 27.34 -2.60
C VAL C 595 13.29 27.85 -1.50
N SER C 596 13.79 28.77 -0.67
CA SER C 596 13.01 29.31 0.42
C SER C 596 13.02 30.84 0.36
N VAL C 597 11.94 31.44 0.82
CA VAL C 597 11.78 32.90 0.75
C VAL C 597 11.68 33.43 2.17
N ILE C 598 12.54 34.39 2.50
CA ILE C 598 12.54 35.07 3.78
C ILE C 598 11.82 36.39 3.62
N THR C 599 10.79 36.60 4.44
CA THR C 599 9.99 37.82 4.38
C THR C 599 9.73 38.36 5.78
N PRO C 600 9.72 39.69 5.93
CA PRO C 600 9.39 40.28 7.23
C PRO C 600 7.90 40.40 7.51
N GLY C 601 7.05 40.02 6.58
CA GLY C 601 5.61 40.16 6.75
C GLY C 601 5.08 41.25 5.83
N THR C 602 3.95 40.96 5.18
CA THR C 602 3.41 41.90 4.20
C THR C 602 3.02 43.22 4.85
N ASN C 603 2.48 43.18 6.06
CA ASN C 603 2.05 44.41 6.72
C ASN C 603 3.21 45.34 7.00
N THR C 604 4.38 44.80 7.35
CA THR C 604 5.51 45.62 7.73
C THR C 604 6.22 46.20 6.51
N SER C 605 6.58 45.34 5.56
CA SER C 605 7.27 45.78 4.36
C SER C 605 6.84 44.90 3.20
N ASN C 606 7.56 44.99 2.09
CA ASN C 606 7.17 44.28 0.89
C ASN C 606 8.38 43.62 0.21
N GLN C 607 9.54 43.61 0.86
CA GLN C 607 10.74 43.03 0.30
C GLN C 607 10.90 41.59 0.75
N VAL C 608 11.73 40.84 0.01
CA VAL C 608 12.02 39.44 0.31
C VAL C 608 13.49 39.17 0.06
N ALA C 609 13.94 38.01 0.54
CA ALA C 609 15.25 37.46 0.21
C ALA C 609 15.07 35.99 -0.12
N VAL C 610 16.02 35.42 -0.85
CA VAL C 610 15.87 34.05 -1.34
C VAL C 610 17.07 33.22 -0.92
N LEU C 611 16.80 32.01 -0.44
CA LEU C 611 17.82 31.06 -0.03
C LEU C 611 17.72 29.81 -0.90
N TYR C 612 18.84 29.46 -1.53
CA TYR C 612 18.95 28.25 -2.34
C TYR C 612 19.77 27.25 -1.56
N GLN C 613 19.20 26.09 -1.26
CA GLN C 613 19.83 25.16 -0.35
C GLN C 613 20.94 24.37 -1.06
N ASP C 614 22.12 24.34 -0.44
CA ASP C 614 23.21 23.47 -0.85
C ASP C 614 23.59 23.70 -2.31
N VAL C 615 24.10 24.89 -2.59
CA VAL C 615 24.52 25.22 -3.95
C VAL C 615 25.54 26.34 -3.89
N ASN C 616 26.56 26.22 -4.72
CA ASN C 616 27.55 27.28 -4.89
C ASN C 616 26.86 28.54 -5.41
N CYS C 617 27.34 29.69 -4.95
CA CYS C 617 26.63 30.92 -5.33
C CYS C 617 26.87 31.33 -6.75
N THR C 618 27.47 30.52 -7.63
CA THR C 618 27.63 30.88 -9.02
C THR C 618 26.68 30.17 -9.96
N GLU C 619 26.08 29.05 -9.52
CA GLU C 619 25.17 28.29 -10.36
C GLU C 619 23.75 28.81 -10.35
N VAL C 620 23.43 29.76 -9.46
CA VAL C 620 22.03 30.17 -9.29
C VAL C 620 21.41 30.76 -10.55
N PRO C 621 22.08 31.63 -11.33
CA PRO C 621 21.40 32.12 -12.55
C PRO C 621 21.15 31.01 -13.56
N VAL C 622 21.87 29.91 -13.46
CA VAL C 622 21.68 28.78 -14.38
C VAL C 622 20.73 27.75 -13.77
N ALA C 623 20.82 27.53 -12.46
CA ALA C 623 20.01 26.49 -11.81
C ALA C 623 18.52 26.77 -12.00
N ILE C 624 18.08 27.96 -11.63
CA ILE C 624 16.77 28.44 -12.05
C ILE C 624 16.94 29.16 -13.38
N HIS C 625 16.06 28.85 -14.33
CA HIS C 625 16.22 29.34 -15.70
C HIS C 625 15.90 30.83 -15.72
N ALA C 626 16.85 31.62 -15.20
CA ALA C 626 16.61 33.04 -15.00
C ALA C 626 16.30 33.77 -16.30
N ASP C 627 16.80 33.27 -17.43
CA ASP C 627 16.46 33.87 -18.71
C ASP C 627 15.01 33.62 -19.07
N GLN C 628 14.45 32.50 -18.62
CA GLN C 628 13.04 32.21 -18.86
C GLN C 628 12.13 33.01 -17.92
N LEU C 629 12.57 33.23 -16.69
CA LEU C 629 11.74 33.88 -15.68
C LEU C 629 11.50 35.35 -16.04
N THR C 630 10.54 35.94 -15.31
CA THR C 630 10.18 37.33 -15.52
C THR C 630 11.30 38.25 -15.04
N PRO C 631 11.34 39.48 -15.54
CA PRO C 631 12.39 40.42 -15.08
C PRO C 631 12.32 40.74 -13.60
N THR C 632 11.18 40.52 -12.96
CA THR C 632 11.07 40.75 -11.53
C THR C 632 11.64 39.61 -10.70
N TRP C 633 11.87 38.45 -11.30
CA TRP C 633 12.63 37.38 -10.64
C TRP C 633 14.13 37.51 -10.84
N ARG C 634 14.56 38.00 -12.01
CA ARG C 634 15.99 38.09 -12.30
C ARG C 634 16.74 38.97 -11.31
N VAL C 635 16.03 39.88 -10.63
CA VAL C 635 16.67 40.68 -9.59
C VAL C 635 17.18 39.80 -8.46
N TYR C 636 16.64 38.60 -8.32
CA TYR C 636 17.03 37.68 -7.26
C TYR C 636 17.90 36.53 -7.77
N SER C 637 18.58 36.72 -8.89
CA SER C 637 19.53 35.74 -9.39
C SER C 637 20.96 36.21 -9.33
N THR C 638 21.20 37.49 -9.04
CA THR C 638 22.54 38.05 -8.94
C THR C 638 22.41 39.45 -8.36
N GLY C 639 23.54 40.10 -8.18
CA GLY C 639 23.59 41.46 -7.68
C GLY C 639 24.71 41.61 -6.68
N SER C 640 24.71 42.74 -5.97
CA SER C 640 25.72 43.00 -4.96
C SER C 640 25.45 42.26 -3.66
N ASN C 641 24.21 41.82 -3.43
CA ASN C 641 23.84 41.15 -2.19
C ASN C 641 23.80 39.65 -2.42
N VAL C 642 24.97 39.03 -2.39
CA VAL C 642 25.11 37.59 -2.51
C VAL C 642 26.01 37.11 -1.38
N PHE C 643 25.57 36.09 -0.64
CA PHE C 643 26.27 35.66 0.55
C PHE C 643 26.24 34.15 0.63
N GLN C 644 27.38 33.52 0.89
CA GLN C 644 27.49 32.07 0.90
C GLN C 644 27.57 31.59 2.34
N THR C 645 26.54 30.87 2.78
CA THR C 645 26.49 30.33 4.13
C THR C 645 26.54 28.81 4.09
N ARG C 646 26.78 28.23 5.25
CA ARG C 646 26.78 26.78 5.39
C ARG C 646 25.45 26.16 4.98
N ALA C 647 24.38 26.93 5.03
CA ALA C 647 23.07 26.43 4.64
C ALA C 647 22.77 26.62 3.16
N GLY C 648 23.58 27.35 2.43
CA GLY C 648 23.31 27.51 1.01
C GLY C 648 23.78 28.88 0.52
N CYS C 649 23.06 29.38 -0.48
CA CYS C 649 23.34 30.69 -1.05
C CYS C 649 22.18 31.62 -0.77
N LEU C 650 22.47 32.77 -0.18
CA LEU C 650 21.45 33.73 0.25
C LEU C 650 21.60 35.00 -0.57
N ILE C 651 20.52 35.41 -1.24
CA ILE C 651 20.52 36.54 -2.15
C ILE C 651 19.47 37.53 -1.69
N GLY C 652 19.86 38.79 -1.53
CA GLY C 652 18.94 39.84 -1.17
C GLY C 652 19.15 40.44 0.20
N ALA C 653 20.15 40.00 0.95
CA ALA C 653 20.38 40.48 2.30
C ALA C 653 21.85 40.85 2.47
N GLU C 654 22.10 41.83 3.32
CA GLU C 654 23.46 42.30 3.59
C GLU C 654 24.03 41.58 4.80
N HIS C 655 25.30 41.21 4.71
CA HIS C 655 25.98 40.53 5.80
C HIS C 655 26.67 41.55 6.69
N VAL C 656 26.34 41.54 7.97
CA VAL C 656 26.78 42.55 8.91
C VAL C 656 27.73 41.92 9.92
N ASN C 657 28.53 42.75 10.57
CA ASN C 657 29.48 42.29 11.58
C ASN C 657 28.93 42.37 12.99
N ASN C 658 27.74 42.92 13.18
CA ASN C 658 27.14 42.99 14.50
C ASN C 658 26.59 41.62 14.86
N SER C 659 25.86 41.55 15.97
CA SER C 659 25.33 40.28 16.44
C SER C 659 24.13 40.58 17.34
N TYR C 660 22.96 40.10 16.94
CA TYR C 660 21.73 40.39 17.65
C TYR C 660 21.06 39.08 18.05
N GLU C 661 19.95 39.19 18.76
CA GLU C 661 19.14 38.03 19.08
C GLU C 661 18.45 37.53 17.81
N CYS C 662 18.32 36.21 17.69
CA CYS C 662 17.82 35.64 16.44
C CYS C 662 16.36 36.05 16.22
N ASP C 663 16.06 36.39 14.97
CA ASP C 663 14.72 36.80 14.57
C ASP C 663 14.08 35.78 13.64
N ILE C 664 14.73 35.47 12.52
CA ILE C 664 14.29 34.44 11.60
C ILE C 664 15.43 33.44 11.45
N PRO C 665 15.20 32.15 11.65
CA PRO C 665 16.30 31.18 11.61
C PRO C 665 16.65 30.80 10.18
N ILE C 666 17.93 30.89 9.83
CA ILE C 666 18.43 30.41 8.56
C ILE C 666 19.26 29.14 8.72
N GLY C 667 20.13 29.10 9.71
CA GLY C 667 20.80 27.87 10.07
C GLY C 667 22.28 28.03 10.27
N ALA C 668 22.88 27.03 10.94
CA ALA C 668 24.31 26.99 11.21
C ALA C 668 24.78 28.23 11.96
N GLY C 669 23.92 28.82 12.77
CA GLY C 669 24.27 30.01 13.50
C GLY C 669 23.92 31.32 12.83
N ILE C 670 23.30 31.28 11.65
CA ILE C 670 23.00 32.47 10.87
C ILE C 670 21.51 32.75 10.97
N CYS C 671 21.16 34.00 11.29
CA CYS C 671 19.79 34.47 11.31
C CYS C 671 19.67 35.71 10.43
N ALA C 672 18.43 36.12 10.16
CA ALA C 672 18.16 37.27 9.32
C ALA C 672 17.00 38.06 9.91
N SER C 673 16.99 39.36 9.63
CA SER C 673 15.95 40.22 10.19
C SER C 673 15.82 41.48 9.35
N TYR C 674 14.89 42.35 9.77
CA TYR C 674 14.57 43.60 9.09
C TYR C 674 15.10 44.75 9.92
N GLN C 675 15.90 45.62 9.31
CA GLN C 675 16.53 46.73 10.01
C GLN C 675 15.51 47.61 10.72
N GLN C 690 14.99 49.36 6.99
CA GLN C 690 14.95 49.73 5.59
C GLN C 690 15.49 48.63 4.69
N SER C 691 15.99 47.55 5.29
CA SER C 691 16.65 46.51 4.52
C SER C 691 16.60 45.21 5.30
N ILE C 692 17.02 44.13 4.64
CA ILE C 692 17.14 42.82 5.24
C ILE C 692 18.60 42.56 5.54
N ILE C 693 18.90 42.15 6.77
CA ILE C 693 20.27 41.88 7.17
C ILE C 693 20.38 40.42 7.60
N ALA C 694 21.60 39.89 7.50
CA ALA C 694 21.92 38.53 7.90
C ALA C 694 23.15 38.56 8.78
N TYR C 695 23.07 37.92 9.95
CA TYR C 695 24.11 38.04 10.96
C TYR C 695 24.28 36.72 11.68
N THR C 696 25.25 36.69 12.59
CA THR C 696 25.50 35.55 13.44
C THR C 696 24.75 35.69 14.75
N MET C 697 24.14 34.61 15.19
CA MET C 697 23.30 34.62 16.39
C MET C 697 24.09 35.08 17.61
N SER C 698 23.40 35.76 18.51
CA SER C 698 23.96 36.18 19.78
C SER C 698 23.21 35.47 20.90
N LEU C 699 23.97 34.89 21.84
CA LEU C 699 23.37 34.02 22.84
C LEU C 699 22.82 34.76 24.04
N GLY C 700 23.24 35.98 24.28
CA GLY C 700 22.68 36.76 25.38
C GLY C 700 23.68 37.77 25.89
N ALA C 701 23.20 38.61 26.79
CA ALA C 701 24.06 39.59 27.44
C ALA C 701 25.12 38.89 28.27
N GLU C 702 26.28 39.53 28.37
CA GLU C 702 27.44 38.96 29.05
C GLU C 702 27.70 39.74 30.33
N ASN C 703 27.80 39.02 31.45
CA ASN C 703 28.22 39.64 32.69
C ASN C 703 29.12 38.70 33.47
N SER C 704 29.72 39.22 34.53
CA SER C 704 30.68 38.49 35.34
C SER C 704 30.40 38.81 36.79
N VAL C 705 29.86 37.85 37.53
CA VAL C 705 29.52 38.08 38.93
C VAL C 705 30.79 38.24 39.75
N ALA C 706 30.74 39.12 40.74
CA ALA C 706 31.94 39.55 41.48
C ALA C 706 32.24 38.55 42.60
N TYR C 707 32.74 37.39 42.21
CA TYR C 707 33.07 36.35 43.18
C TYR C 707 34.27 36.76 44.01
N SER C 708 34.20 36.46 45.31
CA SER C 708 35.32 36.61 46.22
C SER C 708 35.10 35.62 47.37
N ASN C 709 36.14 35.39 48.14
CA ASN C 709 36.08 34.34 49.14
C ASN C 709 35.53 34.80 50.49
N ASN C 710 35.25 36.08 50.67
CA ASN C 710 34.61 36.52 51.91
C ASN C 710 33.58 37.60 51.64
N SER C 711 32.85 37.51 50.53
CA SER C 711 31.80 38.47 50.23
C SER C 711 30.53 37.75 49.81
N ILE C 712 29.38 38.32 50.18
CA ILE C 712 28.08 37.73 49.91
C ILE C 712 27.14 38.83 49.47
N ALA C 713 26.08 38.44 48.76
CA ALA C 713 25.06 39.37 48.31
C ALA C 713 23.70 38.93 48.85
N ILE C 714 22.93 39.88 49.35
CA ILE C 714 21.66 39.59 50.01
C ILE C 714 20.61 40.57 49.49
N PRO C 715 19.42 40.11 49.12
CA PRO C 715 18.38 41.02 48.64
C PRO C 715 17.75 41.82 49.76
N THR C 716 17.23 42.99 49.39
CA THR C 716 16.60 43.89 50.35
C THR C 716 15.15 44.20 50.00
N ASN C 717 14.63 43.65 48.91
CA ASN C 717 13.24 43.87 48.53
C ASN C 717 12.79 42.69 47.70
N PHE C 718 11.52 42.69 47.27
CA PHE C 718 11.01 41.60 46.48
C PHE C 718 9.97 42.11 45.51
N THR C 719 9.68 41.29 44.50
CA THR C 719 8.56 41.49 43.62
C THR C 719 7.75 40.20 43.56
N ILE C 720 6.49 40.35 43.17
CA ILE C 720 5.57 39.24 43.04
C ILE C 720 5.09 39.20 41.60
N SER C 721 5.33 38.08 40.93
CA SER C 721 5.09 37.99 39.50
C SER C 721 4.10 36.87 39.20
N VAL C 722 3.33 37.06 38.13
CA VAL C 722 2.35 36.09 37.67
C VAL C 722 2.69 35.71 36.24
N THR C 723 2.74 34.40 36.00
CA THR C 723 3.18 33.87 34.71
C THR C 723 2.11 32.94 34.17
N THR C 724 2.07 32.80 32.86
CA THR C 724 1.02 32.04 32.18
C THR C 724 1.61 30.79 31.53
N GLU C 725 0.88 29.68 31.61
CA GLU C 725 1.28 28.46 30.93
C GLU C 725 0.04 27.81 30.31
N ILE C 726 0.17 27.35 29.07
CA ILE C 726 -0.95 26.86 28.28
C ILE C 726 -0.68 25.43 27.86
N LEU C 727 -1.68 24.56 28.09
CA LEU C 727 -1.51 23.15 27.74
C LEU C 727 -2.76 22.59 27.08
N PRO C 728 -2.63 21.89 25.95
CA PRO C 728 -3.78 21.23 25.34
C PRO C 728 -4.07 19.88 26.00
N VAL C 729 -5.36 19.57 26.14
CA VAL C 729 -5.76 18.35 26.82
C VAL C 729 -6.57 17.40 25.96
N SER C 730 -7.17 17.84 24.87
CA SER C 730 -7.99 16.94 24.06
C SER C 730 -8.10 17.48 22.64
N MET C 731 -8.62 16.64 21.76
CA MET C 731 -8.88 17.00 20.38
C MET C 731 -10.23 16.46 19.97
N THR C 732 -10.69 16.82 18.77
CA THR C 732 -12.06 16.53 18.38
C THR C 732 -12.26 15.05 18.12
N LYS C 733 -13.42 14.55 18.52
CA LYS C 733 -13.78 13.14 18.35
C LYS C 733 -14.44 12.99 16.99
N THR C 734 -13.79 12.27 16.08
CA THR C 734 -14.29 12.10 14.73
C THR C 734 -14.53 10.62 14.45
N SER C 735 -15.31 10.36 13.41
CA SER C 735 -15.61 8.99 13.03
C SER C 735 -15.87 8.92 11.54
N VAL C 736 -15.48 7.80 10.94
CA VAL C 736 -15.58 7.58 9.51
C VAL C 736 -16.15 6.20 9.27
N ASP C 737 -17.17 6.11 8.42
CA ASP C 737 -17.73 4.84 7.99
C ASP C 737 -17.02 4.44 6.70
N CYS C 738 -16.21 3.38 6.75
CA CYS C 738 -15.36 3.04 5.62
C CYS C 738 -16.17 2.77 4.37
N THR C 739 -17.28 2.04 4.50
CA THR C 739 -18.01 1.58 3.33
C THR C 739 -18.56 2.75 2.52
N MET C 740 -19.18 3.72 3.21
CA MET C 740 -19.70 4.87 2.49
C MET C 740 -18.59 5.73 1.92
N TYR C 741 -17.44 5.77 2.58
CA TYR C 741 -16.31 6.54 2.04
C TYR C 741 -15.77 5.91 0.77
N ILE C 742 -15.55 4.59 0.79
CA ILE C 742 -14.87 3.93 -0.32
C ILE C 742 -15.82 3.79 -1.51
N CYS C 743 -16.95 3.11 -1.30
CA CYS C 743 -17.83 2.79 -2.43
C CYS C 743 -18.93 3.82 -2.61
N GLY C 744 -19.85 3.90 -1.67
CA GLY C 744 -20.86 4.92 -1.67
C GLY C 744 -22.08 4.47 -2.46
N ASP C 745 -23.14 4.05 -1.77
CA ASP C 745 -24.40 3.62 -2.38
C ASP C 745 -24.21 2.85 -3.69
N SER C 746 -23.24 1.94 -3.72
CA SER C 746 -22.92 1.17 -4.92
C SER C 746 -22.75 -0.29 -4.51
N THR C 747 -23.76 -1.10 -4.83
CA THR C 747 -23.80 -2.47 -4.30
C THR C 747 -22.65 -3.32 -4.84
N GLU C 748 -22.34 -3.20 -6.13
CA GLU C 748 -21.29 -4.03 -6.70
C GLU C 748 -19.92 -3.67 -6.13
N CYS C 749 -19.67 -2.37 -5.90
CA CYS C 749 -18.42 -1.99 -5.27
C CYS C 749 -18.29 -2.60 -3.88
N SER C 750 -19.37 -2.60 -3.10
CA SER C 750 -19.34 -3.20 -1.78
C SER C 750 -19.12 -4.71 -1.85
N ASN C 751 -19.74 -5.36 -2.84
CA ASN C 751 -19.54 -6.79 -3.03
C ASN C 751 -18.07 -7.09 -3.31
N LEU C 752 -17.44 -6.28 -4.15
CA LEU C 752 -16.01 -6.43 -4.38
C LEU C 752 -15.21 -6.16 -3.10
N LEU C 753 -15.63 -5.15 -2.34
CA LEU C 753 -14.92 -4.78 -1.11
C LEU C 753 -14.95 -5.90 -0.08
N LEU C 754 -16.00 -6.71 -0.10
CA LEU C 754 -16.09 -7.82 0.85
C LEU C 754 -14.92 -8.78 0.72
N GLN C 755 -14.24 -8.80 -0.43
CA GLN C 755 -13.14 -9.72 -0.66
C GLN C 755 -11.89 -9.37 0.12
N TYR C 756 -11.84 -8.20 0.76
CA TYR C 756 -10.63 -7.74 1.43
C TYR C 756 -10.64 -8.03 2.93
N GLY C 757 -11.60 -8.79 3.42
CA GLY C 757 -11.57 -9.25 4.80
C GLY C 757 -12.17 -8.23 5.74
N SER C 758 -11.41 -7.89 6.79
CA SER C 758 -11.93 -7.12 7.92
C SER C 758 -11.05 -5.91 8.19
N PHE C 759 -10.75 -5.13 7.16
CA PHE C 759 -10.01 -3.89 7.36
C PHE C 759 -10.89 -2.84 8.01
N CYS C 760 -12.13 -2.72 7.56
CA CYS C 760 -13.02 -1.69 8.09
C CYS C 760 -13.28 -1.87 9.58
N THR C 761 -13.45 -3.11 10.01
CA THR C 761 -13.74 -3.35 11.42
C THR C 761 -12.63 -2.79 12.30
N GLN C 762 -11.37 -3.05 11.95
CA GLN C 762 -10.30 -2.57 12.80
C GLN C 762 -10.04 -1.08 12.64
N LEU C 763 -10.30 -0.51 11.46
CA LEU C 763 -10.22 0.95 11.34
C LEU C 763 -11.23 1.63 12.25
N ASN C 764 -12.49 1.16 12.22
CA ASN C 764 -13.51 1.74 13.09
C ASN C 764 -13.18 1.53 14.56
N ARG C 765 -12.62 0.36 14.89
CA ARG C 765 -12.24 0.08 16.25
C ARG C 765 -11.16 1.06 16.73
N ALA C 766 -10.17 1.33 15.88
CA ALA C 766 -9.11 2.26 16.25
C ALA C 766 -9.67 3.67 16.47
N LEU C 767 -10.55 4.11 15.58
CA LEU C 767 -11.10 5.45 15.74
C LEU C 767 -11.94 5.56 17.01
N THR C 768 -12.75 4.56 17.32
CA THR C 768 -13.52 4.59 18.55
C THR C 768 -12.61 4.59 19.77
N GLY C 769 -11.54 3.78 19.72
CA GLY C 769 -10.61 3.74 20.82
C GLY C 769 -9.97 5.08 21.10
N ILE C 770 -9.60 5.81 20.04
CA ILE C 770 -9.04 7.13 20.29
C ILE C 770 -10.11 8.20 20.51
N ALA C 771 -11.38 7.84 20.34
CA ALA C 771 -12.43 8.80 20.65
C ALA C 771 -12.82 8.78 22.13
N VAL C 772 -12.79 7.60 22.77
CA VAL C 772 -13.10 7.58 24.20
C VAL C 772 -11.96 8.16 25.04
N GLU C 773 -10.74 8.13 24.52
CA GLU C 773 -9.59 8.59 25.28
C GLU C 773 -9.64 10.10 25.52
N GLN C 774 -10.29 10.86 24.64
CA GLN C 774 -10.40 12.30 24.85
C GLN C 774 -11.24 12.62 26.07
N ASP C 775 -12.36 11.91 26.23
CA ASP C 775 -13.17 12.06 27.43
C ASP C 775 -12.39 11.64 28.65
N LYS C 776 -11.61 10.57 28.54
CA LYS C 776 -10.78 10.17 29.67
C LYS C 776 -9.78 11.28 30.05
N ASN C 777 -9.16 11.90 29.05
CA ASN C 777 -8.19 12.97 29.30
C ASN C 777 -8.83 14.12 30.05
N THR C 778 -9.97 14.60 29.55
CA THR C 778 -10.63 15.73 30.21
C THR C 778 -11.04 15.37 31.63
N GLN C 779 -11.57 14.17 31.82
CA GLN C 779 -11.96 13.74 33.16
C GLN C 779 -10.78 13.75 34.10
N GLU C 780 -9.63 13.25 33.67
CA GLU C 780 -8.49 13.20 34.56
C GLU C 780 -7.93 14.58 34.87
N VAL C 781 -7.97 15.50 33.91
CA VAL C 781 -7.43 16.84 34.19
C VAL C 781 -8.33 17.60 35.15
N PHE C 782 -9.64 17.61 34.91
CA PHE C 782 -10.50 18.55 35.62
C PHE C 782 -11.25 17.97 36.81
N ALA C 783 -11.67 16.71 36.76
CA ALA C 783 -12.49 16.15 37.84
C ALA C 783 -11.60 15.63 38.96
N GLN C 784 -10.99 16.58 39.67
CA GLN C 784 -10.05 16.28 40.75
C GLN C 784 -10.58 16.68 42.11
N VAL C 785 -11.88 16.93 42.24
CA VAL C 785 -12.44 17.45 43.47
C VAL C 785 -13.72 16.69 43.80
N LYS C 786 -13.92 16.42 45.09
CA LYS C 786 -15.08 15.65 45.53
C LYS C 786 -16.35 16.47 45.39
N GLN C 787 -16.31 17.71 45.86
CA GLN C 787 -17.49 18.52 46.09
C GLN C 787 -17.39 19.82 45.32
N ILE C 788 -18.49 20.56 45.28
CA ILE C 788 -18.54 21.83 44.56
C ILE C 788 -18.51 22.97 45.56
N TYR C 789 -17.31 23.47 45.85
CA TYR C 789 -17.16 24.54 46.81
C TYR C 789 -17.65 25.86 46.23
N LYS C 790 -18.04 26.77 47.12
CA LYS C 790 -18.53 28.08 46.72
C LYS C 790 -17.83 29.15 47.55
N THR C 791 -17.73 30.27 47.02
CA THR C 791 -17.05 31.38 47.66
C THR C 791 -18.05 32.24 48.41
N PRO C 792 -17.65 32.84 49.53
CA PRO C 792 -18.61 33.60 50.33
C PRO C 792 -19.13 34.82 49.57
N PRO C 793 -20.35 35.25 49.84
CA PRO C 793 -20.93 36.37 49.07
C PRO C 793 -20.17 37.67 49.20
N ILE C 794 -19.55 37.94 50.35
CA ILE C 794 -18.78 39.16 50.55
C ILE C 794 -17.31 38.86 50.38
N LYS C 795 -16.64 39.63 49.52
CA LYS C 795 -15.27 39.34 49.11
C LYS C 795 -14.34 40.30 49.84
N ASP C 796 -13.96 39.94 51.06
CA ASP C 796 -13.02 40.71 51.87
C ASP C 796 -11.88 39.78 52.25
N PHE C 797 -10.84 39.76 51.41
CA PHE C 797 -9.71 38.86 51.59
C PHE C 797 -8.44 39.59 52.01
N GLY C 798 -8.58 40.65 52.78
CA GLY C 798 -7.43 41.35 53.29
C GLY C 798 -6.75 42.28 52.33
N GLY C 799 -7.39 42.62 51.21
CA GLY C 799 -6.82 43.49 50.20
C GLY C 799 -6.57 42.82 48.88
N PHE C 800 -6.55 41.50 48.84
CA PHE C 800 -6.36 40.79 47.58
C PHE C 800 -7.67 40.74 46.82
N ASN C 801 -7.60 40.93 45.50
CA ASN C 801 -8.77 41.11 44.66
C ASN C 801 -8.72 40.07 43.56
N PHE C 802 -9.66 39.15 43.55
CA PHE C 802 -9.63 38.01 42.61
C PHE C 802 -10.75 38.11 41.59
N SER C 803 -11.14 39.31 41.19
CA SER C 803 -12.28 39.53 40.27
C SER C 803 -12.05 38.97 38.89
N GLN C 804 -10.87 39.11 38.37
CA GLN C 804 -10.61 38.70 36.98
C GLN C 804 -10.57 37.19 36.85
N ILE C 805 -10.45 36.45 37.93
CA ILE C 805 -10.29 34.98 37.83
C ILE C 805 -11.54 34.28 38.33
N LEU C 806 -12.44 34.96 39.01
CA LEU C 806 -13.61 34.33 39.63
C LEU C 806 -14.77 34.50 38.66
N PRO C 807 -15.86 33.73 38.76
CA PRO C 807 -16.93 33.79 37.78
C PRO C 807 -17.88 34.98 37.79
N ASP C 808 -18.36 35.43 36.62
CA ASP C 808 -19.15 36.66 36.56
C ASP C 808 -20.63 36.30 36.48
N PRO C 809 -21.44 36.67 37.48
CA PRO C 809 -22.86 36.30 37.41
C PRO C 809 -23.66 37.08 36.37
N SER C 810 -23.11 38.21 35.94
CA SER C 810 -23.80 39.12 34.98
C SER C 810 -23.91 38.43 33.63
N LYS C 811 -22.77 38.13 33.03
CA LYS C 811 -22.77 37.48 31.71
C LYS C 811 -23.50 36.17 31.90
N PRO C 812 -24.18 35.63 30.88
CA PRO C 812 -25.00 34.45 31.11
C PRO C 812 -24.19 33.17 31.25
N SER C 813 -23.08 33.04 30.53
CA SER C 813 -22.27 31.83 30.54
C SER C 813 -21.71 31.50 31.92
N LYS C 814 -21.66 32.46 32.83
CA LYS C 814 -21.00 32.31 34.14
C LYS C 814 -19.52 31.96 33.94
N ARG C 815 -18.80 32.69 33.10
CA ARG C 815 -17.36 32.47 32.89
C ARG C 815 -16.68 33.70 33.45
N SER C 816 -15.40 33.64 33.75
CA SER C 816 -14.65 34.74 34.37
C SER C 816 -14.29 35.77 33.34
N PRO C 817 -13.89 36.98 33.73
CA PRO C 817 -13.42 37.91 32.75
C PRO C 817 -12.25 37.40 31.90
N ILE C 818 -11.23 36.75 32.42
CA ILE C 818 -10.10 36.17 31.62
C ILE C 818 -10.55 35.00 30.77
N GLU C 819 -11.40 34.13 31.26
CA GLU C 819 -11.82 32.92 30.50
C GLU C 819 -12.58 33.35 29.26
N ASP C 820 -13.37 34.40 29.32
CA ASP C 820 -14.11 34.93 28.16
C ASP C 820 -13.17 35.47 27.11
N LEU C 821 -12.12 36.15 27.49
CA LEU C 821 -11.13 36.59 26.50
C LEU C 821 -10.53 35.36 25.86
N LEU C 822 -10.38 34.27 26.57
CA LEU C 822 -9.66 33.13 25.98
C LEU C 822 -10.57 32.35 25.04
N PHE C 823 -11.87 32.43 25.27
CA PHE C 823 -12.82 31.76 24.39
C PHE C 823 -13.08 32.58 23.13
N ASN C 824 -13.09 33.90 23.24
CA ASN C 824 -13.20 34.72 22.04
C ASN C 824 -11.93 34.67 21.21
N LYS C 825 -10.76 34.54 21.86
CA LYS C 825 -9.51 34.63 21.14
C LYS C 825 -9.26 33.43 20.24
N VAL C 826 -9.78 32.26 20.61
CA VAL C 826 -9.54 31.05 19.82
C VAL C 826 -10.78 30.72 19.01
N THR C 827 -10.82 31.18 17.77
CA THR C 827 -11.94 30.93 16.86
C THR C 827 -11.49 30.03 15.73
N LEU C 828 -12.40 29.17 15.27
CA LEU C 828 -12.12 28.21 14.21
C LEU C 828 -11.66 28.89 12.93
N ALA C 852 -17.33 22.94 10.57
CA ALA C 852 -17.22 22.32 9.25
C ALA C 852 -18.59 21.87 8.76
N GLN C 853 -18.63 20.74 8.06
CA GLN C 853 -19.87 20.21 7.53
C GLN C 853 -19.73 18.70 7.40
N LYS C 854 -20.87 18.02 7.34
CA LYS C 854 -20.93 16.56 7.38
C LYS C 854 -21.30 16.02 6.01
N PHE C 855 -20.53 15.01 5.56
CA PHE C 855 -20.69 14.51 4.20
C PHE C 855 -19.85 13.26 3.99
N ASN C 856 -20.39 12.36 3.16
CA ASN C 856 -19.81 11.07 2.76
C ASN C 856 -19.03 10.38 3.88
N GLY C 857 -19.74 10.13 4.97
CA GLY C 857 -19.25 9.20 5.98
C GLY C 857 -18.48 9.80 7.13
N LEU C 858 -18.22 11.10 7.12
CA LEU C 858 -17.44 11.74 8.18
C LEU C 858 -18.40 12.39 9.15
N THR C 859 -18.29 12.02 10.43
CA THR C 859 -19.12 12.60 11.47
C THR C 859 -18.26 13.03 12.64
N VAL C 860 -18.78 13.96 13.42
CA VAL C 860 -18.11 14.47 14.61
C VAL C 860 -19.00 14.19 15.81
N LEU C 861 -18.44 13.61 16.81
CA LEU C 861 -19.19 13.30 18.01
C LEU C 861 -19.01 14.41 19.04
N PRO C 862 -20.01 14.69 19.86
CA PRO C 862 -19.87 15.75 20.85
C PRO C 862 -19.16 15.25 22.09
N PRO C 863 -18.41 16.11 22.77
CA PRO C 863 -17.75 15.69 24.00
C PRO C 863 -18.76 15.43 25.11
N LEU C 864 -18.34 14.62 26.08
CA LEU C 864 -19.24 14.23 27.16
C LEU C 864 -19.50 15.40 28.10
N LEU C 865 -18.48 16.20 28.41
CA LEU C 865 -18.60 17.33 29.30
C LEU C 865 -18.73 18.61 28.48
N THR C 866 -19.82 19.34 28.69
CA THR C 866 -19.97 20.62 28.03
C THR C 866 -19.07 21.66 28.67
N ASP C 867 -19.00 22.84 28.05
CA ASP C 867 -18.09 23.87 28.55
C ASP C 867 -18.57 24.46 29.86
N GLU C 868 -19.87 24.50 30.10
CA GLU C 868 -20.38 25.00 31.36
C GLU C 868 -19.90 24.14 32.52
N MET C 869 -19.85 22.82 32.32
CA MET C 869 -19.41 21.95 33.40
C MET C 869 -17.90 22.03 33.64
N ILE C 870 -17.11 22.22 32.57
CA ILE C 870 -15.69 22.48 32.76
C ILE C 870 -15.48 23.75 33.58
N ALA C 871 -16.22 24.82 33.23
CA ALA C 871 -16.09 26.05 33.98
C ALA C 871 -16.53 25.86 35.42
N GLN C 872 -17.53 25.04 35.66
CA GLN C 872 -17.98 24.76 37.02
C GLN C 872 -16.89 24.06 37.84
N TYR C 873 -16.24 23.06 37.25
CA TYR C 873 -15.09 22.43 37.88
C TYR C 873 -13.99 23.42 38.25
N THR C 874 -13.59 24.26 37.28
CA THR C 874 -12.50 25.19 37.59
C THR C 874 -12.92 26.19 38.66
N SER C 875 -14.18 26.61 38.65
CA SER C 875 -14.66 27.52 39.68
C SER C 875 -14.62 26.86 41.05
N ALA C 876 -14.98 25.58 41.12
CA ALA C 876 -14.93 24.87 42.40
C ALA C 876 -13.50 24.78 42.91
N LEU C 877 -12.55 24.45 42.03
CA LEU C 877 -11.15 24.40 42.46
C LEU C 877 -10.68 25.76 42.96
N LEU C 878 -11.03 26.82 42.25
CA LEU C 878 -10.61 28.16 42.64
C LEU C 878 -11.19 28.54 44.00
N ALA C 879 -12.47 28.27 44.23
CA ALA C 879 -13.08 28.60 45.51
C ALA C 879 -12.46 27.80 46.64
N GLY C 880 -12.19 26.52 46.40
CA GLY C 880 -11.56 25.70 47.42
C GLY C 880 -10.19 26.21 47.81
N THR C 881 -9.36 26.54 46.82
CA THR C 881 -8.01 27.00 47.16
C THR C 881 -8.03 28.40 47.76
N ILE C 882 -8.98 29.25 47.41
CA ILE C 882 -9.04 30.57 48.02
C ILE C 882 -9.48 30.47 49.47
N THR C 883 -10.47 29.63 49.77
CA THR C 883 -11.05 29.63 51.10
C THR C 883 -10.39 28.66 52.08
N SER C 884 -9.66 27.65 51.61
CA SER C 884 -9.16 26.66 52.55
C SER C 884 -7.72 26.22 52.31
N GLY C 885 -6.98 26.88 51.42
CA GLY C 885 -5.58 26.55 51.26
C GLY C 885 -5.32 25.26 50.52
N TRP C 886 -4.43 24.46 51.07
CA TRP C 886 -4.05 23.16 50.48
C TRP C 886 -4.72 22.04 51.23
N THR C 887 -5.59 22.37 52.17
CA THR C 887 -6.27 21.37 52.99
C THR C 887 -7.28 20.55 52.21
N PHE C 888 -7.95 21.10 51.23
CA PHE C 888 -9.04 20.41 50.50
C PHE C 888 -8.56 19.21 49.74
N GLY C 889 -7.31 19.15 49.35
CA GLY C 889 -6.86 18.04 48.52
C GLY C 889 -6.30 16.89 49.28
N ALA C 890 -6.31 16.94 50.60
CA ALA C 890 -5.79 15.85 51.45
C ALA C 890 -6.82 15.31 52.39
N GLY C 891 -7.99 15.91 52.46
CA GLY C 891 -8.93 15.48 53.49
C GLY C 891 -10.07 16.43 53.57
N PRO C 892 -10.70 16.64 54.73
CA PRO C 892 -11.75 17.62 54.81
C PRO C 892 -11.22 19.04 54.60
N ALA C 893 -12.01 19.95 54.04
CA ALA C 893 -11.57 21.34 53.87
C ALA C 893 -11.69 22.10 55.14
N LEU C 894 -10.63 22.81 55.53
CA LEU C 894 -10.59 23.52 56.81
C LEU C 894 -10.31 24.97 56.51
N GLN C 895 -11.11 25.90 57.00
CA GLN C 895 -11.04 27.34 56.68
C GLN C 895 -9.86 28.02 57.32
N ILE C 896 -9.27 29.05 56.71
CA ILE C 896 -8.14 29.81 57.28
C ILE C 896 -8.23 31.22 56.75
N PRO C 897 -7.98 32.28 57.50
CA PRO C 897 -7.99 33.59 56.91
C PRO C 897 -6.94 33.75 55.80
N PHE C 898 -7.22 34.38 54.67
CA PHE C 898 -6.29 34.43 53.53
C PHE C 898 -5.00 35.12 53.83
N PRO C 899 -4.93 36.25 54.52
CA PRO C 899 -3.64 36.78 54.80
C PRO C 899 -2.78 35.76 55.55
N MET C 900 -3.33 34.95 56.45
CA MET C 900 -2.58 33.91 57.18
C MET C 900 -2.11 32.75 56.32
N GLN C 901 -2.83 32.34 55.32
CA GLN C 901 -2.40 31.27 54.39
C GLN C 901 -1.19 31.74 53.62
N MET C 902 -1.17 32.98 53.19
CA MET C 902 -0.02 33.52 52.43
C MET C 902 1.22 33.56 53.29
N ALA C 903 1.10 33.78 54.57
CA ALA C 903 2.23 33.75 55.49
C ALA C 903 2.80 32.37 55.68
N TYR C 904 2.00 31.35 55.59
CA TYR C 904 2.56 30.00 55.66
C TYR C 904 3.14 29.66 54.31
N ARG C 905 2.70 30.30 53.25
CA ARG C 905 3.39 30.08 51.99
C ARG C 905 4.71 30.83 51.92
N PHE C 906 4.81 32.01 52.53
CA PHE C 906 6.13 32.63 52.70
C PHE C 906 7.02 31.75 53.55
N ASN C 907 6.48 31.23 54.66
CA ASN C 907 7.26 30.36 55.52
C ASN C 907 7.79 29.15 54.76
N GLY C 908 7.05 28.68 53.77
CA GLY C 908 7.46 27.51 53.02
C GLY C 908 8.55 27.72 52.01
N ILE C 909 8.95 28.95 51.72
CA ILE C 909 10.06 29.22 50.82
C ILE C 909 11.28 29.75 51.57
N GLY C 910 11.25 29.74 52.89
CA GLY C 910 12.40 30.13 53.67
C GLY C 910 12.42 31.55 54.17
N VAL C 911 11.28 32.25 54.15
CA VAL C 911 11.19 33.63 54.59
C VAL C 911 10.24 33.68 55.76
N THR C 912 10.67 34.32 56.86
CA THR C 912 9.85 34.35 58.06
C THR C 912 8.54 35.10 57.80
N GLN C 913 7.53 34.77 58.60
CA GLN C 913 6.19 35.25 58.28
C GLN C 913 5.97 36.71 58.63
N ASN C 914 6.77 37.28 59.53
CA ASN C 914 6.53 38.67 59.91
C ASN C 914 6.70 39.61 58.73
N VAL C 915 7.48 39.19 57.73
CA VAL C 915 7.74 39.97 56.51
C VAL C 915 6.47 40.12 55.68
N LEU C 916 5.52 39.21 55.73
CA LEU C 916 4.23 39.42 55.06
C LEU C 916 3.37 40.37 55.88
N TYR C 917 3.30 40.17 57.16
CA TYR C 917 2.37 40.96 57.99
C TYR C 917 2.77 42.41 57.97
N GLU C 918 4.04 42.70 57.93
CA GLU C 918 4.51 44.08 57.99
C GLU C 918 4.63 44.71 56.62
N ASN C 919 4.37 44.00 55.55
CA ASN C 919 4.37 44.58 54.20
C ASN C 919 3.13 44.11 53.48
N GLN C 920 1.99 43.97 54.15
CA GLN C 920 0.77 43.39 53.56
C GLN C 920 0.17 44.24 52.47
N LYS C 921 0.15 45.56 52.57
CA LYS C 921 -0.51 46.31 51.50
C LYS C 921 0.36 46.36 50.26
N LEU C 922 1.65 46.50 50.38
CA LEU C 922 2.48 46.48 49.19
C LEU C 922 2.34 45.16 48.45
N ILE C 923 2.29 44.05 49.18
CA ILE C 923 2.16 42.74 48.57
C ILE C 923 0.82 42.59 47.87
N ALA C 924 -0.26 43.05 48.51
CA ALA C 924 -1.56 43.00 47.87
C ALA C 924 -1.60 43.85 46.61
N ASN C 925 -0.98 45.03 46.66
CA ASN C 925 -0.95 45.89 45.48
C ASN C 925 -0.19 45.25 44.34
N GLN C 926 0.97 44.66 44.63
CA GLN C 926 1.74 43.98 43.57
C GLN C 926 0.95 42.83 42.98
N PHE C 927 0.29 42.04 43.81
CA PHE C 927 -0.51 40.93 43.30
C PHE C 927 -1.62 41.43 42.38
N ASN C 928 -2.34 42.46 42.81
CA ASN C 928 -3.44 42.98 42.00
C ASN C 928 -2.94 43.51 40.66
N SER C 929 -1.84 44.27 40.68
CA SER C 929 -1.30 44.80 39.44
C SER C 929 -0.85 43.69 38.50
N ALA C 930 -0.19 42.67 39.05
CA ALA C 930 0.29 41.58 38.21
C ALA C 930 -0.87 40.80 37.59
N ILE C 931 -1.94 40.59 38.34
CA ILE C 931 -3.14 39.97 37.76
C ILE C 931 -3.72 40.88 36.68
N GLY C 932 -3.72 42.20 36.91
CA GLY C 932 -4.28 43.11 35.93
C GLY C 932 -3.55 43.08 34.60
N LYS C 933 -2.23 42.92 34.64
CA LYS C 933 -1.47 42.96 33.38
C LYS C 933 -1.66 41.73 32.51
N ILE C 934 -2.16 40.62 33.04
CA ILE C 934 -2.23 39.37 32.23
C ILE C 934 -3.28 39.53 31.16
N GLN C 935 -4.33 40.24 31.48
CA GLN C 935 -5.43 40.32 30.51
C GLN C 935 -4.94 40.97 29.24
N ASP C 936 -4.24 42.08 29.33
CA ASP C 936 -3.67 42.72 28.14
C ASP C 936 -2.59 41.81 27.59
N SER C 937 -1.70 41.33 28.43
CA SER C 937 -0.68 40.48 27.83
C SER C 937 -1.29 39.38 26.96
N LEU C 938 -2.51 38.95 27.28
CA LEU C 938 -3.18 37.99 26.42
C LEU C 938 -3.93 38.69 25.29
N SER C 939 -4.81 39.61 25.63
CA SER C 939 -5.66 40.25 24.60
C SER C 939 -4.83 40.75 23.44
N SER C 940 -4.08 41.81 23.67
CA SER C 940 -3.36 42.45 22.56
C SER C 940 -2.32 41.53 21.92
N THR C 941 -1.49 40.86 22.71
CA THR C 941 -0.45 40.09 22.01
C THR C 941 -1.17 39.02 21.21
N PRO C 942 -0.84 38.81 19.91
CA PRO C 942 -1.43 37.76 19.12
C PRO C 942 -0.50 36.53 19.09
N SER C 943 -1.06 35.35 18.82
CA SER C 943 -0.26 34.10 18.73
C SER C 943 0.16 33.58 20.10
N ALA C 944 -0.48 34.08 21.16
CA ALA C 944 -0.21 33.51 22.50
C ALA C 944 -0.77 32.10 22.58
N LEU C 945 -1.97 31.90 22.03
CA LEU C 945 -2.64 30.60 22.13
C LEU C 945 -2.24 29.74 20.94
N GLY C 946 -1.02 29.87 20.44
CA GLY C 946 -0.63 29.11 19.26
C GLY C 946 -0.71 27.60 19.46
N LYS C 947 -0.33 27.12 20.65
CA LYS C 947 -0.34 25.68 20.89
C LYS C 947 -1.75 25.12 20.81
N LEU C 948 -2.74 25.85 21.34
CA LEU C 948 -4.11 25.39 21.24
C LEU C 948 -4.63 25.42 19.82
N GLN C 949 -4.09 26.29 18.98
CA GLN C 949 -4.59 26.45 17.61
C GLN C 949 -3.94 25.48 16.64
N ASP C 950 -2.70 25.06 16.90
CA ASP C 950 -2.00 24.18 15.98
C ASP C 950 -2.70 22.84 15.83
N VAL C 951 -3.20 22.29 16.94
CA VAL C 951 -3.86 21.00 16.88
C VAL C 951 -5.13 21.08 16.03
N VAL C 952 -5.91 22.14 16.20
CA VAL C 952 -7.11 22.34 15.39
C VAL C 952 -6.72 22.45 13.92
N ASN C 953 -5.68 23.22 13.63
CA ASN C 953 -5.28 23.43 12.25
C ASN C 953 -4.89 22.11 11.59
N GLN C 954 -4.08 21.30 12.27
CA GLN C 954 -3.60 20.09 11.62
C GLN C 954 -4.70 19.04 11.53
N ASN C 955 -5.63 19.01 12.47
CA ASN C 955 -6.76 18.08 12.33
C ASN C 955 -7.63 18.45 11.13
N ALA C 956 -7.93 19.75 10.98
CA ALA C 956 -8.71 20.18 9.83
C ALA C 956 -7.98 19.89 8.53
N GLN C 957 -6.67 20.09 8.51
CA GLN C 957 -5.89 19.83 7.30
C GLN C 957 -5.91 18.36 6.95
N ALA C 958 -5.81 17.48 7.94
CA ALA C 958 -5.85 16.04 7.66
C ALA C 958 -7.20 15.63 7.08
N LEU C 959 -8.29 16.16 7.64
CA LEU C 959 -9.61 15.85 7.08
C LEU C 959 -9.73 16.37 5.65
N ASN C 960 -9.22 17.57 5.39
CA ASN C 960 -9.30 18.12 4.04
C ASN C 960 -8.54 17.26 3.04
N THR C 961 -7.34 16.80 3.42
CA THR C 961 -6.59 15.92 2.53
C THR C 961 -7.35 14.61 2.28
N LEU C 962 -7.93 14.05 3.33
CA LEU C 962 -8.70 12.81 3.17
C LEU C 962 -9.84 13.00 2.20
N VAL C 963 -10.53 14.13 2.27
CA VAL C 963 -11.64 14.38 1.36
C VAL C 963 -11.12 14.60 -0.05
N LYS C 964 -10.04 15.36 -0.20
CA LYS C 964 -9.49 15.62 -1.53
C LYS C 964 -9.05 14.34 -2.23
N GLN C 965 -8.67 13.32 -1.46
CA GLN C 965 -8.24 12.07 -2.09
C GLN C 965 -9.36 11.38 -2.88
N LEU C 966 -10.61 11.77 -2.71
CA LEU C 966 -11.69 11.13 -3.45
C LEU C 966 -11.77 11.58 -4.90
N SER C 967 -11.01 12.60 -5.30
CA SER C 967 -11.07 13.13 -6.65
C SER C 967 -9.93 12.65 -7.54
N SER C 968 -9.21 11.61 -7.11
CA SER C 968 -8.10 11.07 -7.86
C SER C 968 -8.47 9.68 -8.38
N ASN C 969 -8.06 9.37 -9.61
CA ASN C 969 -8.50 8.14 -10.26
C ASN C 969 -7.50 6.99 -10.14
N PHE C 970 -6.31 7.24 -9.59
CA PHE C 970 -5.37 6.18 -9.26
C PHE C 970 -5.01 5.29 -10.44
N GLY C 971 -5.18 5.79 -11.67
CA GLY C 971 -4.90 5.02 -12.85
C GLY C 971 -6.11 4.49 -13.58
N ALA C 972 -7.28 4.51 -12.96
CA ALA C 972 -8.49 4.10 -13.64
C ALA C 972 -8.88 5.13 -14.69
N ILE C 973 -9.91 4.80 -15.46
CA ILE C 973 -10.34 5.70 -16.53
C ILE C 973 -10.99 6.95 -15.94
N SER C 974 -11.72 6.80 -14.84
CA SER C 974 -12.41 7.92 -14.23
C SER C 974 -12.38 7.77 -12.72
N SER C 975 -12.54 8.90 -12.02
CA SER C 975 -12.57 8.91 -10.57
C SER C 975 -13.98 8.83 -10.00
N VAL C 976 -15.00 8.89 -10.84
CA VAL C 976 -16.39 8.80 -10.41
C VAL C 976 -16.92 7.41 -10.79
N LEU C 977 -17.63 6.80 -9.86
CA LEU C 977 -17.92 5.37 -9.97
C LEU C 977 -19.02 5.09 -11.00
N ASN C 978 -20.00 5.98 -11.11
CA ASN C 978 -21.12 5.76 -12.01
C ASN C 978 -20.70 5.78 -13.47
N ASP C 979 -19.69 6.58 -13.82
CA ASP C 979 -19.20 6.57 -15.19
C ASP C 979 -18.55 5.25 -15.54
N ILE C 980 -17.70 4.73 -14.65
CA ILE C 980 -17.09 3.43 -14.88
C ILE C 980 -18.16 2.36 -15.01
N LEU C 981 -19.17 2.41 -14.14
CA LEU C 981 -20.22 1.39 -14.19
C LEU C 981 -21.03 1.48 -15.47
N SER C 982 -21.46 2.68 -15.84
CA SER C 982 -22.38 2.84 -16.96
C SER C 982 -21.70 2.54 -18.29
N ARG C 983 -20.68 3.33 -18.64
CA ARG C 983 -20.14 3.32 -19.99
C ARG C 983 -19.17 2.17 -20.25
N LEU C 984 -19.07 1.19 -19.36
CA LEU C 984 -18.22 0.03 -19.60
C LEU C 984 -19.03 -1.24 -19.34
N ASP C 985 -18.40 -2.36 -19.68
CA ASP C 985 -19.05 -3.67 -19.61
C ASP C 985 -18.73 -4.34 -18.28
N PRO C 986 -19.67 -5.07 -17.69
CA PRO C 986 -19.52 -5.49 -16.28
C PRO C 986 -18.26 -6.29 -16.01
N PRO C 987 -18.01 -7.41 -16.70
CA PRO C 987 -16.89 -8.27 -16.30
C PRO C 987 -15.51 -7.64 -16.51
N GLU C 988 -15.42 -6.43 -17.04
CA GLU C 988 -14.15 -5.75 -17.16
C GLU C 988 -14.09 -4.41 -16.44
N ALA C 989 -15.24 -3.78 -16.16
CA ALA C 989 -15.24 -2.63 -15.26
C ALA C 989 -14.81 -3.02 -13.86
N GLU C 990 -14.87 -4.31 -13.53
CA GLU C 990 -14.41 -4.79 -12.24
C GLU C 990 -12.94 -4.44 -12.00
N VAL C 991 -12.11 -4.50 -13.04
CA VAL C 991 -10.71 -4.14 -12.90
C VAL C 991 -10.55 -2.70 -12.44
N GLN C 992 -11.27 -1.79 -13.12
CA GLN C 992 -11.20 -0.38 -12.74
C GLN C 992 -11.72 -0.17 -11.33
N ILE C 993 -12.83 -0.84 -10.98
CA ILE C 993 -13.41 -0.68 -9.65
C ILE C 993 -12.39 -1.06 -8.59
N ASP C 994 -11.74 -2.23 -8.76
CA ASP C 994 -10.77 -2.69 -7.79
C ASP C 994 -9.58 -1.75 -7.71
N ARG C 995 -9.11 -1.27 -8.86
CA ARG C 995 -7.97 -0.36 -8.87
C ARG C 995 -8.29 0.94 -8.14
N LEU C 996 -9.56 1.35 -8.16
CA LEU C 996 -9.97 2.53 -7.41
C LEU C 996 -10.04 2.24 -5.91
N ILE C 997 -10.61 1.10 -5.54
CA ILE C 997 -10.85 0.86 -4.13
C ILE C 997 -9.53 0.62 -3.39
N THR C 998 -8.51 0.06 -4.04
CA THR C 998 -7.24 -0.11 -3.36
C THR C 998 -6.65 1.23 -2.95
N GLY C 999 -6.67 2.21 -3.85
CA GLY C 999 -6.15 3.53 -3.52
C GLY C 999 -6.94 4.19 -2.42
N ARG C 1000 -8.27 4.12 -2.48
CA ARG C 1000 -9.08 4.76 -1.45
C ARG C 1000 -8.81 4.13 -0.08
N LEU C 1001 -8.71 2.80 -0.03
CA LEU C 1001 -8.44 2.13 1.23
C LEU C 1001 -7.07 2.51 1.77
N GLN C 1002 -6.07 2.62 0.90
CA GLN C 1002 -4.74 2.99 1.36
C GLN C 1002 -4.73 4.39 1.97
N SER C 1003 -5.43 5.33 1.34
CA SER C 1003 -5.48 6.68 1.89
C SER C 1003 -6.16 6.69 3.26
N LEU C 1004 -7.24 5.93 3.40
CA LEU C 1004 -7.90 5.84 4.71
C LEU C 1004 -6.95 5.28 5.76
N GLN C 1005 -6.16 4.28 5.39
CA GLN C 1005 -5.22 3.67 6.33
C GLN C 1005 -4.20 4.68 6.83
N THR C 1006 -3.64 5.47 5.91
CA THR C 1006 -2.66 6.46 6.33
C THR C 1006 -3.28 7.49 7.27
N TYR C 1007 -4.51 7.91 6.97
CA TYR C 1007 -5.21 8.83 7.87
C TYR C 1007 -5.29 8.26 9.28
N VAL C 1008 -5.71 7.01 9.40
CA VAL C 1008 -5.89 6.43 10.73
C VAL C 1008 -4.56 6.34 11.47
N THR C 1009 -3.49 5.94 10.77
CA THR C 1009 -2.20 5.82 11.44
C THR C 1009 -1.74 7.17 12.00
N GLN C 1010 -1.86 8.23 11.21
CA GLN C 1010 -1.40 9.52 11.71
C GLN C 1010 -2.27 10.02 12.85
N GLN C 1011 -3.57 9.69 12.82
CA GLN C 1011 -4.42 10.03 13.95
C GLN C 1011 -3.95 9.33 15.22
N LEU C 1012 -3.53 8.08 15.11
CA LEU C 1012 -3.01 7.37 16.28
C LEU C 1012 -1.78 8.06 16.86
N ILE C 1013 -0.85 8.46 15.98
CA ILE C 1013 0.35 9.16 16.47
C ILE C 1013 -0.04 10.44 17.22
N ARG C 1014 -0.91 11.23 16.60
CA ARG C 1014 -1.29 12.51 17.22
C ARG C 1014 -1.99 12.28 18.55
N ALA C 1015 -2.83 11.26 18.64
CA ALA C 1015 -3.52 10.98 19.88
C ALA C 1015 -2.55 10.61 20.98
N ALA C 1016 -1.51 9.84 20.65
CA ALA C 1016 -0.51 9.52 21.66
C ALA C 1016 0.16 10.78 22.20
N GLU C 1017 0.51 11.70 21.31
CA GLU C 1017 1.15 12.93 21.77
C GLU C 1017 0.21 13.76 22.66
N ILE C 1018 -1.05 13.87 22.26
CA ILE C 1018 -2.02 14.62 23.06
C ILE C 1018 -2.21 13.97 24.42
N ARG C 1019 -2.19 12.63 24.48
CA ARG C 1019 -2.31 11.96 25.77
C ARG C 1019 -1.15 12.30 26.69
N ALA C 1020 0.06 12.32 26.14
CA ALA C 1020 1.21 12.71 26.97
C ALA C 1020 1.02 14.12 27.52
N SER C 1021 0.58 15.05 26.67
CA SER C 1021 0.37 16.42 27.15
C SER C 1021 -0.71 16.50 28.22
N ALA C 1022 -1.78 15.72 28.07
CA ALA C 1022 -2.84 15.76 29.06
C ALA C 1022 -2.39 15.17 30.39
N ASN C 1023 -1.55 14.15 30.36
CA ASN C 1023 -0.99 13.61 31.60
C ASN C 1023 -0.13 14.65 32.30
N LEU C 1024 0.68 15.39 31.54
CA LEU C 1024 1.45 16.46 32.17
C LEU C 1024 0.56 17.53 32.76
N ALA C 1025 -0.52 17.89 32.08
CA ALA C 1025 -1.44 18.89 32.60
C ALA C 1025 -2.09 18.44 33.89
N ALA C 1026 -2.51 17.17 33.97
CA ALA C 1026 -3.09 16.66 35.21
C ALA C 1026 -2.08 16.69 36.34
N THR C 1027 -0.85 16.28 36.06
CA THR C 1027 0.18 16.33 37.09
C THR C 1027 0.40 17.76 37.58
N LYS C 1028 0.43 18.73 36.66
CA LYS C 1028 0.62 20.12 37.08
C LYS C 1028 -0.55 20.60 37.94
N MET C 1029 -1.78 20.26 37.55
CA MET C 1029 -2.92 20.63 38.39
C MET C 1029 -2.73 20.12 39.81
N SER C 1030 -2.45 18.83 39.94
CA SER C 1030 -2.31 18.23 41.27
C SER C 1030 -1.13 18.83 42.04
N GLU C 1031 0.01 18.99 41.38
CA GLU C 1031 1.23 19.41 42.05
C GLU C 1031 1.18 20.86 42.48
N CYS C 1032 0.64 21.74 41.65
CA CYS C 1032 0.82 23.16 41.83
C CYS C 1032 -0.45 23.92 42.19
N VAL C 1033 -1.63 23.33 42.03
CA VAL C 1033 -2.86 23.98 42.43
C VAL C 1033 -3.33 23.50 43.80
N LEU C 1034 -3.22 22.21 44.08
CA LEU C 1034 -3.61 21.66 45.36
C LEU C 1034 -2.46 21.58 46.35
N GLY C 1035 -1.32 22.20 46.04
CA GLY C 1035 -0.19 22.17 46.94
C GLY C 1035 0.79 23.27 46.60
N GLN C 1036 1.91 23.26 47.30
CA GLN C 1036 3.01 24.17 47.03
C GLN C 1036 4.23 23.34 46.66
N SER C 1037 4.85 23.67 45.52
CA SER C 1037 5.85 22.81 44.91
C SER C 1037 7.26 23.28 45.26
N LYS C 1038 8.15 22.31 45.50
CA LYS C 1038 9.55 22.60 45.77
C LYS C 1038 10.46 22.37 44.59
N ARG C 1039 10.01 21.61 43.60
CA ARG C 1039 10.85 21.31 42.44
C ARG C 1039 10.87 22.51 41.51
N VAL C 1040 12.08 22.94 41.17
CA VAL C 1040 12.29 24.27 40.60
C VAL C 1040 11.90 24.29 39.13
N ASP C 1041 11.26 25.39 38.74
CA ASP C 1041 10.78 25.67 37.39
C ASP C 1041 9.65 24.76 36.94
N PHE C 1042 9.13 23.91 37.82
CA PHE C 1042 8.02 23.06 37.43
C PHE C 1042 6.77 23.90 37.17
N CYS C 1043 6.49 24.87 38.02
CA CYS C 1043 5.39 25.79 37.79
C CYS C 1043 5.82 27.20 38.16
N GLY C 1044 6.31 27.93 37.17
CA GLY C 1044 6.74 29.30 37.31
C GLY C 1044 8.25 29.42 37.19
N LYS C 1045 8.71 30.66 37.28
CA LYS C 1045 10.13 30.97 37.34
C LYS C 1045 10.37 31.79 38.59
N GLY C 1046 11.07 31.20 39.56
CA GLY C 1046 11.29 31.78 40.86
C GLY C 1046 10.85 30.80 41.91
N TYR C 1047 10.45 31.31 43.07
CA TYR C 1047 10.01 30.49 44.18
C TYR C 1047 8.49 30.42 44.16
N HIS C 1048 7.96 29.21 44.02
CA HIS C 1048 6.52 29.03 43.84
C HIS C 1048 5.76 29.37 45.12
N LEU C 1049 4.66 30.10 44.95
CA LEU C 1049 3.73 30.39 46.03
C LEU C 1049 2.39 29.70 45.87
N MET C 1050 1.71 29.90 44.75
CA MET C 1050 0.39 29.31 44.53
C MET C 1050 -0.01 29.60 43.09
N SER C 1051 -0.96 28.82 42.57
CA SER C 1051 -1.33 28.96 41.17
C SER C 1051 -2.82 28.70 41.01
N PHE C 1052 -3.37 29.24 39.92
CA PHE C 1052 -4.79 29.22 39.63
C PHE C 1052 -5.07 28.64 38.24
N PRO C 1053 -6.12 27.83 38.11
CA PRO C 1053 -6.48 27.30 36.79
C PRO C 1053 -7.53 28.14 36.08
N GLN C 1054 -7.53 28.01 34.75
CA GLN C 1054 -8.56 28.58 33.89
C GLN C 1054 -8.77 27.63 32.73
N SER C 1055 -10.00 27.57 32.23
CA SER C 1055 -10.34 26.67 31.15
C SER C 1055 -10.25 27.38 29.81
N ALA C 1056 -9.86 26.64 28.79
CA ALA C 1056 -9.73 27.14 27.43
C ALA C 1056 -10.31 26.09 26.51
N PRO C 1057 -10.74 26.47 25.29
CA PRO C 1057 -11.56 25.57 24.47
C PRO C 1057 -11.17 24.10 24.45
N HIS C 1058 -9.90 23.80 24.19
CA HIS C 1058 -9.44 22.41 24.26
C HIS C 1058 -8.22 22.29 25.14
N GLY C 1059 -8.20 23.00 26.26
CA GLY C 1059 -7.03 22.95 27.11
C GLY C 1059 -7.21 23.74 28.38
N VAL C 1060 -6.08 23.96 29.06
CA VAL C 1060 -6.09 24.61 30.35
C VAL C 1060 -4.97 25.65 30.38
N VAL C 1061 -5.17 26.68 31.20
CA VAL C 1061 -4.22 27.76 31.38
C VAL C 1061 -3.95 27.89 32.88
N PHE C 1062 -2.68 27.88 33.26
CA PHE C 1062 -2.28 28.05 34.64
C PHE C 1062 -1.66 29.43 34.83
N LEU C 1063 -2.09 30.14 35.87
CA LEU C 1063 -1.47 31.39 36.30
C LEU C 1063 -0.67 31.09 37.55
N HIS C 1064 0.65 31.24 37.46
CA HIS C 1064 1.58 30.87 38.53
C HIS C 1064 2.03 32.14 39.23
N VAL C 1065 1.93 32.16 40.56
CA VAL C 1065 2.34 33.29 41.38
C VAL C 1065 3.67 32.97 42.01
N THR C 1066 4.59 33.93 41.99
CA THR C 1066 5.97 33.63 42.31
C THR C 1066 6.61 34.81 43.02
N TYR C 1067 7.54 34.50 43.92
CA TYR C 1067 8.32 35.47 44.68
C TYR C 1067 9.69 35.61 44.04
N VAL C 1068 10.05 36.80 43.58
CA VAL C 1068 11.37 37.01 42.95
C VAL C 1068 12.17 37.94 43.82
N PRO C 1069 13.39 37.58 44.22
CA PRO C 1069 14.17 38.47 45.01
C PRO C 1069 14.68 39.70 44.28
N ALA C 1070 14.87 40.83 44.94
CA ALA C 1070 15.26 42.08 44.26
C ALA C 1070 16.05 43.07 45.11
N GLN C 1071 16.67 44.07 44.50
CA GLN C 1071 17.46 45.12 45.17
C GLN C 1071 18.57 44.61 46.04
N GLU C 1072 19.45 43.78 45.50
CA GLU C 1072 20.56 43.18 46.25
C GLU C 1072 21.59 44.18 46.71
N LYS C 1073 22.22 43.94 47.83
CA LYS C 1073 23.31 44.77 48.33
C LYS C 1073 24.33 43.75 48.73
N ASN C 1074 25.57 44.11 48.90
CA ASN C 1074 26.64 43.15 49.12
C ASN C 1074 27.39 43.49 50.40
N PHE C 1075 27.72 42.45 51.16
CA PHE C 1075 28.34 42.55 52.46
C PHE C 1075 29.55 41.63 52.51
N THR C 1076 30.26 41.69 53.63
CA THR C 1076 31.34 40.76 53.92
C THR C 1076 30.86 39.78 54.98
N THR C 1077 31.40 38.56 54.94
CA THR C 1077 30.83 37.45 55.69
C THR C 1077 31.95 36.62 56.30
N ALA C 1078 31.54 35.62 57.09
CA ALA C 1078 32.46 34.73 57.78
C ALA C 1078 31.74 33.44 58.11
N PRO C 1079 32.45 32.31 58.21
CA PRO C 1079 31.77 31.04 58.48
C PRO C 1079 31.44 30.80 59.95
N ALA C 1080 32.20 31.39 60.87
CA ALA C 1080 31.98 31.17 62.28
C ALA C 1080 32.51 32.36 63.07
N ILE C 1081 32.16 32.42 64.35
CA ILE C 1081 32.55 33.52 65.23
C ILE C 1081 33.29 32.93 66.43
N CYS C 1082 34.41 33.55 66.79
CA CYS C 1082 35.24 33.08 67.90
C CYS C 1082 34.93 33.89 69.14
N HIS C 1083 34.63 33.21 70.24
CA HIS C 1083 34.36 33.89 71.50
C HIS C 1083 34.67 32.94 72.64
N ASP C 1084 35.45 33.41 73.61
CA ASP C 1084 35.84 32.62 74.77
C ASP C 1084 36.52 31.32 74.35
N GLY C 1085 37.30 31.38 73.27
CA GLY C 1085 37.94 30.19 72.76
C GLY C 1085 36.96 29.12 72.32
N LYS C 1086 35.82 29.52 71.76
CA LYS C 1086 34.85 28.58 71.22
C LYS C 1086 34.30 29.14 69.92
N ALA C 1087 33.85 28.22 69.06
CA ALA C 1087 33.38 28.56 67.73
C ALA C 1087 31.86 28.51 67.69
N HIS C 1088 31.26 29.57 67.18
CA HIS C 1088 29.81 29.70 67.09
C HIS C 1088 29.39 29.73 65.63
N PHE C 1089 28.32 29.00 65.32
CA PHE C 1089 27.72 28.92 64.01
C PHE C 1089 26.28 29.41 64.06
N PRO C 1090 25.78 30.00 62.99
CA PRO C 1090 24.41 30.51 63.01
C PRO C 1090 23.40 29.37 62.98
N ARG C 1091 22.28 29.57 63.67
CA ARG C 1091 21.26 28.53 63.70
C ARG C 1091 20.59 28.39 62.35
N GLU C 1092 19.97 29.45 61.85
CA GLU C 1092 19.28 29.39 60.56
C GLU C 1092 19.52 30.66 59.75
N GLY C 1093 20.75 31.14 59.73
CA GLY C 1093 21.05 32.34 58.99
C GLY C 1093 22.49 32.40 58.55
N VAL C 1094 22.95 33.61 58.28
CA VAL C 1094 24.34 33.89 57.93
C VAL C 1094 24.85 35.07 58.75
N PHE C 1095 26.17 35.08 58.95
CA PHE C 1095 26.85 36.19 59.59
C PHE C 1095 27.21 37.22 58.51
N VAL C 1096 26.86 38.48 58.73
CA VAL C 1096 27.20 39.55 57.81
C VAL C 1096 27.83 40.69 58.59
N SER C 1097 28.54 41.55 57.86
CA SER C 1097 29.16 42.71 58.48
C SER C 1097 29.02 43.92 57.58
N ASN C 1098 28.57 45.04 58.13
CA ASN C 1098 28.45 46.27 57.37
C ASN C 1098 29.71 47.14 57.51
N GLY C 1099 30.86 46.51 57.31
CA GLY C 1099 32.11 47.23 57.47
C GLY C 1099 32.73 47.21 58.86
N THR C 1100 31.93 47.50 59.88
CA THR C 1100 32.44 47.59 61.25
C THR C 1100 31.80 46.60 62.21
N HIS C 1101 30.49 46.42 62.16
CA HIS C 1101 29.78 45.57 63.10
C HIS C 1101 29.32 44.29 62.43
N TRP C 1102 29.03 43.28 63.24
CA TRP C 1102 28.59 41.98 62.77
C TRP C 1102 27.16 41.70 63.21
N PHE C 1103 26.41 40.99 62.37
CA PHE C 1103 25.03 40.66 62.63
C PHE C 1103 24.72 39.28 62.07
N VAL C 1104 23.55 38.76 62.45
CA VAL C 1104 23.00 37.53 61.90
C VAL C 1104 21.74 37.90 61.12
N THR C 1105 21.61 37.35 59.91
CA THR C 1105 20.43 37.64 59.11
C THR C 1105 19.95 36.36 58.45
N GLN C 1106 18.68 36.36 58.07
CA GLN C 1106 18.15 35.27 57.27
C GLN C 1106 18.63 35.42 55.82
N ARG C 1107 18.60 34.31 55.10
CA ARG C 1107 19.34 34.24 53.85
C ARG C 1107 18.62 34.82 52.64
N ASN C 1108 17.34 35.14 52.75
CA ASN C 1108 16.56 35.56 51.60
C ASN C 1108 16.01 36.97 51.71
N PHE C 1109 16.26 37.65 52.83
CA PHE C 1109 15.74 39.00 53.02
C PHE C 1109 16.59 39.65 54.09
N TYR C 1110 17.16 40.81 53.79
CA TYR C 1110 18.09 41.44 54.71
C TYR C 1110 17.34 41.94 55.94
N GLU C 1111 17.72 41.43 57.09
CA GLU C 1111 17.12 41.84 58.36
C GLU C 1111 18.12 41.54 59.47
N PRO C 1112 19.02 42.46 59.77
CA PRO C 1112 20.12 42.16 60.70
C PRO C 1112 19.67 42.18 62.15
N GLN C 1113 20.38 41.39 62.95
CA GLN C 1113 20.06 41.26 64.36
C GLN C 1113 21.34 41.08 65.15
N ILE C 1114 21.24 41.21 66.46
CA ILE C 1114 22.38 41.10 67.35
C ILE C 1114 22.72 39.63 67.54
N ILE C 1115 24.01 39.32 67.57
CA ILE C 1115 24.45 37.94 67.72
C ILE C 1115 24.33 37.58 69.20
N THR C 1116 23.43 36.67 69.52
CA THR C 1116 23.13 36.26 70.88
C THR C 1116 23.39 34.77 70.99
N THR C 1117 23.31 34.22 72.20
CA THR C 1117 23.45 32.79 72.39
C THR C 1117 22.16 32.04 72.12
N ASP C 1118 21.14 32.71 71.58
CA ASP C 1118 19.89 32.06 71.24
C ASP C 1118 19.71 31.86 69.75
N ASN C 1119 20.45 32.58 68.92
CA ASN C 1119 20.42 32.38 67.48
C ASN C 1119 21.77 31.88 66.98
N THR C 1120 22.42 31.02 67.77
CA THR C 1120 23.68 30.44 67.38
C THR C 1120 23.91 29.17 68.20
N PHE C 1121 24.85 28.34 67.77
CA PHE C 1121 25.21 27.15 68.53
C PHE C 1121 26.71 26.95 68.49
N VAL C 1122 27.21 26.18 69.45
CA VAL C 1122 28.64 26.06 69.72
C VAL C 1122 29.10 24.65 69.40
N SER C 1123 30.26 24.54 68.73
CA SER C 1123 30.83 23.23 68.44
C SER C 1123 32.35 23.37 68.26
N GLY C 1124 33.09 22.97 69.28
CA GLY C 1124 34.53 22.82 69.12
C GLY C 1124 35.34 24.04 69.48
N ASN C 1125 36.63 23.92 69.23
CA ASN C 1125 37.59 24.98 69.52
C ASN C 1125 37.60 26.01 68.40
N CYS C 1126 38.50 26.99 68.52
CA CYS C 1126 38.67 28.07 67.57
C CYS C 1126 39.85 27.82 66.63
N ASP C 1127 40.22 26.56 66.42
CA ASP C 1127 41.46 26.23 65.72
C ASP C 1127 41.28 25.43 64.44
N VAL C 1128 40.10 24.88 64.18
CA VAL C 1128 39.89 23.99 63.05
C VAL C 1128 39.29 24.73 61.86
N VAL C 1129 38.22 25.50 62.09
CA VAL C 1129 37.60 26.26 61.02
C VAL C 1129 38.58 27.28 60.49
N ILE C 1130 38.68 27.39 59.17
CA ILE C 1130 39.56 28.36 58.52
C ILE C 1130 38.70 29.48 57.98
N GLY C 1131 38.87 30.67 58.56
CA GLY C 1131 38.05 31.82 58.24
C GLY C 1131 37.37 32.44 59.44
N ILE C 1132 37.60 31.94 60.66
CA ILE C 1132 36.94 32.48 61.83
C ILE C 1132 37.36 33.94 62.03
N VAL C 1133 36.46 34.73 62.61
CA VAL C 1133 36.76 36.10 63.00
C VAL C 1133 36.46 36.26 64.48
N ASN C 1134 37.12 37.25 65.09
CA ASN C 1134 36.93 37.55 66.49
C ASN C 1134 35.78 38.52 66.67
N ASN C 1135 34.87 38.21 67.58
CA ASN C 1135 33.77 39.11 67.90
C ASN C 1135 33.11 38.59 69.16
N THR C 1136 32.21 39.39 69.71
CA THR C 1136 31.57 39.08 70.99
C THR C 1136 30.16 38.53 70.78
N VAL C 1137 29.81 37.53 71.58
CA VAL C 1137 28.50 36.89 71.52
C VAL C 1137 27.76 37.30 72.78
N TYR C 1138 26.85 38.26 72.64
CA TYR C 1138 26.12 38.78 73.79
C TYR C 1138 25.23 37.71 74.39
N ASP C 1139 25.06 37.78 75.71
CA ASP C 1139 24.25 36.84 76.47
C ASP C 1139 23.11 37.60 77.14
N PRO C 1140 21.88 37.13 77.03
CA PRO C 1140 20.74 37.89 77.57
C PRO C 1140 20.48 37.67 79.06
N LEU C 1141 21.11 36.65 79.66
CA LEU C 1141 20.83 36.35 81.06
C LEU C 1141 21.49 37.35 82.01
N GLN C 1142 22.72 37.77 81.71
CA GLN C 1142 23.49 38.60 82.63
C GLN C 1142 22.82 39.93 82.97
N PRO C 1143 22.26 40.69 82.03
CA PRO C 1143 21.60 41.94 82.44
C PRO C 1143 20.48 41.74 83.46
N GLU C 1144 19.69 40.68 83.31
CA GLU C 1144 18.63 40.43 84.29
C GLU C 1144 19.20 39.89 85.59
N LEU C 1145 20.26 39.09 85.51
CA LEU C 1145 20.90 38.58 86.72
C LEU C 1145 21.69 39.66 87.45
N ASP C 1146 21.93 40.81 86.83
CA ASP C 1146 22.57 41.93 87.49
C ASP C 1146 21.58 42.98 87.98
N SER C 1147 20.60 43.36 87.15
CA SER C 1147 19.56 44.26 87.62
C SER C 1147 18.68 43.61 88.68
N PHE C 1148 18.68 42.28 88.77
CA PHE C 1148 18.03 41.54 89.84
C PHE C 1148 19.00 40.43 90.24
N LYS C 1149 19.88 40.75 91.19
CA LYS C 1149 20.98 39.86 91.53
C LYS C 1149 20.50 38.56 92.16
N VAL D 2 2.67 -5.18 -64.67
CA VAL D 2 2.42 -5.04 -66.10
C VAL D 2 3.16 -3.82 -66.64
N GLN D 3 3.55 -2.92 -65.74
CA GLN D 3 4.22 -1.69 -66.16
C GLN D 3 4.98 -1.09 -64.98
N LEU D 4 5.82 -0.12 -65.30
CA LEU D 4 6.48 0.73 -64.32
C LEU D 4 6.69 2.08 -65.01
N VAL D 5 5.95 3.11 -64.59
CA VAL D 5 5.85 4.34 -65.36
C VAL D 5 6.39 5.51 -64.57
N GLU D 6 7.06 6.41 -65.29
CA GLU D 6 7.56 7.66 -64.73
C GLU D 6 6.40 8.61 -64.45
N SER D 7 6.75 9.78 -63.91
CA SER D 7 5.80 10.87 -63.73
C SER D 7 6.54 12.17 -63.45
N GLY D 8 6.26 13.21 -64.25
CA GLY D 8 6.90 14.49 -64.07
C GLY D 8 8.16 14.66 -64.89
N GLY D 9 9.25 15.09 -64.24
CA GLY D 9 10.50 15.33 -64.93
C GLY D 9 10.80 16.79 -65.11
N GLY D 10 12.07 17.13 -65.33
CA GLY D 10 12.50 18.51 -65.35
C GLY D 10 12.32 19.25 -66.64
N LEU D 11 11.08 19.63 -66.97
CA LEU D 11 10.82 20.62 -68.00
C LEU D 11 10.83 21.97 -67.29
N VAL D 12 12.04 22.48 -67.09
CA VAL D 12 12.32 23.53 -66.12
C VAL D 12 12.90 24.76 -66.82
N GLN D 13 12.44 25.94 -66.38
CA GLN D 13 12.99 27.20 -66.85
C GLN D 13 14.31 27.56 -66.17
N ALA D 14 14.60 26.95 -65.03
CA ALA D 14 15.83 27.19 -64.28
C ALA D 14 16.06 25.97 -63.39
N GLY D 15 16.94 26.11 -62.41
CA GLY D 15 17.08 25.09 -61.39
C GLY D 15 15.75 24.80 -60.73
N GLY D 16 15.27 23.57 -60.88
CA GLY D 16 13.92 23.23 -60.44
C GLY D 16 13.85 22.15 -59.38
N SER D 17 13.39 22.51 -58.20
CA SER D 17 13.17 21.56 -57.11
C SER D 17 11.92 20.78 -57.43
N LEU D 18 12.08 19.71 -58.23
CA LEU D 18 10.96 19.06 -58.87
C LEU D 18 10.71 17.67 -58.30
N ARG D 19 9.44 17.31 -58.22
CA ARG D 19 9.00 16.00 -57.74
C ARG D 19 8.90 15.04 -58.93
N LEU D 20 9.88 14.14 -59.06
CA LEU D 20 9.74 13.00 -59.94
C LEU D 20 9.01 11.89 -59.21
N SER D 21 8.12 11.20 -59.91
CA SER D 21 7.35 10.12 -59.30
C SER D 21 7.43 8.89 -60.19
N CYS D 22 7.16 7.73 -59.60
CA CYS D 22 7.12 6.50 -60.36
C CYS D 22 6.08 5.57 -59.77
N ALA D 23 5.32 4.91 -60.66
CA ALA D 23 4.18 4.09 -60.27
C ALA D 23 4.36 2.67 -60.82
N ALA D 24 4.01 1.69 -59.97
CA ALA D 24 4.02 0.27 -60.35
C ALA D 24 2.67 -0.32 -59.94
N SER D 25 1.68 -0.19 -60.84
CA SER D 25 0.34 -0.68 -60.57
C SER D 25 0.13 -2.13 -60.98
N GLY D 26 1.09 -2.74 -61.69
CA GLY D 26 0.97 -4.11 -62.10
C GLY D 26 1.37 -5.14 -61.07
N LEU D 27 2.00 -4.70 -59.98
CA LEU D 27 2.43 -5.59 -58.90
C LEU D 27 2.20 -4.86 -57.59
N THR D 28 2.78 -5.40 -56.51
CA THR D 28 2.87 -4.69 -55.25
C THR D 28 4.03 -3.70 -55.34
N PHE D 29 4.41 -3.10 -54.21
CA PHE D 29 5.47 -2.11 -54.27
C PHE D 29 6.56 -2.40 -53.24
N SER D 30 6.16 -2.92 -52.07
CA SER D 30 7.12 -3.21 -51.02
C SER D 30 8.01 -4.41 -51.34
N LYS D 31 7.68 -5.19 -52.37
CA LYS D 31 8.44 -6.40 -52.65
C LYS D 31 9.87 -6.10 -53.06
N TYR D 32 10.06 -5.06 -53.87
CA TYR D 32 11.37 -4.75 -54.43
C TYR D 32 11.86 -3.40 -53.92
N ALA D 33 13.11 -3.10 -54.23
CA ALA D 33 13.72 -1.83 -53.90
C ALA D 33 13.68 -0.89 -55.10
N MET D 34 13.49 0.40 -54.82
CA MET D 34 13.33 1.39 -55.87
C MET D 34 14.64 2.12 -56.14
N GLY D 35 14.76 2.62 -57.35
CA GLY D 35 15.92 3.42 -57.71
C GLY D 35 15.62 4.36 -58.85
N TRP D 36 16.27 5.51 -58.82
CA TRP D 36 16.26 6.47 -59.92
C TRP D 36 17.66 6.52 -60.51
N PHE D 37 17.76 6.30 -61.82
CA PHE D 37 19.03 6.26 -62.53
C PHE D 37 18.93 7.13 -63.77
N ARG D 38 20.08 7.61 -64.25
CA ARG D 38 20.07 8.63 -65.30
C ARG D 38 20.88 8.19 -66.51
N GLN D 39 20.43 8.64 -67.68
CA GLN D 39 21.20 8.58 -68.91
C GLN D 39 21.34 9.99 -69.45
N ALA D 40 22.57 10.45 -69.57
CA ALA D 40 22.87 11.84 -69.90
C ALA D 40 22.69 12.12 -71.38
N PRO D 41 22.53 13.39 -71.77
CA PRO D 41 22.54 13.71 -73.20
C PRO D 41 23.84 13.37 -73.88
N GLY D 42 24.95 13.36 -73.16
CA GLY D 42 26.24 13.02 -73.72
C GLY D 42 26.85 11.76 -73.16
N LYS D 43 26.31 11.27 -72.05
CA LYS D 43 26.79 10.07 -71.38
C LYS D 43 25.69 9.02 -71.33
N GLU D 44 25.95 7.95 -70.59
CA GLU D 44 25.10 6.76 -70.61
C GLU D 44 24.50 6.50 -69.22
N ARG D 45 23.87 5.33 -69.09
CA ARG D 45 23.10 4.99 -67.90
C ARG D 45 23.98 5.05 -66.65
N LYS D 46 23.47 5.70 -65.60
CA LYS D 46 24.21 5.85 -64.35
C LYS D 46 23.26 5.76 -63.17
N PHE D 47 23.67 5.01 -62.15
CA PHE D 47 22.95 4.95 -60.89
C PHE D 47 22.99 6.33 -60.22
N VAL D 48 21.85 6.73 -59.65
CA VAL D 48 21.75 8.03 -58.99
C VAL D 48 21.33 7.86 -57.54
N ALA D 49 20.15 7.26 -57.31
CA ALA D 49 19.65 7.11 -55.96
C ALA D 49 18.90 5.79 -55.83
N THR D 50 18.89 5.22 -54.63
CA THR D 50 18.16 3.99 -54.40
C THR D 50 17.64 3.96 -52.96
N ILE D 51 16.54 3.22 -52.78
CA ILE D 51 15.84 3.09 -51.51
C ILE D 51 15.38 1.65 -51.36
N SER D 52 15.47 1.15 -50.12
CA SER D 52 15.31 -0.26 -49.79
C SER D 52 13.93 -0.82 -50.15
N TRP D 53 13.78 -2.14 -50.02
CA TRP D 53 12.51 -2.80 -50.33
C TRP D 53 11.40 -2.31 -49.42
N SER D 54 11.70 -2.05 -48.16
CA SER D 54 10.72 -1.57 -47.20
C SER D 54 10.82 -0.06 -46.98
N GLY D 55 11.64 0.63 -47.76
CA GLY D 55 11.83 2.06 -47.55
C GLY D 55 12.54 2.40 -46.25
N ASP D 56 13.28 1.45 -45.68
CA ASP D 56 13.91 1.68 -44.39
C ASP D 56 15.00 2.75 -44.48
N SER D 57 15.91 2.62 -45.44
CA SER D 57 16.98 3.58 -45.61
C SER D 57 17.40 3.63 -47.06
N ALA D 58 17.97 4.76 -47.47
CA ALA D 58 18.32 5.02 -48.86
C ALA D 58 19.77 5.45 -48.95
N PHE D 59 20.29 5.45 -50.18
CA PHE D 59 21.61 6.02 -50.42
C PHE D 59 21.77 6.34 -51.90
N TYR D 60 22.70 7.25 -52.18
CA TYR D 60 22.85 7.88 -53.48
C TYR D 60 24.22 7.55 -54.07
N ALA D 61 24.52 8.18 -55.20
CA ALA D 61 25.87 8.23 -55.73
C ALA D 61 26.68 9.29 -55.00
N ASP D 62 27.99 9.28 -55.23
CA ASP D 62 28.90 10.17 -54.51
C ASP D 62 28.72 11.64 -54.86
N SER D 63 27.81 11.99 -55.77
CA SER D 63 27.62 13.39 -56.18
C SER D 63 26.24 13.91 -55.85
N VAL D 64 25.18 13.18 -56.22
CA VAL D 64 23.82 13.65 -56.01
C VAL D 64 23.36 13.57 -54.56
N LYS D 65 24.14 12.94 -53.69
CA LYS D 65 23.70 12.71 -52.31
C LYS D 65 23.50 14.01 -51.55
N GLY D 66 24.17 15.09 -51.96
CA GLY D 66 24.01 16.38 -51.33
C GLY D 66 22.98 17.28 -51.96
N ARG D 67 22.22 16.80 -52.94
CA ARG D 67 21.26 17.64 -53.64
C ARG D 67 19.94 16.92 -53.93
N PHE D 68 19.74 15.70 -53.42
CA PHE D 68 18.59 14.89 -53.77
C PHE D 68 17.86 14.46 -52.50
N THR D 69 16.62 14.03 -52.70
CA THR D 69 15.85 13.35 -51.66
C THR D 69 15.10 12.19 -52.31
N ILE D 70 15.02 11.06 -51.62
CA ILE D 70 14.37 9.88 -52.18
C ILE D 70 13.52 9.22 -51.10
N SER D 71 12.22 9.06 -51.37
CA SER D 71 11.31 8.37 -50.49
C SER D 71 10.44 7.45 -51.32
N ARG D 72 9.74 6.54 -50.66
CA ARG D 72 8.84 5.64 -51.38
C ARG D 72 7.67 5.28 -50.48
N ASP D 73 6.46 5.51 -50.96
CA ASP D 73 5.28 4.98 -50.30
C ASP D 73 5.17 3.51 -50.68
N ASN D 74 5.44 2.62 -49.74
CA ASN D 74 5.36 1.20 -50.03
C ASN D 74 3.92 0.79 -50.35
N ALA D 75 2.95 1.53 -49.84
CA ALA D 75 1.58 1.45 -50.32
C ALA D 75 1.39 2.38 -51.52
N ARG D 76 0.25 2.23 -52.19
CA ARG D 76 -0.12 3.00 -53.37
C ARG D 76 1.01 3.15 -54.37
N ASN D 77 1.90 2.14 -54.43
CA ASN D 77 2.72 1.81 -55.59
C ASN D 77 3.58 2.97 -56.10
N THR D 78 3.89 3.95 -55.26
CA THR D 78 4.60 5.14 -55.74
C THR D 78 5.94 5.32 -55.02
N VAL D 79 6.95 5.69 -55.80
CA VAL D 79 8.24 6.12 -55.27
C VAL D 79 8.49 7.55 -55.75
N TYR D 80 8.91 8.41 -54.83
CA TYR D 80 9.10 9.82 -55.10
C TYR D 80 10.57 10.18 -54.97
N LEU D 81 11.06 11.03 -55.87
CA LEU D 81 12.35 11.67 -55.73
C LEU D 81 12.14 13.18 -55.82
N GLN D 82 12.75 13.89 -54.88
CA GLN D 82 12.76 15.34 -54.85
C GLN D 82 14.13 15.76 -55.38
N MET D 83 14.15 16.21 -56.63
CA MET D 83 15.39 16.58 -57.32
C MET D 83 15.52 18.09 -57.27
N ASN D 84 16.37 18.58 -56.39
CA ASN D 84 16.53 20.00 -56.14
C ASN D 84 17.89 20.47 -56.65
N SER D 85 18.05 21.79 -56.71
CA SER D 85 19.29 22.43 -57.14
C SER D 85 19.77 21.85 -58.47
N LEU D 86 18.92 21.99 -59.49
CA LEU D 86 19.24 21.47 -60.82
C LEU D 86 20.48 22.15 -61.38
N LYS D 87 21.36 21.36 -61.99
CA LYS D 87 22.59 21.87 -62.56
C LYS D 87 22.78 21.32 -63.97
N PRO D 88 23.45 22.09 -64.85
CA PRO D 88 23.42 21.77 -66.28
C PRO D 88 24.07 20.46 -66.68
N GLU D 89 24.56 19.68 -65.73
CA GLU D 89 25.12 18.36 -66.01
C GLU D 89 24.15 17.23 -65.75
N ASP D 90 23.16 17.44 -64.88
CA ASP D 90 22.15 16.43 -64.56
C ASP D 90 20.94 16.51 -65.47
N THR D 91 21.10 17.05 -66.68
CA THR D 91 19.99 17.24 -67.62
C THR D 91 19.73 15.92 -68.36
N ALA D 92 19.51 14.87 -67.57
CA ALA D 92 19.48 13.52 -68.09
C ALA D 92 18.06 12.96 -68.06
N VAL D 93 17.87 11.82 -68.72
CA VAL D 93 16.61 11.09 -68.67
C VAL D 93 16.71 10.09 -67.53
N TYR D 94 15.86 10.24 -66.53
CA TYR D 94 15.89 9.41 -65.34
C TYR D 94 14.85 8.30 -65.46
N TYR D 95 15.34 7.07 -65.52
CA TYR D 95 14.54 5.87 -65.48
C TYR D 95 14.32 5.48 -64.03
N CYS D 96 13.08 5.16 -63.67
CA CYS D 96 12.76 4.63 -62.36
C CYS D 96 12.64 3.12 -62.47
N ALA D 97 13.39 2.40 -61.63
CA ALA D 97 13.46 0.95 -61.69
C ALA D 97 13.10 0.35 -60.34
N ALA D 98 12.41 -0.78 -60.39
CA ALA D 98 12.13 -1.60 -59.22
C ALA D 98 12.85 -2.92 -59.38
N ASP D 99 13.70 -3.26 -58.42
CA ASP D 99 14.54 -4.45 -58.54
C ASP D 99 14.88 -4.97 -57.15
N ARG D 100 15.11 -6.28 -57.08
CA ARG D 100 15.42 -6.90 -55.80
C ARG D 100 16.75 -6.42 -55.23
N GLY D 101 17.67 -5.95 -56.07
CA GLY D 101 18.89 -5.33 -55.62
C GLY D 101 18.67 -3.86 -55.32
N MET D 102 19.72 -3.07 -55.55
CA MET D 102 19.61 -1.62 -55.43
C MET D 102 20.78 -0.96 -56.14
N GLY D 103 20.48 -0.04 -57.06
CA GLY D 103 21.50 0.70 -57.76
C GLY D 103 22.22 -0.10 -58.83
N TYR D 104 22.70 0.59 -59.87
CA TYR D 104 23.72 0.11 -60.80
C TYR D 104 23.61 -1.38 -61.14
N GLY D 105 22.51 -1.79 -61.75
CA GLY D 105 22.45 -3.12 -62.29
C GLY D 105 22.28 -3.07 -63.79
N ASP D 106 23.11 -3.81 -64.53
CA ASP D 106 22.87 -3.97 -65.95
C ASP D 106 21.49 -4.53 -66.20
N PHE D 107 21.05 -5.44 -65.32
CA PHE D 107 19.70 -5.95 -65.30
C PHE D 107 18.93 -5.30 -64.16
N MET D 108 17.63 -5.13 -64.37
CA MET D 108 16.68 -4.76 -63.34
C MET D 108 15.45 -5.64 -63.47
N ASP D 109 14.85 -6.00 -62.33
CA ASP D 109 13.62 -6.76 -62.37
C ASP D 109 12.57 -6.07 -63.22
N TYR D 110 12.44 -4.75 -63.06
CA TYR D 110 11.72 -3.90 -64.00
C TYR D 110 12.49 -2.60 -64.16
N TRP D 111 12.22 -1.92 -65.27
CA TRP D 111 12.89 -0.66 -65.58
C TRP D 111 11.84 0.43 -65.78
N GLY D 112 12.29 1.61 -66.19
CA GLY D 112 11.40 2.71 -66.49
C GLY D 112 11.64 3.23 -67.88
N GLN D 113 10.62 3.88 -68.43
CA GLN D 113 10.76 4.52 -69.73
C GLN D 113 11.63 5.76 -69.65
N GLY D 114 11.67 6.42 -68.48
CA GLY D 114 12.57 7.53 -68.27
C GLY D 114 11.96 8.90 -68.50
N THR D 115 11.69 9.62 -67.43
CA THR D 115 11.24 11.01 -67.55
C THR D 115 12.46 11.92 -67.54
N SER D 116 12.44 12.93 -68.41
CA SER D 116 13.63 13.74 -68.62
C SER D 116 13.66 14.93 -67.66
N VAL D 117 14.85 15.18 -67.11
CA VAL D 117 15.12 16.37 -66.32
C VAL D 117 16.21 17.13 -67.06
N THR D 118 15.82 18.11 -67.86
CA THR D 118 16.75 18.95 -68.61
C THR D 118 16.98 20.23 -67.80
N ALA D 119 17.87 20.12 -66.83
CA ALA D 119 18.17 21.25 -65.94
C ALA D 119 18.60 22.47 -66.74
N SER D 120 18.02 23.61 -66.40
CA SER D 120 18.24 24.85 -67.13
C SER D 120 18.89 25.89 -66.23
N SER D 121 19.40 26.94 -66.84
CA SER D 121 20.02 28.04 -66.10
C SER D 121 19.10 29.25 -66.06
N VAL E 2 4.69 -44.22 -47.10
CA VAL E 2 4.88 -45.34 -48.01
C VAL E 2 6.24 -45.99 -47.80
N GLN E 3 7.23 -45.18 -47.44
CA GLN E 3 8.60 -45.67 -47.22
C GLN E 3 8.75 -46.05 -45.74
N LEU E 4 8.21 -47.22 -45.41
CA LEU E 4 8.18 -47.72 -44.05
C LEU E 4 9.29 -48.76 -43.91
N VAL E 5 10.27 -48.47 -43.05
CA VAL E 5 11.49 -49.25 -42.96
C VAL E 5 11.69 -49.71 -41.52
N GLU E 6 12.34 -50.86 -41.36
CA GLU E 6 12.63 -51.44 -40.06
C GLU E 6 14.14 -51.51 -39.83
N SER E 7 14.54 -52.11 -38.73
CA SER E 7 15.95 -52.26 -38.38
C SER E 7 16.08 -53.32 -37.30
N GLY E 8 17.29 -53.49 -36.77
CA GLY E 8 17.54 -54.51 -35.77
C GLY E 8 18.23 -55.72 -36.35
N GLY E 9 17.92 -56.90 -35.80
CA GLY E 9 18.53 -58.13 -36.26
C GLY E 9 18.89 -59.04 -35.11
N GLY E 10 18.45 -60.30 -35.18
CA GLY E 10 18.60 -61.21 -34.05
C GLY E 10 20.01 -61.70 -33.82
N LEU E 11 20.94 -60.76 -33.59
CA LEU E 11 22.33 -61.08 -33.28
C LEU E 11 22.48 -60.95 -31.77
N VAL E 12 22.12 -62.01 -31.05
CA VAL E 12 22.25 -62.07 -29.59
C VAL E 12 23.35 -63.09 -29.28
N GLN E 13 24.57 -62.58 -29.10
CA GLN E 13 25.68 -63.45 -28.70
C GLN E 13 25.43 -64.10 -27.35
N ALA E 14 24.58 -63.52 -26.52
CA ALA E 14 24.19 -64.06 -25.24
C ALA E 14 22.84 -63.46 -24.88
N GLY E 15 22.43 -63.58 -23.61
CA GLY E 15 21.23 -62.93 -23.16
C GLY E 15 21.30 -61.43 -23.36
N GLY E 16 20.27 -60.86 -24.00
CA GLY E 16 20.29 -59.45 -24.34
C GLY E 16 18.97 -59.03 -24.94
N SER E 17 18.92 -57.76 -25.32
CA SER E 17 17.73 -57.12 -25.84
C SER E 17 18.03 -56.51 -27.20
N LEU E 18 17.07 -55.72 -27.72
CA LEU E 18 17.19 -55.15 -29.06
C LEU E 18 16.31 -53.90 -29.12
N ARG E 19 16.47 -53.14 -30.19
CA ARG E 19 15.60 -52.00 -30.47
C ARG E 19 15.17 -52.01 -31.92
N LEU E 20 13.89 -51.78 -32.16
CA LEU E 20 13.33 -51.61 -33.49
C LEU E 20 13.15 -50.12 -33.75
N SER E 21 13.86 -49.61 -34.76
CA SER E 21 13.77 -48.21 -35.15
C SER E 21 13.08 -48.15 -36.52
N CYS E 22 11.88 -47.60 -36.54
CA CYS E 22 11.10 -47.45 -37.76
C CYS E 22 10.89 -45.97 -38.06
N ALA E 23 10.41 -45.70 -39.27
CA ALA E 23 10.20 -44.33 -39.72
C ALA E 23 9.27 -44.35 -40.92
N ALA E 24 8.23 -43.51 -40.88
CA ALA E 24 7.30 -43.36 -42.00
C ALA E 24 7.77 -42.18 -42.84
N SER E 25 8.77 -42.44 -43.68
CA SER E 25 9.42 -41.42 -44.49
C SER E 25 8.73 -41.22 -45.84
N GLY E 26 7.45 -41.59 -45.94
CA GLY E 26 6.72 -41.38 -47.17
C GLY E 26 5.56 -40.41 -47.00
N LEU E 27 4.96 -40.41 -45.82
CA LEU E 27 3.84 -39.53 -45.51
C LEU E 27 4.12 -38.80 -44.20
N THR E 28 3.15 -37.98 -43.78
CA THR E 28 3.26 -37.29 -42.50
C THR E 28 3.25 -38.29 -41.35
N PHE E 29 4.01 -37.98 -40.30
CA PHE E 29 4.17 -38.87 -39.16
C PHE E 29 3.26 -38.53 -37.99
N SER E 30 2.72 -37.31 -37.93
CA SER E 30 1.92 -36.87 -36.79
C SER E 30 0.43 -36.80 -37.11
N LYS E 31 -0.07 -37.70 -37.95
CA LYS E 31 -1.49 -37.67 -38.32
C LYS E 31 -2.10 -39.06 -38.20
N TYR E 32 -1.28 -40.10 -38.26
CA TYR E 32 -1.74 -41.48 -38.30
C TYR E 32 -1.20 -42.24 -37.10
N ALA E 33 -2.09 -42.91 -36.36
CA ALA E 33 -1.69 -43.65 -35.18
C ALA E 33 -1.07 -44.99 -35.58
N MET E 34 -0.12 -45.44 -34.77
CA MET E 34 0.84 -46.46 -35.19
C MET E 34 0.73 -47.71 -34.34
N GLY E 35 1.10 -48.83 -34.94
CA GLY E 35 1.20 -50.10 -34.23
C GLY E 35 2.30 -50.96 -34.80
N TRP E 36 2.94 -51.72 -33.92
CA TRP E 36 3.93 -52.72 -34.28
C TRP E 36 3.33 -54.09 -34.10
N PHE E 37 3.52 -54.95 -35.10
CA PHE E 37 2.96 -56.30 -35.16
C PHE E 37 4.09 -57.31 -35.36
N ARG E 38 3.79 -58.58 -35.12
CA ARG E 38 4.80 -59.63 -35.17
C ARG E 38 4.30 -60.81 -36.00
N GLN E 39 5.24 -61.47 -36.68
CA GLN E 39 4.98 -62.67 -37.47
C GLN E 39 5.86 -63.79 -36.93
N ALA E 40 5.30 -64.64 -36.08
CA ALA E 40 5.97 -65.90 -35.79
C ALA E 40 5.86 -66.82 -37.00
N PRO E 41 6.85 -67.68 -37.23
CA PRO E 41 6.78 -68.59 -38.38
C PRO E 41 5.57 -69.51 -38.34
N GLY E 42 4.99 -69.74 -37.16
CA GLY E 42 3.76 -70.48 -37.02
C GLY E 42 2.52 -69.64 -36.85
N LYS E 43 2.63 -68.32 -36.88
CA LYS E 43 1.51 -67.42 -36.60
C LYS E 43 1.44 -66.34 -37.67
N GLU E 44 0.38 -65.53 -37.58
CA GLU E 44 0.12 -64.45 -38.53
C GLU E 44 0.76 -63.15 -38.01
N ARG E 45 0.38 -62.02 -38.60
CA ARG E 45 0.89 -60.71 -38.19
C ARG E 45 0.24 -60.34 -36.86
N LYS E 46 0.70 -61.00 -35.80
CA LYS E 46 0.12 -60.81 -34.47
C LYS E 46 0.43 -59.41 -33.94
N PHE E 47 -0.56 -58.81 -33.30
CA PHE E 47 -0.40 -57.47 -32.74
C PHE E 47 0.56 -57.50 -31.57
N VAL E 48 1.36 -56.44 -31.45
CA VAL E 48 2.26 -56.31 -30.31
C VAL E 48 1.95 -55.02 -29.56
N ALA E 49 2.19 -53.87 -30.20
CA ALA E 49 2.14 -52.62 -29.46
C ALA E 49 1.45 -51.55 -30.28
N THR E 50 0.88 -50.56 -29.59
CA THR E 50 0.18 -49.47 -30.24
C THR E 50 0.62 -48.14 -29.64
N ILE E 51 0.33 -47.07 -30.37
CA ILE E 51 0.72 -45.72 -29.96
C ILE E 51 -0.11 -44.73 -30.74
N SER E 52 -0.44 -43.60 -30.11
CA SER E 52 -1.42 -42.66 -30.62
C SER E 52 -0.82 -41.75 -31.70
N TRP E 53 -1.64 -40.82 -32.17
CA TRP E 53 -1.16 -39.77 -33.06
C TRP E 53 -0.13 -38.90 -32.34
N SER E 54 -0.41 -38.53 -31.10
CA SER E 54 0.47 -37.69 -30.30
C SER E 54 1.50 -38.49 -29.52
N GLY E 55 1.52 -39.81 -29.66
CA GLY E 55 2.50 -40.62 -28.96
C GLY E 55 2.22 -40.84 -27.49
N ASP E 56 1.01 -40.51 -27.02
CA ASP E 56 0.66 -40.66 -25.62
C ASP E 56 -0.27 -41.85 -25.36
N SER E 57 -1.38 -41.94 -26.10
CA SER E 57 -2.31 -43.04 -25.90
C SER E 57 -1.68 -44.32 -26.40
N ALA E 58 -1.54 -45.30 -25.50
CA ALA E 58 -0.89 -46.55 -25.84
C ALA E 58 -1.32 -47.62 -24.85
N PHE E 59 -1.44 -48.85 -25.35
CA PHE E 59 -1.77 -50.00 -24.50
C PHE E 59 -1.31 -51.25 -25.23
N TYR E 60 -0.31 -51.93 -24.68
CA TYR E 60 0.30 -53.05 -25.37
C TYR E 60 -0.65 -54.25 -25.39
N ALA E 61 -0.29 -55.23 -26.21
CA ALA E 61 -1.03 -56.47 -26.27
C ALA E 61 -0.85 -57.23 -24.96
N ASP E 62 -1.58 -58.35 -24.84
CA ASP E 62 -1.49 -59.18 -23.64
C ASP E 62 -0.08 -59.73 -23.48
N SER E 63 0.56 -60.11 -24.59
CA SER E 63 1.86 -60.79 -24.52
C SER E 63 3.01 -59.84 -24.23
N VAL E 64 2.85 -58.53 -24.46
CA VAL E 64 3.98 -57.62 -24.44
C VAL E 64 3.72 -56.42 -23.54
N LYS E 65 2.67 -56.51 -22.72
CA LYS E 65 2.37 -55.42 -21.79
C LYS E 65 3.26 -55.40 -20.58
N GLY E 66 4.26 -56.28 -20.51
CA GLY E 66 5.13 -56.35 -19.35
C GLY E 66 6.58 -56.02 -19.64
N ARG E 67 7.05 -56.25 -20.87
CA ARG E 67 8.47 -56.13 -21.15
C ARG E 67 8.81 -55.31 -22.39
N PHE E 68 7.91 -55.13 -23.34
CA PHE E 68 8.23 -54.61 -24.66
C PHE E 68 7.69 -53.19 -24.79
N THR E 69 8.59 -52.21 -24.71
CA THR E 69 8.22 -50.82 -24.59
C THR E 69 8.10 -50.15 -25.96
N ILE E 70 7.15 -49.22 -26.08
CA ILE E 70 6.93 -48.47 -27.30
C ILE E 70 7.30 -47.00 -27.06
N SER E 71 7.52 -46.28 -28.15
CA SER E 71 7.65 -44.83 -28.11
C SER E 71 7.65 -44.30 -29.54
N ARG E 72 6.99 -43.16 -29.75
CA ARG E 72 7.08 -42.47 -31.03
C ARG E 72 7.23 -40.98 -30.77
N ASP E 73 7.67 -40.26 -31.79
CA ASP E 73 7.95 -38.84 -31.69
C ASP E 73 6.97 -38.05 -32.55
N ASN E 74 6.54 -36.89 -32.02
CA ASN E 74 5.65 -36.01 -32.78
C ASN E 74 6.34 -35.51 -34.04
N ALA E 75 7.62 -35.21 -33.94
CA ALA E 75 8.46 -34.80 -35.07
C ALA E 75 9.53 -35.87 -35.27
N ARG E 76 10.51 -35.56 -36.13
CA ARG E 76 11.69 -36.39 -36.32
C ARG E 76 11.35 -37.67 -37.09
N ASN E 77 10.06 -37.91 -37.30
CA ASN E 77 9.56 -38.91 -38.24
C ASN E 77 9.90 -40.33 -37.80
N THR E 78 10.67 -40.48 -36.73
CA THR E 78 11.14 -41.78 -36.28
C THR E 78 10.29 -42.30 -35.13
N VAL E 79 10.49 -43.58 -34.82
CA VAL E 79 9.72 -44.28 -33.80
C VAL E 79 10.53 -45.49 -33.34
N TYR E 80 10.45 -45.81 -32.05
CA TYR E 80 11.26 -46.85 -31.45
C TYR E 80 10.40 -47.84 -30.68
N LEU E 81 10.85 -49.09 -30.65
CA LEU E 81 10.31 -50.12 -29.78
C LEU E 81 11.48 -50.82 -29.09
N GLN E 82 11.56 -50.65 -27.77
CA GLN E 82 12.54 -51.36 -26.97
C GLN E 82 12.07 -52.80 -26.79
N MET E 83 12.77 -53.73 -27.44
CA MET E 83 12.49 -55.17 -27.35
C MET E 83 13.40 -55.72 -26.25
N ASN E 84 12.96 -55.56 -25.00
CA ASN E 84 13.79 -55.83 -23.85
C ASN E 84 13.56 -57.24 -23.33
N SER E 85 14.65 -57.93 -22.99
CA SER E 85 14.62 -59.29 -22.47
C SER E 85 13.92 -60.22 -23.46
N LEU E 86 14.60 -60.45 -24.59
CA LEU E 86 14.02 -61.17 -25.71
C LEU E 86 13.65 -62.61 -25.31
N LYS E 87 12.58 -63.11 -25.92
CA LYS E 87 12.10 -64.49 -25.76
C LYS E 87 12.09 -65.19 -27.12
N PRO E 88 12.33 -66.51 -27.14
CA PRO E 88 12.36 -67.22 -28.44
C PRO E 88 11.04 -67.17 -29.19
N GLU E 89 9.90 -67.17 -28.49
CA GLU E 89 8.62 -67.00 -29.16
C GLU E 89 8.54 -65.65 -29.87
N ASP E 90 9.35 -64.69 -29.45
CA ASP E 90 9.40 -63.36 -30.04
C ASP E 90 10.39 -63.26 -31.18
N THR E 91 11.04 -64.38 -31.54
CA THR E 91 11.72 -64.49 -32.82
C THR E 91 10.68 -64.39 -33.92
N ALA E 92 10.62 -63.23 -34.58
CA ALA E 92 9.50 -62.98 -35.48
C ALA E 92 9.86 -61.87 -36.46
N VAL E 93 9.07 -61.79 -37.52
CA VAL E 93 9.16 -60.68 -38.47
C VAL E 93 8.20 -59.60 -37.98
N TYR E 94 8.75 -58.57 -37.36
CA TYR E 94 7.96 -57.45 -36.86
C TYR E 94 7.78 -56.40 -37.94
N TYR E 95 6.55 -55.91 -38.04
CA TYR E 95 6.19 -54.83 -38.96
C TYR E 95 5.70 -53.63 -38.17
N CYS E 96 6.46 -52.54 -38.24
CA CYS E 96 5.91 -51.23 -37.90
C CYS E 96 4.90 -50.82 -38.96
N ALA E 97 3.82 -50.17 -38.54
CA ALA E 97 2.77 -49.81 -39.48
C ALA E 97 1.91 -48.72 -38.89
N ALA E 98 1.20 -47.99 -39.76
CA ALA E 98 0.36 -46.88 -39.34
C ALA E 98 -1.02 -47.01 -39.96
N ASP E 99 -1.99 -46.33 -39.35
CA ASP E 99 -3.37 -46.31 -39.84
C ASP E 99 -4.05 -45.08 -39.25
N ARG E 100 -5.31 -44.88 -39.64
CA ARG E 100 -6.10 -43.81 -39.03
C ARG E 100 -6.32 -44.10 -37.54
N GLY E 101 -6.79 -45.29 -37.23
CA GLY E 101 -6.89 -45.75 -35.85
C GLY E 101 -5.60 -46.38 -35.38
N MET E 102 -5.70 -47.24 -34.37
CA MET E 102 -4.52 -47.90 -33.85
C MET E 102 -4.92 -49.19 -33.16
N GLY E 103 -4.04 -50.19 -33.27
CA GLY E 103 -4.20 -51.42 -32.51
C GLY E 103 -4.89 -52.55 -33.25
N TYR E 104 -4.09 -53.55 -33.63
CA TYR E 104 -4.55 -54.81 -34.21
C TYR E 104 -5.66 -54.60 -35.24
N GLY E 105 -5.33 -53.84 -36.28
CA GLY E 105 -6.16 -53.72 -37.46
C GLY E 105 -5.59 -54.61 -38.56
N ASP E 106 -6.45 -55.50 -39.07
CA ASP E 106 -6.02 -56.39 -40.14
C ASP E 106 -5.52 -55.59 -41.34
N PHE E 107 -6.30 -54.61 -41.77
CA PHE E 107 -5.88 -53.67 -42.80
C PHE E 107 -5.25 -52.45 -42.14
N MET E 108 -4.14 -51.99 -42.71
CA MET E 108 -3.54 -50.73 -42.28
C MET E 108 -3.01 -49.98 -43.49
N ASP E 109 -2.73 -48.70 -43.30
CA ASP E 109 -2.35 -47.84 -44.41
C ASP E 109 -1.09 -48.34 -45.10
N TYR E 110 -0.01 -48.52 -44.35
CA TYR E 110 1.25 -49.02 -44.88
C TYR E 110 1.85 -49.97 -43.86
N TRP E 111 2.39 -51.09 -44.33
CA TRP E 111 3.11 -52.03 -43.50
C TRP E 111 4.61 -51.80 -43.65
N GLY E 112 5.37 -52.26 -42.66
CA GLY E 112 6.81 -52.11 -42.68
C GLY E 112 7.48 -53.06 -43.66
N GLN E 113 8.80 -52.97 -43.72
CA GLN E 113 9.57 -53.91 -44.52
C GLN E 113 9.87 -55.20 -43.77
N GLY E 114 9.59 -55.24 -42.47
CA GLY E 114 9.77 -56.44 -41.68
C GLY E 114 11.17 -56.60 -41.14
N THR E 115 11.29 -56.77 -39.84
CA THR E 115 12.56 -57.11 -39.19
C THR E 115 12.44 -58.52 -38.61
N SER E 116 13.26 -59.44 -39.11
CA SER E 116 13.22 -60.83 -38.65
C SER E 116 14.19 -60.97 -37.47
N VAL E 117 13.70 -60.59 -36.30
CA VAL E 117 14.50 -60.65 -35.08
C VAL E 117 14.53 -62.08 -34.60
N THR E 118 15.72 -62.64 -34.45
CA THR E 118 15.91 -64.02 -34.02
C THR E 118 16.48 -64.01 -32.60
N ALA E 119 15.58 -64.09 -31.62
CA ALA E 119 15.99 -64.26 -30.22
C ALA E 119 16.53 -65.67 -30.06
N SER E 120 17.85 -65.80 -30.04
CA SER E 120 18.51 -67.09 -30.00
C SER E 120 18.85 -67.49 -28.58
N SER E 121 19.38 -68.70 -28.44
CA SER E 121 19.71 -69.24 -27.13
C SER E 121 21.21 -69.50 -27.01
N VAL F 2 -43.21 -14.31 -48.80
CA VAL F 2 -44.15 -14.40 -49.91
C VAL F 2 -45.54 -14.80 -49.43
N GLN F 3 -45.60 -15.41 -48.25
CA GLN F 3 -46.85 -15.89 -47.68
C GLN F 3 -47.21 -15.04 -46.47
N LEU F 4 -48.36 -14.37 -46.54
CA LEU F 4 -48.85 -13.56 -45.43
C LEU F 4 -50.37 -13.48 -45.63
N VAL F 5 -51.10 -14.33 -44.91
CA VAL F 5 -52.51 -14.59 -45.20
C VAL F 5 -53.36 -14.23 -43.99
N GLU F 6 -54.53 -13.65 -44.24
CA GLU F 6 -55.43 -13.23 -43.19
C GLU F 6 -56.55 -14.24 -43.00
N SER F 7 -56.96 -14.43 -41.74
CA SER F 7 -58.03 -15.37 -41.42
C SER F 7 -58.74 -14.87 -40.17
N GLY F 8 -59.88 -15.50 -39.89
CA GLY F 8 -60.75 -15.03 -38.84
C GLY F 8 -61.89 -14.20 -39.41
N GLY F 9 -62.51 -13.43 -38.52
CA GLY F 9 -63.59 -12.55 -38.97
C GLY F 9 -64.16 -11.75 -37.83
N GLY F 10 -65.04 -10.83 -38.19
CA GLY F 10 -65.81 -10.06 -37.24
C GLY F 10 -67.23 -10.57 -37.12
N LEU F 11 -67.40 -11.85 -37.44
CA LEU F 11 -68.72 -12.50 -37.40
C LEU F 11 -69.13 -12.70 -35.94
N VAL F 12 -69.66 -11.62 -35.36
CA VAL F 12 -70.04 -11.60 -33.95
C VAL F 12 -71.54 -11.38 -33.86
N GLN F 13 -72.20 -12.22 -33.08
CA GLN F 13 -73.62 -12.03 -32.77
C GLN F 13 -73.83 -11.14 -31.55
N ALA F 14 -72.77 -10.78 -30.85
CA ALA F 14 -72.84 -9.91 -29.69
C ALA F 14 -71.46 -9.37 -29.40
N GLY F 15 -71.40 -8.37 -28.52
CA GLY F 15 -70.12 -7.76 -28.18
C GLY F 15 -69.25 -8.71 -27.37
N GLY F 16 -67.94 -8.56 -27.51
CA GLY F 16 -67.00 -9.39 -26.77
C GLY F 16 -65.61 -9.21 -27.34
N SER F 17 -64.68 -9.96 -26.77
CA SER F 17 -63.30 -9.95 -27.26
C SER F 17 -63.22 -10.67 -28.61
N LEU F 18 -62.43 -10.10 -29.53
CA LEU F 18 -62.27 -10.66 -30.86
C LEU F 18 -60.79 -10.85 -31.17
N ARG F 19 -60.49 -11.84 -32.00
CA ARG F 19 -59.12 -12.16 -32.36
C ARG F 19 -59.01 -12.31 -33.87
N LEU F 20 -57.83 -11.96 -34.39
CA LEU F 20 -57.46 -12.21 -35.78
C LEU F 20 -56.18 -13.04 -35.79
N SER F 21 -56.13 -14.02 -36.69
CA SER F 21 -55.03 -14.99 -36.74
C SER F 21 -54.43 -15.04 -38.15
N CYS F 22 -53.46 -14.18 -38.40
CA CYS F 22 -52.67 -14.22 -39.63
C CYS F 22 -51.43 -15.09 -39.43
N ALA F 23 -50.79 -15.44 -40.55
CA ALA F 23 -49.56 -16.22 -40.52
C ALA F 23 -48.56 -15.62 -41.50
N ALA F 24 -47.30 -15.56 -41.08
CA ALA F 24 -46.19 -15.14 -41.93
C ALA F 24 -45.34 -16.37 -42.19
N SER F 25 -45.44 -16.92 -43.40
CA SER F 25 -44.76 -18.17 -43.70
C SER F 25 -44.11 -18.16 -45.09
N GLY F 26 -43.73 -16.99 -45.59
CA GLY F 26 -43.02 -16.94 -46.84
C GLY F 26 -41.55 -16.59 -46.69
N LEU F 27 -41.25 -15.63 -45.81
CA LEU F 27 -39.89 -15.19 -45.56
C LEU F 27 -39.71 -15.06 -44.04
N THR F 28 -38.61 -14.43 -43.65
CA THR F 28 -38.32 -14.18 -42.24
C THR F 28 -39.41 -13.32 -41.61
N PHE F 29 -39.49 -13.41 -40.28
CA PHE F 29 -40.44 -12.63 -39.50
C PHE F 29 -39.79 -11.83 -38.38
N SER F 30 -38.50 -12.05 -38.12
CA SER F 30 -37.75 -11.27 -37.14
C SER F 30 -36.97 -10.12 -37.75
N LYS F 31 -36.77 -10.13 -39.07
CA LYS F 31 -36.17 -9.02 -39.79
C LYS F 31 -37.21 -8.05 -40.33
N TYR F 32 -38.17 -8.54 -41.11
CA TYR F 32 -39.23 -7.69 -41.65
C TYR F 32 -40.10 -7.20 -40.51
N ALA F 33 -39.99 -5.92 -40.17
CA ALA F 33 -40.88 -5.33 -39.18
C ALA F 33 -42.32 -5.51 -39.61
N MET F 34 -43.11 -6.14 -38.75
CA MET F 34 -44.48 -6.49 -39.04
C MET F 34 -45.42 -5.32 -38.76
N GLY F 35 -46.57 -5.35 -39.43
CA GLY F 35 -47.56 -4.30 -39.30
C GLY F 35 -48.94 -4.87 -39.51
N TRP F 36 -49.95 -4.06 -39.20
CA TRP F 36 -51.34 -4.46 -39.28
C TRP F 36 -52.14 -3.23 -39.67
N PHE F 37 -52.68 -3.24 -40.89
CA PHE F 37 -53.51 -2.14 -41.37
C PHE F 37 -54.93 -2.63 -41.60
N ARG F 38 -55.80 -1.70 -42.01
CA ARG F 38 -57.19 -2.01 -42.24
C ARG F 38 -57.76 -1.01 -43.24
N GLN F 39 -58.69 -1.50 -44.06
CA GLN F 39 -59.46 -0.65 -44.96
C GLN F 39 -60.94 -0.77 -44.59
N ALA F 40 -61.54 0.33 -44.16
CA ALA F 40 -62.96 0.34 -43.87
C ALA F 40 -63.75 0.14 -45.16
N PRO F 41 -65.01 -0.30 -45.06
CA PRO F 41 -65.79 -0.54 -46.28
C PRO F 41 -65.84 0.64 -47.22
N GLY F 42 -65.86 1.86 -46.70
CA GLY F 42 -65.79 3.05 -47.54
C GLY F 42 -64.54 3.87 -47.31
N LYS F 43 -64.03 3.86 -46.08
CA LYS F 43 -62.87 4.64 -45.73
C LYS F 43 -61.58 3.92 -46.12
N GLU F 44 -60.54 4.71 -46.37
CA GLU F 44 -59.31 4.21 -46.98
C GLU F 44 -58.51 3.36 -45.99
N ARG F 45 -57.45 2.75 -46.53
CA ARG F 45 -56.49 2.03 -45.69
C ARG F 45 -55.86 2.97 -44.68
N LYS F 46 -56.04 2.68 -43.39
CA LYS F 46 -55.55 3.52 -42.32
C LYS F 46 -54.72 2.68 -41.36
N PHE F 47 -53.74 3.34 -40.74
CA PHE F 47 -52.85 2.67 -39.80
C PHE F 47 -53.62 2.11 -38.62
N VAL F 48 -53.30 0.88 -38.25
CA VAL F 48 -53.87 0.26 -37.05
C VAL F 48 -52.76 0.03 -36.03
N ALA F 49 -51.77 -0.77 -36.40
CA ALA F 49 -50.66 -1.04 -35.49
C ALA F 49 -49.43 -1.42 -36.30
N THR F 50 -48.27 -1.29 -35.66
CA THR F 50 -47.02 -1.70 -36.26
C THR F 50 -46.06 -2.11 -35.15
N ILE F 51 -45.07 -2.93 -35.52
CA ILE F 51 -44.13 -3.49 -34.56
C ILE F 51 -42.73 -3.21 -35.10
N SER F 52 -41.74 -3.40 -34.24
CA SER F 52 -40.35 -3.17 -34.63
C SER F 52 -39.84 -4.37 -35.44
N TRP F 53 -38.53 -4.42 -35.67
CA TRP F 53 -37.96 -5.53 -36.43
C TRP F 53 -38.18 -6.86 -35.72
N SER F 54 -37.78 -6.95 -34.46
CA SER F 54 -37.87 -8.19 -33.69
C SER F 54 -39.00 -8.16 -32.67
N GLY F 55 -39.91 -7.19 -32.77
CA GLY F 55 -40.95 -7.02 -31.78
C GLY F 55 -40.54 -6.23 -30.56
N ASP F 56 -39.41 -5.53 -30.61
CA ASP F 56 -38.91 -4.80 -29.45
C ASP F 56 -39.63 -3.48 -29.20
N SER F 57 -40.31 -2.92 -30.21
CA SER F 57 -41.02 -1.66 -30.07
C SER F 57 -42.43 -1.80 -30.64
N ALA F 58 -43.41 -1.29 -29.91
CA ALA F 58 -44.81 -1.40 -30.30
C ALA F 58 -45.53 -0.09 -29.99
N PHE F 59 -46.35 0.36 -30.94
CA PHE F 59 -47.20 1.51 -30.72
C PHE F 59 -48.40 1.44 -31.66
N TYR F 60 -49.46 2.15 -31.27
CA TYR F 60 -50.74 2.09 -31.98
C TYR F 60 -51.20 3.48 -32.39
N ALA F 61 -52.46 3.57 -32.84
CA ALA F 61 -53.04 4.85 -33.22
C ALA F 61 -53.63 5.54 -31.98
N ASP F 62 -54.36 6.63 -32.20
CA ASP F 62 -54.91 7.42 -31.10
C ASP F 62 -56.24 6.88 -30.58
N SER F 63 -56.85 5.91 -31.26
CA SER F 63 -58.13 5.37 -30.84
C SER F 63 -58.14 3.85 -30.69
N VAL F 64 -57.04 3.18 -31.02
CA VAL F 64 -56.95 1.72 -30.92
C VAL F 64 -55.91 1.28 -29.91
N LYS F 65 -55.17 2.21 -29.29
CA LYS F 65 -54.03 1.83 -28.48
C LYS F 65 -54.44 1.02 -27.26
N GLY F 66 -55.49 1.45 -26.56
CA GLY F 66 -55.84 0.82 -25.29
C GLY F 66 -56.68 -0.44 -25.43
N ARG F 67 -57.17 -0.75 -26.64
CA ARG F 67 -58.08 -1.87 -26.84
C ARG F 67 -57.59 -2.83 -27.90
N PHE F 68 -56.33 -2.71 -28.33
CA PHE F 68 -55.77 -3.59 -29.35
C PHE F 68 -54.54 -4.30 -28.80
N THR F 69 -54.18 -5.40 -29.46
CA THR F 69 -52.99 -6.16 -29.09
C THR F 69 -52.41 -6.78 -30.36
N ILE F 70 -51.41 -6.12 -30.93
CA ILE F 70 -50.68 -6.65 -32.08
C ILE F 70 -49.61 -7.63 -31.57
N SER F 71 -49.98 -8.89 -31.47
CA SER F 71 -49.07 -9.93 -30.98
C SER F 71 -48.41 -10.60 -32.18
N ARG F 72 -47.09 -10.66 -32.18
CA ARG F 72 -46.34 -11.37 -33.20
C ARG F 72 -45.85 -12.69 -32.63
N ASP F 73 -45.34 -13.56 -33.51
CA ASP F 73 -44.73 -14.81 -33.06
C ASP F 73 -43.51 -15.09 -33.93
N ASN F 74 -42.32 -14.84 -33.38
CA ASN F 74 -41.10 -15.20 -34.07
C ASN F 74 -41.01 -16.69 -34.32
N ALA F 75 -41.43 -17.49 -33.35
CA ALA F 75 -41.43 -18.94 -33.46
C ALA F 75 -42.80 -19.44 -33.91
N ARG F 76 -42.79 -20.54 -34.67
CA ARG F 76 -43.96 -21.23 -35.19
C ARG F 76 -44.75 -20.42 -36.20
N ASN F 77 -44.21 -19.28 -36.65
CA ASN F 77 -44.68 -18.58 -37.85
C ASN F 77 -46.17 -18.22 -37.78
N THR F 78 -46.50 -17.32 -36.86
CA THR F 78 -47.88 -16.86 -36.76
C THR F 78 -47.93 -15.48 -36.11
N VAL F 79 -49.08 -14.83 -36.24
CA VAL F 79 -49.26 -13.47 -35.76
C VAL F 79 -50.74 -13.26 -35.52
N TYR F 80 -51.08 -12.57 -34.45
CA TYR F 80 -52.46 -12.33 -34.08
C TYR F 80 -52.66 -10.84 -33.80
N LEU F 81 -53.90 -10.40 -33.97
CA LEU F 81 -54.31 -9.06 -33.55
C LEU F 81 -55.58 -9.20 -32.73
N GLN F 82 -55.48 -8.90 -31.44
CA GLN F 82 -56.63 -8.88 -30.55
C GLN F 82 -57.32 -7.53 -30.62
N MET F 83 -58.63 -7.55 -30.80
CA MET F 83 -59.47 -6.36 -30.72
C MET F 83 -60.38 -6.52 -29.51
N ASN F 84 -60.27 -5.59 -28.57
CA ASN F 84 -61.02 -5.62 -27.33
C ASN F 84 -61.96 -4.44 -27.25
N SER F 85 -63.00 -4.58 -26.43
CA SER F 85 -64.07 -3.59 -26.30
C SER F 85 -64.55 -3.16 -27.69
N LEU F 86 -65.12 -4.13 -28.41
CA LEU F 86 -65.49 -3.92 -29.81
C LEU F 86 -66.43 -2.75 -29.96
N LYS F 87 -66.15 -1.91 -30.96
CA LYS F 87 -66.88 -0.69 -31.21
C LYS F 87 -67.29 -0.60 -32.67
N PRO F 88 -68.41 0.07 -32.96
CA PRO F 88 -68.84 0.20 -34.36
C PRO F 88 -67.87 0.94 -35.25
N GLU F 89 -66.95 1.72 -34.68
CA GLU F 89 -65.97 2.46 -35.46
C GLU F 89 -64.80 1.61 -35.93
N ASP F 90 -64.92 0.28 -35.85
CA ASP F 90 -63.84 -0.63 -36.21
C ASP F 90 -64.21 -1.57 -37.35
N THR F 91 -65.23 -1.21 -38.14
CA THR F 91 -65.63 -2.04 -39.29
C THR F 91 -64.61 -1.86 -40.40
N ALA F 92 -63.95 -2.96 -40.79
CA ALA F 92 -62.92 -2.88 -41.81
C ALA F 92 -62.52 -4.29 -42.24
N VAL F 93 -61.66 -4.33 -43.25
CA VAL F 93 -60.96 -5.54 -43.68
C VAL F 93 -59.49 -5.35 -43.32
N TYR F 94 -58.97 -6.23 -42.49
CA TYR F 94 -57.63 -6.09 -41.92
C TYR F 94 -56.61 -6.90 -42.70
N TYR F 95 -55.37 -6.37 -42.70
CA TYR F 95 -54.24 -6.94 -43.43
C TYR F 95 -53.03 -7.01 -42.50
N CYS F 96 -52.40 -8.18 -42.45
CA CYS F 96 -51.08 -8.32 -41.84
C CYS F 96 -50.01 -8.01 -42.89
N ALA F 97 -48.89 -7.47 -42.43
CA ALA F 97 -47.95 -6.84 -43.34
C ALA F 97 -46.55 -6.91 -42.78
N ALA F 98 -45.57 -6.66 -43.66
CA ALA F 98 -44.17 -6.66 -43.27
C ALA F 98 -43.40 -5.71 -44.18
N ASP F 99 -42.37 -5.07 -43.60
CA ASP F 99 -41.58 -4.10 -44.36
C ASP F 99 -40.17 -4.05 -43.78
N ARG F 100 -39.24 -3.54 -44.59
CA ARG F 100 -37.84 -3.44 -44.20
C ARG F 100 -37.56 -2.30 -43.23
N GLY F 101 -38.46 -1.32 -43.14
CA GLY F 101 -38.33 -0.26 -42.15
C GLY F 101 -38.86 -0.69 -40.80
N MET F 102 -39.64 0.18 -40.15
CA MET F 102 -40.40 -0.21 -38.96
C MET F 102 -41.87 -0.13 -39.34
N GLY F 103 -42.35 -1.19 -39.99
CA GLY F 103 -43.71 -1.26 -40.50
C GLY F 103 -44.19 0.04 -41.12
N TYR F 104 -45.47 0.34 -40.94
CA TYR F 104 -46.05 1.65 -41.21
C TYR F 104 -45.64 2.19 -42.58
N GLY F 105 -46.08 1.48 -43.62
CA GLY F 105 -45.88 1.93 -44.98
C GLY F 105 -47.08 1.63 -45.85
N ASP F 106 -47.47 2.56 -46.73
CA ASP F 106 -48.60 2.29 -47.60
C ASP F 106 -48.31 1.10 -48.51
N PHE F 107 -47.07 0.96 -48.93
CA PHE F 107 -46.61 -0.20 -49.69
C PHE F 107 -45.64 -0.98 -48.81
N MET F 108 -45.93 -2.25 -48.60
CA MET F 108 -45.14 -3.11 -47.75
C MET F 108 -44.20 -3.99 -48.56
N ASP F 109 -43.39 -4.78 -47.83
CA ASP F 109 -42.64 -5.86 -48.46
C ASP F 109 -43.54 -7.04 -48.76
N TYR F 110 -44.50 -7.33 -47.89
CA TYR F 110 -45.47 -8.39 -48.12
C TYR F 110 -46.80 -7.95 -47.53
N TRP F 111 -47.88 -8.19 -48.26
CA TRP F 111 -49.20 -7.66 -47.93
C TRP F 111 -50.17 -8.80 -47.67
N GLY F 112 -51.00 -8.66 -46.64
CA GLY F 112 -51.98 -9.67 -46.32
C GLY F 112 -53.18 -9.66 -47.26
N GLN F 113 -54.00 -10.69 -47.14
CA GLN F 113 -55.21 -10.80 -47.96
C GLN F 113 -56.37 -9.98 -47.40
N GLY F 114 -56.48 -9.90 -46.07
CA GLY F 114 -57.49 -9.07 -45.45
C GLY F 114 -58.74 -9.82 -45.04
N THR F 115 -58.94 -10.01 -43.74
CA THR F 115 -60.15 -10.64 -43.23
C THR F 115 -61.07 -9.56 -42.66
N SER F 116 -62.37 -9.76 -42.84
CA SER F 116 -63.36 -8.75 -42.48
C SER F 116 -63.68 -8.83 -40.99
N VAL F 117 -63.37 -7.77 -40.25
CA VAL F 117 -63.74 -7.66 -38.85
C VAL F 117 -64.67 -6.46 -38.69
N THR F 118 -65.78 -6.67 -37.99
CA THR F 118 -66.82 -5.66 -37.85
C THR F 118 -67.55 -5.90 -36.54
N ALA F 119 -67.80 -4.82 -35.80
CA ALA F 119 -68.49 -4.88 -34.52
C ALA F 119 -69.86 -4.27 -34.68
N SER F 120 -70.91 -5.05 -34.42
CA SER F 120 -72.29 -4.61 -34.50
C SER F 120 -72.97 -4.89 -33.18
N SER F 121 -73.65 -3.89 -32.64
CA SER F 121 -74.36 -4.03 -31.36
C SER F 121 -75.83 -3.64 -31.49
C1 NAG G . 30.76 5.73 77.19
C2 NAG G . 32.19 5.23 77.33
C3 NAG G . 32.76 5.61 78.69
C4 NAG G . 32.62 7.11 78.90
C5 NAG G . 31.18 7.56 78.67
C6 NAG G . 31.02 9.07 78.72
C7 NAG G . 31.66 2.87 77.86
C8 NAG G . 31.88 1.45 77.46
N2 NAG G . 32.28 3.80 77.11
O3 NAG G . 34.13 5.23 78.77
O4 NAG G . 33.00 7.45 80.24
O5 NAG G . 30.74 7.14 77.37
O6 NAG G . 31.98 9.71 77.90
O7 NAG G . 30.95 3.18 78.82
C1 NAG G . 34.25 8.16 80.21
C2 NAG G . 34.33 9.04 81.46
C3 NAG G . 35.66 9.77 81.50
C4 NAG G . 36.82 8.79 81.37
C5 NAG G . 36.64 7.93 80.12
C6 NAG G . 37.68 6.85 80.00
C7 NAG G . 32.60 10.30 82.66
C8 NAG G . 31.48 11.29 82.54
N2 NAG G . 33.23 9.97 81.52
O3 NAG G . 35.77 10.48 82.73
O4 NAG G . 38.05 9.51 81.26
O5 NAG G . 35.36 7.27 80.17
O6 NAG G . 37.33 5.71 80.78
O7 NAG G . 32.93 9.82 83.74
C1 NAG H . 36.87 8.72 57.27
C2 NAG H . 37.93 8.62 58.36
C3 NAG H . 39.25 9.23 57.87
C4 NAG H . 39.66 8.61 56.54
C5 NAG H . 38.52 8.73 55.54
C6 NAG H . 38.82 8.03 54.23
C7 NAG H . 37.28 8.62 60.72
C8 NAG H . 36.83 9.45 61.88
N2 NAG H . 37.50 9.28 59.57
O3 NAG H . 40.26 9.01 58.84
O4 NAG H . 40.81 9.30 56.04
O5 NAG H . 37.34 8.11 56.07
O6 NAG H . 37.82 8.31 53.26
O7 NAG H . 37.44 7.41 60.81
C1 NAG H . 41.89 8.34 55.86
C2 NAG H . 42.83 8.87 54.77
C3 NAG H . 43.98 7.89 54.56
C4 NAG H . 44.67 7.57 55.87
C5 NAG H . 43.67 7.18 56.95
C6 NAG H . 44.28 7.04 58.33
C7 NAG H . 42.11 10.27 52.89
C8 NAG H . 41.31 10.33 51.62
N2 NAG H . 42.11 9.10 53.53
O3 NAG H . 44.91 8.46 53.64
O4 NAG H . 45.55 6.47 55.66
O5 NAG H . 42.63 8.17 57.06
O6 NAG H . 44.04 8.21 59.10
O7 NAG H . 42.71 11.25 53.32
C1 BMA H . 46.92 6.75 56.00
C2 BMA H . 47.79 5.74 55.19
C3 BMA H . 49.27 6.02 55.44
C4 BMA H . 49.61 7.50 55.22
C5 BMA H . 48.68 8.38 56.06
C6 BMA H . 48.94 9.86 55.86
O2 BMA H . 47.57 5.89 53.80
O3 BMA H . 50.09 5.20 54.61
O4 BMA H . 50.95 7.73 55.60
O5 BMA H . 47.31 8.09 55.69
O6 BMA H . 49.19 10.09 54.48
C1 NAG I . 43.45 20.78 39.35
C2 NAG I . 44.75 21.49 39.67
C3 NAG I . 45.69 21.43 38.47
C4 NAG I . 45.87 20.00 38.01
C5 NAG I . 44.52 19.36 37.74
C6 NAG I . 44.60 17.89 37.39
C7 NAG I . 45.21 23.49 41.02
C8 NAG I . 44.83 24.91 41.29
N2 NAG I . 44.51 22.87 40.07
O3 NAG I . 46.95 21.98 38.84
O4 NAG I . 46.62 19.98 36.80
O5 NAG I . 43.71 19.45 38.94
O6 NAG I . 45.46 17.21 38.30
O7 NAG I . 46.10 22.92 41.63
C1 NAG I . 47.92 19.41 37.06
C2 NAG I . 48.46 18.80 35.77
C3 NAG I . 49.87 18.25 35.99
C4 NAG I . 50.76 19.33 36.58
C5 NAG I . 50.13 19.93 37.83
C6 NAG I . 50.92 21.10 38.38
C7 NAG I . 46.82 17.90 34.18
C8 NAG I . 45.97 16.72 33.81
N2 NAG I . 47.58 17.76 35.28
O3 NAG I . 50.39 17.79 34.76
O4 NAG I . 52.04 18.76 36.91
O5 NAG I . 48.82 20.42 37.52
O6 NAG I . 50.70 22.26 37.60
O7 NAG I . 46.82 18.94 33.53
C1 NAG J . -13.31 -50.97 3.95
C2 NAG J . -14.07 -51.15 5.23
C3 NAG J . -13.28 -52.01 6.20
C4 NAG J . -12.91 -53.34 5.53
C5 NAG J . -12.30 -53.11 4.13
C6 NAG J . -12.15 -54.39 3.35
C7 NAG J . -15.53 -49.20 5.61
C8 NAG J . -15.69 -47.89 6.32
N2 NAG J . -14.39 -49.86 5.84
O3 NAG J . -14.04 -52.24 7.37
O4 NAG J . -11.93 -54.00 6.32
O5 NAG J . -13.13 -52.23 3.34
O6 NAG J . -12.74 -55.50 4.03
O7 NAG J . -16.38 -49.65 4.85
C1 NAG J . -12.46 -54.92 7.30
C2 NAG J . -11.28 -55.49 8.08
C3 NAG J . -11.76 -56.39 9.22
C4 NAG J . -12.79 -55.67 10.07
C5 NAG J . -13.91 -55.15 9.20
C6 NAG J . -14.94 -54.33 9.97
C7 NAG J . -9.55 -55.61 6.34
C8 NAG J . -8.68 -56.52 5.52
N2 NAG J . -10.37 -56.21 7.21
O3 NAG J . -10.65 -56.79 10.01
O4 NAG J . -13.32 -56.55 11.06
O5 NAG J . -13.37 -54.28 8.19
O6 NAG J . -16.03 -53.98 9.14
O7 NAG J . -9.51 -54.39 6.22
C1 NAG K . 12.37 4.85 86.99
C2 NAG K . 12.06 3.41 87.39
C3 NAG K . 10.76 3.36 88.18
C4 NAG K . 10.82 4.31 89.36
C5 NAG K . 11.18 5.71 88.89
C6 NAG K . 11.37 6.70 90.02
C7 NAG K . 12.61 1.39 86.13
C8 NAG K . 12.43 0.63 84.85
N2 NAG K . 11.98 2.56 86.22
O3 NAG K . 10.52 2.03 88.62
O4 NAG K . 9.56 4.36 90.02
O5 NAG K . 12.42 5.67 88.16
O6 NAG K . 12.39 6.28 90.92
O7 NAG K . 13.30 0.95 87.05
C1 NAG K . 9.65 3.64 91.26
C2 NAG K . 8.47 4.05 92.13
C3 NAG K . 8.48 3.27 93.45
C4 NAG K . 8.53 1.78 93.18
C5 NAG K . 9.71 1.45 92.27
C6 NAG K . 9.74 -0.01 91.85
C7 NAG K . 7.66 6.33 91.78
C8 NAG K . 7.80 7.78 92.16
N2 NAG K . 8.48 5.48 92.39
O3 NAG K . 7.32 3.60 94.20
O4 NAG K . 8.67 1.06 94.40
O5 NAG K . 9.63 2.21 91.06
O6 NAG K . 8.43 -0.52 91.67
O7 NAG K . 6.82 5.95 90.97
C1 NAG L . -11.05 27.39 77.70
C2 NAG L . -12.18 26.77 78.50
C3 NAG L . -12.10 27.22 79.95
C4 NAG L . -10.72 26.90 80.52
C5 NAG L . -9.63 27.47 79.62
C6 NAG L . -8.25 27.04 80.04
C7 NAG L . -13.97 28.35 77.80
C8 NAG L . -15.32 28.46 77.18
N2 NAG L . -13.49 27.10 77.92
O3 NAG L . -13.11 26.55 80.72
O4 NAG L . -10.60 27.47 81.81
O5 NAG L . -9.81 27.00 78.27
O6 NAG L . -8.13 25.62 80.07
O7 NAG L . -13.34 29.33 78.18
C1 NAG L . -10.50 26.40 82.79
C2 NAG L . -9.87 26.96 84.06
C3 NAG L . -9.80 25.87 85.12
C4 NAG L . -11.18 25.27 85.35
C5 NAG L . -11.77 24.80 84.03
C6 NAG L . -13.19 24.30 84.18
C7 NAG L . -8.15 28.70 84.22
C8 NAG L . -6.75 29.10 83.87
N2 NAG L . -8.55 27.50 83.79
O3 NAG L . -9.31 26.44 86.34
O4 NAG L . -11.08 24.16 86.25
O5 NAG L . -11.80 25.87 83.09
O6 NAG L . -13.44 23.82 85.49
O7 NAG L . -8.89 29.42 84.88
C1 NAG M . -10.26 9.11 67.41
C2 NAG M . -10.85 9.14 68.81
C3 NAG M . -10.86 7.75 69.41
C4 NAG M . -11.56 6.76 68.49
C5 NAG M . -10.92 6.83 67.09
C6 NAG M . -11.62 5.97 66.07
C7 NAG M . -10.66 11.18 70.16
C8 NAG M . -9.76 12.02 71.03
N2 NAG M . -10.12 10.06 69.67
O3 NAG M . -11.51 7.76 70.67
O4 NAG M . -11.42 5.45 69.00
O5 NAG M . -10.97 8.18 66.61
O6 NAG M . -10.95 6.01 64.83
O7 NAG M . -11.82 11.51 69.91
C1 NAG M . -12.72 4.82 69.17
C2 NAG M . -12.53 3.30 69.15
C3 NAG M . -13.87 2.60 69.36
C4 NAG M . -14.54 3.11 70.62
C5 NAG M . -14.63 4.63 70.61
C6 NAG M . -15.16 5.20 71.91
C7 NAG M . -10.75 2.21 67.87
C8 NAG M . -10.26 1.83 66.51
N2 NAG M . -11.91 2.87 67.91
O3 NAG M . -13.66 1.20 69.44
O4 NAG M . -15.85 2.56 70.73
O5 NAG M . -13.34 5.20 70.40
O6 NAG M . -14.15 5.23 72.90
O7 NAG M . -10.14 1.91 68.88
C1 NAG N . -1.61 -10.98 61.94
C2 NAG N . -1.65 -11.90 63.17
C3 NAG N . -2.13 -13.29 62.78
C4 NAG N . -3.44 -13.22 62.02
C5 NAG N . -3.30 -12.27 60.84
C6 NAG N . -4.60 -12.06 60.10
C7 NAG N . -0.19 -11.80 65.13
C8 NAG N . 1.23 -11.90 65.63
N2 NAG N . -0.36 -11.96 63.81
O3 NAG N . -2.27 -14.08 63.94
O4 NAG N . -3.80 -14.50 61.53
O5 NAG N . -2.88 -10.98 61.30
O6 NAG N . -5.66 -11.79 61.00
O7 NAG N . -1.13 -11.58 65.88
C1 NAG N . -4.96 -14.98 62.23
C2 NAG N . -5.59 -16.10 61.40
C3 NAG N . -6.80 -16.67 62.12
C4 NAG N . -6.40 -17.12 63.52
C5 NAG N . -5.74 -15.98 64.28
C6 NAG N . -5.19 -16.40 65.62
C7 NAG N . -5.31 -15.98 58.96
C8 NAG N . -5.82 -15.41 57.68
N2 NAG N . -5.96 -15.62 60.07
O3 NAG N . -7.32 -17.76 61.38
O4 NAG N . -7.56 -17.54 64.24
O5 NAG N . -4.61 -15.48 63.52
O6 NAG N . -4.06 -17.24 65.48
O7 NAG N . -4.34 -16.73 59.00
C1 NAG O . -4.29 46.79 73.85
C2 NAG O . -5.52 47.64 73.60
C3 NAG O . -5.12 49.07 73.28
C4 NAG O . -4.23 49.63 74.39
C5 NAG O . -3.05 48.70 74.64
C6 NAG O . -2.20 49.12 75.81
C7 NAG O . -7.58 46.70 72.67
C8 NAG O . -8.26 46.15 71.45
N2 NAG O . -6.32 47.09 72.51
O3 NAG O . -6.29 49.87 73.15
O4 NAG O . -3.74 50.91 74.02
O5 NAG O . -3.52 47.37 74.91
O6 NAG O . -2.76 48.67 77.04
O7 NAG O . -8.17 46.78 73.75
C1 NAG O . -4.41 51.92 74.79
C2 NAG O . -3.45 53.08 74.99
C3 NAG O . -4.13 54.21 75.75
C4 NAG O . -5.42 54.62 75.03
C5 NAG O . -6.31 53.40 74.84
C6 NAG O . -7.57 53.70 74.06
C7 NAG O . -1.03 53.06 75.40
C8 NAG O . 0.08 52.51 76.24
N2 NAG O . -2.25 52.64 75.71
O3 NAG O . -3.25 55.33 75.82
O4 NAG O . -6.11 55.60 75.79
O5 NAG O . -5.59 52.38 74.12
O6 NAG O . -7.26 54.10 72.73
O7 NAG O . -0.81 53.84 74.47
C1 NAG P . -40.75 30.66 -18.93
C2 NAG P . -42.11 29.98 -18.75
C3 NAG P . -43.19 31.03 -18.47
C4 NAG P . -42.78 31.92 -17.30
C5 NAG P . -41.41 32.54 -17.57
C6 NAG P . -40.89 33.34 -16.42
C7 NAG P . -43.02 27.99 -19.87
C8 NAG P . -43.26 27.43 -18.49
N2 NAG P . -42.47 29.21 -19.92
O3 NAG P . -44.42 30.38 -18.18
O4 NAG P . -43.72 32.98 -17.13
O5 NAG P . -40.46 31.49 -17.81
O6 NAG P . -39.47 33.34 -16.39
O7 NAG P . -43.30 27.36 -20.88
C1 NAG P . -44.62 32.68 -16.06
C2 NAG P . -45.26 33.98 -15.56
C3 NAG P . -46.33 33.69 -14.53
C4 NAG P . -47.34 32.68 -15.06
C5 NAG P . -46.61 31.43 -15.54
C6 NAG P . -47.52 30.40 -16.18
C7 NAG P . -44.03 36.11 -15.46
C8 NAG P . -44.91 36.55 -16.59
N2 NAG P . -44.25 34.87 -15.02
O3 NAG P . -46.99 34.89 -14.18
O4 NAG P . -48.28 32.33 -14.06
O5 NAG P . -45.64 31.79 -16.54
O6 NAG P . -46.79 29.51 -17.00
O7 NAG P . -43.18 36.84 -14.98
C1 NAG Q . 41.52 36.67 68.08
C2 NAG Q . 42.87 37.29 67.69
C3 NAG Q . 44.00 36.35 68.06
C4 NAG Q . 43.93 35.99 69.54
C5 NAG Q . 42.54 35.44 69.88
C6 NAG Q . 42.35 35.19 71.36
C7 NAG Q . 42.78 36.76 65.29
C8 NAG Q . 42.86 37.32 63.90
N2 NAG Q . 42.92 37.64 66.29
O3 NAG Q . 45.25 36.98 67.79
O4 NAG Q . 44.90 35.00 69.85
O5 NAG Q . 41.52 36.37 69.48
O6 NAG Q . 42.57 36.39 72.11
O7 NAG Q . 42.61 35.56 65.49
C1 NAG Q . 45.96 35.62 70.62
C2 NAG Q . 46.63 34.53 71.45
C3 NAG Q . 47.79 35.13 72.25
C4 NAG Q . 48.75 35.87 71.32
C5 NAG Q . 48.00 36.88 70.47
C6 NAG Q . 48.87 37.54 69.44
C7 NAG Q . 45.15 32.69 72.10
C8 NAG Q . 44.18 32.18 73.12
N2 NAG Q . 45.68 33.90 72.35
O3 NAG Q . 48.48 34.09 72.94
O4 NAG Q . 49.75 36.54 72.09
O5 NAG Q . 46.93 36.23 69.76
O6 NAG Q . 49.15 36.67 68.36
O7 NAG Q . 45.43 32.05 71.10
C1 NAG R . 27.03 49.72 60.46
C2 NAG R . 26.86 51.20 60.20
C3 NAG R . 27.17 52.00 61.45
C4 NAG R . 26.35 51.49 62.62
C5 NAG R . 26.52 49.97 62.77
C6 NAG R . 25.61 49.38 63.82
C7 NAG R . 29.03 51.57 59.06
C8 NAG R . 29.69 52.07 57.81
N2 NAG R . 27.69 51.65 59.08
O3 NAG R . 26.89 53.37 61.23
O4 NAG R . 26.76 52.12 63.83
O5 NAG R . 26.20 49.32 61.54
O6 NAG R . 24.29 49.89 63.71
O7 NAG R . 29.67 51.12 60.00
C1 BMA R . 25.65 52.88 64.35
C2 BMA R . 25.45 52.44 65.82
C3 BMA R . 24.34 53.27 66.44
C4 BMA R . 24.55 54.77 66.21
C5 BMA R . 24.79 55.05 64.72
C6 BMA R . 25.12 56.51 64.45
O2 BMA R . 26.62 52.71 66.58
O3 BMA R . 24.22 52.99 67.82
O4 BMA R . 23.40 55.48 66.64
O5 BMA R . 25.91 54.26 64.28
O6 BMA R . 25.42 56.64 63.07
C1 NAG S . 10.40 47.87 47.59
C2 NAG S . 10.66 49.21 48.26
C3 NAG S . 9.40 50.07 48.26
C4 NAG S . 8.83 50.19 46.86
C5 NAG S . 8.64 48.80 46.26
C6 NAG S . 8.17 48.83 44.83
C7 NAG S . 12.35 49.38 50.03
C8 NAG S . 12.68 49.11 51.46
N2 NAG S . 11.14 49.01 49.62
O3 NAG S . 9.72 51.35 48.78
O4 NAG S . 7.58 50.87 46.92
O5 NAG S . 9.87 48.09 46.28
O6 NAG S . 8.04 47.52 44.29
O7 NAG S . 13.16 49.92 49.28
C1 NAG S . 7.57 52.02 46.04
C2 NAG S . 6.13 52.28 45.59
C3 NAG S . 6.07 53.50 44.68
C4 NAG S . 6.76 54.70 45.33
C5 NAG S . 8.16 54.33 45.83
C6 NAG S . 8.81 55.41 46.64
C7 NAG S . 4.42 50.55 45.31
C8 NAG S . 3.98 49.36 44.50
N2 NAG S . 5.56 51.12 44.92
O3 NAG S . 4.72 53.82 44.40
O4 NAG S . 6.89 55.73 44.35
O5 NAG S . 8.09 53.17 46.68
O6 NAG S . 8.28 55.47 47.96
O7 NAG S . 3.77 50.96 46.26
C1 BMA S . 6.26 56.97 44.78
C2 BMA S . 6.55 58.01 43.67
C3 BMA S . 5.81 59.32 43.98
C4 BMA S . 4.33 59.06 44.30
C5 BMA S . 4.22 58.04 45.43
C6 BMA S . 2.78 57.72 45.78
O2 BMA S . 6.08 57.56 42.41
O3 BMA S . 5.91 60.22 42.89
O4 BMA S . 3.73 60.27 44.71
O5 BMA S . 4.86 56.82 44.99
O6 BMA S . 2.69 57.49 47.18
C1 NAG T . -23.35 42.38 -1.56
C2 NAG T . -22.91 43.84 -1.51
C3 NAG T . -23.53 44.54 -0.31
C4 NAG T . -25.04 44.34 -0.28
C5 NAG T . -25.36 42.85 -0.36
C6 NAG T . -26.85 42.58 -0.46
C7 NAG T . -20.67 43.48 -0.55
C8 NAG T . -19.20 43.72 -0.72
N2 NAG T . -21.46 43.97 -1.51
O3 NAG T . -23.22 45.93 -0.36
O4 NAG T . -25.56 44.86 0.94
O5 NAG T . -24.78 42.31 -1.55
O6 NAG T . -27.14 41.21 -0.20
O7 NAG T . -21.11 42.86 0.42
C1 NAG T . -26.47 45.93 0.66
C2 NAG T . -27.20 46.29 1.97
C3 NAG T . -28.13 47.50 1.79
C4 NAG T . -27.36 48.66 1.16
C5 NAG T . -26.67 48.20 -0.12
C6 NAG T . -25.82 49.28 -0.75
C7 NAG T . -28.91 44.42 2.10
C8 NAG T . -29.46 44.77 0.75
N2 NAG T . -27.89 45.15 2.59
O3 NAG T . -28.64 47.89 3.05
O4 NAG T . -28.25 49.72 0.86
O5 NAG T . -25.79 47.10 0.16
O6 NAG T . -26.61 50.24 -1.43
O7 NAG T . -29.38 43.49 2.76
C1 NAG U . -11.22 44.53 42.02
C2 NAG U . -12.06 45.60 42.70
C3 NAG U . -13.13 46.13 41.75
C4 NAG U . -12.50 46.60 40.45
C5 NAG U . -11.64 45.48 39.86
C6 NAG U . -10.87 45.90 38.63
C7 NAG U . -12.73 45.79 45.05
C8 NAG U . -13.40 45.11 46.21
N2 NAG U . -12.68 45.09 43.91
O3 NAG U . -13.82 47.21 42.37
O4 NAG U . -13.52 46.96 39.52
O5 NAG U . -10.67 45.05 40.82
O6 NAG U . -10.58 44.79 37.80
O7 NAG U . -12.27 46.92 45.15
C1 NAG U . -13.33 48.34 39.11
C2 NAG U . -13.85 48.49 37.68
C3 NAG U . -13.68 49.92 37.22
C4 NAG U . -14.33 50.88 38.20
C5 NAG U . -13.86 50.61 39.63
C6 NAG U . -14.61 51.41 40.66
C7 NAG U . -13.80 46.56 36.17
C8 NAG U . -12.96 45.72 35.25
N2 NAG U . -13.18 47.57 36.77
O3 NAG U . -14.26 50.08 35.93
O4 NAG U . -14.00 52.22 37.86
O5 NAG U . -14.04 49.23 39.97
O6 NAG U . -15.92 50.87 40.87
O7 NAG U . -14.99 46.32 36.36
C1 BMA U . -15.14 52.91 37.31
C2 BMA U . -14.75 54.39 37.12
C3 BMA U . -15.86 55.15 36.38
C4 BMA U . -16.31 54.39 35.12
C5 BMA U . -16.70 52.96 35.50
C6 BMA U . -17.14 52.14 34.29
O2 BMA U . -13.58 54.51 36.34
O3 BMA U . -15.44 56.47 36.03
O4 BMA U . -17.42 55.05 34.54
O5 BMA U . -15.56 52.33 36.08
O6 BMA U . -18.56 52.22 34.19
C1 NAG V . 44.07 4.94 -28.26
C2 NAG V . 45.30 4.79 -27.36
C3 NAG V . 45.89 6.15 -27.06
C4 NAG V . 46.17 6.92 -28.35
C5 NAG V . 44.91 6.96 -29.22
C6 NAG V . 45.16 7.56 -30.57
C7 NAG V . 44.77 2.78 -26.04
C8 NAG V . 44.41 2.26 -24.68
N2 NAG V . 44.95 4.10 -26.12
O3 NAG V . 47.10 5.98 -26.33
O4 NAG V . 46.53 8.26 -28.03
O5 NAG V . 44.44 5.63 -29.45
O6 NAG V . 46.51 7.39 -30.98
O7 NAG V . 44.87 2.05 -27.01
C1 NAG V . 47.94 8.46 -28.17
C2 NAG V . 48.18 9.94 -28.46
C3 NAG V . 49.66 10.23 -28.55
C4 NAG V . 50.38 9.72 -27.30
C5 NAG V . 50.05 8.25 -27.07
C6 NAG V . 50.62 7.72 -25.77
C7 NAG V . 46.22 10.71 -29.72
C8 NAG V . 45.69 11.12 -31.06
N2 NAG V . 47.50 10.35 -29.68
O3 NAG V . 49.86 11.63 -28.68
O4 NAG V . 51.80 9.83 -27.48
O5 NAG V . 48.62 8.09 -26.98
O6 NAG V . 50.55 8.70 -24.73
O7 NAG V . 45.51 10.73 -28.71
C1 BMA V . 52.29 11.00 -26.79
C2 BMA V . 53.81 10.75 -26.51
C3 BMA V . 54.56 12.04 -26.17
C4 BMA V . 54.16 13.19 -27.11
C5 BMA V . 52.65 13.36 -27.05
C6 BMA V . 52.16 14.54 -27.88
O2 BMA V . 54.46 10.19 -27.65
O3 BMA V . 55.96 11.86 -26.20
O4 BMA V . 54.79 14.39 -26.71
O5 BMA V . 52.06 12.16 -27.58
O6 BMA V . 52.41 14.26 -29.24
C1 NAG W . 48.18 1.63 -1.35
C2 NAG W . 48.98 0.89 -0.30
C3 NAG W . 49.89 1.86 0.47
C4 NAG W . 50.75 2.67 -0.50
C5 NAG W . 49.85 3.34 -1.54
C6 NAG W . 50.63 4.08 -2.60
C7 NAG W . 48.49 -0.89 1.32
C8 NAG W . 47.46 -1.48 2.23
N2 NAG W . 48.11 0.19 0.62
O3 NAG W . 50.73 1.13 1.35
O4 NAG W . 51.48 3.66 0.20
O5 NAG W . 49.07 2.36 -2.22
O6 NAG W . 52.00 4.24 -2.23
O7 NAG W . 49.63 -1.35 1.23
C1 NAG X . 24.08 -31.47 40.29
C2 NAG X . 24.89 -32.60 40.92
C3 NAG X . 24.41 -33.94 40.38
C4 NAG X . 22.91 -34.10 40.59
C5 NAG X . 22.16 -32.88 40.02
C6 NAG X . 20.69 -32.90 40.35
C7 NAG X . 26.91 -32.37 39.50
C8 NAG X . 28.39 -32.18 39.52
N2 NAG X . 26.32 -32.43 40.71
O3 NAG X . 25.12 -35.00 41.03
O4 NAG X . 22.45 -35.27 39.95
O5 NAG X . 22.69 -31.66 40.56
O6 NAG X . 20.43 -33.63 41.54
O7 NAG X . 26.28 -32.46 38.46
C1 NAG Y . 11.34 -35.03 24.27
C2 NAG Y . 10.06 -35.22 25.10
C3 NAG Y . 10.17 -36.49 25.95
C4 NAG Y . 10.53 -37.69 25.09
C5 NAG Y . 11.79 -37.39 24.30
C6 NAG Y . 12.17 -38.51 23.35
C7 NAG Y . 9.26 -32.94 25.48
C8 NAG Y . 9.07 -31.85 26.50
N2 NAG Y . 9.80 -34.07 25.94
O3 NAG Y . 8.92 -36.72 26.60
O4 NAG Y . 10.73 -38.84 25.91
O5 NAG Y . 11.60 -36.21 23.50
O6 NAG Y . 11.07 -39.37 23.12
O7 NAG Y . 8.95 -32.80 24.31
C1 NAG Z . 11.79 -5.39 73.36
C2 NAG Z . 10.92 -4.63 74.36
C3 NAG Z . 11.17 -5.16 75.78
C4 NAG Z . 10.98 -6.67 75.82
C5 NAG Z . 11.85 -7.34 74.76
C6 NAG Z . 11.62 -8.83 74.66
C7 NAG Z . 10.30 -2.33 73.80
C8 NAG Z . 10.74 -0.90 73.80
N2 NAG Z . 11.18 -3.21 74.29
O3 NAG Z . 10.28 -4.52 76.67
O4 NAG Z . 11.34 -7.16 77.10
O5 NAG Z . 11.53 -6.79 73.47
O6 NAG Z . 12.62 -9.44 73.84
O7 NAG Z . 9.20 -2.67 73.38
C1 NAG AA . 38.91 -35.32 3.52
C2 NAG AA . 37.92 -35.04 4.63
C3 NAG AA . 38.39 -35.69 5.93
C4 NAG AA . 38.65 -37.17 5.72
C5 NAG AA . 39.61 -37.39 4.55
C6 NAG AA . 39.79 -38.84 4.19
C7 NAG AA . 36.55 -33.00 4.61
C8 NAG AA . 36.53 -31.53 4.84
N2 NAG AA . 37.73 -33.62 4.80
O3 NAG AA . 37.39 -35.51 6.92
O4 NAG AA . 39.24 -37.72 6.90
O5 NAG AA . 39.08 -36.74 3.37
O6 NAG AA . 39.16 -39.16 2.96
O7 NAG AA . 35.55 -33.62 4.26
C1 NAG BA . 25.96 -29.39 -25.29
C2 NAG BA . 25.17 -28.85 -26.47
C3 NAG BA . 23.85 -28.29 -25.98
C4 NAG BA . 23.13 -29.29 -25.09
C5 NAG BA . 24.05 -29.77 -23.98
C6 NAG BA . 23.37 -30.83 -23.14
C7 NAG BA . 26.72 -28.05 -28.17
C8 NAG BA . 27.84 -27.07 -28.36
N2 NAG BA . 25.92 -27.80 -27.13
O3 NAG BA . 23.02 -27.98 -27.10
O4 NAG BA . 21.96 -28.70 -24.55
O5 NAG BA . 25.22 -30.35 -24.57
O6 NAG BA . 23.51 -32.09 -23.80
O7 NAG BA . 26.56 -29.01 -28.89
C1 NAG CA . 38.19 -8.30 24.52
C2 NAG CA . 38.96 -8.47 25.81
C3 NAG CA . 37.96 -8.44 26.96
C4 NAG CA . 37.15 -7.16 26.86
C5 NAG CA . 36.46 -7.08 25.52
C6 NAG CA . 35.66 -5.79 25.38
C7 NAG CA . 41.01 -9.73 25.72
C8 NAG CA . 41.64 -11.08 25.63
N2 NAG CA . 39.69 -9.72 25.82
O3 NAG CA . 38.65 -8.49 28.20
O4 NAG CA . 36.18 -7.12 27.91
O5 NAG CA . 37.44 -7.10 24.48
O6 NAG CA . 36.01 -5.18 24.14
O7 NAG CA . 41.67 -8.70 25.70
C1 NAG DA . 32.57 -28.61 -39.58
C2 NAG DA . 31.87 -29.74 -40.34
C3 NAG DA . 30.48 -29.31 -40.73
C4 NAG DA . 29.73 -28.79 -39.50
C5 NAG DA . 30.54 -27.75 -38.75
C6 NAG DA . 29.84 -27.32 -37.46
C7 NAG DA . 33.06 -31.35 -41.72
C8 NAG DA . 34.53 -31.61 -41.55
N2 NAG DA . 32.65 -30.10 -41.51
O3 NAG DA . 29.79 -30.41 -41.30
O4 NAG DA . 28.48 -28.21 -39.90
O5 NAG DA . 31.81 -28.30 -38.41
O6 NAG DA . 28.93 -28.34 -37.05
O7 NAG DA . 32.30 -32.23 -42.05
C1 NAG EA . -15.64 -61.29 -17.85
C2 NAG EA . -14.70 -60.36 -17.07
C3 NAG EA . -13.26 -60.90 -17.12
C4 NAG EA . -13.22 -62.35 -16.68
C5 NAG EA . -14.22 -63.19 -17.48
C6 NAG EA . -14.32 -64.62 -17.00
C7 NAG EA . -14.34 -57.94 -16.89
C8 NAG EA . -14.47 -56.61 -17.58
N2 NAG EA . -14.76 -59.00 -17.58
O3 NAG EA . -12.43 -60.12 -16.29
O4 NAG EA . -11.91 -62.88 -16.88
O5 NAG EA . -15.53 -62.63 -17.35
O6 NAG EA . -15.57 -64.87 -16.37
O7 NAG EA . -13.87 -58.04 -15.76
C1 NAG FA . 26.25 -4.25 68.66
C2 NAG FA . 25.95 -4.10 70.14
C3 NAG FA . 26.66 -5.18 70.95
C4 NAG FA . 26.30 -6.57 70.41
C5 NAG FA . 26.63 -6.63 68.92
C6 NAG FA . 26.22 -7.94 68.28
C7 NAG FA . 25.66 -2.14 71.58
C8 NAG FA . 26.20 -0.79 71.95
N2 NAG FA . 26.33 -2.78 70.62
O3 NAG FA . 26.26 -5.10 72.32
O4 NAG FA . 27.05 -7.56 71.09
O5 NAG FA . 25.91 -5.59 68.23
O6 NAG FA . 25.26 -7.73 67.24
O7 NAG FA . 24.68 -2.62 72.13
C1 NAG GA . -20.21 -35.34 25.69
C2 NAG GA . -21.25 -35.02 26.75
C3 NAG GA . -20.86 -35.65 28.09
C4 NAG GA . -20.63 -37.14 27.91
C5 NAG GA . -19.61 -37.39 26.79
C6 NAG GA . -19.43 -38.85 26.48
C7 NAG GA . -22.59 -32.97 26.77
C8 NAG GA . -22.59 -31.48 26.95
N2 NAG GA . -21.41 -33.58 26.90
O3 NAG GA . -21.90 -35.42 29.03
O4 NAG GA . -20.14 -37.70 29.13
O5 NAG GA . -20.05 -36.76 25.59
O6 NAG GA . -19.26 -39.06 25.08
O7 NAG GA . -23.63 -33.58 26.51
C1 NAG HA . -39.66 18.87 34.40
C2 NAG HA . -41.14 18.65 34.69
C3 NAG HA . -41.99 19.29 33.60
C4 NAG HA . -41.61 20.75 33.40
C5 NAG HA . -40.11 20.89 33.19
C6 NAG HA . -39.65 22.33 33.14
C7 NAG HA . -41.28 16.32 33.91
C8 NAG HA . -41.66 14.91 34.28
N2 NAG HA . -41.45 17.24 34.85
O3 NAG HA . -43.37 19.19 33.94
O4 NAG HA . -42.30 21.29 32.28
O5 NAG HA . -39.39 20.27 34.27
O6 NAG HA . -39.36 22.73 31.80
O7 NAG HA . -40.83 16.58 32.80
C1 NAG IA . -36.37 19.24 13.81
C2 NAG IA . -35.87 20.59 14.31
C3 NAG IA . -37.03 21.46 14.77
C4 NAG IA . -38.08 21.57 13.67
C5 NAG IA . -38.51 20.17 13.22
C6 NAG IA . -39.48 20.19 12.07
C7 NAG IA . -33.59 20.57 15.21
C8 NAG IA . -32.74 20.36 16.42
N2 NAG IA . -34.91 20.42 15.38
O3 NAG IA . -36.56 22.75 15.12
O4 NAG IA . -39.22 22.29 14.14
O5 NAG IA . -37.35 19.44 12.79
O6 NAG IA . -39.79 18.87 11.65
O7 NAG IA . -33.10 20.87 14.12
C1 NAG JA . -12.62 41.26 60.19
C2 NAG JA . -11.60 42.33 60.59
C3 NAG JA . -12.21 43.27 61.63
C4 NAG JA . -13.52 43.85 61.13
C5 NAG JA . -14.46 42.71 60.72
C6 NAG JA . -15.74 43.21 60.10
C7 NAG JA . -9.19 41.95 60.59
C8 NAG JA . -8.04 41.22 61.22
N2 NAG JA . -10.39 41.71 61.10
O3 NAG JA . -11.28 44.31 61.90
O4 NAG JA . -14.13 44.62 62.15
O5 NAG JA . -13.82 41.89 59.72
O6 NAG JA . -16.66 42.14 59.89
O7 NAG JA . -9.02 42.71 59.64
C1 NAG KA . -17.47 28.28 64.42
C2 NAG KA . -18.76 27.63 63.91
C3 NAG KA . -19.97 28.42 64.40
C4 NAG KA . -19.92 28.59 65.92
C5 NAG KA . -18.58 29.20 66.33
C6 NAG KA . -18.42 29.30 67.82
C7 NAG KA . -19.04 26.41 61.80
C8 NAG KA . -19.35 25.20 62.63
N2 NAG KA . -18.76 27.54 62.46
O3 NAG KA . -21.17 27.74 64.03
O4 NAG KA . -20.97 29.46 66.34
O5 NAG KA . -17.51 28.37 65.86
O6 NAG KA . -19.32 30.27 68.38
O7 NAG KA . -19.05 26.36 60.57
C1 NAG LA . -48.85 -13.59 12.01
C2 NAG LA . -47.78 -12.63 11.52
C3 NAG LA . -48.43 -11.38 10.92
C4 NAG LA . -49.49 -11.76 9.89
C5 NAG LA . -50.45 -12.82 10.43
C6 NAG LA . -51.40 -13.36 9.39
C7 NAG LA . -45.56 -12.05 12.40
C8 NAG LA . -44.76 -11.71 13.62
N2 NAG LA . -46.87 -12.28 12.59
O3 NAG LA . -47.42 -10.56 10.34
O4 NAG LA . -50.25 -10.62 9.51
O5 NAG LA . -49.71 -13.95 10.93
O6 NAG LA . -51.20 -12.72 8.14
O7 NAG LA . -45.04 -12.13 11.30
C1 NAG MA . -35.69 -24.61 -14.88
C2 NAG MA . -34.30 -24.53 -15.51
C3 NAG MA . -33.85 -23.08 -15.65
C4 NAG MA . -34.89 -22.26 -16.39
C5 NAG MA . -36.24 -22.42 -15.71
C6 NAG MA . -37.36 -21.72 -16.45
C7 NAG MA . -33.06 -26.58 -14.94
C8 NAG MA . -32.05 -27.20 -14.03
N2 NAG MA . -33.34 -25.29 -14.72
O3 NAG MA . -32.61 -23.03 -16.35
O4 NAG MA . -34.52 -20.89 -16.42
O5 NAG MA . -36.61 -23.80 -15.63
O6 NAG MA . -38.55 -22.50 -16.44
O7 NAG MA . -33.62 -27.22 -15.83
C1 NAG NA . -36.55 -38.41 -22.06
C2 NAG NA . -36.96 -37.51 -23.22
C3 NAG NA . -35.73 -36.86 -23.85
C4 NAG NA . -34.91 -36.14 -22.78
C5 NAG NA . -34.58 -37.09 -21.63
C6 NAG NA . -33.88 -36.40 -20.48
C7 NAG NA . -39.03 -38.44 -24.15
C8 NAG NA . -39.64 -39.23 -25.27
N2 NAG NA . -37.71 -38.25 -24.23
O3 NAG NA . -36.12 -35.94 -24.86
O4 NAG NA . -33.69 -35.66 -23.35
O5 NAG NA . -35.79 -37.65 -21.10
O6 NAG NA . -34.14 -35.01 -20.48
O7 NAG NA . -39.70 -37.99 -23.23
C1 NAG OA . -48.01 18.80 -39.88
C2 NAG OA . -47.56 18.85 -38.43
C3 NAG OA . -47.94 17.56 -37.71
C4 NAG OA . -49.43 17.30 -37.86
C5 NAG OA . -49.84 17.33 -39.33
C6 NAG OA . -51.33 17.24 -39.53
C7 NAG OA . -45.60 20.31 -38.17
C8 NAG OA . -44.11 20.37 -38.09
N2 NAG OA . -46.13 19.09 -38.33
O3 NAG OA . -47.59 17.66 -36.33
O4 NAG OA . -49.76 16.03 -37.30
O5 NAG OA . -49.43 18.57 -39.93
O6 NAG OA . -51.88 18.46 -39.98
O7 NAG OA . -46.30 21.31 -38.09
C1 NAG PA . -25.98 -10.02 37.90
C2 NAG PA . -25.59 -11.40 38.44
C3 NAG PA . -25.65 -11.43 39.96
C4 NAG PA . -24.81 -10.29 40.54
C5 NAG PA . -25.25 -8.95 39.93
C6 NAG PA . -24.39 -7.80 40.37
C7 NAG PA . -26.07 -13.24 36.87
C8 NAG PA . -27.08 -14.26 36.43
N2 NAG PA . -26.44 -12.44 37.88
O3 NAG PA . -25.17 -12.68 40.44
O4 NAG PA . -24.98 -10.24 41.95
O5 NAG PA . -25.15 -9.03 38.50
O6 NAG PA . -24.58 -6.67 39.52
O7 NAG PA . -24.96 -13.15 36.36
C1 NAG QA . 33.68 42.85 9.17
C2 NAG QA . 34.30 44.02 8.42
C3 NAG QA . 35.08 43.51 7.21
C4 NAG QA . 36.10 42.46 7.66
C5 NAG QA . 35.43 41.37 8.50
C6 NAG QA . 36.40 40.39 9.10
C7 NAG QA . 32.24 44.72 7.22
C8 NAG QA . 31.33 45.86 6.93
N2 NAG QA . 33.29 44.99 8.01
O3 NAG QA . 35.75 44.60 6.59
O4 NAG QA . 36.71 41.86 6.52
O5 NAG QA . 34.70 41.96 9.59
O6 NAG QA . 37.71 40.59 8.59
O7 NAG QA . 32.05 43.60 6.76
C1 NAG RA . 32.16 27.82 -5.18
C2 NAG RA . 33.13 27.06 -4.28
C3 NAG RA . 34.53 27.67 -4.37
C4 NAG RA . 34.99 27.77 -5.81
C5 NAG RA . 33.95 28.52 -6.64
C6 NAG RA . 34.29 28.54 -8.11
C7 NAG RA . 33.01 26.10 -2.03
C8 NAG RA . 32.44 26.24 -0.65
N2 NAG RA . 32.66 27.04 -2.90
O3 NAG RA . 35.44 26.88 -3.61
O4 NAG RA . 36.24 28.44 -5.88
O5 NAG RA . 32.68 27.88 -6.52
O6 NAG RA . 34.24 27.24 -8.67
O7 NAG RA . 33.76 25.18 -2.33
C1 NAG SA . 40.56 34.79 51.18
C2 NAG SA . 40.91 34.08 52.48
C3 NAG SA . 42.05 34.80 53.18
C4 NAG SA . 43.23 34.95 52.25
C5 NAG SA . 42.78 35.67 50.98
C6 NAG SA . 43.88 35.79 49.95
C7 NAG SA . 39.24 32.84 53.80
C8 NAG SA . 38.03 32.95 54.68
N2 NAG SA . 39.74 33.99 53.35
O3 NAG SA . 42.44 34.04 54.33
O4 NAG SA . 44.25 35.73 52.88
O5 NAG SA . 41.73 34.92 50.37
O6 NAG SA . 43.51 36.71 48.92
O7 NAG SA . 39.75 31.77 53.51
C1 NAG TA . 30.92 44.82 47.52
C2 NAG TA . 30.95 45.71 46.28
C3 NAG TA . 32.17 46.63 46.31
C4 NAG TA . 32.23 47.38 47.64
C5 NAG TA . 32.14 46.41 48.81
C6 NAG TA . 32.08 47.10 50.15
C7 NAG TA . 29.94 44.89 44.19
C8 NAG TA . 28.75 45.74 44.53
N2 NAG TA . 30.95 44.92 45.06
O3 NAG TA . 32.11 47.54 45.23
O4 NAG TA . 33.46 48.10 47.72
O5 NAG TA . 30.95 45.62 48.69
O6 NAG TA . 33.31 47.73 50.47
O7 NAG TA . 29.98 44.21 43.16
C1 NAG UA . 8.84 46.04 -21.86
C2 NAG UA . 9.76 45.41 -20.82
C3 NAG UA . 10.76 46.46 -20.31
C4 NAG UA . 11.49 47.11 -21.47
C5 NAG UA . 10.49 47.64 -22.50
C6 NAG UA . 11.15 48.16 -23.76
C7 NAG UA . 8.74 43.54 -19.60
C8 NAG UA . 7.94 43.13 -18.39
N2 NAG UA . 9.00 44.85 -19.71
O3 NAG UA . 11.69 45.82 -19.44
O4 NAG UA . 12.27 48.19 -21.00
O5 NAG UA . 9.61 46.58 -22.92
O6 NAG UA . 10.53 47.64 -24.92
O7 NAG UA . 9.14 42.72 -20.42
C1 NAG VA . -6.86 24.39 -39.05
C2 NAG VA . -7.60 23.11 -38.68
C3 NAG VA . -6.73 22.33 -37.71
C4 NAG VA . -5.38 22.09 -38.40
C5 NAG VA . -4.77 23.37 -38.96
C6 NAG VA . -3.52 23.07 -39.75
C7 NAG VA . -10.01 23.06 -38.69
C8 NAG VA . -11.26 23.05 -37.86
N2 NAG VA . -8.88 23.39 -38.07
O3 NAG VA . -7.37 21.10 -37.37
O4 NAG VA . -4.47 21.49 -37.47
O5 NAG VA . -5.70 24.05 -39.80
O6 NAG VA . -3.70 21.86 -40.48
O7 NAG VA . -10.00 22.77 -39.87
C1 NAG WA . 2.34 43.85 11.66
C2 NAG WA . 2.75 45.13 12.37
C3 NAG WA . 3.92 44.79 13.27
C4 NAG WA . 3.46 43.67 14.21
C5 NAG WA . 2.93 42.48 13.43
C6 NAG WA . 2.48 41.38 14.39
C7 NAG WA . 2.24 47.03 10.94
C8 NAG WA . 2.83 48.24 10.29
N2 NAG WA . 3.12 46.14 11.40
O3 NAG WA . 4.32 45.93 14.03
O4 NAG WA . 4.55 43.26 15.04
O5 NAG WA . 1.86 42.88 12.58
O6 NAG WA . 1.05 41.36 14.44
O7 NAG WA . 1.04 46.87 11.03
C1 NAG XA . -18.12 24.28 -49.12
C2 NAG XA . -17.83 23.23 -50.18
C3 NAG XA . -18.08 21.86 -49.59
C4 NAG XA . -17.37 21.69 -48.24
C5 NAG XA . -17.44 22.94 -47.35
C6 NAG XA . -16.47 22.82 -46.19
C7 NAG XA . -18.11 23.97 -52.48
C8 NAG XA . -18.69 23.48 -53.77
N2 NAG XA . -18.63 23.44 -51.37
O3 NAG XA . -17.59 20.86 -50.50
O4 NAG XA . -17.96 20.60 -47.54
O5 NAG XA . -17.16 24.13 -48.08
O6 NAG XA . -17.10 22.04 -45.16
O7 NAG XA . -17.22 24.80 -52.45
C1 NAG YA . 43.38 -1.82 -52.98
C2 NAG YA . 43.91 -0.84 -51.94
C3 NAG YA . 43.50 0.59 -52.28
C4 NAG YA . 43.90 0.93 -53.71
C5 NAG YA . 43.36 -0.12 -54.68
C6 NAG YA . 43.83 0.10 -56.10
C7 NAG YA . 42.20 -1.25 -50.20
C8 NAG YA . 41.97 -1.63 -48.77
N2 NAG YA . 43.48 -1.19 -50.59
O3 NAG YA . 44.11 1.50 -51.37
O4 NAG YA . 43.40 2.21 -54.07
O5 NAG YA . 43.81 -1.41 -54.28
O6 NAG YA . 44.02 1.48 -56.38
O7 NAG YA . 41.26 -1.02 -50.96
#